data_8K1S
#
_entry.id   8K1S
#
_cell.length_a   1.00
_cell.length_b   1.00
_cell.length_c   1.00
_cell.angle_alpha   90.00
_cell.angle_beta   90.00
_cell.angle_gamma   90.00
#
_symmetry.space_group_name_H-M   'P 1'
#
loop_
_entity.id
_entity.type
_entity.pdbx_description
1 polymer 'Ktr system potassium uptake protein A'
2 polymer 'Ktr system potassium uptake protein B'
3 non-polymer "ADENOSINE-5'-DIPHOSPHATE"
4 non-polymer 'POTASSIUM ION'
#
loop_
_entity_poly.entity_id
_entity_poly.type
_entity_poly.pdbx_seq_one_letter_code
_entity_poly.pdbx_strand_id
1 'polypeptide(L)'
;MGRIKNKQFAVIGLGRFGGSICKELHRMGHEVLAVDINEEKVNAYASYATHAVIANATEENELLSLGIRNFEYVIVAIGA
NIQASTLTTLLLKELDIPNIWVKAQNYYHHKVLEKIGADRIIHPEKDMGVKIAQSLSDENVLNYIDLSDEYSIVELLATR
KLDSKSIIDLNVRAKYGCTILAIKHHGDICLSPAPEDIIREQDCLVIMGHKKDIKRFENEGM
;
A,B,C,D,E,F,G,H
2 'polypeptide(L)'
;MTLQKDKVIKWVRFTPPQVLAIGFFLTIIIGAVLLMLPISTTKPLSWIDALFTAASATTVTGLAVVDTGTQFTVFGQTVI
MGLIQIGGLGFMTFAVLIVMILGKKIGLKERMLVQEALNQPTIGGVIGLVKVLFLFSISIELIAALILSIRLVPQYGWSS
GLFASLFHAISAFNNAGFSLWPDNLMSYVGDPTVNLVITFLFITGGIGFTVLFDVMKNRRFKTFSLHTKLMLTGTLMLNA
IAMLTVFILEYSNPGTLGHLHIVDKLWASYFQAVTPRTAGFNSLDFGSMREGTIVFTLLLMFIGAGSASTASGIKLTTFI
VILTSVIAYLRGKKETVIFRRSIKYPIIIKALAVSVTSLFIVFLGIFALTITEQAPFLQIVFETFSAFGTVGLTMGLTPE
LTTAGKCIIIVIMFIGRIGPLTFVFSFAKTEQSNIRYPDGEVFTG
;
I,J,K,L
#
loop_
_chem_comp.id
_chem_comp.type
_chem_comp.name
_chem_comp.formula
ADP non-polymer ADENOSINE-5'-DIPHOSPHATE 'C10 H15 N5 O10 P2'
K non-polymer 'POTASSIUM ION' 'K 1'
#
# COMPACT_ATOMS: atom_id res chain seq x y z
N LYS A 7 12.40 13.99 44.43
CA LYS A 7 12.52 15.41 44.11
C LYS A 7 13.40 15.63 42.88
N GLN A 8 14.38 14.75 42.70
CA GLN A 8 15.36 14.85 41.63
C GLN A 8 15.11 13.71 40.65
N PHE A 9 14.33 13.96 39.61
CA PHE A 9 13.98 12.96 38.62
C PHE A 9 14.33 13.46 37.21
N ALA A 10 14.70 12.51 36.35
CA ALA A 10 14.99 12.80 34.95
C ALA A 10 14.24 11.79 34.09
N VAL A 11 13.56 12.29 33.07
CA VAL A 11 12.81 11.45 32.13
C VAL A 11 13.36 11.69 30.74
N ILE A 12 13.71 10.61 30.06
CA ILE A 12 14.29 10.67 28.72
C ILE A 12 13.28 10.10 27.73
N GLY A 13 12.90 10.92 26.76
CA GLY A 13 11.91 10.53 25.79
C GLY A 13 10.53 11.02 26.16
N LEU A 14 10.06 12.06 25.48
CA LEU A 14 8.77 12.67 25.80
C LEU A 14 7.73 12.16 24.80
N GLY A 15 7.22 10.97 25.09
CA GLY A 15 6.16 10.39 24.27
C GLY A 15 4.89 10.19 25.06
N ARG A 16 4.10 9.19 24.67
CA ARG A 16 2.87 8.91 25.41
C ARG A 16 3.17 8.45 26.83
N PHE A 17 4.20 7.61 26.99
CA PHE A 17 4.56 7.11 28.32
C PHE A 17 5.45 8.11 29.06
N GLY A 18 6.46 8.63 28.38
CA GLY A 18 7.36 9.57 29.04
C GLY A 18 6.68 10.88 29.36
N GLY A 19 5.84 11.38 28.46
CA GLY A 19 5.15 12.64 28.72
C GLY A 19 4.18 12.54 29.88
N SER A 20 3.54 11.38 30.05
CA SER A 20 2.61 11.21 31.16
C SER A 20 3.33 11.24 32.51
N ILE A 21 4.56 10.74 32.57
CA ILE A 21 5.31 10.77 33.82
C ILE A 21 5.68 12.20 34.19
N CYS A 22 6.11 13.00 33.21
CA CYS A 22 6.50 14.38 33.50
C CYS A 22 5.30 15.20 33.98
N LYS A 23 4.15 15.04 33.32
CA LYS A 23 2.96 15.80 33.72
C LYS A 23 2.50 15.41 35.11
N GLU A 24 2.51 14.11 35.43
CA GLU A 24 2.05 13.67 36.74
C GLU A 24 3.02 14.09 37.84
N LEU A 25 4.32 13.97 37.58
CA LEU A 25 5.31 14.39 38.56
C LEU A 25 5.27 15.90 38.78
N HIS A 26 5.07 16.66 37.71
CA HIS A 26 4.98 18.11 37.84
C HIS A 26 3.78 18.51 38.69
N ARG A 27 2.67 17.81 38.54
CA ARG A 27 1.49 18.11 39.35
C ARG A 27 1.77 17.87 40.83
N MET A 28 2.48 16.79 41.15
CA MET A 28 2.79 16.48 42.54
C MET A 28 3.83 17.43 43.13
N GLY A 29 4.47 18.26 42.32
CA GLY A 29 5.46 19.18 42.83
C GLY A 29 6.85 18.60 42.93
N HIS A 30 7.36 18.09 41.81
CA HIS A 30 8.70 17.52 41.75
C HIS A 30 9.48 18.16 40.61
N GLU A 31 10.80 18.22 40.79
CA GLU A 31 11.68 18.78 39.77
C GLU A 31 12.03 17.68 38.78
N VAL A 32 11.62 17.86 37.52
CA VAL A 32 11.77 16.86 36.47
C VAL A 32 12.54 17.47 35.32
N LEU A 33 13.55 16.76 34.84
CA LEU A 33 14.29 17.16 33.65
C LEU A 33 13.82 16.30 32.48
N ALA A 34 13.40 16.96 31.41
CA ALA A 34 12.88 16.30 30.22
C ALA A 34 13.84 16.50 29.06
N VAL A 35 14.29 15.39 28.49
CA VAL A 35 15.20 15.44 27.36
C VAL A 35 14.62 14.64 26.21
N ASP A 36 14.66 15.20 25.02
CA ASP A 36 14.10 14.54 23.83
C ASP A 36 14.77 15.12 22.60
N ILE A 37 14.98 14.27 21.59
CA ILE A 37 15.60 14.74 20.35
C ILE A 37 14.64 15.63 19.58
N ASN A 38 13.36 15.28 19.55
CA ASN A 38 12.39 16.05 18.79
C ASN A 38 12.14 17.39 19.46
N GLU A 39 12.20 18.47 18.67
CA GLU A 39 12.03 19.80 19.23
C GLU A 39 10.58 20.11 19.57
N GLU A 40 9.64 19.57 18.80
CA GLU A 40 8.23 19.81 19.07
C GLU A 40 7.81 19.20 20.40
N LYS A 41 8.32 18.01 20.72
CA LYS A 41 7.99 17.38 22.00
C LYS A 41 8.51 18.21 23.17
N VAL A 42 9.72 18.74 23.06
CA VAL A 42 10.29 19.52 24.15
C VAL A 42 9.53 20.82 24.34
N ASN A 43 9.15 21.48 23.25
CA ASN A 43 8.37 22.70 23.36
C ASN A 43 7.00 22.44 24.00
N ALA A 44 6.37 21.34 23.64
CA ALA A 44 5.06 21.01 24.20
C ALA A 44 5.15 20.75 25.70
N TYR A 45 6.21 20.08 26.14
CA TYR A 45 6.38 19.75 27.55
C TYR A 45 7.32 20.70 28.27
N ALA A 46 7.65 21.84 27.65
CA ALA A 46 8.52 22.81 28.32
C ALA A 46 7.87 23.37 29.57
N SER A 47 6.57 23.65 29.51
CA SER A 47 5.86 24.18 30.68
C SER A 47 5.52 23.11 31.70
N TYR A 48 5.56 21.83 31.32
CA TYR A 48 5.24 20.74 32.23
C TYR A 48 6.46 20.13 32.90
N ALA A 49 7.64 20.68 32.66
CA ALA A 49 8.87 20.19 33.25
C ALA A 49 9.67 21.35 33.81
N THR A 50 10.38 21.09 34.92
CA THR A 50 11.23 22.12 35.51
C THR A 50 12.35 22.51 34.54
N HIS A 51 12.98 21.54 33.90
CA HIS A 51 13.97 21.78 32.87
C HIS A 51 13.65 20.93 31.66
N ALA A 52 13.60 21.57 30.49
CA ALA A 52 13.38 20.88 29.23
C ALA A 52 14.60 21.09 28.34
N VAL A 53 15.13 19.99 27.80
CA VAL A 53 16.37 20.00 27.04
C VAL A 53 16.15 19.23 25.74
N ILE A 54 16.65 19.79 24.64
CA ILE A 54 16.65 19.12 23.35
C ILE A 54 18.03 18.51 23.16
N ALA A 55 18.15 17.21 23.41
CA ALA A 55 19.43 16.53 23.34
C ALA A 55 19.22 15.09 22.90
N ASN A 56 20.31 14.46 22.47
CA ASN A 56 20.29 13.05 22.07
C ASN A 56 20.88 12.22 23.19
N ALA A 57 20.11 11.25 23.68
CA ALA A 57 20.52 10.44 24.82
C ALA A 57 21.57 9.39 24.46
N THR A 58 21.77 9.12 23.17
CA THR A 58 22.76 8.12 22.75
C THR A 58 24.17 8.68 22.70
N GLU A 59 24.36 9.97 22.95
CA GLU A 59 25.67 10.59 22.96
C GLU A 59 26.09 10.84 24.40
N GLU A 60 27.22 10.25 24.80
CA GLU A 60 27.68 10.38 26.18
C GLU A 60 28.15 11.79 26.51
N ASN A 61 28.55 12.57 25.50
CA ASN A 61 29.00 13.94 25.76
C ASN A 61 27.84 14.82 26.16
N GLU A 62 26.67 14.64 25.55
CA GLU A 62 25.51 15.46 25.90
C GLU A 62 24.95 15.10 27.26
N LEU A 63 25.02 13.82 27.65
CA LEU A 63 24.50 13.42 28.95
C LEU A 63 25.25 14.10 30.09
N LEU A 64 26.57 14.22 29.96
CA LEU A 64 27.35 14.91 30.98
C LEU A 64 27.01 16.39 31.06
N SER A 65 26.70 17.00 29.91
CA SER A 65 26.32 18.41 29.91
C SER A 65 25.03 18.64 30.70
N LEU A 66 24.05 17.75 30.55
CA LEU A 66 22.80 17.88 31.29
C LEU A 66 23.02 17.72 32.78
N GLY A 67 23.89 16.80 33.18
CA GLY A 67 24.13 16.55 34.58
C GLY A 67 23.33 15.38 35.09
N ILE A 68 23.26 14.31 34.28
CA ILE A 68 22.46 13.14 34.64
C ILE A 68 23.02 12.45 35.87
N ARG A 69 24.34 12.50 36.06
CA ARG A 69 24.94 11.86 37.22
C ARG A 69 24.38 12.43 38.52
N ASN A 70 23.94 13.69 38.52
CA ASN A 70 23.30 14.26 39.70
C ASN A 70 21.98 13.57 40.01
N PHE A 71 21.20 13.26 38.97
CA PHE A 71 19.88 12.68 39.17
C PHE A 71 19.98 11.26 39.72
N GLU A 72 19.25 10.99 40.80
CA GLU A 72 19.22 9.65 41.38
C GLU A 72 18.36 8.70 40.57
N TYR A 73 17.22 9.17 40.07
CA TYR A 73 16.30 8.36 39.28
C TYR A 73 16.29 8.88 37.85
N VAL A 74 16.56 7.99 36.90
CA VAL A 74 16.48 8.30 35.48
C VAL A 74 15.55 7.29 34.82
N ILE A 75 14.56 7.79 34.09
CA ILE A 75 13.58 6.95 33.41
C ILE A 75 13.79 7.09 31.92
N VAL A 76 14.10 5.98 31.26
CA VAL A 76 14.32 5.94 29.82
C VAL A 76 13.01 5.47 29.19
N ALA A 77 12.25 6.40 28.64
CA ALA A 77 10.95 6.12 28.07
C ALA A 77 10.97 6.22 26.53
N ILE A 78 12.10 5.86 25.92
CA ILE A 78 12.20 5.91 24.47
C ILE A 78 11.42 4.77 23.87
N GLY A 79 10.55 5.08 22.91
CA GLY A 79 9.73 4.08 22.26
C GLY A 79 9.92 4.09 20.76
N ALA A 80 9.60 2.96 20.10
CA ALA A 80 9.69 2.77 18.66
C ALA A 80 11.12 2.81 18.15
N ASN A 81 12.11 3.06 19.02
CA ASN A 81 13.52 3.05 18.66
C ASN A 81 14.20 2.21 19.74
N ILE A 82 14.23 0.89 19.52
CA ILE A 82 14.74 -0.02 20.53
C ILE A 82 16.23 0.17 20.73
N GLN A 83 16.96 0.44 19.65
CA GLN A 83 18.41 0.60 19.76
C GLN A 83 18.77 1.83 20.60
N ALA A 84 18.04 2.93 20.41
CA ALA A 84 18.28 4.12 21.23
C ALA A 84 17.99 3.84 22.70
N SER A 85 16.90 3.11 22.98
CA SER A 85 16.60 2.76 24.36
C SER A 85 17.66 1.86 24.97
N THR A 86 18.11 0.86 24.22
CA THR A 86 19.14 -0.05 24.72
C THR A 86 20.47 0.68 24.90
N LEU A 87 20.84 1.54 23.95
CA LEU A 87 22.11 2.24 24.02
C LEU A 87 22.12 3.26 25.15
N THR A 88 21.00 3.95 25.37
CA THR A 88 20.95 4.98 26.40
C THR A 88 21.18 4.39 27.78
N THR A 89 20.53 3.27 28.08
CA THR A 89 20.66 2.66 29.40
C THR A 89 22.07 2.12 29.63
N LEU A 90 22.74 1.65 28.58
CA LEU A 90 24.10 1.19 28.71
C LEU A 90 25.04 2.35 29.05
N LEU A 91 24.80 3.53 28.47
CA LEU A 91 25.60 4.70 28.81
C LEU A 91 25.35 5.14 30.25
N LEU A 92 24.12 5.02 30.72
CA LEU A 92 23.79 5.50 32.07
C LEU A 92 24.51 4.70 33.15
N LYS A 93 24.72 3.41 32.92
CA LYS A 93 25.46 2.61 33.90
C LYS A 93 26.91 3.03 34.01
N GLU A 94 27.50 3.52 32.92
CA GLU A 94 28.84 4.09 33.00
C GLU A 94 28.86 5.33 33.88
N LEU A 95 27.76 6.08 33.91
CA LEU A 95 27.62 7.25 34.76
C LEU A 95 27.17 6.89 36.18
N ASP A 96 27.27 5.61 36.55
CA ASP A 96 26.92 5.10 37.88
C ASP A 96 25.61 5.68 38.41
N ILE A 97 24.59 5.67 37.55
CA ILE A 97 23.26 6.11 37.98
C ILE A 97 22.68 5.06 38.93
N PRO A 98 22.22 5.45 40.12
CA PRO A 98 21.74 4.46 41.10
C PRO A 98 20.55 3.66 40.60
N ASN A 99 19.48 4.35 40.18
CA ASN A 99 18.26 3.70 39.73
C ASN A 99 17.98 4.10 38.29
N ILE A 100 17.79 3.11 37.43
CA ILE A 100 17.46 3.32 36.02
C ILE A 100 16.21 2.52 35.72
N TRP A 101 15.15 3.21 35.31
CA TRP A 101 13.90 2.56 34.94
C TRP A 101 13.72 2.69 33.43
N VAL A 102 13.50 1.56 32.77
CA VAL A 102 13.47 1.50 31.31
C VAL A 102 12.13 0.94 30.86
N LYS A 103 11.60 1.50 29.78
CA LYS A 103 10.37 1.01 29.18
C LYS A 103 10.73 0.02 28.08
N ALA A 104 10.22 -1.20 28.18
CA ALA A 104 10.50 -2.24 27.20
C ALA A 104 9.43 -2.26 26.12
N GLN A 105 9.81 -2.75 24.94
CA GLN A 105 8.92 -2.83 23.80
C GLN A 105 8.36 -4.23 23.57
N ASN A 106 9.18 -5.27 23.73
CA ASN A 106 8.72 -6.64 23.53
C ASN A 106 9.49 -7.54 24.48
N TYR A 107 9.22 -8.84 24.37
CA TYR A 107 9.87 -9.81 25.26
C TYR A 107 11.37 -9.86 25.04
N TYR A 108 11.81 -9.80 23.78
CA TYR A 108 13.24 -9.84 23.49
C TYR A 108 13.95 -8.61 24.01
N HIS A 109 13.32 -7.43 23.88
CA HIS A 109 13.89 -6.22 24.45
C HIS A 109 13.92 -6.27 25.97
N HIS A 110 12.92 -6.92 26.58
CA HIS A 110 12.92 -7.07 28.03
C HIS A 110 14.12 -7.89 28.49
N LYS A 111 14.45 -8.96 27.77
CA LYS A 111 15.59 -9.79 28.15
C LYS A 111 16.90 -9.02 28.05
N VAL A 112 17.07 -8.25 26.98
CA VAL A 112 18.32 -7.52 26.79
C VAL A 112 18.51 -6.48 27.88
N LEU A 113 17.46 -5.73 28.21
CA LEU A 113 17.58 -4.70 29.24
C LEU A 113 17.89 -5.31 30.60
N GLU A 114 17.33 -6.48 30.89
CA GLU A 114 17.56 -7.12 32.18
C GLU A 114 19.03 -7.49 32.35
N LYS A 115 19.66 -8.00 31.29
CA LYS A 115 21.04 -8.46 31.37
C LYS A 115 22.06 -7.34 31.29
N ILE A 116 21.69 -6.16 30.75
CA ILE A 116 22.62 -5.04 30.70
C ILE A 116 22.56 -4.16 31.94
N GLY A 117 21.72 -4.51 32.91
CA GLY A 117 21.71 -3.81 34.18
C GLY A 117 20.68 -2.73 34.34
N ALA A 118 19.43 -3.02 33.98
CA ALA A 118 18.32 -2.10 34.20
C ALA A 118 17.69 -2.41 35.54
N ASP A 119 17.60 -1.39 36.40
CA ASP A 119 17.09 -1.61 37.76
C ASP A 119 15.64 -2.05 37.73
N ARG A 120 14.82 -1.45 36.88
CA ARG A 120 13.42 -1.80 36.77
C ARG A 120 12.97 -1.64 35.33
N ILE A 121 12.30 -2.66 34.80
CA ILE A 121 11.87 -2.68 33.42
C ILE A 121 10.35 -2.55 33.40
N ILE A 122 9.85 -1.62 32.60
CA ILE A 122 8.42 -1.30 32.54
C ILE A 122 7.91 -1.72 31.16
N HIS A 123 6.78 -2.42 31.16
CA HIS A 123 6.13 -2.90 29.93
C HIS A 123 4.70 -2.38 29.96
N PRO A 124 4.47 -1.14 29.49
CA PRO A 124 3.18 -0.48 29.76
C PRO A 124 1.97 -1.25 29.27
N GLU A 125 2.05 -1.90 28.11
CA GLU A 125 0.92 -2.63 27.59
C GLU A 125 0.68 -3.92 28.39
N LYS A 126 1.75 -4.65 28.69
CA LYS A 126 1.62 -5.90 29.43
C LYS A 126 1.35 -5.64 30.91
N ASP A 127 2.04 -4.65 31.50
CA ASP A 127 1.87 -4.40 32.93
C ASP A 127 0.50 -3.84 33.26
N MET A 128 -0.10 -3.10 32.34
CA MET A 128 -1.45 -2.59 32.59
C MET A 128 -2.47 -3.71 32.57
N GLY A 129 -2.26 -4.74 31.75
CA GLY A 129 -3.20 -5.85 31.71
C GLY A 129 -3.26 -6.62 33.02
N VAL A 130 -2.11 -6.81 33.66
CA VAL A 130 -2.08 -7.61 34.88
C VAL A 130 -2.70 -6.88 36.06
N LYS A 131 -2.87 -5.57 35.98
CA LYS A 131 -3.55 -4.81 37.03
C LYS A 131 -4.99 -4.47 36.68
N ILE A 132 -5.32 -4.39 35.39
CA ILE A 132 -6.72 -4.34 34.99
C ILE A 132 -7.42 -5.64 35.36
N ALA A 133 -6.74 -6.77 35.13
CA ALA A 133 -7.30 -8.06 35.53
C ALA A 133 -7.45 -8.16 37.04
N GLN A 134 -6.49 -7.59 37.78
CA GLN A 134 -6.61 -7.57 39.23
C GLN A 134 -7.80 -6.73 39.68
N SER A 135 -8.06 -5.62 38.98
CA SER A 135 -9.21 -4.79 39.31
C SER A 135 -10.52 -5.53 39.06
N LEU A 136 -10.56 -6.36 38.02
CA LEU A 136 -11.78 -7.13 37.73
C LEU A 136 -12.10 -8.09 38.87
N SER A 137 -11.09 -8.77 39.41
CA SER A 137 -11.32 -9.69 40.52
C SER A 137 -11.80 -8.95 41.76
N ASP A 138 -11.21 -7.79 42.05
CA ASP A 138 -11.60 -7.01 43.22
C ASP A 138 -12.97 -6.37 43.03
N GLU A 139 -13.43 -6.21 41.79
CA GLU A 139 -14.73 -5.60 41.52
C GLU A 139 -15.86 -6.61 41.58
N LYS B 7 -16.05 -13.84 38.01
CA LYS B 7 -16.02 -15.23 37.56
C LYS B 7 -16.41 -15.34 36.10
N GLN B 8 -17.28 -14.44 35.64
CA GLN B 8 -17.81 -14.45 34.29
C GLN B 8 -17.26 -13.22 33.55
N PHE B 9 -16.16 -13.42 32.83
CA PHE B 9 -15.49 -12.35 32.11
C PHE B 9 -15.33 -12.72 30.64
N ALA B 10 -15.38 -11.71 29.78
CA ALA B 10 -15.16 -11.88 28.34
C ALA B 10 -14.18 -10.82 27.87
N VAL B 11 -13.17 -11.25 27.13
CA VAL B 11 -12.15 -10.35 26.59
C VAL B 11 -12.18 -10.47 25.07
N ILE B 12 -12.28 -9.34 24.39
CA ILE B 12 -12.37 -9.28 22.94
C ILE B 12 -11.08 -8.65 22.41
N GLY B 13 -10.37 -9.40 21.58
CA GLY B 13 -9.10 -8.94 21.05
C GLY B 13 -7.94 -9.48 21.84
N LEU B 14 -7.25 -10.48 21.30
CA LEU B 14 -6.14 -11.14 21.98
C LEU B 14 -4.83 -10.57 21.46
N GLY B 15 -4.45 -9.40 21.99
CA GLY B 15 -3.19 -8.78 21.65
C GLY B 15 -2.28 -8.66 22.84
N ARG B 16 -1.42 -7.65 22.84
CA ARG B 16 -0.53 -7.44 23.98
C ARG B 16 -1.32 -7.09 25.23
N PHE B 17 -2.34 -6.25 25.10
CA PHE B 17 -3.14 -5.85 26.25
C PHE B 17 -4.22 -6.88 26.55
N GLY B 18 -4.94 -7.33 25.52
CA GLY B 18 -6.00 -8.32 25.74
C GLY B 18 -5.45 -9.66 26.19
N GLY B 19 -4.34 -10.09 25.60
CA GLY B 19 -3.76 -11.38 25.98
C GLY B 19 -3.27 -11.39 27.42
N SER B 20 -2.75 -10.26 27.89
CA SER B 20 -2.27 -10.18 29.27
C SER B 20 -3.40 -10.31 30.26
N ILE B 21 -4.59 -9.79 29.93
CA ILE B 21 -5.74 -9.91 30.83
C ILE B 21 -6.18 -11.36 30.94
N CYS B 22 -6.24 -12.07 29.81
CA CYS B 22 -6.68 -13.47 29.83
C CYS B 22 -5.72 -14.34 30.64
N LYS B 23 -4.40 -14.15 30.44
CA LYS B 23 -3.42 -14.95 31.16
C LYS B 23 -3.49 -14.68 32.66
N GLU B 24 -3.62 -13.41 33.05
CA GLU B 24 -3.65 -13.08 34.47
C GLU B 24 -4.94 -13.56 35.12
N LEU B 25 -6.07 -13.40 34.44
CA LEU B 25 -7.34 -13.88 34.98
C LEU B 25 -7.35 -15.40 35.08
N HIS B 26 -6.78 -16.09 34.08
CA HIS B 26 -6.73 -17.55 34.13
C HIS B 26 -5.89 -18.03 35.30
N ARG B 27 -4.80 -17.33 35.61
CA ARG B 27 -3.98 -17.71 36.76
C ARG B 27 -4.76 -17.58 38.06
N MET B 28 -5.55 -16.52 38.20
CA MET B 28 -6.34 -16.31 39.40
C MET B 28 -7.51 -17.28 39.52
N GLY B 29 -7.81 -18.05 38.48
CA GLY B 29 -8.90 -19.00 38.53
C GLY B 29 -10.24 -18.40 38.19
N HIS B 30 -10.34 -17.80 37.00
CA HIS B 30 -11.59 -17.20 36.53
C HIS B 30 -11.90 -17.74 35.14
N GLU B 31 -13.19 -17.81 34.84
CA GLU B 31 -13.67 -18.26 33.54
C GLU B 31 -13.65 -17.08 32.57
N VAL B 32 -12.84 -17.18 31.53
CA VAL B 32 -12.63 -16.10 30.58
C VAL B 32 -12.93 -16.61 29.18
N LEU B 33 -13.73 -15.85 28.44
CA LEU B 33 -14.00 -16.13 27.04
C LEU B 33 -13.16 -15.20 26.17
N ALA B 34 -12.38 -15.79 25.27
CA ALA B 34 -11.49 -15.03 24.40
C ALA B 34 -11.98 -15.13 22.97
N VAL B 35 -12.22 -13.97 22.36
CA VAL B 35 -12.67 -13.93 20.98
C VAL B 35 -11.73 -13.04 20.17
N ASP B 36 -11.35 -13.50 19.00
CA ASP B 36 -10.43 -12.77 18.15
C ASP B 36 -10.61 -13.24 16.71
N ILE B 37 -10.47 -12.30 15.76
CA ILE B 37 -10.60 -12.66 14.35
C ILE B 37 -9.42 -13.52 13.90
N ASN B 38 -8.22 -13.18 14.34
CA ASN B 38 -7.03 -13.90 13.92
C ASN B 38 -7.01 -15.30 14.53
N GLU B 39 -6.78 -16.31 13.68
CA GLU B 39 -6.80 -17.68 14.17
C GLU B 39 -5.55 -18.03 14.95
N GLU B 40 -4.41 -17.44 14.60
CA GLU B 40 -3.18 -17.73 15.34
C GLU B 40 -3.26 -17.24 16.78
N LYS B 41 -3.87 -16.07 16.99
CA LYS B 41 -4.02 -15.54 18.35
C LYS B 41 -4.90 -16.45 19.20
N VAL B 42 -5.99 -16.96 18.63
CA VAL B 42 -6.90 -17.81 19.38
C VAL B 42 -6.24 -19.13 19.73
N ASN B 43 -5.48 -19.70 18.79
CA ASN B 43 -4.77 -20.95 19.07
C ASN B 43 -3.73 -20.76 20.17
N ALA B 44 -3.00 -19.63 20.13
CA ALA B 44 -1.98 -19.37 21.14
C ALA B 44 -2.59 -19.23 22.53
N TYR B 45 -3.76 -18.59 22.63
CA TYR B 45 -4.42 -18.36 23.91
C TYR B 45 -5.53 -19.36 24.17
N ALA B 46 -5.61 -20.43 23.39
CA ALA B 46 -6.65 -21.43 23.64
C ALA B 46 -6.47 -22.10 24.99
N SER B 47 -5.23 -22.40 25.37
CA SER B 47 -4.96 -23.02 26.66
C SER B 47 -5.02 -22.04 27.82
N TYR B 48 -4.93 -20.74 27.55
CA TYR B 48 -4.96 -19.72 28.60
C TYR B 48 -6.35 -19.16 28.84
N ALA B 49 -7.37 -19.67 28.16
CA ALA B 49 -8.74 -19.20 28.33
C ALA B 49 -9.68 -20.39 28.48
N THR B 50 -10.72 -20.21 29.28
CA THR B 50 -11.71 -21.28 29.45
C THR B 50 -12.42 -21.58 28.14
N HIS B 51 -12.78 -20.54 27.39
CA HIS B 51 -13.37 -20.68 26.06
C HIS B 51 -12.64 -19.76 25.11
N ALA B 52 -12.19 -20.30 23.98
CA ALA B 52 -11.54 -19.52 22.93
C ALA B 52 -12.37 -19.64 21.67
N VAL B 53 -12.69 -18.49 21.06
CA VAL B 53 -13.59 -18.43 19.92
C VAL B 53 -12.95 -17.57 18.84
N ILE B 54 -13.03 -18.02 17.59
CA ILE B 54 -12.57 -17.25 16.44
C ILE B 54 -13.82 -16.61 15.83
N ALA B 55 -14.03 -15.33 16.12
CA ALA B 55 -15.22 -14.64 15.66
C ALA B 55 -14.88 -13.17 15.44
N ASN B 56 -15.76 -12.49 14.71
CA ASN B 56 -15.62 -11.06 14.45
C ASN B 56 -16.58 -10.31 15.35
N ALA B 57 -16.04 -9.39 16.15
CA ALA B 57 -16.84 -8.66 17.14
C ALA B 57 -17.70 -7.57 16.51
N THR B 58 -17.46 -7.19 15.26
CA THR B 58 -18.23 -6.16 14.60
C THR B 58 -19.55 -6.69 14.03
N GLU B 59 -19.78 -8.00 14.08
CA GLU B 59 -21.01 -8.59 13.58
C GLU B 59 -21.91 -8.94 14.77
N GLU B 60 -23.11 -8.38 14.80
CA GLU B 60 -24.02 -8.61 15.92
C GLU B 60 -24.55 -10.03 15.94
N ASN B 61 -24.57 -10.73 14.80
CA ASN B 61 -25.06 -12.10 14.77
C ASN B 61 -24.10 -13.04 15.50
N GLU B 62 -22.79 -12.83 15.35
CA GLU B 62 -21.82 -13.68 16.01
C GLU B 62 -21.78 -13.43 17.52
N LEU B 63 -22.01 -12.19 17.94
CA LEU B 63 -21.96 -11.89 19.37
C LEU B 63 -23.05 -12.65 20.12
N LEU B 64 -24.25 -12.74 19.52
CA LEU B 64 -25.32 -13.50 20.16
C LEU B 64 -25.01 -14.98 20.22
N SER B 65 -24.31 -15.52 19.22
CA SER B 65 -23.93 -16.92 19.25
C SER B 65 -23.00 -17.23 20.42
N LEU B 66 -22.04 -16.34 20.69
CA LEU B 66 -21.13 -16.55 21.79
C LEU B 66 -21.86 -16.51 23.14
N GLY B 67 -22.83 -15.61 23.27
CA GLY B 67 -23.55 -15.46 24.51
C GLY B 67 -22.99 -14.34 25.36
N ILE B 68 -22.65 -13.21 24.72
CA ILE B 68 -22.04 -12.09 25.42
C ILE B 68 -23.01 -11.49 26.42
N ARG B 69 -24.31 -11.54 26.14
CA ARG B 69 -25.30 -10.99 27.06
C ARG B 69 -25.21 -11.66 28.43
N ASN B 70 -24.78 -12.92 28.48
CA ASN B 70 -24.59 -13.58 29.76
C ASN B 70 -23.47 -12.94 30.56
N PHE B 71 -22.38 -12.55 29.89
CA PHE B 71 -21.22 -12.02 30.59
C PHE B 71 -21.53 -10.65 31.18
N GLU B 72 -21.22 -10.46 32.46
CA GLU B 72 -21.42 -9.18 33.12
C GLU B 72 -20.34 -8.18 32.73
N TYR B 73 -19.10 -8.63 32.63
CA TYR B 73 -17.97 -7.77 32.27
C TYR B 73 -17.45 -8.18 30.90
N VAL B 74 -17.38 -7.21 29.99
CA VAL B 74 -16.79 -7.42 28.67
C VAL B 74 -15.72 -6.37 28.46
N ILE B 75 -14.53 -6.82 28.08
CA ILE B 75 -13.38 -5.95 27.86
C ILE B 75 -13.06 -5.96 26.38
N VAL B 76 -13.14 -4.80 25.74
CA VAL B 76 -12.83 -4.66 24.33
C VAL B 76 -11.39 -4.16 24.24
N ALA B 77 -10.48 -5.06 23.90
CA ALA B 77 -9.06 -4.74 23.84
C ALA B 77 -8.54 -4.72 22.41
N ILE B 78 -9.39 -4.31 21.47
CA ILE B 78 -8.98 -4.25 20.07
C ILE B 78 -8.05 -3.06 19.87
N GLY B 79 -6.90 -3.31 19.27
CA GLY B 79 -5.92 -2.28 19.01
C GLY B 79 -5.57 -2.16 17.54
N ALA B 80 -5.06 -1.01 17.13
CA ALA B 80 -4.64 -0.69 15.77
C ALA B 80 -5.80 -0.69 14.79
N ASN B 81 -7.03 -0.98 15.24
CA ASN B 81 -8.23 -0.92 14.41
C ASN B 81 -9.26 -0.15 15.24
N ILE B 82 -9.22 1.17 15.13
CA ILE B 82 -10.06 2.01 15.97
C ILE B 82 -11.53 1.83 15.62
N GLN B 83 -11.84 1.65 14.33
CA GLN B 83 -13.22 1.50 13.92
C GLN B 83 -13.84 0.23 14.48
N ALA B 84 -13.07 -0.87 14.48
CA ALA B 84 -13.57 -2.12 15.06
C ALA B 84 -13.82 -1.96 16.56
N SER B 85 -12.92 -1.27 17.26
CA SER B 85 -13.11 -1.03 18.68
C SER B 85 -14.32 -0.16 18.94
N THR B 86 -14.50 0.91 18.16
CA THR B 86 -15.66 1.78 18.34
C THR B 86 -16.95 1.05 17.99
N LEU B 87 -16.94 0.28 16.91
CA LEU B 87 -18.16 -0.40 16.47
C LEU B 87 -18.55 -1.52 17.44
N THR B 88 -17.57 -2.23 17.99
CA THR B 88 -17.86 -3.34 18.89
C THR B 88 -18.57 -2.85 20.14
N THR B 89 -18.08 -1.76 20.74
CA THR B 89 -18.68 -1.26 21.97
C THR B 89 -20.08 -0.72 21.74
N LEU B 90 -20.34 -0.17 20.55
CA LEU B 90 -21.68 0.31 20.24
C LEU B 90 -22.66 -0.86 20.14
N LEU B 91 -22.21 -1.99 19.60
CA LEU B 91 -23.07 -3.17 19.53
C LEU B 91 -23.34 -3.73 20.93
N LEU B 92 -22.34 -3.67 21.82
CA LEU B 92 -22.50 -4.25 23.15
C LEU B 92 -23.57 -3.54 23.95
N LYS B 93 -23.70 -2.22 23.78
CA LYS B 93 -24.74 -1.50 24.51
C LYS B 93 -26.13 -1.90 24.06
N GLU B 94 -26.29 -2.30 22.79
CA GLU B 94 -27.57 -2.85 22.36
C GLU B 94 -27.88 -4.16 23.08
N LEU B 95 -26.85 -4.92 23.43
CA LEU B 95 -27.01 -6.15 24.19
C LEU B 95 -27.09 -5.91 25.69
N ASP B 96 -27.33 -4.66 26.11
CA ASP B 96 -27.47 -4.27 27.51
C ASP B 96 -26.42 -4.90 28.42
N ILE B 97 -25.18 -4.84 27.97
CA ILE B 97 -24.06 -5.32 28.81
C ILE B 97 -23.87 -4.37 29.98
N PRO B 98 -23.85 -4.85 31.21
CA PRO B 98 -23.75 -3.94 32.38
C PRO B 98 -22.47 -3.13 32.39
N ASN B 99 -21.32 -3.80 32.31
CA ASN B 99 -20.02 -3.14 32.37
C ASN B 99 -19.25 -3.43 31.10
N ILE B 100 -18.80 -2.36 30.43
CA ILE B 100 -17.99 -2.47 29.22
C ILE B 100 -16.72 -1.67 29.44
N TRP B 101 -15.57 -2.34 29.38
CA TRP B 101 -14.27 -1.70 29.51
C TRP B 101 -13.59 -1.70 28.16
N VAL B 102 -13.16 -0.53 27.70
CA VAL B 102 -12.63 -0.36 26.36
C VAL B 102 -11.22 0.21 26.45
N LYS B 103 -10.34 -0.26 25.59
CA LYS B 103 -8.99 0.26 25.49
C LYS B 103 -8.95 1.33 24.41
N ALA B 104 -8.52 2.54 24.77
CA ALA B 104 -8.45 3.65 23.85
C ALA B 104 -7.08 3.73 23.20
N GLN B 105 -7.03 4.32 22.01
CA GLN B 105 -5.80 4.49 21.27
C GLN B 105 -5.20 5.88 21.36
N ASN B 106 -6.04 6.92 21.31
CA ASN B 106 -5.57 8.29 21.39
C ASN B 106 -6.64 9.13 22.08
N TYR B 107 -6.36 10.43 22.16
CA TYR B 107 -7.28 11.34 22.85
C TYR B 107 -8.62 11.42 22.12
N TYR B 108 -8.59 11.47 20.79
CA TYR B 108 -9.83 11.56 20.02
C TYR B 108 -10.65 10.29 20.16
N HIS B 109 -10.01 9.12 20.17
CA HIS B 109 -10.73 7.88 20.40
C HIS B 109 -11.28 7.81 21.82
N HIS B 110 -10.57 8.39 22.79
CA HIS B 110 -11.07 8.43 24.16
C HIS B 110 -12.38 9.23 24.24
N LYS B 111 -12.45 10.35 23.53
CA LYS B 111 -13.66 11.17 23.55
C LYS B 111 -14.84 10.44 22.93
N VAL B 112 -14.62 9.75 21.81
CA VAL B 112 -15.71 9.06 21.13
C VAL B 112 -16.26 7.93 22.01
N LEU B 113 -15.38 7.15 22.63
CA LEU B 113 -15.83 6.05 23.47
C LEU B 113 -16.61 6.56 24.68
N GLU B 114 -16.19 7.68 25.25
CA GLU B 114 -16.88 8.23 26.41
C GLU B 114 -18.32 8.61 26.08
N LYS B 115 -18.55 9.21 24.91
CA LYS B 115 -19.86 9.68 24.53
C LYS B 115 -20.78 8.58 24.02
N ILE B 116 -20.24 7.44 23.56
CA ILE B 116 -21.07 6.35 23.09
C ILE B 116 -21.44 5.37 24.20
N GLY B 117 -20.99 5.62 25.43
CA GLY B 117 -21.42 4.83 26.56
C GLY B 117 -20.49 3.72 27.00
N ALA B 118 -19.20 4.03 27.11
CA ALA B 118 -18.23 3.08 27.63
C ALA B 118 -18.11 3.28 29.14
N ASP B 119 -18.32 2.19 29.90
CA ASP B 119 -18.31 2.29 31.36
C ASP B 119 -16.94 2.72 31.88
N ARG B 120 -15.88 2.17 31.31
CA ARG B 120 -14.52 2.52 31.74
C ARG B 120 -13.61 2.46 30.53
N ILE B 121 -12.82 3.51 30.35
CA ILE B 121 -11.91 3.63 29.21
C ILE B 121 -10.48 3.48 29.71
N ILE B 122 -9.72 2.60 29.08
CA ILE B 122 -8.36 2.27 29.48
C ILE B 122 -7.40 2.78 28.41
N HIS B 123 -6.35 3.47 28.85
CA HIS B 123 -5.33 4.02 27.97
C HIS B 123 -3.98 3.49 28.46
N PRO B 124 -3.59 2.29 28.02
CA PRO B 124 -2.46 1.60 28.67
C PRO B 124 -1.17 2.38 28.69
N GLU B 125 -0.87 3.11 27.62
CA GLU B 125 0.38 3.88 27.59
C GLU B 125 0.31 5.08 28.52
N LYS B 126 -0.80 5.81 28.48
CA LYS B 126 -0.96 6.99 29.32
C LYS B 126 -1.23 6.62 30.77
N ASP B 127 -2.06 5.60 31.02
CA ASP B 127 -2.41 5.23 32.38
C ASP B 127 -1.23 4.63 33.14
N MET B 128 -0.33 3.95 32.43
CA MET B 128 0.85 3.40 33.09
C MET B 128 1.80 4.51 33.52
N GLY B 129 1.87 5.60 32.76
CA GLY B 129 2.75 6.69 33.13
C GLY B 129 2.34 7.38 34.42
N VAL B 130 1.03 7.52 34.65
CA VAL B 130 0.57 8.22 35.83
C VAL B 130 0.75 7.40 37.10
N LYS B 131 0.96 6.09 36.98
CA LYS B 131 1.23 5.25 38.14
C LYS B 131 2.70 4.91 38.29
N ILE B 132 3.47 4.93 37.19
CA ILE B 132 4.93 4.89 37.31
C ILE B 132 5.43 6.16 38.00
N ALA B 133 4.87 7.31 37.63
CA ALA B 133 5.23 8.56 38.30
C ALA B 133 4.84 8.53 39.76
N GLN B 134 3.69 7.92 40.08
CA GLN B 134 3.30 7.78 41.47
C GLN B 134 4.27 6.89 42.25
N SER B 135 4.77 5.83 41.60
CA SER B 135 5.74 4.97 42.24
C SER B 135 7.04 5.70 42.53
N LEU B 136 7.44 6.62 41.64
CA LEU B 136 8.66 7.38 41.85
C LEU B 136 8.56 8.24 43.11
N SER B 137 7.41 8.90 43.30
CA SER B 137 7.23 9.73 44.50
C SER B 137 7.25 8.89 45.76
N ASP B 138 6.61 7.71 45.73
CA ASP B 138 6.59 6.85 46.90
C ASP B 138 7.94 6.20 47.16
N GLU B 139 8.81 6.13 46.15
CA GLU B 139 10.13 5.53 46.30
C GLU B 139 11.15 6.51 46.84
N LYS C 7 39.87 -24.46 13.26
CA LYS C 7 39.32 -25.79 13.06
C LYS C 7 37.95 -25.91 13.74
N GLN C 8 37.79 -25.21 14.85
CA GLN C 8 36.58 -25.27 15.68
C GLN C 8 35.86 -23.93 15.56
N PHE C 9 34.91 -23.85 14.65
CA PHE C 9 34.16 -22.63 14.40
C PHE C 9 32.66 -22.90 14.51
N ALA C 10 31.93 -21.88 14.96
CA ALA C 10 30.47 -21.94 15.05
C ALA C 10 29.90 -20.67 14.44
N VAL C 11 28.91 -20.83 13.56
CA VAL C 11 28.25 -19.71 12.90
C VAL C 11 26.77 -19.77 13.25
N ILE C 12 26.24 -18.66 13.74
CA ILE C 12 24.84 -18.56 14.16
C ILE C 12 24.12 -17.65 13.18
N GLY C 13 23.08 -18.18 12.55
CA GLY C 13 22.33 -17.43 11.56
C GLY C 13 22.80 -17.74 10.16
N LEU C 14 22.03 -18.54 9.41
CA LEU C 14 22.40 -18.97 8.07
C LEU C 14 21.65 -18.09 7.06
N GLY C 15 22.21 -16.91 6.83
CA GLY C 15 21.65 -16.01 5.83
C GLY C 15 22.63 -15.74 4.71
N ARG C 16 22.53 -14.57 4.09
CA ARG C 16 23.48 -14.21 3.03
C ARG C 16 24.90 -14.09 3.57
N PHE C 17 25.05 -13.49 4.74
CA PHE C 17 26.39 -13.33 5.33
C PHE C 17 26.82 -14.58 6.08
N GLY C 18 25.93 -15.14 6.90
CA GLY C 18 26.28 -16.34 7.65
C GLY C 18 26.48 -17.56 6.77
N GLY C 19 25.63 -17.71 5.74
CA GLY C 19 25.76 -18.84 4.85
C GLY C 19 27.05 -18.81 4.05
N SER C 20 27.49 -17.61 3.67
CA SER C 20 28.74 -17.49 2.92
C SER C 20 29.94 -17.91 3.74
N ILE C 21 29.92 -17.66 5.05
CA ILE C 21 31.03 -18.06 5.90
C ILE C 21 31.10 -19.57 6.01
N CYS C 22 29.95 -20.23 6.19
CA CYS C 22 29.94 -21.69 6.31
C CYS C 22 30.44 -22.36 5.03
N LYS C 23 29.97 -21.88 3.87
CA LYS C 23 30.40 -22.48 2.60
C LYS C 23 31.89 -22.29 2.37
N GLU C 24 32.41 -21.10 2.67
CA GLU C 24 33.84 -20.84 2.44
C GLU C 24 34.69 -21.62 3.42
N LEU C 25 34.30 -21.69 4.69
CA LEU C 25 35.05 -22.46 5.66
C LEU C 25 35.02 -23.95 5.34
N HIS C 26 33.86 -24.44 4.88
CA HIS C 26 33.75 -25.86 4.53
C HIS C 26 34.68 -26.20 3.37
N ARG C 27 34.81 -25.29 2.40
CA ARG C 27 35.71 -25.53 1.28
C ARG C 27 37.16 -25.63 1.74
N MET C 28 37.55 -24.77 2.69
CA MET C 28 38.92 -24.80 3.20
C MET C 28 39.20 -26.00 4.08
N GLY C 29 38.17 -26.77 4.45
CA GLY C 29 38.38 -27.94 5.29
C GLY C 29 38.38 -27.64 6.76
N HIS C 30 37.30 -27.02 7.26
CA HIS C 30 37.17 -26.69 8.67
C HIS C 30 35.84 -27.23 9.18
N GLU C 31 35.83 -27.57 10.47
CA GLU C 31 34.61 -28.05 11.12
C GLU C 31 33.78 -26.86 11.58
N VAL C 32 32.58 -26.73 11.01
CA VAL C 32 31.71 -25.59 11.25
C VAL C 32 30.38 -26.09 11.77
N LEU C 33 29.89 -25.50 12.85
CA LEU C 33 28.56 -25.78 13.37
C LEU C 33 27.63 -24.65 12.97
N ALA C 34 26.53 -25.00 12.31
CA ALA C 34 25.56 -24.04 11.82
C ALA C 34 24.26 -24.18 12.60
N VAL C 35 23.82 -23.07 13.20
CA VAL C 35 22.58 -23.07 13.95
C VAL C 35 21.68 -21.97 13.43
N ASP C 36 20.40 -22.29 13.23
CA ASP C 36 19.45 -21.33 12.70
C ASP C 36 18.04 -21.77 13.12
N ILE C 37 17.18 -20.79 13.38
CA ILE C 37 15.81 -21.11 13.77
C ILE C 37 15.04 -21.67 12.58
N ASN C 38 15.24 -21.09 11.40
CA ASN C 38 14.50 -21.52 10.22
C ASN C 38 14.96 -22.89 9.78
N GLU C 39 14.01 -23.79 9.55
CA GLU C 39 14.35 -25.16 9.17
C GLU C 39 14.82 -25.26 7.73
N GLU C 40 14.28 -24.42 6.83
CA GLU C 40 14.71 -24.45 5.44
C GLU C 40 16.17 -24.06 5.30
N LYS C 41 16.61 -23.06 6.07
CA LYS C 41 18.01 -22.64 6.00
C LYS C 41 18.94 -23.76 6.45
N VAL C 42 18.58 -24.46 7.52
CA VAL C 42 19.43 -25.53 8.04
C VAL C 42 19.50 -26.69 7.05
N ASN C 43 18.38 -27.04 6.43
CA ASN C 43 18.39 -28.10 5.44
C ASN C 43 19.24 -27.74 4.23
N ALA C 44 19.15 -26.48 3.79
CA ALA C 44 19.94 -26.04 2.64
C ALA C 44 21.43 -26.10 2.93
N TYR C 45 21.84 -25.72 4.14
CA TYR C 45 23.25 -25.71 4.52
C TYR C 45 23.66 -26.93 5.32
N ALA C 46 22.82 -27.97 5.36
CA ALA C 46 23.18 -29.18 6.07
C ALA C 46 24.41 -29.85 5.47
N SER C 47 24.48 -29.88 4.13
CA SER C 47 25.61 -30.49 3.45
C SER C 47 26.85 -29.59 3.45
N TYR C 48 26.68 -28.30 3.68
CA TYR C 48 27.80 -27.37 3.68
C TYR C 48 28.39 -27.12 5.07
N ALA C 49 27.89 -27.81 6.09
CA ALA C 49 28.40 -27.66 7.44
C ALA C 49 28.64 -29.04 8.06
N THR C 50 29.66 -29.13 8.90
CA THR C 50 29.94 -30.38 9.59
C THR C 50 28.79 -30.78 10.50
N HIS C 51 28.24 -29.82 11.24
CA HIS C 51 27.06 -30.04 12.06
C HIS C 51 26.06 -28.93 11.78
N ALA C 52 24.82 -29.31 11.50
CA ALA C 52 23.73 -28.36 11.29
C ALA C 52 22.67 -28.60 12.35
N VAL C 53 22.25 -27.53 13.02
CA VAL C 53 21.34 -27.61 14.15
C VAL C 53 20.23 -26.59 13.97
N ILE C 54 18.99 -27.00 14.23
CA ILE C 54 17.84 -26.10 14.23
C ILE C 54 17.58 -25.73 15.68
N ALA C 55 18.03 -24.54 16.08
CA ALA C 55 17.90 -24.10 17.45
C ALA C 55 17.74 -22.59 17.48
N ASN C 56 17.28 -22.08 18.63
CA ASN C 56 17.13 -20.65 18.85
C ASN C 56 18.29 -20.16 19.70
N ALA C 57 19.03 -19.19 19.20
CA ALA C 57 20.22 -18.70 19.88
C ALA C 57 19.90 -17.80 21.07
N THR C 58 18.67 -17.33 21.19
CA THR C 58 18.29 -16.46 22.30
C THR C 58 17.97 -17.23 23.57
N GLU C 59 17.96 -18.56 23.52
CA GLU C 59 17.68 -19.39 24.68
C GLU C 59 18.99 -19.98 25.18
N GLU C 60 19.34 -19.69 26.44
CA GLU C 60 20.59 -20.17 27.00
C GLU C 60 20.60 -21.67 27.22
N ASN C 61 19.43 -22.30 27.35
CA ASN C 61 19.39 -23.74 27.55
C ASN C 61 19.80 -24.48 26.27
N GLU C 62 19.38 -23.98 25.10
CA GLU C 62 19.74 -24.63 23.85
C GLU C 62 21.21 -24.44 23.52
N LEU C 63 21.80 -23.30 23.88
CA LEU C 63 23.21 -23.07 23.58
C LEU C 63 24.10 -24.07 24.30
N LEU C 64 23.78 -24.40 25.54
CA LEU C 64 24.56 -25.40 26.27
C LEU C 64 24.42 -26.78 25.66
N SER C 65 23.24 -27.10 25.10
CA SER C 65 23.06 -28.40 24.45
C SER C 65 23.96 -28.54 23.24
N LEU C 66 24.10 -27.47 22.45
CA LEU C 66 24.96 -27.52 21.28
C LEU C 66 26.42 -27.70 21.68
N GLY C 67 26.84 -27.04 22.75
CA GLY C 67 28.23 -27.11 23.18
C GLY C 67 29.03 -25.93 22.68
N ILE C 68 28.43 -24.74 22.74
CA ILE C 68 29.09 -23.53 22.22
C ILE C 68 30.33 -23.20 23.03
N ARG C 69 30.33 -23.52 24.33
CA ARG C 69 31.49 -23.24 25.16
C ARG C 69 32.74 -23.92 24.64
N ASN C 70 32.58 -25.06 23.96
CA ASN C 70 33.73 -25.73 23.34
C ASN C 70 34.33 -24.90 22.22
N PHE C 71 33.47 -24.25 21.42
CA PHE C 71 33.94 -23.50 20.27
C PHE C 71 34.70 -22.26 20.71
N GLU C 72 35.90 -22.07 20.15
CA GLU C 72 36.70 -20.89 20.46
C GLU C 72 36.19 -19.66 19.72
N TYR C 73 35.78 -19.82 18.47
CA TYR C 73 35.27 -18.72 17.66
C TYR C 73 33.78 -18.94 17.39
N VAL C 74 32.97 -17.95 17.73
CA VAL C 74 31.54 -17.96 17.44
C VAL C 74 31.20 -16.70 16.67
N ILE C 75 30.54 -16.86 15.53
CA ILE C 75 30.16 -15.74 14.67
C ILE C 75 28.64 -15.63 14.71
N VAL C 76 28.14 -14.49 15.17
CA VAL C 76 26.72 -14.21 15.23
C VAL C 76 26.37 -13.41 13.99
N ALA C 77 25.77 -14.07 13.01
CA ALA C 77 25.42 -13.44 11.73
C ALA C 77 23.93 -13.26 11.58
N ILE C 78 23.22 -13.01 12.68
CA ILE C 78 21.78 -12.79 12.63
C ILE C 78 21.50 -11.42 12.03
N GLY C 79 20.63 -11.40 11.02
CA GLY C 79 20.27 -10.15 10.36
C GLY C 79 18.79 -9.90 10.39
N ALA C 80 18.38 -8.65 10.23
CA ALA C 80 16.99 -8.19 10.21
C ALA C 80 16.29 -8.39 11.56
N ASN C 81 16.96 -8.97 12.55
CA ASN C 81 16.43 -9.14 13.89
C ASN C 81 17.52 -8.65 14.84
N ILE C 82 17.53 -7.35 15.09
CA ILE C 82 18.60 -6.75 15.88
C ILE C 82 18.56 -7.24 17.32
N GLN C 83 17.36 -7.42 17.87
CA GLN C 83 17.24 -7.86 19.25
C GLN C 83 17.81 -9.26 19.45
N ALA C 84 17.54 -10.16 18.50
CA ALA C 84 18.09 -11.50 18.58
C ALA C 84 19.62 -11.47 18.50
N SER C 85 20.17 -10.62 17.62
CA SER C 85 21.61 -10.50 17.53
C SER C 85 22.21 -9.94 18.81
N THR C 86 21.59 -8.90 19.37
CA THR C 86 22.10 -8.31 20.60
C THR C 86 21.97 -9.28 21.77
N LEU C 87 20.84 -9.99 21.85
CA LEU C 87 20.62 -10.90 22.97
C LEU C 87 21.54 -12.12 22.89
N THR C 88 21.80 -12.61 21.68
CA THR C 88 22.63 -13.80 21.54
C THR C 88 24.06 -13.54 22.02
N THR C 89 24.63 -12.40 21.63
CA THR C 89 26.00 -12.09 22.02
C THR C 89 26.12 -11.86 23.52
N LEU C 90 25.07 -11.33 24.16
CA LEU C 90 25.10 -11.15 25.60
C LEU C 90 25.11 -12.49 26.32
N LEU C 91 24.38 -13.48 25.79
CA LEU C 91 24.40 -14.81 26.38
C LEU C 91 25.76 -15.48 26.20
N LEU C 92 26.41 -15.24 25.06
CA LEU C 92 27.69 -15.90 24.79
C LEU C 92 28.78 -15.46 25.75
N LYS C 93 28.76 -14.20 26.20
CA LYS C 93 29.75 -13.75 27.16
C LYS C 93 29.58 -14.44 28.52
N GLU C 94 28.35 -14.81 28.88
CA GLU C 94 28.14 -15.61 30.07
C GLU C 94 28.80 -16.98 29.93
N LEU C 95 28.84 -17.52 28.72
CA LEU C 95 29.51 -18.79 28.44
C LEU C 95 31.00 -18.63 28.22
N ASP C 96 31.57 -17.48 28.60
CA ASP C 96 33.01 -17.18 28.51
C ASP C 96 33.60 -17.61 27.16
N ILE C 97 32.90 -17.26 26.09
CA ILE C 97 33.43 -17.53 24.75
C ILE C 97 34.62 -16.60 24.49
N PRO C 98 35.77 -17.12 24.09
CA PRO C 98 36.96 -16.26 23.91
C PRO C 98 36.77 -15.18 22.85
N ASN C 99 36.38 -15.58 21.64
CA ASN C 99 36.23 -14.66 20.52
C ASN C 99 34.80 -14.71 20.02
N ILE C 100 34.15 -13.56 19.97
CA ILE C 100 32.78 -13.43 19.45
C ILE C 100 32.80 -12.38 18.35
N TRP C 101 32.43 -12.77 17.15
CA TRP C 101 32.34 -11.87 16.01
C TRP C 101 30.87 -11.66 15.66
N VAL C 102 30.45 -10.41 15.61
CA VAL C 102 29.04 -10.07 15.44
C VAL C 102 28.89 -9.20 14.20
N LYS C 103 27.80 -9.44 13.46
CA LYS C 103 27.46 -8.63 12.31
C LYS C 103 26.50 -7.54 12.74
N ALA C 104 26.88 -6.29 12.49
CA ALA C 104 26.07 -5.14 12.87
C ALA C 104 25.15 -4.74 11.72
N GLN C 105 24.04 -4.09 12.08
CA GLN C 105 23.06 -3.64 11.10
C GLN C 105 23.15 -2.15 10.81
N ASN C 106 23.37 -1.32 11.83
CA ASN C 106 23.47 0.12 11.64
C ASN C 106 24.45 0.69 12.67
N TYR C 107 24.60 2.00 12.65
CA TYR C 107 25.54 2.65 13.56
C TYR C 107 25.13 2.47 15.02
N TYR C 108 23.83 2.58 15.30
CA TYR C 108 23.35 2.43 16.67
C TYR C 108 23.55 1.00 17.17
N HIS C 109 23.32 0.01 16.31
CA HIS C 109 23.59 -1.37 16.68
C HIS C 109 25.08 -1.62 16.87
N HIS C 110 25.92 -0.93 16.09
CA HIS C 110 27.37 -1.06 16.28
C HIS C 110 27.80 -0.58 17.65
N LYS C 111 27.23 0.53 18.12
CA LYS C 111 27.58 1.07 19.43
C LYS C 111 27.17 0.12 20.54
N VAL C 112 25.97 -0.47 20.45
CA VAL C 112 25.48 -1.35 21.50
C VAL C 112 26.35 -2.59 21.60
N LEU C 113 26.70 -3.19 20.45
CA LEU C 113 27.51 -4.40 20.46
C LEU C 113 28.89 -4.13 21.03
N GLU C 114 29.45 -2.96 20.74
CA GLU C 114 30.79 -2.64 21.23
C GLU C 114 30.81 -2.57 22.76
N LYS C 115 29.78 -1.99 23.36
CA LYS C 115 29.74 -1.80 24.80
C LYS C 115 29.34 -3.05 25.57
N ILE C 116 28.66 -4.01 24.92
CA ILE C 116 28.30 -5.25 25.60
C ILE C 116 29.37 -6.32 25.48
N GLY C 117 30.49 -6.04 24.83
CA GLY C 117 31.61 -6.95 24.83
C GLY C 117 31.73 -7.84 23.61
N ALA C 118 31.59 -7.27 22.42
CA ALA C 118 31.80 -8.00 21.18
C ALA C 118 33.26 -7.85 20.76
N ASP C 119 33.93 -8.98 20.56
CA ASP C 119 35.36 -8.95 20.25
C ASP C 119 35.62 -8.25 18.91
N ARG C 120 34.79 -8.53 17.91
CA ARG C 120 34.94 -7.92 16.60
C ARG C 120 33.56 -7.71 15.99
N ILE C 121 33.31 -6.51 15.49
CA ILE C 121 32.02 -6.14 14.92
C ILE C 121 32.19 -6.00 13.42
N ILE C 122 31.32 -6.66 12.66
CA ILE C 122 31.40 -6.70 11.21
C ILE C 122 30.20 -5.96 10.64
N HIS C 123 30.46 -5.07 9.68
CA HIS C 123 29.44 -4.26 9.02
C HIS C 123 29.57 -4.51 7.52
N PRO C 124 28.95 -5.58 7.01
CA PRO C 124 29.27 -6.03 5.65
C PRO C 124 29.08 -4.98 4.56
N GLU C 125 28.04 -4.15 4.66
CA GLU C 125 27.82 -3.14 3.64
C GLU C 125 28.85 -2.01 3.75
N LYS C 126 29.12 -1.55 4.97
CA LYS C 126 30.07 -0.48 5.17
C LYS C 126 31.51 -0.96 5.01
N ASP C 127 31.84 -2.14 5.54
CA ASP C 127 33.21 -2.63 5.48
C ASP C 127 33.62 -3.00 4.06
N MET C 128 32.68 -3.44 3.22
CA MET C 128 33.02 -3.73 1.84
C MET C 128 33.33 -2.46 1.06
N GLY C 129 32.68 -1.35 1.39
CA GLY C 129 32.95 -0.11 0.69
C GLY C 129 34.36 0.41 0.93
N VAL C 130 34.87 0.25 2.14
CA VAL C 130 36.20 0.79 2.46
C VAL C 130 37.30 -0.03 1.82
N LYS C 131 37.02 -1.26 1.39
CA LYS C 131 38.01 -2.06 0.69
C LYS C 131 37.81 -2.08 -0.82
N ILE C 132 36.58 -1.84 -1.29
CA ILE C 132 36.38 -1.57 -2.71
C ILE C 132 37.06 -0.26 -3.09
N ALA C 133 36.92 0.76 -2.23
CA ALA C 133 37.60 2.03 -2.48
C ALA C 133 39.11 1.85 -2.45
N GLN C 134 39.61 1.00 -1.55
CA GLN C 134 41.05 0.72 -1.53
C GLN C 134 41.50 0.03 -2.80
N SER C 135 40.66 -0.86 -3.35
CA SER C 135 41.01 -1.53 -4.61
C SER C 135 41.07 -0.53 -5.77
N LEU C 136 40.20 0.48 -5.75
CA LEU C 136 40.22 1.49 -6.81
C LEU C 136 41.54 2.26 -6.81
N SER C 137 42.03 2.63 -5.63
CA SER C 137 43.30 3.34 -5.57
C SER C 137 44.45 2.48 -6.05
N ASP C 138 44.46 1.19 -5.67
CA ASP C 138 45.52 0.30 -6.10
C ASP C 138 45.43 -0.06 -7.58
N GLU C 139 44.25 0.11 -8.18
CA GLU C 139 44.05 -0.20 -9.60
C GLU C 139 44.45 0.97 -10.49
N ASN C 140 44.68 2.16 -9.91
CA ASN C 140 45.04 3.35 -10.65
C ASN C 140 44.00 3.70 -11.72
N LYS D 7 42.05 8.94 -9.41
CA LYS D 7 41.83 10.35 -9.14
C LYS D 7 40.45 10.80 -9.64
N GLN D 8 39.99 10.18 -10.72
CA GLN D 8 38.73 10.53 -11.37
C GLN D 8 37.75 9.38 -11.16
N PHE D 9 36.93 9.49 -10.12
CA PHE D 9 35.96 8.45 -9.76
C PHE D 9 34.56 9.06 -9.67
N ALA D 10 33.57 8.25 -10.03
CA ALA D 10 32.17 8.62 -9.90
C ALA D 10 31.41 7.50 -9.22
N VAL D 11 30.61 7.86 -8.22
CA VAL D 11 29.80 6.91 -7.47
C VAL D 11 28.34 7.29 -7.63
N ILE D 12 27.52 6.34 -8.03
CA ILE D 12 26.09 6.57 -8.26
C ILE D 12 25.31 5.82 -7.19
N GLY D 13 24.51 6.55 -6.42
CA GLY D 13 23.75 5.97 -5.34
C GLY D 13 24.47 6.13 -4.01
N LEU D 14 23.99 7.06 -3.18
CA LEU D 14 24.63 7.36 -1.90
C LEU D 14 23.85 6.65 -0.80
N GLY D 15 24.14 5.37 -0.63
CA GLY D 15 23.54 4.59 0.43
C GLY D 15 24.56 4.08 1.41
N ARG D 16 24.29 2.94 2.05
CA ARG D 16 25.25 2.37 2.98
C ARG D 16 26.53 1.95 2.26
N PHE D 17 26.39 1.36 1.07
CA PHE D 17 27.57 0.91 0.32
C PHE D 17 28.17 2.06 -0.49
N GLY D 18 27.33 2.82 -1.19
CA GLY D 18 27.84 3.93 -1.99
C GLY D 18 28.42 5.05 -1.14
N GLY D 19 27.77 5.36 -0.02
CA GLY D 19 28.26 6.42 0.84
C GLY D 19 29.60 6.07 1.47
N SER D 20 29.81 4.79 1.79
CA SER D 20 31.09 4.38 2.37
C SER D 20 32.23 4.54 1.39
N ILE D 21 31.99 4.32 0.10
CA ILE D 21 33.04 4.49 -0.90
C ILE D 21 33.44 5.96 -1.03
N CYS D 22 32.45 6.87 -1.04
CA CYS D 22 32.75 8.28 -1.17
C CYS D 22 33.55 8.80 0.02
N LYS D 23 33.15 8.40 1.24
CA LYS D 23 33.85 8.86 2.43
C LYS D 23 35.29 8.34 2.46
N GLU D 24 35.49 7.07 2.11
CA GLU D 24 36.82 6.49 2.14
C GLU D 24 37.71 7.09 1.05
N LEU D 25 37.17 7.27 -0.15
CA LEU D 25 37.94 7.88 -1.23
C LEU D 25 38.28 9.33 -0.91
N HIS D 26 37.34 10.07 -0.31
CA HIS D 26 37.60 11.45 0.05
C HIS D 26 38.72 11.55 1.07
N ARG D 27 38.77 10.62 2.02
CA ARG D 27 39.84 10.62 3.02
C ARG D 27 41.19 10.41 2.36
N MET D 28 41.26 9.50 1.38
CA MET D 28 42.52 9.23 0.69
C MET D 28 42.95 10.37 -0.23
N GLY D 29 42.08 11.36 -0.46
CA GLY D 29 42.43 12.47 -1.32
C GLY D 29 42.17 12.21 -2.80
N HIS D 30 40.93 11.86 -3.13
CA HIS D 30 40.53 11.60 -4.51
C HIS D 30 39.31 12.44 -4.84
N GLU D 31 39.20 12.80 -6.13
CA GLU D 31 38.05 13.56 -6.61
C GLU D 31 36.92 12.59 -6.94
N VAL D 32 35.81 12.72 -6.23
CA VAL D 32 34.68 11.81 -6.34
C VAL D 32 33.43 12.62 -6.67
N LEU D 33 32.69 12.16 -7.68
CA LEU D 33 31.40 12.75 -8.02
C LEU D 33 30.30 11.85 -7.48
N ALA D 34 29.41 12.42 -6.69
CA ALA D 34 28.32 11.69 -6.07
C ALA D 34 26.99 12.13 -6.66
N VAL D 35 26.24 11.17 -7.19
CA VAL D 35 24.95 11.47 -7.78
C VAL D 35 23.90 10.58 -7.14
N ASP D 36 22.77 11.16 -6.78
CA ASP D 36 21.69 10.44 -6.12
C ASP D 36 20.39 11.18 -6.34
N ILE D 37 19.30 10.43 -6.49
CA ILE D 37 17.99 11.06 -6.68
C ILE D 37 17.53 11.75 -5.40
N ASN D 38 17.75 11.11 -4.25
CA ASN D 38 17.29 11.66 -2.99
C ASN D 38 18.10 12.89 -2.62
N GLU D 39 17.41 13.98 -2.27
CA GLU D 39 18.10 15.23 -1.95
C GLU D 39 18.76 15.18 -0.58
N GLU D 40 18.17 14.46 0.37
CA GLU D 40 18.78 14.36 1.70
C GLU D 40 20.11 13.64 1.65
N LYS D 41 20.22 12.59 0.84
CA LYS D 41 21.48 11.87 0.72
C LYS D 41 22.57 12.76 0.14
N VAL D 42 22.24 13.55 -0.88
CA VAL D 42 23.23 14.41 -1.51
C VAL D 42 23.69 15.50 -0.55
N ASN D 43 22.77 16.08 0.21
CA ASN D 43 23.14 17.10 1.19
C ASN D 43 24.04 16.52 2.27
N ALA D 44 23.74 15.31 2.73
CA ALA D 44 24.55 14.68 3.77
C ALA D 44 25.97 14.41 3.28
N TYR D 45 26.12 13.98 2.03
CA TYR D 45 27.41 13.66 1.46
C TYR D 45 27.98 14.78 0.61
N ALA D 46 27.41 15.98 0.68
CA ALA D 46 27.94 17.10 -0.09
C ALA D 46 29.35 17.46 0.36
N SER D 47 29.60 17.44 1.67
CA SER D 47 30.92 17.76 2.18
C SER D 47 31.92 16.61 2.03
N TYR D 48 31.43 15.39 1.81
CA TYR D 48 32.31 14.23 1.68
C TYR D 48 32.64 13.89 0.23
N ALA D 49 32.18 14.70 -0.72
CA ALA D 49 32.45 14.49 -2.13
C ALA D 49 32.90 15.78 -2.77
N THR D 50 33.81 15.66 -3.75
CA THR D 50 34.27 16.84 -4.48
C THR D 50 33.13 17.50 -5.23
N HIS D 51 32.29 16.70 -5.89
CA HIS D 51 31.08 17.20 -6.54
C HIS D 51 29.90 16.33 -6.13
N ALA D 52 28.84 16.97 -5.68
CA ALA D 52 27.59 16.29 -5.32
C ALA D 52 26.48 16.79 -6.23
N VAL D 53 25.76 15.86 -6.84
CA VAL D 53 24.74 16.18 -7.84
C VAL D 53 23.47 15.42 -7.50
N ILE D 54 22.33 16.10 -7.60
CA ILE D 54 21.02 15.48 -7.43
C ILE D 54 20.48 15.21 -8.83
N ALA D 55 20.60 13.96 -9.28
CA ALA D 55 20.18 13.59 -10.63
C ALA D 55 19.70 12.16 -10.63
N ASN D 56 18.99 11.80 -11.69
CA ASN D 56 18.50 10.44 -11.88
C ASN D 56 19.39 9.72 -12.89
N ALA D 57 19.96 8.59 -12.48
CA ALA D 57 20.91 7.87 -13.31
C ALA D 57 20.25 7.09 -14.44
N THR D 58 18.93 6.91 -14.39
CA THR D 58 18.22 6.18 -15.44
C THR D 58 17.91 7.03 -16.66
N GLU D 59 18.21 8.33 -16.61
CA GLU D 59 17.98 9.23 -17.74
C GLU D 59 19.31 9.52 -18.41
N GLU D 60 19.40 9.20 -19.70
CA GLU D 60 20.66 9.39 -20.43
C GLU D 60 20.98 10.86 -20.65
N ASN D 61 19.97 11.73 -20.64
CA ASN D 61 20.23 13.16 -20.82
C ASN D 61 20.96 13.76 -19.62
N GLU D 62 20.60 13.33 -18.40
CA GLU D 62 21.26 13.85 -17.22
C GLU D 62 22.68 13.34 -17.08
N LEU D 63 22.94 12.10 -17.52
CA LEU D 63 24.29 11.55 -17.40
C LEU D 63 25.29 12.34 -18.23
N LEU D 64 24.87 12.77 -19.43
CA LEU D 64 25.76 13.58 -20.26
C LEU D 64 26.01 14.95 -19.65
N SER D 65 25.03 15.51 -18.94
CA SER D 65 25.22 16.80 -18.28
C SER D 65 26.29 16.71 -17.20
N LEU D 66 26.29 15.62 -16.43
CA LEU D 66 27.29 15.44 -15.38
C LEU D 66 28.68 15.30 -15.97
N GLY D 67 28.81 14.59 -17.10
CA GLY D 67 30.09 14.35 -17.70
C GLY D 67 30.68 13.01 -17.31
N ILE D 68 29.82 11.99 -17.28
CA ILE D 68 30.25 10.65 -16.85
C ILE D 68 31.27 10.08 -17.82
N ARG D 69 31.16 10.42 -19.10
CA ARG D 69 32.11 9.91 -20.08
C ARG D 69 33.55 10.29 -19.73
N ASN D 70 33.73 11.42 -19.04
CA ASN D 70 35.07 11.79 -18.59
C ASN D 70 35.61 10.82 -17.54
N PHE D 71 34.74 10.36 -16.64
CA PHE D 71 35.19 9.50 -15.55
C PHE D 71 35.58 8.12 -16.08
N GLU D 72 36.77 7.66 -15.70
CA GLU D 72 37.24 6.33 -16.09
C GLU D 72 36.56 5.23 -15.29
N TYR D 73 36.36 5.45 -14.00
CA TYR D 73 35.73 4.48 -13.11
C TYR D 73 34.38 5.02 -12.66
N VAL D 74 33.33 4.24 -12.88
CA VAL D 74 32.00 4.57 -12.40
C VAL D 74 31.48 3.40 -11.59
N ILE D 75 31.03 3.67 -10.37
CA ILE D 75 30.52 2.65 -9.46
C ILE D 75 29.03 2.88 -9.28
N VAL D 76 28.23 1.88 -9.67
CA VAL D 76 26.78 1.94 -9.54
C VAL D 76 26.42 1.20 -8.26
N ALA D 77 26.13 1.96 -7.21
CA ALA D 77 25.83 1.40 -5.90
C ALA D 77 24.36 1.54 -5.54
N ILE D 78 23.48 1.48 -6.55
CA ILE D 78 22.05 1.59 -6.30
C ILE D 78 21.54 0.31 -5.66
N GLY D 79 20.83 0.44 -4.54
CA GLY D 79 20.29 -0.70 -3.84
C GLY D 79 18.79 -0.60 -3.66
N ALA D 80 18.14 -1.75 -3.45
CA ALA D 80 16.70 -1.88 -3.23
C ALA D 80 15.89 -1.50 -4.47
N ASN D 81 16.55 -1.06 -5.55
CA ASN D 81 15.88 -0.74 -6.82
C ASN D 81 16.71 -1.43 -7.89
N ILE D 82 16.39 -2.70 -8.14
CA ILE D 82 17.19 -3.51 -9.06
C ILE D 82 17.06 -2.98 -10.48
N GLN D 83 15.87 -2.52 -10.87
CA GLN D 83 15.69 -2.04 -12.24
C GLN D 83 16.51 -0.80 -12.50
N ALA D 84 16.57 0.11 -11.53
CA ALA D 84 17.42 1.31 -11.70
C ALA D 84 18.88 0.92 -11.82
N SER D 85 19.34 -0.04 -11.02
CA SER D 85 20.73 -0.49 -11.12
C SER D 85 21.01 -1.14 -12.47
N THR D 86 20.09 -2.00 -12.93
CA THR D 86 20.30 -2.65 -14.22
C THR D 86 20.23 -1.65 -15.36
N LEU D 87 19.29 -0.70 -15.30
CA LEU D 87 19.14 0.26 -16.38
C LEU D 87 20.31 1.23 -16.44
N THR D 88 20.83 1.63 -15.28
CA THR D 88 21.92 2.60 -15.25
C THR D 88 23.17 2.04 -15.92
N THR D 89 23.51 0.79 -15.61
CA THR D 89 24.72 0.19 -16.17
C THR D 89 24.59 -0.01 -17.67
N LEU D 90 23.38 -0.29 -18.15
CA LEU D 90 23.17 -0.43 -19.58
C LEU D 90 23.39 0.88 -20.31
N LEU D 91 22.98 1.99 -19.69
CA LEU D 91 23.22 3.31 -20.28
C LEU D 91 24.70 3.65 -20.29
N LEU D 92 25.43 3.24 -19.25
CA LEU D 92 26.84 3.59 -19.15
C LEU D 92 27.67 2.95 -20.26
N LYS D 93 27.30 1.74 -20.68
CA LYS D 93 28.03 1.10 -21.77
C LYS D 93 27.85 1.84 -23.09
N GLU D 94 26.70 2.48 -23.29
CA GLU D 94 26.52 3.35 -24.46
C GLU D 94 27.48 4.52 -24.41
N LEU D 95 27.81 5.01 -23.21
CA LEU D 95 28.77 6.09 -23.03
C LEU D 95 30.21 5.60 -23.02
N ASP D 96 30.45 4.36 -23.47
CA ASP D 96 31.78 3.74 -23.56
C ASP D 96 32.63 4.00 -22.31
N ILE D 97 32.02 3.78 -21.15
CA ILE D 97 32.76 3.89 -19.89
C ILE D 97 33.73 2.72 -19.78
N PRO D 98 35.02 2.96 -19.55
CA PRO D 98 35.99 1.86 -19.53
C PRO D 98 35.72 0.83 -18.45
N ASN D 99 35.59 1.27 -17.20
CA ASN D 99 35.38 0.38 -16.06
C ASN D 99 34.06 0.74 -15.37
N ILE D 100 33.19 -0.24 -15.23
CA ILE D 100 31.92 -0.08 -14.53
C ILE D 100 31.83 -1.14 -13.45
N TRP D 101 31.72 -0.69 -12.20
CA TRP D 101 31.59 -1.58 -11.06
C TRP D 101 30.17 -1.46 -10.51
N VAL D 102 29.48 -2.59 -10.40
CA VAL D 102 28.07 -2.61 -10.04
C VAL D 102 27.89 -3.46 -8.78
N LYS D 103 27.00 -3.00 -7.91
CA LYS D 103 26.63 -3.74 -6.71
C LYS D 103 25.41 -4.58 -7.00
N ALA D 104 25.52 -5.89 -6.80
CA ALA D 104 24.43 -6.81 -7.06
C ALA D 104 23.60 -7.03 -5.81
N GLN D 105 22.34 -7.40 -6.00
CA GLN D 105 21.41 -7.65 -4.90
C GLN D 105 21.21 -9.13 -4.61
N ASN D 106 21.11 -9.96 -5.65
CA ASN D 106 20.90 -11.38 -5.47
C ASN D 106 21.59 -12.13 -6.61
N TYR D 107 21.43 -13.46 -6.61
CA TYR D 107 22.08 -14.28 -7.63
C TYR D 107 21.53 -13.97 -9.01
N TYR D 108 20.22 -13.79 -9.13
CA TYR D 108 19.62 -13.49 -10.43
C TYR D 108 20.06 -12.14 -10.95
N HIS D 109 20.17 -11.14 -10.07
CA HIS D 109 20.69 -9.84 -10.49
C HIS D 109 22.16 -9.93 -10.88
N HIS D 110 22.92 -10.81 -10.22
CA HIS D 110 24.32 -10.99 -10.58
C HIS D 110 24.44 -11.53 -12.00
N LYS D 111 23.59 -12.47 -12.38
CA LYS D 111 23.63 -13.04 -13.72
C LYS D 111 23.30 -12.00 -14.79
N VAL D 112 22.28 -11.17 -14.53
CA VAL D 112 21.88 -10.17 -15.51
C VAL D 112 22.98 -9.15 -15.74
N LEU D 113 23.60 -8.67 -14.65
CA LEU D 113 24.66 -7.68 -14.78
C LEU D 113 25.86 -8.23 -15.52
N GLU D 114 26.17 -9.51 -15.30
CA GLU D 114 27.33 -10.11 -15.96
C GLU D 114 27.14 -10.14 -17.48
N LYS D 115 25.93 -10.47 -17.93
CA LYS D 115 25.67 -10.60 -19.36
C LYS D 115 25.45 -9.27 -20.07
N ILE D 116 25.11 -8.20 -19.34
CA ILE D 116 24.93 -6.90 -19.97
C ILE D 116 26.22 -6.09 -20.02
N GLY D 117 27.32 -6.64 -19.52
CA GLY D 117 28.62 -6.00 -19.67
C GLY D 117 29.09 -5.19 -18.48
N ALA D 118 28.98 -5.74 -17.28
CA ALA D 118 29.51 -5.11 -16.08
C ALA D 118 30.94 -5.58 -15.86
N ASP D 119 31.89 -4.65 -15.76
CA ASP D 119 33.29 -5.00 -15.63
C ASP D 119 33.56 -5.77 -14.35
N ARG D 120 32.94 -5.34 -13.24
CA ARG D 120 33.13 -6.00 -11.96
C ARG D 120 31.84 -5.90 -11.17
N ILE D 121 31.39 -7.03 -10.64
CA ILE D 121 30.14 -7.11 -9.89
C ILE D 121 30.46 -7.33 -8.42
N ILE D 122 29.87 -6.51 -7.57
CA ILE D 122 30.15 -6.52 -6.13
C ILE D 122 28.90 -7.00 -5.41
N HIS D 123 29.08 -7.94 -4.48
CA HIS D 123 27.99 -8.51 -3.69
C HIS D 123 28.37 -8.33 -2.23
N PRO D 124 28.08 -7.18 -1.64
CA PRO D 124 28.68 -6.84 -0.33
C PRO D 124 28.39 -7.85 0.76
N GLU D 125 27.19 -8.42 0.81
CA GLU D 125 26.88 -9.38 1.86
C GLU D 125 27.61 -10.69 1.62
N LYS D 126 27.61 -11.18 0.38
CA LYS D 126 28.27 -12.44 0.06
C LYS D 126 29.78 -12.30 0.02
N ASP D 127 30.29 -11.20 -0.54
CA ASP D 127 31.73 -11.03 -0.67
C ASP D 127 32.40 -10.81 0.68
N MET D 128 31.70 -10.18 1.63
CA MET D 128 32.27 -10.00 2.95
C MET D 128 32.39 -11.33 3.69
N GLY D 129 31.47 -12.26 3.46
CA GLY D 129 31.55 -13.56 4.12
C GLY D 129 32.76 -14.36 3.71
N VAL D 130 33.13 -14.30 2.43
CA VAL D 130 34.24 -15.11 1.94
C VAL D 130 35.58 -14.57 2.41
N LYS D 131 35.64 -13.33 2.87
CA LYS D 131 36.87 -12.78 3.44
C LYS D 131 36.88 -12.75 4.95
N ILE D 132 35.70 -12.72 5.59
CA ILE D 132 35.63 -12.98 7.02
C ILE D 132 36.04 -14.41 7.31
N ALA D 133 35.57 -15.36 6.49
CA ALA D 133 35.98 -16.75 6.65
C ALA D 133 37.47 -16.91 6.41
N GLN D 134 38.03 -16.17 5.46
CA GLN D 134 39.47 -16.21 5.24
C GLN D 134 40.23 -15.68 6.45
N SER D 135 39.69 -14.64 7.09
CA SER D 135 40.34 -14.10 8.28
C SER D 135 40.32 -15.11 9.42
N LEU D 136 39.26 -15.90 9.53
CA LEU D 136 39.19 -16.91 10.58
C LEU D 136 40.29 -17.95 10.42
N SER D 137 40.53 -18.40 9.19
CA SER D 137 41.59 -19.38 8.96
C SER D 137 42.96 -18.80 9.28
N ASP D 138 43.20 -17.55 8.90
CA ASP D 138 44.48 -16.92 9.17
C ASP D 138 44.66 -16.59 10.65
N GLU D 139 43.57 -16.49 11.41
CA GLU D 139 43.65 -16.20 12.83
C GLU D 139 43.87 -17.44 13.67
N LYS E 7 -46.65 -0.26 -11.60
CA LYS E 7 -46.91 -1.62 -11.15
C LYS E 7 -45.90 -2.59 -11.73
N GLN E 8 -45.42 -2.30 -12.93
CA GLN E 8 -44.50 -3.16 -13.66
C GLN E 8 -43.16 -2.45 -13.75
N PHE E 9 -42.26 -2.75 -12.81
CA PHE E 9 -40.95 -2.13 -12.73
C PHE E 9 -39.86 -3.20 -12.71
N ALA E 10 -38.72 -2.86 -13.30
CA ALA E 10 -37.54 -3.73 -13.29
C ALA E 10 -36.33 -2.92 -12.88
N VAL E 11 -35.56 -3.44 -11.94
CA VAL E 11 -34.35 -2.79 -11.44
C VAL E 11 -33.17 -3.71 -11.70
N ILE E 12 -32.13 -3.19 -12.34
CA ILE E 12 -30.95 -3.95 -12.70
C ILE E 12 -29.79 -3.45 -11.86
N GLY E 13 -29.19 -4.35 -11.08
CA GLY E 13 -28.10 -3.99 -10.20
C GLY E 13 -28.59 -3.73 -8.80
N LEU E 14 -28.36 -4.69 -7.89
CA LEU E 14 -28.83 -4.59 -6.51
C LEU E 14 -27.68 -4.12 -5.63
N GLY E 15 -27.47 -2.82 -5.63
CA GLY E 15 -26.45 -2.22 -4.78
C GLY E 15 -27.06 -1.27 -3.77
N ARG E 16 -26.29 -0.26 -3.36
CA ARG E 16 -26.82 0.73 -2.43
C ARG E 16 -27.96 1.52 -3.04
N PHE E 17 -27.83 1.90 -4.32
CA PHE E 17 -28.86 2.67 -4.99
C PHE E 17 -29.96 1.76 -5.53
N GLY E 18 -29.58 0.67 -6.20
CA GLY E 18 -30.57 -0.23 -6.75
C GLY E 18 -31.36 -0.96 -5.67
N GLY E 19 -30.69 -1.39 -4.61
CA GLY E 19 -31.38 -2.09 -3.54
C GLY E 19 -32.39 -1.21 -2.83
N SER E 20 -32.08 0.08 -2.68
CA SER E 20 -33.00 1.00 -2.02
C SER E 20 -34.28 1.19 -2.83
N ILE E 21 -34.19 1.16 -4.16
CA ILE E 21 -35.38 1.30 -4.99
C ILE E 21 -36.29 0.09 -4.84
N CYS E 22 -35.71 -1.11 -4.84
CA CYS E 22 -36.51 -2.32 -4.70
C CYS E 22 -37.22 -2.38 -3.36
N LYS E 23 -36.52 -2.03 -2.28
CA LYS E 23 -37.13 -2.08 -0.96
C LYS E 23 -38.26 -1.05 -0.84
N GLU E 24 -38.04 0.15 -1.36
CA GLU E 24 -39.07 1.19 -1.26
C GLU E 24 -40.28 0.87 -2.13
N LEU E 25 -40.04 0.38 -3.34
CA LEU E 25 -41.15 0.00 -4.21
C LEU E 25 -41.92 -1.18 -3.64
N HIS E 26 -41.22 -2.15 -3.05
CA HIS E 26 -41.90 -3.29 -2.45
C HIS E 26 -42.80 -2.86 -1.29
N ARG E 27 -42.35 -1.88 -0.51
CA ARG E 27 -43.17 -1.39 0.60
C ARG E 27 -44.44 -0.75 0.07
N MET E 28 -44.35 0.01 -1.02
CA MET E 28 -45.52 0.66 -1.59
C MET E 28 -46.47 -0.32 -2.27
N GLY E 29 -46.07 -1.57 -2.45
CA GLY E 29 -46.93 -2.55 -3.08
C GLY E 29 -46.83 -2.56 -4.59
N HIS E 30 -45.63 -2.74 -5.13
CA HIS E 30 -45.41 -2.79 -6.56
C HIS E 30 -44.63 -4.05 -6.90
N GLU E 31 -44.86 -4.55 -8.11
CA GLU E 31 -44.17 -5.74 -8.61
C GLU E 31 -42.85 -5.31 -9.21
N VAL E 32 -41.75 -5.77 -8.62
CA VAL E 32 -40.40 -5.37 -9.00
C VAL E 32 -39.60 -6.60 -9.35
N LEU E 33 -38.92 -6.57 -10.49
CA LEU E 33 -38.00 -7.63 -10.89
C LEU E 33 -36.58 -7.16 -10.63
N ALA E 34 -35.83 -7.95 -9.87
CA ALA E 34 -34.45 -7.62 -9.49
C ALA E 34 -33.50 -8.59 -10.17
N VAL E 35 -32.56 -8.03 -10.92
CA VAL E 35 -31.57 -8.85 -11.60
C VAL E 35 -30.18 -8.36 -11.23
N ASP E 36 -29.29 -9.29 -10.91
CA ASP E 36 -27.93 -8.96 -10.51
C ASP E 36 -27.03 -10.16 -10.76
N ILE E 37 -25.79 -9.89 -11.15
CA ILE E 37 -24.85 -10.98 -11.40
C ILE E 37 -24.46 -11.66 -10.09
N ASN E 38 -24.24 -10.87 -9.04
CA ASN E 38 -23.80 -11.43 -7.76
C ASN E 38 -24.93 -12.22 -7.12
N GLU E 39 -24.62 -13.44 -6.68
CA GLU E 39 -25.64 -14.30 -6.11
C GLU E 39 -26.01 -13.87 -4.69
N GLU E 40 -25.06 -13.33 -3.93
CA GLU E 40 -25.36 -12.89 -2.57
C GLU E 40 -26.34 -11.73 -2.57
N LYS E 41 -26.20 -10.80 -3.53
CA LYS E 41 -27.12 -9.67 -3.61
C LYS E 41 -28.53 -10.13 -3.91
N VAL E 42 -28.68 -11.10 -4.83
CA VAL E 42 -30.01 -11.58 -5.20
C VAL E 42 -30.66 -12.32 -4.03
N ASN E 43 -29.89 -13.12 -3.31
CA ASN E 43 -30.43 -13.82 -2.15
C ASN E 43 -30.88 -12.83 -1.07
N ALA E 44 -30.09 -11.78 -0.83
CA ALA E 44 -30.44 -10.79 0.18
C ALA E 44 -31.73 -10.06 -0.18
N TYR E 45 -31.91 -9.74 -1.45
CA TYR E 45 -33.08 -9.01 -1.91
C TYR E 45 -34.16 -9.92 -2.51
N ALA E 46 -34.04 -11.23 -2.32
CA ALA E 46 -35.05 -12.14 -2.84
C ALA E 46 -36.40 -11.89 -2.18
N SER E 47 -36.41 -11.66 -0.87
CA SER E 47 -37.66 -11.39 -0.16
C SER E 47 -38.19 -9.99 -0.37
N TYR E 48 -37.34 -9.06 -0.83
CA TYR E 48 -37.75 -7.68 -1.04
C TYR E 48 -38.17 -7.40 -2.47
N ALA E 49 -38.20 -8.41 -3.33
CA ALA E 49 -38.61 -8.24 -4.72
C ALA E 49 -39.60 -9.32 -5.10
N THR E 50 -40.54 -8.98 -5.98
CA THR E 50 -41.51 -9.96 -6.45
C THR E 50 -40.82 -11.08 -7.21
N HIS E 51 -39.87 -10.73 -8.08
CA HIS E 51 -39.05 -11.70 -8.79
C HIS E 51 -37.58 -11.31 -8.65
N ALA E 52 -36.75 -12.25 -8.24
CA ALA E 52 -35.32 -12.06 -8.13
C ALA E 52 -34.63 -13.02 -9.08
N VAL E 53 -33.72 -12.50 -9.90
CA VAL E 53 -33.07 -13.27 -10.95
C VAL E 53 -31.57 -13.01 -10.89
N ILE E 54 -30.78 -14.08 -11.02
CA ILE E 54 -29.33 -13.99 -11.11
C ILE E 54 -28.98 -14.09 -12.58
N ALA E 55 -28.71 -12.93 -13.20
CA ALA E 55 -28.43 -12.89 -14.62
C ALA E 55 -27.46 -11.74 -14.90
N ASN E 56 -26.86 -11.78 -16.09
CA ASN E 56 -25.95 -10.75 -16.55
C ASN E 56 -26.69 -9.86 -17.54
N ALA E 57 -26.74 -8.55 -17.25
CA ALA E 57 -27.49 -7.61 -18.06
C ALA E 57 -26.78 -7.26 -19.37
N THR E 58 -25.50 -7.58 -19.51
CA THR E 58 -24.77 -7.28 -20.72
C THR E 58 -24.99 -8.30 -21.82
N GLU E 59 -25.72 -9.39 -21.54
CA GLU E 59 -26.01 -10.41 -22.53
C GLU E 59 -27.46 -10.25 -22.99
N GLU E 60 -27.64 -10.05 -24.29
CA GLU E 60 -28.98 -9.83 -24.83
C GLU E 60 -29.84 -11.08 -24.79
N ASN E 61 -29.22 -12.27 -24.75
CA ASN E 61 -30.00 -13.50 -24.69
C ASN E 61 -30.69 -13.65 -23.34
N GLU E 62 -29.99 -13.27 -22.26
CA GLU E 62 -30.59 -13.39 -20.92
C GLU E 62 -31.69 -12.37 -20.71
N LEU E 63 -31.56 -11.17 -21.29
CA LEU E 63 -32.59 -10.15 -21.11
C LEU E 63 -33.92 -10.59 -21.69
N LEU E 64 -33.90 -11.26 -22.85
CA LEU E 64 -35.14 -11.76 -23.43
C LEU E 64 -35.76 -12.85 -22.58
N SER E 65 -34.93 -13.67 -21.92
CA SER E 65 -35.46 -14.72 -21.04
C SER E 65 -36.23 -14.12 -19.88
N LEU E 66 -35.71 -13.04 -19.29
CA LEU E 66 -36.39 -12.40 -18.17
C LEU E 66 -37.73 -11.81 -18.61
N GLY E 67 -37.76 -11.22 -19.81
CA GLY E 67 -38.97 -10.58 -20.29
C GLY E 67 -38.96 -9.08 -20.04
N ILE E 68 -37.80 -8.46 -20.28
CA ILE E 68 -37.65 -7.03 -20.01
C ILE E 68 -38.54 -6.21 -20.92
N ARG E 69 -38.79 -6.69 -22.15
CA ARG E 69 -39.64 -5.96 -23.08
C ARG E 69 -41.03 -5.74 -22.50
N ASN E 70 -41.50 -6.64 -21.63
CA ASN E 70 -42.78 -6.44 -20.98
C ASN E 70 -42.75 -5.23 -20.04
N PHE E 71 -41.64 -5.04 -19.32
CA PHE E 71 -41.56 -3.97 -18.34
C PHE E 71 -41.53 -2.61 -19.03
N GLU E 72 -42.39 -1.70 -18.58
CA GLU E 72 -42.41 -0.35 -19.13
C GLU E 72 -41.26 0.50 -18.58
N TYR E 73 -40.94 0.35 -17.30
CA TYR E 73 -39.87 1.10 -16.67
C TYR E 73 -38.75 0.14 -16.29
N VAL E 74 -37.54 0.44 -16.75
CA VAL E 74 -36.35 -0.32 -16.38
C VAL E 74 -35.33 0.66 -15.83
N ILE E 75 -34.80 0.35 -14.64
CA ILE E 75 -33.82 1.19 -13.97
C ILE E 75 -32.50 0.45 -13.93
N VAL E 76 -31.48 1.02 -14.56
CA VAL E 76 -30.15 0.44 -14.60
C VAL E 76 -29.34 1.11 -13.49
N ALA E 77 -29.16 0.40 -12.38
CA ALA E 77 -28.46 0.95 -11.22
C ALA E 77 -27.10 0.29 -11.02
N ILE E 78 -26.44 -0.08 -12.12
CA ILE E 78 -25.13 -0.70 -12.02
C ILE E 78 -24.10 0.36 -11.65
N GLY E 79 -23.31 0.08 -10.62
CA GLY E 79 -22.29 1.00 -10.16
C GLY E 79 -20.92 0.36 -10.15
N ALA E 80 -19.88 1.19 -10.20
CA ALA E 80 -18.46 0.80 -10.18
C ALA E 80 -18.06 0.02 -11.42
N ASN E 81 -19.00 -0.25 -12.34
CA ASN E 81 -18.72 -0.92 -13.60
C ASN E 81 -19.41 -0.08 -14.67
N ILE E 82 -18.70 0.94 -15.15
CA ILE E 82 -19.30 1.90 -16.08
C ILE E 82 -19.61 1.23 -17.41
N GLN E 83 -18.74 0.32 -17.86
CA GLN E 83 -18.97 -0.34 -19.14
C GLN E 83 -20.21 -1.21 -19.12
N ALA E 84 -20.45 -1.92 -18.02
CA ALA E 84 -21.66 -2.71 -17.90
C ALA E 84 -22.90 -1.83 -17.91
N SER E 85 -22.84 -0.69 -17.22
CA SER E 85 -23.97 0.23 -17.22
C SER E 85 -24.21 0.80 -18.61
N THR E 86 -23.15 1.21 -19.31
CA THR E 86 -23.31 1.75 -20.65
C THR E 86 -23.80 0.69 -21.62
N LEU E 87 -23.27 -0.53 -21.53
CA LEU E 87 -23.64 -1.58 -22.46
C LEU E 87 -25.08 -2.04 -22.22
N THR E 88 -25.51 -2.10 -20.96
CA THR E 88 -26.86 -2.58 -20.65
C THR E 88 -27.92 -1.66 -21.25
N THR E 89 -27.73 -0.34 -21.10
CA THR E 89 -28.72 0.61 -21.62
C THR E 89 -28.78 0.60 -23.14
N LEU E 90 -27.64 0.35 -23.79
CA LEU E 90 -27.64 0.25 -25.24
C LEU E 90 -28.44 -0.96 -25.72
N LEU E 91 -28.34 -2.07 -24.98
CA LEU E 91 -29.13 -3.25 -25.33
C LEU E 91 -30.62 -3.01 -25.12
N LEU E 92 -30.97 -2.25 -24.08
CA LEU E 92 -32.38 -2.03 -23.76
C LEU E 92 -33.10 -1.24 -24.84
N LYS E 93 -32.39 -0.31 -25.50
CA LYS E 93 -33.03 0.45 -26.57
C LYS E 93 -33.33 -0.44 -27.77
N GLU E 94 -32.53 -1.48 -28.00
CA GLU E 94 -32.88 -2.45 -29.03
C GLU E 94 -34.18 -3.18 -28.70
N LEU E 95 -34.45 -3.39 -27.42
CA LEU E 95 -35.68 -4.00 -26.95
C LEU E 95 -36.83 -3.00 -26.85
N ASP E 96 -36.69 -1.82 -27.45
CA ASP E 96 -37.71 -0.77 -27.49
C ASP E 96 -38.37 -0.56 -26.13
N ILE E 97 -37.53 -0.47 -25.09
CA ILE E 97 -38.06 -0.16 -23.75
C ILE E 97 -38.51 1.29 -23.71
N PRO E 98 -39.74 1.59 -23.29
CA PRO E 98 -40.24 2.97 -23.32
C PRO E 98 -39.43 3.92 -22.46
N ASN E 99 -39.26 3.59 -21.19
CA ASN E 99 -38.57 4.45 -20.23
C ASN E 99 -37.38 3.69 -19.66
N ILE E 100 -36.19 4.29 -19.76
CA ILE E 100 -34.97 3.72 -19.21
C ILE E 100 -34.34 4.77 -18.31
N TRP E 101 -34.19 4.45 -17.03
CA TRP E 101 -33.55 5.33 -16.06
C TRP E 101 -32.21 4.74 -15.68
N VAL E 102 -31.14 5.54 -15.82
CA VAL E 102 -29.78 5.07 -15.64
C VAL E 102 -29.11 5.89 -14.56
N LYS E 103 -28.30 5.23 -13.73
CA LYS E 103 -27.51 5.90 -12.71
C LYS E 103 -26.13 6.18 -13.27
N ALA E 104 -25.74 7.45 -13.27
CA ALA E 104 -24.44 7.86 -13.80
C ALA E 104 -23.40 7.89 -12.69
N GLN E 105 -22.14 7.73 -13.08
CA GLN E 105 -21.02 7.72 -12.16
C GLN E 105 -20.25 9.04 -12.13
N ASN E 106 -20.03 9.66 -13.27
CA ASN E 106 -19.31 10.92 -13.35
C ASN E 106 -19.86 11.74 -14.50
N TYR E 107 -19.25 12.90 -14.72
CA TYR E 107 -19.71 13.80 -15.78
C TYR E 107 -19.55 13.17 -17.15
N TYR E 108 -18.42 12.50 -17.39
CA TYR E 108 -18.19 11.87 -18.69
C TYR E 108 -19.18 10.73 -18.95
N HIS E 109 -19.49 9.94 -17.91
CA HIS E 109 -20.50 8.90 -18.06
C HIS E 109 -21.88 9.50 -18.29
N HIS E 110 -22.15 10.66 -17.68
CA HIS E 110 -23.44 11.33 -17.91
C HIS E 110 -23.59 11.71 -19.36
N LYS E 111 -22.53 12.23 -19.99
CA LYS E 111 -22.60 12.63 -21.38
C LYS E 111 -22.83 11.43 -22.30
N VAL E 112 -22.15 10.32 -22.04
CA VAL E 112 -22.30 9.14 -22.90
C VAL E 112 -23.71 8.59 -22.83
N LEU E 113 -24.27 8.50 -21.62
CA LEU E 113 -25.63 7.97 -21.46
C LEU E 113 -26.66 8.85 -22.15
N GLU E 114 -26.46 10.17 -22.09
CA GLU E 114 -27.41 11.09 -22.70
C GLU E 114 -27.47 10.90 -24.21
N LYS E 115 -26.32 10.70 -24.85
CA LYS E 115 -26.26 10.58 -26.30
C LYS E 115 -26.65 9.21 -26.81
N ILE E 116 -26.60 8.17 -25.97
CA ILE E 116 -27.01 6.83 -26.41
C ILE E 116 -28.49 6.58 -26.18
N GLY E 117 -29.23 7.54 -25.64
CA GLY E 117 -30.68 7.42 -25.54
C GLY E 117 -31.20 6.97 -24.19
N ALA E 118 -30.70 7.56 -23.12
CA ALA E 118 -31.22 7.30 -21.79
C ALA E 118 -32.34 8.30 -21.47
N ASP E 119 -33.51 7.78 -21.12
CA ASP E 119 -34.65 8.66 -20.89
C ASP E 119 -34.41 9.60 -19.70
N ARG E 120 -33.82 9.08 -18.64
CA ARG E 120 -33.55 9.90 -17.46
C ARG E 120 -32.26 9.40 -16.82
N ILE E 121 -31.36 10.32 -16.52
CA ILE E 121 -30.05 10.00 -15.95
C ILE E 121 -30.03 10.48 -14.50
N ILE E 122 -29.64 9.58 -13.61
CA ILE E 122 -29.65 9.84 -12.16
C ILE E 122 -28.21 9.88 -11.68
N HIS E 123 -27.88 10.91 -10.90
CA HIS E 123 -26.56 11.11 -10.33
C HIS E 123 -26.72 11.24 -8.82
N PRO E 124 -26.77 10.12 -8.10
CA PRO E 124 -27.22 10.16 -6.70
C PRO E 124 -26.43 11.09 -5.81
N GLU E 125 -25.11 11.17 -5.99
CA GLU E 125 -24.31 12.05 -5.15
C GLU E 125 -24.55 13.51 -5.50
N LYS E 126 -24.57 13.83 -6.80
CA LYS E 126 -24.78 15.21 -7.23
C LYS E 126 -26.24 15.64 -7.06
N ASP E 127 -27.18 14.77 -7.40
CA ASP E 127 -28.59 15.14 -7.33
C ASP E 127 -29.07 15.32 -5.90
N MET E 128 -28.48 14.58 -4.95
CA MET E 128 -28.86 14.77 -3.55
C MET E 128 -28.38 16.10 -3.02
N GLY E 129 -27.23 16.59 -3.50
CA GLY E 129 -26.73 17.87 -3.04
C GLY E 129 -27.63 19.03 -3.43
N VAL E 130 -28.20 18.99 -4.63
CA VAL E 130 -29.01 20.10 -5.11
C VAL E 130 -30.36 20.16 -4.41
N LYS E 131 -30.78 19.08 -3.74
CA LYS E 131 -32.02 19.10 -2.97
C LYS E 131 -31.77 19.22 -1.48
N ILE E 132 -30.61 18.81 -0.98
CA ILE E 132 -30.21 19.17 0.37
C ILE E 132 -30.02 20.68 0.49
N ALA E 133 -29.39 21.28 -0.52
CA ALA E 133 -29.25 22.74 -0.53
C ALA E 133 -30.60 23.43 -0.61
N GLN E 134 -31.54 22.86 -1.37
CA GLN E 134 -32.87 23.42 -1.43
C GLN E 134 -33.56 23.33 -0.07
N SER E 135 -33.34 22.23 0.66
CA SER E 135 -33.93 22.10 1.99
C SER E 135 -33.37 23.14 2.95
N LEU E 136 -32.08 23.48 2.81
CA LEU E 136 -31.48 24.49 3.68
C LEU E 136 -32.16 25.85 3.48
N SER E 137 -32.42 26.23 2.24
CA SER E 137 -33.08 27.51 1.97
C SER E 137 -34.49 27.52 2.54
N ASP E 138 -35.23 26.41 2.39
CA ASP E 138 -36.59 26.34 2.91
C ASP E 138 -36.62 26.26 4.43
N GLU E 139 -35.53 25.85 5.06
CA GLU E 139 -35.46 25.74 6.51
C GLU E 139 -35.09 27.06 7.17
N ASN E 140 -34.64 28.03 6.39
CA ASN E 140 -34.19 29.32 6.93
C ASN E 140 -34.88 30.46 6.19
N LYS F 7 -29.08 31.98 4.86
CA LYS F 7 -28.14 32.98 4.38
C LYS F 7 -26.73 32.67 4.88
N GLN F 8 -26.64 32.09 6.07
CA GLN F 8 -25.37 31.80 6.73
C GLN F 8 -25.19 30.29 6.77
N PHE F 9 -24.48 29.75 5.77
CA PHE F 9 -24.26 28.32 5.66
C PHE F 9 -22.77 28.03 5.56
N ALA F 10 -22.37 26.88 6.08
CA ALA F 10 -20.99 26.40 6.00
C ALA F 10 -21.00 24.95 5.55
N VAL F 11 -20.18 24.63 4.56
CA VAL F 11 -20.07 23.27 4.02
C VAL F 11 -18.63 22.82 4.20
N ILE F 12 -18.44 21.66 4.80
CA ILE F 12 -17.13 21.11 5.08
C ILE F 12 -16.93 19.88 4.19
N GLY F 13 -15.89 19.92 3.37
CA GLY F 13 -15.62 18.83 2.44
C GLY F 13 -16.19 19.12 1.06
N LEU F 14 -15.32 19.49 0.13
CA LEU F 14 -15.74 19.86 -1.22
C LEU F 14 -15.52 18.66 -2.15
N GLY F 15 -16.48 17.74 -2.12
CA GLY F 15 -16.45 16.59 -2.99
C GLY F 15 -17.63 16.58 -3.94
N ARG F 16 -18.04 15.39 -4.36
CA ARG F 16 -19.21 15.28 -5.23
C ARG F 16 -20.47 15.76 -4.53
N PHE F 17 -20.64 15.40 -3.26
CA PHE F 17 -21.82 15.81 -2.51
C PHE F 17 -21.66 17.22 -1.94
N GLY F 18 -20.51 17.50 -1.33
CA GLY F 18 -20.30 18.83 -0.76
C GLY F 18 -20.20 19.91 -1.81
N GLY F 19 -19.53 19.61 -2.93
CA GLY F 19 -19.40 20.60 -3.99
C GLY F 19 -20.73 20.96 -4.62
N SER F 20 -21.63 19.97 -4.74
CA SER F 20 -22.94 20.23 -5.32
C SER F 20 -23.77 21.16 -4.45
N ILE F 21 -23.63 21.07 -3.13
CA ILE F 21 -24.37 21.95 -2.24
C ILE F 21 -23.89 23.39 -2.38
N CYS F 22 -22.57 23.59 -2.46
CA CYS F 22 -22.04 24.95 -2.58
C CYS F 22 -22.46 25.59 -3.89
N LYS F 23 -22.41 24.84 -4.99
CA LYS F 23 -22.79 25.41 -6.29
C LYS F 23 -24.28 25.75 -6.31
N GLU F 24 -25.12 24.88 -5.76
CA GLU F 24 -26.56 25.14 -5.79
C GLU F 24 -26.92 26.30 -4.87
N LEU F 25 -26.31 26.36 -3.68
CA LEU F 25 -26.58 27.47 -2.77
C LEU F 25 -26.09 28.79 -3.34
N HIS F 26 -24.93 28.76 -4.00
CA HIS F 26 -24.39 29.98 -4.60
C HIS F 26 -25.32 30.50 -5.69
N ARG F 27 -25.91 29.60 -6.47
CA ARG F 27 -26.85 30.02 -7.51
C ARG F 27 -28.07 30.70 -6.90
N MET F 28 -28.58 30.17 -5.80
CA MET F 28 -29.74 30.75 -5.15
C MET F 28 -29.44 32.07 -4.45
N GLY F 29 -28.17 32.45 -4.33
CA GLY F 29 -27.81 33.70 -3.70
C GLY F 29 -27.68 33.60 -2.19
N HIS F 30 -26.81 32.69 -1.73
CA HIS F 30 -26.57 32.50 -0.31
C HIS F 30 -25.07 32.56 -0.04
N GLU F 31 -24.73 33.02 1.16
CA GLU F 31 -23.34 33.11 1.58
C GLU F 31 -22.91 31.75 2.14
N VAL F 32 -21.93 31.13 1.48
CA VAL F 32 -21.49 29.77 1.80
C VAL F 32 -19.99 29.80 2.07
N LEU F 33 -19.58 29.21 3.18
CA LEU F 33 -18.17 29.03 3.49
C LEU F 33 -17.77 27.60 3.19
N ALA F 34 -16.73 27.45 2.36
CA ALA F 34 -16.26 26.14 1.94
C ALA F 34 -14.88 25.89 2.53
N VAL F 35 -14.78 24.78 3.25
CA VAL F 35 -13.50 24.41 3.86
C VAL F 35 -13.13 22.99 3.44
N ASP F 36 -11.89 22.80 3.05
CA ASP F 36 -11.42 21.50 2.59
C ASP F 36 -9.90 21.43 2.76
N ILE F 37 -9.40 20.25 3.09
CA ILE F 37 -7.96 20.08 3.26
C ILE F 37 -7.25 20.16 1.91
N ASN F 38 -7.83 19.57 0.87
CA ASN F 38 -7.20 19.55 -0.43
C ASN F 38 -7.22 20.94 -1.05
N GLU F 39 -6.06 21.39 -1.54
CA GLU F 39 -5.96 22.74 -2.09
C GLU F 39 -6.60 22.83 -3.47
N GLU F 40 -6.55 21.75 -4.25
CA GLU F 40 -7.16 21.77 -5.59
C GLU F 40 -8.67 21.92 -5.50
N LYS F 41 -9.30 21.26 -4.52
CA LYS F 41 -10.74 21.39 -4.37
C LYS F 41 -11.14 22.81 -4.00
N VAL F 42 -10.38 23.45 -3.12
CA VAL F 42 -10.71 24.81 -2.70
C VAL F 42 -10.54 25.79 -3.85
N ASN F 43 -9.48 25.62 -4.64
CA ASN F 43 -9.28 26.50 -5.80
C ASN F 43 -10.40 26.33 -6.82
N ALA F 44 -10.83 25.09 -7.05
CA ALA F 44 -11.89 24.84 -8.02
C ALA F 44 -13.20 25.48 -7.58
N TYR F 45 -13.51 25.43 -6.28
CA TYR F 45 -14.75 25.97 -5.75
C TYR F 45 -14.57 27.35 -5.13
N ALA F 46 -13.43 28.00 -5.36
CA ALA F 46 -13.22 29.34 -4.83
C ALA F 46 -14.23 30.32 -5.40
N SER F 47 -14.50 30.23 -6.71
CA SER F 47 -15.45 31.13 -7.35
C SER F 47 -16.90 30.76 -7.07
N TYR F 48 -17.16 29.53 -6.62
CA TYR F 48 -18.52 29.07 -6.35
C TYR F 48 -18.92 29.23 -4.89
N ALA F 49 -18.05 29.81 -4.05
CA ALA F 49 -18.34 30.02 -2.65
C ALA F 49 -17.98 31.45 -2.26
N THR F 50 -18.76 32.00 -1.33
CA THR F 50 -18.47 33.34 -0.83
C THR F 50 -17.12 33.39 -0.14
N HIS F 51 -16.82 32.39 0.68
CA HIS F 51 -15.52 32.25 1.32
C HIS F 51 -15.03 30.83 1.13
N ALA F 52 -13.80 30.69 0.65
CA ALA F 52 -13.16 29.39 0.48
C ALA F 52 -11.92 29.35 1.36
N VAL F 53 -11.80 28.29 2.15
CA VAL F 53 -10.73 28.16 3.14
C VAL F 53 -10.10 26.78 3.01
N ILE F 54 -8.78 26.73 3.06
CA ILE F 54 -8.03 25.49 3.09
C ILE F 54 -7.67 25.21 4.54
N ALA F 55 -8.43 24.33 5.18
CA ALA F 55 -8.23 24.03 6.59
C ALA F 55 -8.61 22.59 6.86
N ASN F 56 -8.18 22.09 8.01
CA ASN F 56 -8.50 20.74 8.46
C ASN F 56 -9.60 20.82 9.51
N ALA F 57 -10.71 20.14 9.26
CA ALA F 57 -11.87 20.20 10.14
C ALA F 57 -11.69 19.39 11.43
N THR F 58 -10.70 18.51 11.49
CA THR F 58 -10.46 17.70 12.68
C THR F 58 -9.69 18.45 13.75
N GLU F 59 -9.22 19.67 13.47
CA GLU F 59 -8.49 20.46 14.45
C GLU F 59 -9.41 21.55 14.97
N GLU F 60 -9.61 21.56 16.29
CA GLU F 60 -10.52 22.53 16.91
C GLU F 60 -9.97 23.94 16.86
N ASN F 61 -8.64 24.11 16.76
CA ASN F 61 -8.08 25.45 16.70
C ASN F 61 -8.41 26.13 15.37
N GLU F 62 -8.39 25.37 14.27
CA GLU F 62 -8.70 25.96 12.97
C GLU F 62 -10.19 26.29 12.84
N LEU F 63 -11.06 25.50 13.46
CA LEU F 63 -12.49 25.77 13.36
C LEU F 63 -12.85 27.10 13.98
N LEU F 64 -12.22 27.44 15.12
CA LEU F 64 -12.48 28.73 15.75
C LEU F 64 -11.97 29.88 14.89
N SER F 65 -10.86 29.68 14.17
CA SER F 65 -10.35 30.72 13.29
C SER F 65 -11.34 31.05 12.18
N LEU F 66 -11.96 30.03 11.61
CA LEU F 66 -12.94 30.25 10.55
C LEU F 66 -14.16 31.00 11.06
N GLY F 67 -14.61 30.67 12.27
CA GLY F 67 -15.79 31.29 12.84
C GLY F 67 -17.03 30.44 12.64
N ILE F 68 -16.87 29.13 12.83
CA ILE F 68 -17.98 28.21 12.60
C ILE F 68 -19.10 28.45 13.59
N ARG F 69 -18.77 28.89 14.81
CA ARG F 69 -19.81 29.16 15.80
C ARG F 69 -20.81 30.20 15.30
N ASN F 70 -20.38 31.11 14.43
CA ASN F 70 -21.31 32.07 13.84
C ASN F 70 -22.33 31.39 12.94
N PHE F 71 -21.91 30.39 12.18
CA PHE F 71 -22.80 29.73 11.22
C PHE F 71 -23.86 28.92 11.96
N GLU F 72 -25.12 29.13 11.58
CA GLU F 72 -26.22 28.37 12.17
C GLU F 72 -26.29 26.95 11.60
N TYR F 73 -26.06 26.80 10.30
CA TYR F 73 -26.11 25.51 9.63
C TYR F 73 -24.71 25.14 9.18
N VAL F 74 -24.24 23.96 9.57
CA VAL F 74 -22.97 23.41 9.14
C VAL F 74 -23.23 22.03 8.56
N ILE F 75 -22.74 21.79 7.35
CA ILE F 75 -22.92 20.53 6.65
C ILE F 75 -21.56 19.87 6.53
N VAL F 76 -21.42 18.69 7.12
CA VAL F 76 -20.18 17.91 7.07
C VAL F 76 -20.35 16.89 5.95
N ALA F 77 -19.72 17.17 4.80
CA ALA F 77 -19.84 16.32 3.64
C ALA F 77 -18.55 15.57 3.35
N ILE F 78 -17.81 15.21 4.40
CA ILE F 78 -16.56 14.48 4.22
C ILE F 78 -16.87 13.04 3.84
N GLY F 79 -16.25 12.58 2.75
CA GLY F 79 -16.46 11.22 2.28
C GLY F 79 -15.16 10.45 2.18
N ALA F 80 -15.25 9.11 2.19
CA ALA F 80 -14.14 8.19 2.10
C ALA F 80 -13.20 8.26 3.29
N ASN F 81 -13.46 9.16 4.24
CA ASN F 81 -12.68 9.28 5.48
C ASN F 81 -13.70 9.35 6.60
N ILE F 82 -14.12 8.18 7.08
CA ILE F 82 -15.20 8.12 8.07
C ILE F 82 -14.75 8.72 9.39
N GLN F 83 -13.48 8.51 9.76
CA GLN F 83 -12.99 9.03 11.04
C GLN F 83 -13.00 10.55 11.05
N ALA F 84 -12.59 11.18 9.94
CA ALA F 84 -12.62 12.63 9.85
C ALA F 84 -14.05 13.15 9.96
N SER F 85 -14.99 12.47 9.30
CA SER F 85 -16.39 12.88 9.38
C SER F 85 -16.93 12.73 10.80
N THR F 86 -16.62 11.61 11.46
CA THR F 86 -17.09 11.40 12.82
C THR F 86 -16.44 12.38 13.79
N LEU F 87 -15.14 12.63 13.62
CA LEU F 87 -14.43 13.53 14.53
C LEU F 87 -14.88 14.97 14.36
N THR F 88 -15.14 15.38 13.11
CA THR F 88 -15.53 16.77 12.86
C THR F 88 -16.84 17.10 13.54
N THR F 89 -17.83 16.22 13.42
CA THR F 89 -19.14 16.49 14.01
C THR F 89 -19.09 16.50 15.53
N LEU F 90 -18.21 15.70 16.12
CA LEU F 90 -18.05 15.71 17.57
C LEU F 90 -17.47 17.03 18.05
N LEU F 91 -16.55 17.61 17.28
CA LEU F 91 -16.00 18.93 17.63
C LEU F 91 -17.06 20.01 17.50
N LEU F 92 -17.93 19.91 16.49
CA LEU F 92 -18.92 20.95 16.25
C LEU F 92 -19.92 21.07 17.40
N LYS F 93 -20.26 19.95 18.04
CA LYS F 93 -21.17 20.01 19.17
C LYS F 93 -20.56 20.74 20.35
N GLU F 94 -19.23 20.67 20.51
CA GLU F 94 -18.57 21.48 21.52
C GLU F 94 -18.72 22.96 21.23
N LEU F 95 -18.77 23.33 19.95
CA LEU F 95 -18.99 24.71 19.54
C LEU F 95 -20.47 25.10 19.52
N ASP F 96 -21.33 24.29 20.15
CA ASP F 96 -22.76 24.53 20.27
C ASP F 96 -23.38 24.99 18.94
N ILE F 97 -23.04 24.28 17.88
CA ILE F 97 -23.66 24.57 16.58
C ILE F 97 -25.12 24.11 16.61
N PRO F 98 -26.08 24.98 16.25
CA PRO F 98 -27.49 24.60 16.36
C PRO F 98 -27.87 23.41 15.49
N ASN F 99 -27.57 23.50 14.19
CA ASN F 99 -27.94 22.45 13.23
C ASN F 99 -26.68 21.92 12.58
N ILE F 100 -26.49 20.61 12.64
CA ILE F 100 -25.37 19.93 12.01
C ILE F 100 -25.92 18.83 11.13
N TRP F 101 -25.65 18.92 9.83
CA TRP F 101 -26.06 17.92 8.86
C TRP F 101 -24.84 17.15 8.39
N VAL F 102 -24.88 15.83 8.50
CA VAL F 102 -23.73 14.98 8.24
C VAL F 102 -24.09 13.97 7.15
N LYS F 103 -23.15 13.71 6.27
CA LYS F 103 -23.30 12.70 5.23
C LYS F 103 -22.73 11.38 5.74
N ALA F 104 -23.55 10.34 5.75
CA ALA F 104 -23.13 9.03 6.22
C ALA F 104 -22.63 8.19 5.07
N GLN F 105 -21.76 7.22 5.40
CA GLN F 105 -21.17 6.33 4.42
C GLN F 105 -21.83 4.95 4.39
N ASN F 106 -22.16 4.39 5.55
CA ASN F 106 -22.77 3.08 5.62
C ASN F 106 -23.70 3.04 6.83
N TYR F 107 -24.31 1.87 7.06
CA TYR F 107 -25.25 1.73 8.16
C TYR F 107 -24.56 1.92 9.50
N TYR F 108 -23.36 1.37 9.67
CA TYR F 108 -22.64 1.50 10.93
C TYR F 108 -22.25 2.94 11.20
N HIS F 109 -21.82 3.67 10.16
CA HIS F 109 -21.53 5.09 10.32
C HIS F 109 -22.79 5.89 10.64
N HIS F 110 -23.93 5.48 10.08
CA HIS F 110 -25.19 6.15 10.39
C HIS F 110 -25.53 6.03 11.88
N LYS F 111 -25.31 4.85 12.45
CA LYS F 111 -25.61 4.64 13.87
C LYS F 111 -24.71 5.50 14.75
N VAL F 112 -23.42 5.57 14.43
CA VAL F 112 -22.49 6.34 15.25
C VAL F 112 -22.84 7.82 15.23
N LEU F 113 -23.14 8.36 14.05
CA LEU F 113 -23.47 9.78 13.95
C LEU F 113 -24.75 10.11 14.70
N GLU F 114 -25.73 9.20 14.68
CA GLU F 114 -26.99 9.44 15.37
C GLU F 114 -26.78 9.57 16.87
N LYS F 115 -25.93 8.72 17.45
CA LYS F 115 -25.72 8.71 18.88
C LYS F 115 -24.78 9.80 19.38
N ILE F 116 -23.94 10.37 18.50
CA ILE F 116 -23.06 11.45 18.92
C ILE F 116 -23.69 12.82 18.75
N GLY F 117 -24.93 12.90 18.27
CA GLY F 117 -25.65 14.15 18.24
C GLY F 117 -25.65 14.87 16.91
N ALA F 118 -25.92 14.16 15.83
CA ALA F 118 -26.06 14.77 14.52
C ALA F 118 -27.53 15.11 14.29
N ASP F 119 -27.79 16.39 13.99
CA ASP F 119 -29.18 16.84 13.83
C ASP F 119 -29.86 16.13 12.67
N ARG F 120 -29.17 15.97 11.55
CA ARG F 120 -29.75 15.30 10.39
C ARG F 120 -28.64 14.54 9.67
N ILE F 121 -28.92 13.28 9.36
CA ILE F 121 -27.94 12.40 8.72
C ILE F 121 -28.39 12.14 7.29
N ILE F 122 -27.49 12.35 6.34
CA ILE F 122 -27.78 12.24 4.92
C ILE F 122 -27.04 11.04 4.36
N HIS F 123 -27.74 10.21 3.60
CA HIS F 123 -27.18 9.02 2.98
C HIS F 123 -27.47 9.11 1.49
N PRO F 124 -26.61 9.80 0.73
CA PRO F 124 -26.98 10.19 -0.65
C PRO F 124 -27.34 9.02 -1.54
N GLU F 125 -26.65 7.89 -1.42
CA GLU F 125 -26.98 6.74 -2.28
C GLU F 125 -28.30 6.10 -1.87
N LYS F 126 -28.50 5.92 -0.57
CA LYS F 126 -29.73 5.30 -0.08
C LYS F 126 -30.92 6.26 -0.16
N ASP F 127 -30.71 7.53 0.19
CA ASP F 127 -31.82 8.48 0.21
C ASP F 127 -32.31 8.80 -1.20
N MET F 128 -31.42 8.76 -2.19
CA MET F 128 -31.86 8.99 -3.57
C MET F 128 -32.73 7.85 -4.08
N GLY F 129 -32.45 6.62 -3.64
CA GLY F 129 -33.25 5.50 -4.09
C GLY F 129 -34.69 5.57 -3.62
N VAL F 130 -34.91 6.04 -2.39
CA VAL F 130 -36.26 6.07 -1.84
C VAL F 130 -37.11 7.17 -2.47
N LYS F 131 -36.49 8.13 -3.14
CA LYS F 131 -37.24 9.16 -3.85
C LYS F 131 -37.29 8.93 -5.35
N ILE F 132 -36.32 8.21 -5.92
CA ILE F 132 -36.46 7.70 -7.28
C ILE F 132 -37.61 6.70 -7.35
N ALA F 133 -37.70 5.81 -6.36
CA ALA F 133 -38.81 4.87 -6.31
C ALA F 133 -40.14 5.59 -6.14
N GLN F 134 -40.15 6.67 -5.35
CA GLN F 134 -41.36 7.46 -5.21
C GLN F 134 -41.76 8.11 -6.53
N SER F 135 -40.77 8.56 -7.31
CA SER F 135 -41.06 9.15 -8.61
C SER F 135 -41.66 8.12 -9.57
N LEU F 136 -41.21 6.86 -9.49
CA LEU F 136 -41.75 5.82 -10.34
C LEU F 136 -43.23 5.61 -10.07
N SER F 137 -43.63 5.58 -8.80
CA SER F 137 -45.04 5.40 -8.47
C SER F 137 -45.88 6.56 -8.97
N ASP F 138 -45.37 7.80 -8.81
CA ASP F 138 -46.11 8.96 -9.27
C ASP F 138 -46.14 9.07 -10.79
N GLU F 139 -45.21 8.42 -11.48
CA GLU F 139 -45.17 8.46 -12.94
C GLU F 139 -46.08 7.42 -13.58
N LYS G 7 -3.94 10.00 -47.37
CA LYS G 7 -3.22 11.26 -47.32
C LYS G 7 -3.76 12.15 -46.21
N GLN G 8 -5.05 12.04 -45.93
CA GLN G 8 -5.74 12.86 -44.94
C GLN G 8 -6.14 11.97 -43.77
N PHE G 9 -5.30 11.93 -42.75
CA PHE G 9 -5.53 11.11 -41.57
C PHE G 9 -5.47 11.95 -40.31
N ALA G 10 -6.27 11.55 -39.32
CA ALA G 10 -6.28 12.19 -38.01
C ALA G 10 -6.19 11.12 -36.93
N VAL G 11 -5.29 11.31 -35.98
CA VAL G 11 -5.10 10.38 -34.87
C VAL G 11 -5.35 11.14 -33.58
N ILE G 12 -6.22 10.59 -32.73
CA ILE G 12 -6.60 11.20 -31.47
C ILE G 12 -6.04 10.36 -30.34
N GLY G 13 -5.21 10.98 -29.50
CA GLY G 13 -4.58 10.26 -28.41
C GLY G 13 -3.18 9.82 -28.78
N LEU G 14 -2.16 10.51 -28.27
CA LEU G 14 -0.77 10.22 -28.61
C LEU G 14 -0.16 9.40 -27.47
N GLY G 15 -0.42 8.10 -27.51
CA GLY G 15 0.15 7.19 -26.54
C GLY G 15 1.05 6.17 -27.21
N ARG G 16 1.16 4.98 -26.61
CA ARG G 16 1.97 3.92 -27.21
C ARG G 16 1.38 3.47 -28.54
N PHE G 17 0.06 3.35 -28.62
CA PHE G 17 -0.58 2.91 -29.85
C PHE G 17 -0.79 4.07 -30.81
N GLY G 18 -1.30 5.19 -30.30
CA GLY G 18 -1.53 6.35 -31.16
C GLY G 18 -0.25 6.97 -31.67
N GLY G 19 0.77 7.05 -30.82
CA GLY G 19 2.04 7.61 -31.25
C GLY G 19 2.72 6.79 -32.31
N SER G 20 2.59 5.47 -32.24
CA SER G 20 3.19 4.60 -33.25
C SER G 20 2.56 4.79 -34.62
N ILE G 21 1.26 5.07 -34.67
CA ILE G 21 0.60 5.30 -35.94
C ILE G 21 1.09 6.59 -36.59
N CYS G 22 1.23 7.66 -35.79
CA CYS G 22 1.68 8.93 -36.34
C CYS G 22 3.11 8.83 -36.87
N LYS G 23 4.00 8.16 -36.13
CA LYS G 23 5.37 8.03 -36.58
C LYS G 23 5.47 7.22 -37.86
N GLU G 24 4.72 6.12 -37.94
CA GLU G 24 4.78 5.27 -39.12
C GLU G 24 4.16 5.94 -40.33
N LEU G 25 3.03 6.63 -40.14
CA LEU G 25 2.41 7.36 -41.24
C LEU G 25 3.29 8.50 -41.72
N HIS G 26 3.94 9.20 -40.78
CA HIS G 26 4.83 10.30 -41.16
C HIS G 26 6.00 9.79 -41.99
N ARG G 27 6.53 8.62 -41.66
CA ARG G 27 7.63 8.05 -42.43
C ARG G 27 7.19 7.74 -43.86
N MET G 28 5.97 7.23 -44.02
CA MET G 28 5.47 6.91 -45.36
C MET G 28 5.12 8.14 -46.17
N GLY G 29 5.11 9.32 -45.56
CA GLY G 29 4.80 10.54 -46.28
C GLY G 29 3.32 10.83 -46.36
N HIS G 30 2.66 10.92 -45.20
CA HIS G 30 1.24 11.22 -45.13
C HIS G 30 1.02 12.38 -44.17
N GLU G 31 -0.03 13.15 -44.44
CA GLU G 31 -0.41 14.28 -43.59
C GLU G 31 -1.26 13.77 -42.44
N VAL G 32 -0.75 13.91 -41.22
CA VAL G 32 -1.40 13.38 -40.02
C VAL G 32 -1.63 14.51 -39.04
N LEU G 33 -2.84 14.60 -38.51
CA LEU G 33 -3.17 15.55 -37.46
C LEU G 33 -3.20 14.81 -36.13
N ALA G 34 -2.43 15.29 -35.16
CA ALA G 34 -2.32 14.67 -33.85
C ALA G 34 -2.94 15.59 -32.81
N VAL G 35 -3.91 15.05 -32.08
CA VAL G 35 -4.57 15.81 -31.02
C VAL G 35 -4.49 15.04 -29.73
N ASP G 36 -4.15 15.72 -28.64
CA ASP G 36 -4.00 15.09 -27.34
C ASP G 36 -4.17 16.16 -26.26
N ILE G 37 -4.77 15.77 -25.14
CA ILE G 37 -4.95 16.72 -24.04
C ILE G 37 -3.62 17.05 -23.38
N ASN G 38 -2.76 16.03 -23.21
CA ASN G 38 -1.48 16.24 -22.54
C ASN G 38 -0.55 17.06 -23.41
N GLU G 39 0.04 18.10 -22.84
CA GLU G 39 0.91 18.99 -23.62
C GLU G 39 2.26 18.35 -23.90
N GLU G 40 2.76 17.51 -22.99
CA GLU G 40 4.05 16.86 -23.22
C GLU G 40 3.98 15.89 -24.40
N LYS G 41 2.87 15.17 -24.53
CA LYS G 41 2.72 14.25 -25.66
C LYS G 41 2.71 15.00 -26.98
N VAL G 42 2.02 16.14 -27.05
CA VAL G 42 1.93 16.89 -28.29
C VAL G 42 3.29 17.47 -28.66
N ASN G 43 4.03 17.98 -27.67
CA ASN G 43 5.36 18.50 -27.95
C ASN G 43 6.30 17.42 -28.45
N ALA G 44 6.22 16.22 -27.86
CA ALA G 44 7.08 15.13 -28.28
C ALA G 44 6.79 14.69 -29.71
N TYR G 45 5.52 14.67 -30.09
CA TYR G 45 5.12 14.25 -31.42
C TYR G 45 4.85 15.43 -32.35
N ALA G 46 5.25 16.63 -31.97
CA ALA G 46 5.05 17.79 -32.85
C ALA G 46 5.83 17.64 -34.14
N SER G 47 7.07 17.15 -34.06
CA SER G 47 7.90 16.96 -35.24
C SER G 47 7.51 15.73 -36.05
N TYR G 48 6.79 14.79 -35.44
CA TYR G 48 6.39 13.57 -36.13
C TYR G 48 5.00 13.64 -36.76
N ALA G 49 4.35 14.80 -36.68
CA ALA G 49 3.03 14.98 -37.26
C ALA G 49 2.99 16.28 -38.06
N THR G 50 2.22 16.27 -39.14
CA THR G 50 2.07 17.47 -39.96
C THR G 50 1.43 18.60 -39.15
N HIS G 51 0.39 18.28 -38.39
CA HIS G 51 -0.24 19.22 -37.48
C HIS G 51 -0.40 18.58 -36.12
N ALA G 52 0.05 19.28 -35.08
CA ALA G 52 -0.09 18.83 -33.70
C ALA G 52 -0.93 19.83 -32.95
N VAL G 53 -1.95 19.35 -32.26
CA VAL G 53 -2.94 20.20 -31.58
C VAL G 53 -3.13 19.69 -30.16
N ILE G 54 -3.17 20.61 -29.21
CA ILE G 54 -3.48 20.30 -27.82
C ILE G 54 -4.95 20.63 -27.61
N ALA G 55 -5.80 19.61 -27.63
CA ALA G 55 -7.24 19.80 -27.52
C ALA G 55 -7.86 18.59 -26.83
N ASN G 56 -9.09 18.77 -26.37
CA ASN G 56 -9.85 17.72 -25.72
C ASN G 56 -10.86 17.18 -26.71
N ALA G 57 -10.80 15.87 -26.97
CA ALA G 57 -11.66 15.25 -27.98
C ALA G 57 -13.09 15.06 -27.51
N THR G 58 -13.35 15.18 -26.21
CA THR G 58 -14.70 15.01 -25.67
C THR G 58 -15.56 16.27 -25.83
N GLU G 59 -14.99 17.37 -26.30
CA GLU G 59 -15.72 18.61 -26.50
C GLU G 59 -15.99 18.78 -27.98
N GLU G 60 -17.26 18.88 -28.35
CA GLU G 60 -17.64 19.00 -29.75
C GLU G 60 -17.24 20.34 -30.35
N ASN G 61 -17.09 21.38 -29.52
CA ASN G 61 -16.70 22.68 -30.03
C ASN G 61 -15.25 22.67 -30.54
N GLU G 62 -14.37 21.98 -29.81
CA GLU G 62 -12.96 21.91 -30.23
C GLU G 62 -12.78 21.06 -31.47
N LEU G 63 -13.58 20.01 -31.63
CA LEU G 63 -13.44 19.14 -32.81
C LEU G 63 -13.73 19.92 -34.09
N LEU G 64 -14.74 20.79 -34.07
CA LEU G 64 -15.05 21.59 -35.25
C LEU G 64 -13.93 22.59 -35.55
N SER G 65 -13.26 23.10 -34.52
CA SER G 65 -12.15 24.03 -34.74
C SER G 65 -11.01 23.34 -35.48
N LEU G 66 -10.70 22.10 -35.11
CA LEU G 66 -9.64 21.36 -35.78
C LEU G 66 -9.98 21.09 -37.24
N GLY G 67 -11.24 20.77 -37.53
CA GLY G 67 -11.65 20.45 -38.87
C GLY G 67 -11.68 18.96 -39.11
N ILE G 68 -12.18 18.21 -38.13
CA ILE G 68 -12.21 16.76 -38.22
C ILE G 68 -13.12 16.29 -39.35
N ARG G 69 -14.18 17.05 -39.62
CA ARG G 69 -15.10 16.66 -40.70
C ARG G 69 -14.39 16.56 -42.04
N ASN G 70 -13.31 17.33 -42.22
CA ASN G 70 -12.52 17.22 -43.45
C ASN G 70 -11.83 15.86 -43.54
N PHE G 71 -11.32 15.35 -42.42
CA PHE G 71 -10.57 14.11 -42.44
C PHE G 71 -11.49 12.92 -42.74
N GLU G 72 -11.09 12.09 -43.71
CA GLU G 72 -11.86 10.90 -44.03
C GLU G 72 -11.66 9.80 -43.02
N TYR G 73 -10.42 9.62 -42.54
CA TYR G 73 -10.08 8.59 -41.56
C TYR G 73 -9.71 9.26 -40.25
N VAL G 74 -10.38 8.86 -39.17
CA VAL G 74 -10.07 9.33 -37.83
C VAL G 74 -9.85 8.10 -36.95
N ILE G 75 -8.72 8.07 -36.25
CA ILE G 75 -8.35 6.96 -35.38
C ILE G 75 -8.37 7.46 -33.95
N VAL G 76 -9.22 6.86 -33.13
CA VAL G 76 -9.35 7.22 -31.72
C VAL G 76 -8.51 6.21 -30.94
N ALA G 77 -7.33 6.63 -30.51
CA ALA G 77 -6.39 5.77 -29.81
C ALA G 77 -6.28 6.13 -28.33
N ILE G 78 -7.37 6.60 -27.74
CA ILE G 78 -7.36 6.96 -26.33
C ILE G 78 -7.34 5.69 -25.49
N GLY G 79 -6.39 5.63 -24.55
CA GLY G 79 -6.26 4.48 -23.68
C GLY G 79 -6.33 4.86 -22.22
N ALA G 80 -6.68 3.90 -21.36
CA ALA G 80 -6.79 4.05 -19.92
C ALA G 80 -7.92 4.99 -19.51
N ASN G 81 -8.63 5.58 -20.46
CA ASN G 81 -9.78 6.44 -20.20
C ASN G 81 -10.87 5.96 -21.15
N ILE G 82 -11.63 4.95 -20.71
CA ILE G 82 -12.61 4.33 -21.58
C ILE G 82 -13.75 5.29 -21.90
N GLN G 83 -14.14 6.11 -20.92
CA GLN G 83 -15.24 7.04 -21.16
C GLN G 83 -14.88 8.08 -22.21
N ALA G 84 -13.65 8.58 -22.18
CA ALA G 84 -13.22 9.53 -23.20
C ALA G 84 -13.21 8.88 -24.58
N SER G 85 -12.75 7.63 -24.66
CA SER G 85 -12.76 6.92 -25.94
C SER G 85 -14.17 6.69 -26.44
N THR G 86 -15.08 6.27 -25.55
CA THR G 86 -16.46 6.04 -25.96
C THR G 86 -17.14 7.34 -26.35
N LEU G 87 -16.91 8.41 -25.58
CA LEU G 87 -17.57 9.68 -25.85
C LEU G 87 -17.06 10.31 -27.14
N THR G 88 -15.76 10.19 -27.41
CA THR G 88 -15.18 10.81 -28.60
C THR G 88 -15.77 10.21 -29.87
N THR G 89 -15.89 8.88 -29.93
CA THR G 89 -16.41 8.23 -31.13
C THR G 89 -17.88 8.56 -31.34
N LEU G 90 -18.64 8.75 -30.27
CA LEU G 90 -20.03 9.13 -30.40
C LEU G 90 -20.17 10.52 -31.00
N LEU G 91 -19.27 11.44 -30.62
CA LEU G 91 -19.28 12.78 -31.21
C LEU G 91 -18.92 12.74 -32.68
N LEU G 92 -17.97 11.86 -33.06
CA LEU G 92 -17.50 11.82 -34.43
C LEU G 92 -18.60 11.39 -35.40
N LYS G 93 -19.50 10.50 -34.97
CA LYS G 93 -20.60 10.10 -35.83
C LYS G 93 -21.56 11.24 -36.10
N GLU G 94 -21.72 12.17 -35.15
CA GLU G 94 -22.49 13.37 -35.41
C GLU G 94 -21.85 14.22 -36.50
N LEU G 95 -20.52 14.21 -36.59
CA LEU G 95 -19.79 14.91 -37.64
C LEU G 95 -19.70 14.12 -38.92
N ASP G 96 -20.52 13.07 -39.08
CA ASP G 96 -20.60 12.22 -40.28
C ASP G 96 -19.21 11.86 -40.81
N ILE G 97 -18.34 11.42 -39.91
CA ILE G 97 -17.02 10.94 -40.33
C ILE G 97 -17.18 9.61 -41.03
N PRO G 98 -16.64 9.45 -42.24
CA PRO G 98 -16.85 8.20 -42.99
C PRO G 98 -16.29 6.97 -42.30
N ASN G 99 -15.02 7.00 -41.94
CA ASN G 99 -14.35 5.87 -41.31
C ASN G 99 -13.82 6.29 -39.95
N ILE G 100 -14.20 5.54 -38.91
CA ILE G 100 -13.74 5.77 -37.55
C ILE G 100 -13.14 4.47 -37.04
N TRP G 101 -11.86 4.50 -36.68
CA TRP G 101 -11.17 3.35 -36.13
C TRP G 101 -10.89 3.61 -34.67
N VAL G 102 -11.32 2.70 -33.80
CA VAL G 102 -11.24 2.90 -32.35
C VAL G 102 -10.44 1.77 -31.74
N LYS G 103 -9.63 2.11 -30.74
CA LYS G 103 -8.87 1.13 -29.99
C LYS G 103 -9.67 0.74 -28.74
N ALA G 104 -9.94 -0.55 -28.61
CA ALA G 104 -10.72 -1.05 -27.48
C ALA G 104 -9.79 -1.47 -26.34
N GLN G 105 -10.33 -1.45 -25.13
CA GLN G 105 -9.59 -1.81 -23.92
C GLN G 105 -9.90 -3.22 -23.43
N ASN G 106 -11.17 -3.62 -23.46
CA ASN G 106 -11.57 -4.94 -22.99
C ASN G 106 -12.76 -5.41 -23.81
N TYR G 107 -13.27 -6.59 -23.46
CA TYR G 107 -14.39 -7.16 -24.20
C TYR G 107 -15.65 -6.30 -24.07
N TYR G 108 -15.91 -5.79 -22.87
CA TYR G 108 -17.09 -4.97 -22.67
C TYR G 108 -17.01 -3.66 -23.44
N HIS G 109 -15.82 -3.05 -23.48
CA HIS G 109 -15.63 -1.85 -24.29
C HIS G 109 -15.75 -2.15 -25.77
N HIS G 110 -15.33 -3.34 -26.20
CA HIS G 110 -15.48 -3.73 -27.60
C HIS G 110 -16.95 -3.79 -27.98
N LYS G 111 -17.80 -4.33 -27.10
CA LYS G 111 -19.23 -4.43 -27.40
C LYS G 111 -19.87 -3.05 -27.51
N VAL G 112 -19.52 -2.13 -26.61
CA VAL G 112 -20.12 -0.81 -26.62
C VAL G 112 -19.74 -0.05 -27.89
N LEU G 113 -18.47 -0.12 -28.28
CA LEU G 113 -18.03 0.59 -29.49
C LEU G 113 -18.71 0.04 -30.73
N GLU G 114 -18.92 -1.28 -30.78
CA GLU G 114 -19.54 -1.89 -31.95
C GLU G 114 -20.97 -1.38 -32.14
N LYS G 115 -21.71 -1.25 -31.04
CA LYS G 115 -23.12 -0.86 -31.13
C LYS G 115 -23.31 0.64 -31.30
N ILE G 116 -22.32 1.47 -30.97
CA ILE G 116 -22.45 2.92 -31.17
C ILE G 116 -21.97 3.36 -32.53
N GLY G 117 -21.51 2.43 -33.38
CA GLY G 117 -21.18 2.77 -34.75
C GLY G 117 -19.71 3.02 -35.03
N ALA G 118 -18.84 2.15 -34.55
CA ALA G 118 -17.42 2.23 -34.86
C ALA G 118 -17.14 1.37 -36.09
N ASP G 119 -16.54 1.99 -37.11
CA ASP G 119 -16.30 1.28 -38.36
C ASP G 119 -15.36 0.10 -38.17
N ARG G 120 -14.31 0.29 -37.38
CA ARG G 120 -13.34 -0.78 -37.14
C ARG G 120 -12.82 -0.64 -35.72
N ILE G 121 -12.82 -1.74 -34.98
CA ILE G 121 -12.40 -1.76 -33.59
C ILE G 121 -11.08 -2.51 -33.50
N ILE G 122 -10.09 -1.90 -32.85
CA ILE G 122 -8.74 -2.43 -32.75
C ILE G 122 -8.48 -2.81 -31.30
N HIS G 123 -7.95 -4.01 -31.10
CA HIS G 123 -7.63 -4.54 -29.78
C HIS G 123 -6.16 -4.94 -29.80
N PRO G 124 -5.24 -3.99 -29.55
CA PRO G 124 -3.82 -4.24 -29.85
C PRO G 124 -3.24 -5.47 -29.16
N GLU G 125 -3.62 -5.72 -27.91
CA GLU G 125 -3.08 -6.87 -27.19
C GLU G 125 -3.65 -8.16 -27.74
N LYS G 126 -4.96 -8.22 -27.97
CA LYS G 126 -5.59 -9.42 -28.47
C LYS G 126 -5.31 -9.63 -29.96
N ASP G 127 -5.33 -8.56 -30.76
CA ASP G 127 -5.14 -8.71 -32.19
C ASP G 127 -3.70 -9.09 -32.54
N MET G 128 -2.74 -8.66 -31.73
CA MET G 128 -1.35 -9.07 -31.97
C MET G 128 -1.15 -10.54 -31.70
N GLY G 129 -1.87 -11.10 -30.72
CA GLY G 129 -1.72 -12.52 -30.44
C GLY G 129 -2.18 -13.41 -31.57
N VAL G 130 -3.26 -13.03 -32.25
CA VAL G 130 -3.80 -13.87 -33.31
C VAL G 130 -2.93 -13.85 -34.56
N LYS G 131 -2.04 -12.87 -34.69
CA LYS G 131 -1.11 -12.84 -35.82
C LYS G 131 0.29 -13.31 -35.44
N ILE G 132 0.67 -13.20 -34.17
CA ILE G 132 1.87 -13.88 -33.70
C ILE G 132 1.68 -15.39 -33.79
N ALA G 133 0.50 -15.88 -33.40
CA ALA G 133 0.21 -17.30 -33.54
C ALA G 133 0.20 -17.74 -34.99
N GLN G 134 -0.30 -16.87 -35.89
CA GLN G 134 -0.26 -17.17 -37.30
C GLN G 134 1.17 -17.26 -37.81
N SER G 135 2.05 -16.39 -37.31
CA SER G 135 3.45 -16.43 -37.71
C SER G 135 4.12 -17.72 -37.26
N LEU G 136 3.74 -18.23 -36.08
CA LEU G 136 4.32 -19.49 -35.60
C LEU G 136 3.98 -20.64 -36.53
N SER G 137 2.74 -20.71 -36.99
CA SER G 137 2.35 -21.78 -37.91
C SER G 137 3.09 -21.68 -39.23
N ASP G 138 3.25 -20.46 -39.75
CA ASP G 138 3.97 -20.27 -41.01
C ASP G 138 5.47 -20.50 -40.86
N GLU G 139 5.99 -20.40 -39.64
CA GLU G 139 7.41 -20.60 -39.41
C GLU G 139 7.77 -22.07 -39.21
N ASN G 140 6.77 -22.93 -39.07
CA ASN G 140 6.97 -24.37 -38.89
C ASN G 140 7.83 -24.66 -37.66
N LYS H 7 3.79 -27.38 -34.28
CA LYS H 7 3.00 -28.39 -33.59
C LYS H 7 3.35 -28.42 -32.10
N GLN H 8 4.59 -28.11 -31.78
CA GLN H 8 5.10 -28.17 -30.41
C GLN H 8 5.40 -26.73 -29.95
N PHE H 9 4.42 -26.13 -29.28
CA PHE H 9 4.54 -24.76 -28.80
C PHE H 9 4.27 -24.69 -27.31
N ALA H 10 4.95 -23.75 -26.65
CA ALA H 10 4.75 -23.49 -25.23
C ALA H 10 4.57 -21.99 -25.02
N VAL H 11 3.55 -21.62 -24.27
CA VAL H 11 3.25 -20.22 -23.97
C VAL H 11 3.29 -20.04 -22.46
N ILE H 12 4.07 -19.06 -22.01
CA ILE H 12 4.26 -18.80 -20.58
C ILE H 12 3.59 -17.47 -20.26
N GLY H 13 2.63 -17.50 -19.34
CA GLY H 13 1.89 -16.31 -18.99
C GLY H 13 0.58 -16.22 -19.74
N LEU H 14 -0.54 -16.51 -19.06
CA LEU H 14 -1.85 -16.54 -19.68
C LEU H 14 -2.56 -15.23 -19.36
N GLY H 15 -2.24 -14.20 -20.12
CA GLY H 15 -2.89 -12.91 -19.97
C GLY H 15 -3.63 -12.52 -21.22
N ARG H 16 -3.76 -11.22 -21.46
CA ARG H 16 -4.43 -10.75 -22.67
C ARG H 16 -3.65 -11.15 -23.92
N PHE H 17 -2.33 -11.04 -23.87
CA PHE H 17 -1.51 -11.40 -25.04
C PHE H 17 -1.24 -12.90 -25.07
N GLY H 18 -0.85 -13.48 -23.94
CA GLY H 18 -0.56 -14.91 -23.90
C GLY H 18 -1.80 -15.76 -24.12
N GLY H 19 -2.93 -15.35 -23.53
CA GLY H 19 -4.16 -16.12 -23.71
C GLY H 19 -4.65 -16.12 -25.15
N SER H 20 -4.45 -15.00 -25.85
CA SER H 20 -4.88 -14.92 -27.24
C SER H 20 -4.08 -15.87 -28.13
N ILE H 21 -2.79 -16.07 -27.83
CA ILE H 21 -1.98 -16.98 -28.61
C ILE H 21 -2.45 -18.42 -28.42
N CYS H 22 -2.75 -18.81 -27.18
CA CYS H 22 -3.19 -20.18 -26.92
C CYS H 22 -4.52 -20.48 -27.60
N LYS H 23 -5.46 -19.54 -27.52
CA LYS H 23 -6.77 -19.75 -28.15
C LYS H 23 -6.65 -19.85 -29.66
N GLU H 24 -5.83 -18.99 -30.27
CA GLU H 24 -5.69 -19.01 -31.72
C GLU H 24 -4.96 -20.26 -32.19
N LEU H 25 -3.90 -20.64 -31.48
CA LEU H 25 -3.18 -21.86 -31.85
C LEU H 25 -4.04 -23.09 -31.66
N HIS H 26 -4.84 -23.13 -30.60
CA HIS H 26 -5.73 -24.27 -30.36
C HIS H 26 -6.75 -24.41 -31.49
N ARG H 27 -7.27 -23.28 -31.99
CA ARG H 27 -8.22 -23.33 -33.09
C ARG H 27 -7.58 -23.90 -34.34
N MET H 28 -6.33 -23.54 -34.62
CA MET H 28 -5.63 -24.06 -35.79
C MET H 28 -5.25 -25.52 -35.66
N GLY H 29 -5.38 -26.10 -34.48
CA GLY H 29 -5.03 -27.50 -34.28
C GLY H 29 -3.57 -27.72 -33.97
N HIS H 30 -3.07 -27.09 -32.91
CA HIS H 30 -1.70 -27.23 -32.48
C HIS H 30 -1.66 -27.58 -31.00
N GLU H 31 -0.62 -28.32 -30.61
CA GLU H 31 -0.43 -28.70 -29.22
C GLU H 31 0.30 -27.57 -28.50
N VAL H 32 -0.38 -26.99 -27.50
CA VAL H 32 0.13 -25.82 -26.79
C VAL H 32 0.17 -26.15 -25.30
N LEU H 33 1.29 -25.86 -24.67
CA LEU H 33 1.43 -25.97 -23.22
C LEU H 33 1.33 -24.60 -22.60
N ALA H 34 0.41 -24.43 -21.65
CA ALA H 34 0.16 -23.17 -21.00
C ALA H 34 0.59 -23.26 -19.54
N VAL H 35 1.48 -22.35 -19.15
CA VAL H 35 1.95 -22.32 -17.77
C VAL H 35 1.74 -20.93 -17.20
N ASP H 36 1.23 -20.85 -15.99
CA ASP H 36 0.94 -19.57 -15.35
C ASP H 36 0.91 -19.79 -13.84
N ILE H 37 1.37 -18.78 -13.09
CA ILE H 37 1.36 -18.89 -11.64
C ILE H 37 -0.07 -18.80 -11.11
N ASN H 38 -0.89 -17.93 -11.68
CA ASN H 38 -2.26 -17.75 -11.20
C ASN H 38 -3.10 -18.97 -11.54
N GLU H 39 -3.82 -19.48 -10.54
CA GLU H 39 -4.62 -20.68 -10.75
C GLU H 39 -5.88 -20.39 -11.55
N GLU H 40 -6.47 -19.20 -11.39
CA GLU H 40 -7.67 -18.86 -12.13
C GLU H 40 -7.40 -18.79 -13.63
N LYS H 41 -6.25 -18.24 -14.01
CA LYS H 41 -5.90 -18.16 -15.43
C LYS H 41 -5.74 -19.54 -16.04
N VAL H 42 -5.11 -20.47 -15.32
CA VAL H 42 -4.90 -21.81 -15.84
C VAL H 42 -6.22 -22.56 -15.98
N ASN H 43 -7.11 -22.40 -15.01
CA ASN H 43 -8.42 -23.04 -15.09
C ASN H 43 -9.23 -22.50 -16.26
N ALA H 44 -9.17 -21.18 -16.49
CA ALA H 44 -9.92 -20.58 -17.59
C ALA H 44 -9.42 -21.08 -18.94
N TYR H 45 -8.10 -21.24 -19.09
CA TYR H 45 -7.50 -21.68 -20.33
C TYR H 45 -7.17 -23.17 -20.35
N ALA H 46 -7.68 -23.93 -19.37
CA ALA H 46 -7.43 -25.37 -19.36
C ALA H 46 -8.02 -26.04 -20.59
N SER H 47 -9.24 -25.64 -20.97
CA SER H 47 -9.89 -26.23 -22.14
C SER H 47 -9.34 -25.70 -23.46
N TYR H 48 -8.66 -24.56 -23.44
CA TYR H 48 -8.11 -23.97 -24.65
C TYR H 48 -6.66 -24.35 -24.91
N ALA H 49 -6.08 -25.21 -24.08
CA ALA H 49 -4.70 -25.66 -24.25
C ALA H 49 -4.63 -27.17 -24.12
N THR H 50 -3.71 -27.78 -24.87
CA THR H 50 -3.53 -29.22 -24.78
C THR H 50 -3.05 -29.61 -23.39
N HIS H 51 -2.10 -28.86 -22.82
CA HIS H 51 -1.64 -29.06 -21.46
C HIS H 51 -1.65 -27.73 -20.74
N ALA H 52 -2.26 -27.69 -19.56
CA ALA H 52 -2.28 -26.50 -18.73
C ALA H 52 -1.59 -26.83 -17.41
N VAL H 53 -0.66 -25.99 -17.01
CA VAL H 53 0.18 -26.24 -15.84
C VAL H 53 0.22 -24.97 -14.98
N ILE H 54 0.08 -25.15 -13.67
CA ILE H 54 0.22 -24.07 -12.71
C ILE H 54 1.64 -24.15 -12.15
N ALA H 55 2.53 -23.31 -12.67
CA ALA H 55 3.93 -23.34 -12.27
C ALA H 55 4.50 -21.93 -12.35
N ASN H 56 5.65 -21.76 -11.70
CA ASN H 56 6.38 -20.50 -11.71
C ASN H 56 7.54 -20.61 -12.69
N ALA H 57 7.58 -19.72 -13.68
CA ALA H 57 8.59 -19.78 -14.72
C ALA H 57 9.96 -19.29 -14.26
N THR H 58 10.04 -18.61 -13.12
CA THR H 58 11.31 -18.10 -12.62
C THR H 58 12.11 -19.17 -11.87
N GLU H 59 11.56 -20.35 -11.68
CA GLU H 59 12.25 -21.45 -11.00
C GLU H 59 12.70 -22.46 -12.04
N GLU H 60 14.01 -22.70 -12.09
CA GLU H 60 14.56 -23.61 -13.09
C GLU H 60 14.18 -25.07 -12.82
N ASN H 61 13.87 -25.41 -11.57
CA ASN H 61 13.48 -26.78 -11.26
C ASN H 61 12.12 -27.11 -11.86
N GLU H 62 11.18 -26.17 -11.82
CA GLU H 62 9.86 -26.42 -12.38
C GLU H 62 9.88 -26.49 -13.90
N LEU H 63 10.75 -25.70 -14.54
CA LEU H 63 10.81 -25.71 -16.00
C LEU H 63 11.23 -27.07 -16.53
N LEU H 64 12.18 -27.73 -15.86
CA LEU H 64 12.59 -29.06 -16.26
C LEU H 64 11.48 -30.09 -16.07
N SER H 65 10.66 -29.91 -15.03
CA SER H 65 9.55 -30.83 -14.82
C SER H 65 8.54 -30.76 -15.96
N LEU H 66 8.26 -29.55 -16.45
CA LEU H 66 7.32 -29.40 -17.57
C LEU H 66 7.87 -30.04 -18.83
N GLY H 67 9.17 -29.90 -19.08
CA GLY H 67 9.77 -30.43 -20.28
C GLY H 67 9.90 -29.37 -21.36
N ILE H 68 10.32 -28.17 -20.95
CA ILE H 68 10.41 -27.05 -21.88
C ILE H 68 11.49 -27.31 -22.92
N ARG H 69 12.55 -28.04 -22.55
CA ARG H 69 13.61 -28.34 -23.50
C ARG H 69 13.08 -29.08 -24.73
N ASN H 70 12.01 -29.85 -24.57
CA ASN H 70 11.40 -30.52 -25.71
C ASN H 70 10.80 -29.51 -26.69
N PHE H 71 10.17 -28.46 -26.17
CA PHE H 71 9.49 -27.49 -27.03
C PHE H 71 10.50 -26.68 -27.84
N GLU H 72 10.28 -26.60 -29.15
CA GLU H 72 11.14 -25.82 -30.01
C GLU H 72 10.86 -24.32 -29.89
N TYR H 73 9.58 -23.94 -29.78
CA TYR H 73 9.18 -22.55 -29.66
C TYR H 73 8.59 -22.32 -28.27
N VAL H 74 9.14 -21.34 -27.57
CA VAL H 74 8.62 -20.93 -26.26
C VAL H 74 8.34 -19.44 -26.32
N ILE H 75 7.14 -19.04 -25.94
CA ILE H 75 6.71 -17.65 -25.96
C ILE H 75 6.52 -17.19 -24.53
N VAL H 76 7.29 -16.20 -24.11
CA VAL H 76 7.20 -15.64 -22.76
C VAL H 76 6.32 -14.40 -22.86
N ALA H 77 5.07 -14.54 -22.43
CA ALA H 77 4.09 -13.45 -22.52
C ALA H 77 3.77 -12.87 -21.14
N ILE H 78 4.75 -12.85 -20.25
CA ILE H 78 4.53 -12.31 -18.91
C ILE H 78 4.46 -10.79 -18.99
N GLY H 79 3.41 -10.22 -18.42
CA GLY H 79 3.22 -8.79 -18.42
C GLY H 79 3.08 -8.22 -17.03
N ALA H 80 3.34 -6.93 -16.87
CA ALA H 80 3.27 -6.18 -15.62
C ALA H 80 4.27 -6.65 -14.59
N ASN H 81 5.08 -7.67 -14.90
CA ASN H 81 6.14 -8.16 -14.03
C ASN H 81 7.37 -8.29 -14.92
N ILE H 82 8.11 -7.19 -15.06
CA ILE H 82 9.23 -7.16 -15.99
C ILE H 82 10.35 -8.08 -15.51
N GLN H 83 10.57 -8.15 -14.20
CA GLN H 83 11.65 -8.99 -13.68
C GLN H 83 11.38 -10.47 -13.96
N ALA H 84 10.13 -10.90 -13.80
CA ALA H 84 9.78 -12.28 -14.11
C ALA H 84 9.99 -12.59 -15.59
N SER H 85 9.62 -11.65 -16.46
CA SER H 85 9.82 -11.84 -17.89
C SER H 85 11.31 -11.89 -18.23
N THR H 86 12.11 -10.99 -17.65
CA THR H 86 13.53 -10.99 -17.92
C THR H 86 14.21 -12.24 -17.37
N LEU H 87 13.81 -12.66 -16.16
CA LEU H 87 14.44 -13.81 -15.53
C LEU H 87 14.07 -15.11 -16.24
N THR H 88 12.83 -15.22 -16.71
CA THR H 88 12.39 -16.44 -17.37
C THR H 88 13.17 -16.70 -18.65
N THR H 89 13.36 -15.65 -19.46
CA THR H 89 14.07 -15.82 -20.73
C THR H 89 15.54 -16.16 -20.51
N LEU H 90 16.13 -15.65 -19.44
CA LEU H 90 17.51 -15.97 -19.13
C LEU H 90 17.65 -17.44 -18.75
N LEU H 91 16.67 -17.99 -18.05
CA LEU H 91 16.69 -19.41 -17.71
C LEU H 91 16.52 -20.27 -18.96
N LEU H 92 15.69 -19.82 -19.90
CA LEU H 92 15.41 -20.63 -21.08
C LEU H 92 16.65 -20.81 -21.95
N LYS H 93 17.53 -19.81 -22.01
CA LYS H 93 18.74 -19.96 -22.79
C LYS H 93 19.68 -21.01 -22.19
N GLU H 94 19.65 -21.17 -20.87
CA GLU H 94 20.40 -22.26 -20.25
C GLU H 94 19.87 -23.62 -20.70
N LEU H 95 18.56 -23.71 -20.97
CA LEU H 95 17.94 -24.92 -21.47
C LEU H 95 18.07 -25.06 -22.99
N ASP H 96 18.94 -24.26 -23.61
CA ASP H 96 19.23 -24.29 -25.05
C ASP H 96 17.94 -24.38 -25.89
N ILE H 97 16.98 -23.53 -25.54
CA ILE H 97 15.75 -23.44 -26.34
C ILE H 97 16.08 -22.78 -27.68
N PRO H 98 15.71 -23.39 -28.81
CA PRO H 98 16.08 -22.82 -30.11
C PRO H 98 15.50 -21.44 -30.36
N ASN H 99 14.18 -21.30 -30.23
CA ASN H 99 13.49 -20.05 -30.50
C ASN H 99 12.77 -19.59 -29.24
N ILE H 100 13.04 -18.36 -28.81
CA ILE H 100 12.39 -17.76 -27.66
C ILE H 100 11.80 -16.44 -28.10
N TRP H 101 10.48 -16.30 -27.98
CA TRP H 101 9.78 -15.06 -28.32
C TRP H 101 9.30 -14.43 -27.03
N VAL H 102 9.65 -13.17 -26.82
CA VAL H 102 9.38 -12.47 -25.58
C VAL H 102 8.56 -11.22 -25.86
N LYS H 103 7.61 -10.94 -24.98
CA LYS H 103 6.81 -9.73 -25.06
C LYS H 103 7.45 -8.65 -24.20
N ALA H 104 7.77 -7.52 -24.82
CA ALA H 104 8.40 -6.42 -24.12
C ALA H 104 7.37 -5.44 -23.59
N GLN H 105 7.74 -4.72 -22.53
CA GLN H 105 6.86 -3.74 -21.90
C GLN H 105 7.18 -2.30 -22.29
N ASN H 106 8.45 -1.95 -22.39
CA ASN H 106 8.84 -0.60 -22.74
C ASN H 106 10.16 -0.66 -23.51
N TYR H 107 10.68 0.52 -23.85
CA TYR H 107 11.91 0.58 -24.64
C TYR H 107 13.09 0.02 -23.86
N TYR H 108 13.18 0.33 -22.55
CA TYR H 108 14.28 -0.17 -21.74
C TYR H 108 14.22 -1.68 -21.59
N HIS H 109 13.02 -2.24 -21.42
CA HIS H 109 12.88 -3.69 -21.38
C HIS H 109 13.23 -4.33 -22.72
N HIS H 110 12.91 -3.64 -23.83
CA HIS H 110 13.27 -4.14 -25.14
C HIS H 110 14.79 -4.28 -25.29
N LYS H 111 15.53 -3.28 -24.80
CA LYS H 111 16.99 -3.33 -24.89
C LYS H 111 17.57 -4.47 -24.08
N VAL H 112 17.06 -4.68 -22.86
CA VAL H 112 17.59 -5.74 -22.00
C VAL H 112 17.36 -7.11 -22.62
N LEU H 113 16.14 -7.35 -23.14
CA LEU H 113 15.83 -8.64 -23.74
C LEU H 113 16.69 -8.91 -24.95
N GLU H 114 16.97 -7.88 -25.75
CA GLU H 114 17.78 -8.06 -26.96
C GLU H 114 19.19 -8.52 -26.61
N LYS H 115 19.78 -7.95 -25.56
CA LYS H 115 21.15 -8.26 -25.20
C LYS H 115 21.30 -9.56 -24.43
N ILE H 116 20.23 -10.07 -23.80
CA ILE H 116 20.31 -11.34 -23.09
C ILE H 116 19.99 -12.53 -23.98
N GLY H 117 19.70 -12.30 -25.26
CA GLY H 117 19.54 -13.40 -26.19
C GLY H 117 18.11 -13.82 -26.46
N ALA H 118 17.23 -12.87 -26.72
CA ALA H 118 15.86 -13.16 -27.12
C ALA H 118 15.79 -13.23 -28.64
N ASP H 119 15.29 -14.35 -29.16
CA ASP H 119 15.26 -14.54 -30.61
C ASP H 119 14.36 -13.52 -31.29
N ARG H 120 13.21 -13.23 -30.70
CA ARG H 120 12.27 -12.27 -31.26
C ARG H 120 11.56 -11.56 -30.12
N ILE H 121 11.52 -10.24 -30.19
CA ILE H 121 10.92 -9.41 -29.15
C ILE H 121 9.64 -8.81 -29.71
N ILE H 122 8.55 -8.95 -28.96
CA ILE H 122 7.23 -8.51 -29.39
C ILE H 122 6.79 -7.36 -28.49
N HIS H 123 6.30 -6.29 -29.12
CA HIS H 123 5.83 -5.10 -28.42
C HIS H 123 4.40 -4.84 -28.88
N PRO H 124 3.41 -5.49 -28.25
CA PRO H 124 2.06 -5.53 -28.83
C PRO H 124 1.46 -4.16 -29.08
N GLU H 125 1.68 -3.20 -28.19
CA GLU H 125 1.10 -1.87 -28.38
C GLU H 125 1.80 -1.13 -29.50
N LYS H 126 3.13 -1.18 -29.53
CA LYS H 126 3.89 -0.48 -30.57
C LYS H 126 3.81 -1.20 -31.91
N ASP H 127 3.89 -2.54 -31.90
CA ASP H 127 3.89 -3.28 -33.16
C ASP H 127 2.54 -3.23 -33.85
N MET H 128 1.45 -3.13 -33.09
CA MET H 128 0.13 -3.02 -33.70
C MET H 128 -0.03 -1.67 -34.40
N GLY H 129 0.58 -0.61 -33.86
CA GLY H 129 0.47 0.70 -34.48
C GLY H 129 1.12 0.75 -35.85
N VAL H 130 2.25 0.08 -36.02
CA VAL H 130 2.98 0.16 -37.28
C VAL H 130 2.28 -0.63 -38.39
N LYS H 131 1.37 -1.53 -38.03
CA LYS H 131 0.59 -2.26 -39.04
C LYS H 131 -0.81 -1.73 -39.20
N ILE H 132 -1.37 -1.06 -38.18
CA ILE H 132 -2.59 -0.29 -38.38
C ILE H 132 -2.31 0.88 -39.32
N ALA H 133 -1.18 1.55 -39.14
CA ALA H 133 -0.79 2.63 -40.05
C ALA H 133 -0.57 2.11 -41.46
N GLN H 134 0.00 0.91 -41.59
CA GLN H 134 0.17 0.30 -42.91
C GLN H 134 -1.17 0.01 -43.54
N SER H 135 -2.15 -0.43 -42.74
CA SER H 135 -3.49 -0.68 -43.28
C SER H 135 -4.15 0.60 -43.77
N LEU H 136 -3.90 1.71 -43.10
CA LEU H 136 -4.47 2.99 -43.53
C LEU H 136 -3.96 3.38 -44.91
N SER H 137 -2.66 3.21 -45.16
CA SER H 137 -2.11 3.54 -46.46
C SER H 137 -2.67 2.65 -47.55
N ASP H 138 -2.82 1.35 -47.26
CA ASP H 138 -3.37 0.43 -48.25
C ASP H 138 -4.86 0.64 -48.47
N GLU H 139 -5.56 1.26 -47.52
CA GLU H 139 -6.98 1.51 -47.64
C GLU H 139 -7.28 2.79 -48.42
N THR I 15 11.17 39.50 22.50
CA THR I 15 12.16 39.63 23.55
C THR I 15 13.58 39.21 23.12
N PRO I 16 13.74 38.07 22.42
CA PRO I 16 15.08 37.70 21.93
C PRO I 16 15.71 38.77 21.06
N PRO I 17 14.95 39.46 20.17
CA PRO I 17 15.57 40.57 19.43
C PRO I 17 15.34 41.91 20.09
N GLN I 18 14.48 41.95 21.12
CA GLN I 18 14.18 43.20 21.81
C GLN I 18 15.31 43.63 22.75
N VAL I 19 16.09 42.68 23.26
CA VAL I 19 17.18 43.01 24.18
C VAL I 19 18.22 43.89 23.48
N LEU I 20 18.57 43.53 22.24
CA LEU I 20 19.56 44.30 21.49
C LEU I 20 19.06 45.73 21.24
N ALA I 21 17.78 45.88 20.89
CA ALA I 21 17.23 47.20 20.68
C ALA I 21 17.23 48.02 21.96
N ILE I 22 16.83 47.39 23.07
CA ILE I 22 16.85 48.09 24.36
C ILE I 22 18.28 48.32 24.83
N GLY I 23 19.16 47.34 24.60
CA GLY I 23 20.53 47.45 25.09
C GLY I 23 21.27 48.63 24.49
N PHE I 24 21.15 48.82 23.17
CA PHE I 24 21.79 49.96 22.52
C PHE I 24 21.17 51.27 22.98
N PHE I 25 19.85 51.29 23.21
CA PHE I 25 19.21 52.49 23.72
C PHE I 25 19.77 52.87 25.09
N LEU I 26 19.97 51.89 25.97
CA LEU I 26 20.54 52.17 27.28
C LEU I 26 21.98 52.67 27.16
N THR I 27 22.76 52.10 26.24
CA THR I 27 24.14 52.52 26.07
C THR I 27 24.22 53.96 25.59
N ILE I 28 23.35 54.34 24.65
CA ILE I 28 23.41 55.68 24.08
C ILE I 28 23.11 56.74 25.15
N ILE I 29 22.05 56.53 25.93
CA ILE I 29 21.65 57.51 26.93
C ILE I 29 22.69 57.58 28.04
N ILE I 30 23.27 56.45 28.44
CA ILE I 30 24.34 56.46 29.42
C ILE I 30 25.57 57.19 28.87
N GLY I 31 25.93 56.93 27.62
CA GLY I 31 27.05 57.64 27.02
C GLY I 31 26.77 59.12 26.82
N ALA I 32 25.52 59.46 26.47
CA ALA I 32 25.17 60.85 26.26
C ALA I 32 25.32 61.68 27.53
N VAL I 33 24.84 61.14 28.65
CA VAL I 33 24.96 61.87 29.91
C VAL I 33 26.38 61.81 30.46
N LEU I 34 27.18 60.83 30.03
CA LEU I 34 28.57 60.76 30.47
C LEU I 34 29.40 61.86 29.85
N LEU I 35 29.03 62.33 28.66
CA LEU I 35 29.72 63.44 28.03
C LEU I 35 29.24 64.80 28.52
N MET I 36 28.19 64.83 29.35
CA MET I 36 27.67 66.09 29.87
C MET I 36 28.53 66.65 31.00
N LEU I 37 29.35 65.83 31.64
CA LEU I 37 30.15 66.29 32.76
C LEU I 37 31.19 67.31 32.29
N PRO I 38 31.50 68.31 33.12
CA PRO I 38 32.51 69.30 32.71
C PRO I 38 33.93 68.78 32.87
N ILE I 39 34.15 67.53 32.45
CA ILE I 39 35.49 66.95 32.39
C ILE I 39 35.78 66.28 31.05
N SER I 40 34.77 65.94 30.26
CA SER I 40 34.97 65.28 28.98
C SER I 40 35.19 66.28 27.84
N THR I 41 34.44 67.37 27.84
CA THR I 41 34.52 68.37 26.77
C THR I 41 35.05 69.68 27.33
N THR I 42 35.97 70.31 26.60
CA THR I 42 36.52 71.59 27.03
C THR I 42 35.47 72.69 26.96
N LYS I 43 34.74 72.77 25.84
CA LYS I 43 33.70 73.75 25.60
C LYS I 43 32.32 73.13 25.81
N PRO I 44 31.32 73.93 26.16
CA PRO I 44 29.99 73.37 26.42
C PRO I 44 29.41 72.69 25.19
N LEU I 45 28.69 71.59 25.43
CA LEU I 45 28.10 70.79 24.38
C LEU I 45 26.59 70.74 24.57
N SER I 46 25.85 70.93 23.48
CA SER I 46 24.40 70.91 23.55
C SER I 46 23.90 69.50 23.80
N TRP I 47 22.63 69.41 24.23
CA TRP I 47 22.04 68.12 24.55
C TRP I 47 21.93 67.24 23.31
N ILE I 48 21.56 67.84 22.17
CA ILE I 48 21.36 67.05 20.96
C ILE I 48 22.69 66.54 20.42
N ASP I 49 23.74 67.37 20.49
CA ASP I 49 25.05 66.93 19.99
C ASP I 49 25.61 65.79 20.81
N ALA I 50 25.46 65.84 22.13
CA ALA I 50 25.93 64.74 22.97
C ALA I 50 25.15 63.46 22.68
N LEU I 51 23.84 63.58 22.49
CA LEU I 51 23.05 62.42 22.12
C LEU I 51 23.45 61.89 20.76
N PHE I 52 23.69 62.79 19.80
CA PHE I 52 24.14 62.37 18.48
C PHE I 52 25.52 61.72 18.55
N THR I 53 26.43 62.30 19.31
CA THR I 53 27.77 61.73 19.42
C THR I 53 27.75 60.36 20.08
N ALA I 54 26.95 60.20 21.13
CA ALA I 54 26.82 58.90 21.78
C ALA I 54 26.17 57.88 20.86
N ALA I 55 25.13 58.29 20.13
CA ALA I 55 24.46 57.37 19.21
C ALA I 55 25.38 56.95 18.08
N SER I 56 26.16 57.89 17.53
CA SER I 56 27.09 57.56 16.46
C SER I 56 28.19 56.63 16.97
N ALA I 57 28.63 56.82 18.21
CA ALA I 57 29.67 55.96 18.76
C ALA I 57 29.11 54.58 19.12
N THR I 58 27.92 54.54 19.73
CA THR I 58 27.35 53.26 20.13
C THR I 58 26.86 52.48 18.91
N THR I 59 25.90 53.02 18.18
CA THR I 59 25.56 52.51 16.86
C THR I 59 26.68 52.98 15.95
N VAL I 60 27.68 52.12 15.75
CA VAL I 60 28.99 52.57 15.31
C VAL I 60 28.92 53.03 13.86
N THR I 61 28.82 54.35 13.67
CA THR I 61 28.63 54.97 12.37
C THR I 61 29.75 55.93 12.00
N GLY I 62 30.12 56.83 12.89
CA GLY I 62 31.21 57.76 12.65
C GLY I 62 30.77 59.16 12.29
N LEU I 63 29.49 59.39 12.04
CA LEU I 63 29.02 60.75 11.79
C LEU I 63 29.26 61.62 13.02
N ALA I 64 29.87 62.78 12.80
CA ALA I 64 30.23 63.68 13.89
C ALA I 64 29.70 65.08 13.59
N VAL I 65 28.93 65.64 14.53
CA VAL I 65 28.53 67.03 14.42
C VAL I 65 29.59 67.97 15.00
N VAL I 66 30.47 67.46 15.85
CA VAL I 66 31.57 68.23 16.42
C VAL I 66 32.84 67.42 16.31
N ASP I 67 33.95 68.10 16.00
CA ASP I 67 35.23 67.41 15.86
C ASP I 67 35.63 66.78 17.19
N THR I 68 36.06 65.52 17.13
CA THR I 68 36.40 64.78 18.34
C THR I 68 37.59 65.41 19.06
N GLY I 69 38.63 65.80 18.31
CA GLY I 69 39.83 66.34 18.93
C GLY I 69 39.60 67.69 19.58
N THR I 70 38.88 68.58 18.90
CA THR I 70 38.74 69.95 19.37
C THR I 70 37.57 70.15 20.32
N GLN I 71 36.73 69.14 20.51
CA GLN I 71 35.58 69.24 21.41
C GLN I 71 35.78 68.48 22.71
N PHE I 72 36.24 67.23 22.63
CA PHE I 72 36.39 66.39 23.81
C PHE I 72 37.83 66.35 24.29
N THR I 73 38.00 66.04 25.56
CA THR I 73 39.30 65.92 26.18
C THR I 73 39.77 64.48 26.15
N VAL I 74 40.85 64.18 26.86
CA VAL I 74 41.37 62.81 26.91
C VAL I 74 40.35 61.88 27.54
N PHE I 75 39.72 62.33 28.62
CA PHE I 75 38.65 61.54 29.22
C PHE I 75 37.47 61.39 28.28
N GLY I 76 37.11 62.46 27.58
CA GLY I 76 35.99 62.39 26.64
C GLY I 76 36.27 61.45 25.49
N GLN I 77 37.47 61.52 24.92
CA GLN I 77 37.83 60.61 23.84
C GLN I 77 37.89 59.16 24.33
N THR I 78 38.24 58.95 25.60
CA THR I 78 38.21 57.61 26.17
C THR I 78 36.78 57.08 26.22
N VAL I 79 35.81 57.95 26.56
CA VAL I 79 34.41 57.54 26.56
C VAL I 79 33.97 57.14 25.17
N ILE I 80 34.36 57.92 24.16
CA ILE I 80 34.05 57.57 22.78
C ILE I 80 34.70 56.24 22.41
N MET I 81 35.95 56.03 22.85
CA MET I 81 36.62 54.75 22.61
C MET I 81 35.87 53.61 23.28
N GLY I 82 35.35 53.83 24.48
CA GLY I 82 34.60 52.80 25.16
C GLY I 82 33.30 52.46 24.46
N LEU I 83 32.58 53.48 23.97
CA LEU I 83 31.32 53.23 23.28
C LEU I 83 31.54 52.47 21.97
N ILE I 84 32.60 52.80 21.24
CA ILE I 84 32.89 52.10 19.98
C ILE I 84 33.18 50.64 20.25
N GLN I 85 34.02 50.35 21.26
CA GLN I 85 34.34 48.97 21.58
C GLN I 85 33.11 48.21 22.09
N ILE I 86 32.32 48.84 22.95
CA ILE I 86 31.12 48.19 23.46
C ILE I 86 30.08 48.02 22.35
N GLY I 87 29.86 49.09 21.57
CA GLY I 87 28.88 49.02 20.50
C GLY I 87 29.29 48.05 19.40
N GLY I 88 30.56 48.11 18.99
CA GLY I 88 31.01 47.21 17.94
C GLY I 88 31.01 45.75 18.38
N LEU I 89 31.50 45.48 19.58
CA LEU I 89 31.52 44.11 20.08
C LEU I 89 30.15 43.64 20.53
N GLY I 90 29.33 44.54 21.07
CA GLY I 90 28.00 44.15 21.51
C GLY I 90 27.14 43.62 20.37
N PHE I 91 27.17 44.30 19.22
CA PHE I 91 26.43 43.80 18.07
C PHE I 91 27.10 42.60 17.44
N MET I 92 28.44 42.59 17.41
CA MET I 92 29.16 41.49 16.78
C MET I 92 28.89 40.17 17.49
N THR I 93 28.91 40.18 18.83
CA THR I 93 28.62 38.95 19.57
C THR I 93 27.18 38.49 19.34
N PHE I 94 26.23 39.41 19.36
CA PHE I 94 24.84 39.04 19.15
C PHE I 94 24.59 38.59 17.71
N ALA I 95 25.28 39.21 16.75
CA ALA I 95 25.13 38.80 15.35
C ALA I 95 25.60 37.37 15.15
N VAL I 96 26.72 36.99 15.79
CA VAL I 96 27.19 35.61 15.73
C VAL I 96 26.18 34.68 16.40
N LEU I 97 25.65 35.08 17.55
CA LEU I 97 24.67 34.26 18.25
C LEU I 97 23.40 34.08 17.43
N ILE I 98 22.94 35.15 16.78
CA ILE I 98 21.74 35.05 15.95
C ILE I 98 21.96 34.08 14.80
N VAL I 99 23.13 34.13 14.18
CA VAL I 99 23.43 33.27 13.04
C VAL I 99 23.42 31.80 13.47
N MET I 100 24.07 31.49 14.59
CA MET I 100 24.17 30.09 15.02
C MET I 100 22.84 29.59 15.58
N ILE I 101 22.06 30.44 16.24
CA ILE I 101 20.76 30.02 16.75
C ILE I 101 19.79 29.80 15.59
N LEU I 102 19.76 30.72 14.64
CA LEU I 102 18.87 30.61 13.49
C LEU I 102 19.57 29.89 12.33
N ILE I 127 28.49 33.31 28.74
CA ILE I 127 29.29 34.29 28.00
C ILE I 127 30.60 33.65 27.55
N GLY I 128 30.57 32.34 27.30
CA GLY I 128 31.77 31.66 26.84
C GLY I 128 32.23 32.13 25.47
N LEU I 129 31.28 32.32 24.55
CA LEU I 129 31.62 32.79 23.22
C LEU I 129 31.99 34.27 23.21
N VAL I 130 31.39 35.06 24.11
CA VAL I 130 31.68 36.49 24.15
C VAL I 130 33.14 36.72 24.52
N LYS I 131 33.65 35.96 25.50
CA LYS I 131 35.04 36.14 25.92
C LYS I 131 36.00 35.81 24.79
N VAL I 132 35.70 34.78 24.00
CA VAL I 132 36.56 34.42 22.89
C VAL I 132 36.64 35.55 21.87
N LEU I 133 35.48 36.13 21.52
CA LEU I 133 35.48 37.26 20.60
C LEU I 133 36.16 38.48 21.20
N PHE I 134 35.95 38.73 22.49
CA PHE I 134 36.60 39.86 23.13
C PHE I 134 38.12 39.72 23.13
N LEU I 135 38.61 38.52 23.43
CA LEU I 135 40.05 38.30 23.40
C LEU I 135 40.62 38.45 22.00
N PHE I 136 39.91 37.94 21.00
CA PHE I 136 40.36 38.08 19.61
C PHE I 136 40.36 39.54 19.18
N SER I 137 39.30 40.28 19.51
CA SER I 137 39.21 41.67 19.11
C SER I 137 40.29 42.51 19.78
N ILE I 138 40.53 42.29 21.07
CA ILE I 138 41.55 43.04 21.78
C ILE I 138 42.94 42.72 21.24
N SER I 139 43.20 41.43 20.97
CA SER I 139 44.53 41.03 20.53
C SER I 139 44.89 41.67 19.19
N ILE I 140 43.97 41.65 18.23
CA ILE I 140 44.27 42.20 16.90
C ILE I 140 44.36 43.72 16.96
N GLU I 141 43.54 44.35 17.81
CA GLU I 141 43.61 45.80 17.95
C GLU I 141 44.88 46.23 18.68
N LEU I 142 45.32 45.42 19.66
CA LEU I 142 46.52 45.77 20.42
C LEU I 142 47.77 45.72 19.55
N ILE I 143 47.91 44.66 18.75
CA ILE I 143 49.08 44.54 17.89
C ILE I 143 49.05 45.61 16.80
N ALA I 144 47.85 45.93 16.30
CA ALA I 144 47.74 47.00 15.31
C ALA I 144 48.14 48.35 15.90
N ALA I 145 47.77 48.60 17.15
CA ALA I 145 48.17 49.84 17.81
C ALA I 145 49.69 49.92 17.96
N LEU I 146 50.32 48.79 18.27
CA LEU I 146 51.78 48.76 18.38
C LEU I 146 52.44 49.09 17.05
N ILE I 147 51.90 48.54 15.96
CA ILE I 147 52.42 48.88 14.63
C ILE I 147 52.18 50.35 14.32
N LEU I 148 50.98 50.85 14.65
CA LEU I 148 50.68 52.26 14.45
C LEU I 148 51.52 53.14 15.36
N SER I 149 51.94 52.61 16.50
CA SER I 149 52.75 53.40 17.43
C SER I 149 54.12 53.71 16.85
N ILE I 150 54.63 52.84 15.99
CA ILE I 150 55.93 53.07 15.34
C ILE I 150 55.87 54.32 14.47
N ARG I 151 54.67 54.66 13.98
CA ARG I 151 54.48 55.80 13.09
C ARG I 151 53.97 57.04 13.79
N LEU I 152 53.15 56.90 14.83
CA LEU I 152 52.48 58.06 15.42
C LEU I 152 53.25 58.69 16.57
N VAL I 153 53.83 57.89 17.46
CA VAL I 153 54.53 58.43 18.62
C VAL I 153 55.80 59.20 18.25
N PRO I 154 56.50 58.90 17.12
CA PRO I 154 57.60 59.79 16.75
C PRO I 154 57.16 61.17 16.33
N GLN I 155 55.87 61.35 16.03
CA GLN I 155 55.35 62.62 15.55
C GLN I 155 54.54 63.38 16.61
N TYR I 156 53.72 62.67 17.37
CA TYR I 156 52.87 63.31 18.37
C TYR I 156 53.43 63.20 19.77
N GLY I 157 54.28 62.23 20.05
CA GLY I 157 54.85 62.05 21.37
C GLY I 157 54.47 60.71 21.97
N TRP I 158 55.08 60.42 23.12
CA TRP I 158 54.80 59.17 23.82
C TRP I 158 53.37 59.11 24.34
N SER I 159 52.89 60.20 24.93
CA SER I 159 51.54 60.22 25.49
C SER I 159 50.50 60.41 24.39
N SER I 160 50.73 61.39 23.50
CA SER I 160 49.77 61.66 22.44
C SER I 160 49.76 60.57 21.38
N GLY I 161 50.93 60.04 21.02
CA GLY I 161 51.00 59.06 19.96
C GLY I 161 50.49 57.69 20.31
N LEU I 162 50.54 57.32 21.59
CA LEU I 162 50.02 56.03 22.03
C LEU I 162 48.50 55.99 22.17
N PHE I 163 47.89 57.06 22.68
CA PHE I 163 46.44 57.14 22.72
C PHE I 163 45.83 57.24 21.33
N ALA I 164 46.45 58.00 20.43
CA ALA I 164 45.97 58.13 19.06
C ALA I 164 46.05 56.80 18.32
N SER I 165 47.16 56.07 18.49
CA SER I 165 47.29 54.78 17.83
C SER I 165 46.27 53.78 18.37
N LEU I 166 46.06 53.76 19.69
CA LEU I 166 45.07 52.87 20.26
C LEU I 166 43.66 53.26 19.84
N PHE I 167 43.37 54.57 19.80
CA PHE I 167 42.04 55.01 19.42
C PHE I 167 41.71 54.62 17.99
N HIS I 168 42.68 54.80 17.07
CA HIS I 168 42.43 54.45 15.67
C HIS I 168 42.39 52.94 15.47
N ALA I 169 43.17 52.18 16.26
CA ALA I 169 43.09 50.73 16.18
C ALA I 169 41.72 50.23 16.62
N ILE I 170 41.17 50.80 17.69
CA ILE I 170 39.83 50.43 18.13
C ILE I 170 38.79 50.88 17.11
N SER I 171 38.92 52.11 16.62
CA SER I 171 37.94 52.64 15.68
C SER I 171 37.93 51.87 14.36
N ALA I 172 39.12 51.54 13.85
CA ALA I 172 39.20 50.91 12.53
C ALA I 172 38.64 49.50 12.56
N PHE I 173 38.98 48.72 13.59
CA PHE I 173 38.55 47.33 13.62
C PHE I 173 37.03 47.22 13.74
N ASN I 174 36.40 48.13 14.47
CA ASN I 174 34.97 48.11 14.66
C ASN I 174 34.21 48.88 13.58
N ASN I 175 34.92 49.37 12.56
CA ASN I 175 34.32 50.13 11.47
C ASN I 175 33.60 51.37 12.00
N ALA I 176 34.38 52.26 12.60
CA ALA I 176 33.85 53.50 13.18
C ALA I 176 34.16 54.71 12.31
N GLY I 177 35.43 54.93 12.00
CA GLY I 177 35.83 56.09 11.25
C GLY I 177 36.14 57.32 12.08
N PHE I 178 35.97 57.24 13.39
CA PHE I 178 36.33 58.36 14.25
C PHE I 178 37.83 58.61 14.19
N SER I 179 38.20 59.89 14.16
CA SER I 179 39.59 60.29 14.15
C SER I 179 39.80 61.43 15.12
N LEU I 180 40.90 61.39 15.87
CA LEU I 180 41.21 62.48 16.79
C LEU I 180 41.64 63.73 16.04
N TRP I 181 42.32 63.58 14.92
CA TRP I 181 42.81 64.71 14.17
C TRP I 181 41.65 65.45 13.49
N PRO I 182 41.76 66.77 13.31
CA PRO I 182 40.66 67.51 12.67
C PRO I 182 40.34 67.04 11.27
N ASP I 183 41.35 66.62 10.51
CA ASP I 183 41.15 66.02 9.20
C ASP I 183 41.22 64.51 9.35
N ASN I 184 40.16 63.83 8.93
CA ASN I 184 40.07 62.39 9.09
C ASN I 184 41.02 61.68 8.15
N LEU I 185 42.24 61.39 8.61
CA LEU I 185 43.25 60.64 7.87
C LEU I 185 43.59 61.28 6.53
N MET I 186 43.26 62.55 6.33
CA MET I 186 43.57 63.20 5.06
C MET I 186 45.05 63.55 4.94
N SER I 187 45.77 63.64 6.05
CA SER I 187 47.20 63.92 6.03
C SER I 187 48.04 62.68 5.81
N TYR I 188 47.45 61.49 5.85
CA TYR I 188 48.15 60.23 5.67
C TYR I 188 47.66 59.50 4.42
N VAL I 189 47.39 60.26 3.36
CA VAL I 189 46.91 59.66 2.12
C VAL I 189 48.00 58.77 1.51
N GLY I 190 49.25 59.23 1.52
CA GLY I 190 50.35 58.50 0.95
C GLY I 190 51.22 57.74 1.93
N ASP I 191 50.78 57.57 3.18
CA ASP I 191 51.57 56.86 4.18
C ASP I 191 51.19 55.38 4.14
N PRO I 192 52.09 54.49 3.72
CA PRO I 192 51.73 53.07 3.67
C PRO I 192 51.40 52.46 5.02
N THR I 193 52.06 52.92 6.09
CA THR I 193 51.80 52.35 7.40
C THR I 193 50.37 52.64 7.86
N VAL I 194 49.90 53.86 7.67
CA VAL I 194 48.55 54.20 8.08
C VAL I 194 47.52 53.51 7.20
N ASN I 195 47.74 53.51 5.89
CA ASN I 195 46.75 52.95 4.97
C ASN I 195 46.62 51.43 5.14
N LEU I 196 47.75 50.72 5.19
CA LEU I 196 47.71 49.26 5.20
C LEU I 196 47.12 48.75 6.51
N VAL I 197 47.60 49.27 7.65
CA VAL I 197 47.16 48.75 8.94
C VAL I 197 45.68 49.04 9.17
N ILE I 198 45.26 50.26 8.89
CA ILE I 198 43.87 50.63 9.14
C ILE I 198 42.92 49.89 8.20
N THR I 199 43.30 49.77 6.93
CA THR I 199 42.46 49.03 5.98
C THR I 199 42.33 47.57 6.39
N PHE I 200 43.44 46.95 6.83
CA PHE I 200 43.38 45.57 7.28
C PHE I 200 42.43 45.40 8.46
N LEU I 201 42.25 46.44 9.26
CA LEU I 201 41.43 46.32 10.46
C LEU I 201 39.95 46.26 10.12
N PHE I 202 39.46 47.13 9.24
CA PHE I 202 38.05 47.11 8.90
C PHE I 202 37.73 46.20 7.72
N ILE I 203 38.73 45.56 7.12
CA ILE I 203 38.48 44.43 6.24
C ILE I 203 38.35 43.14 7.04
N THR I 204 39.27 42.92 7.98
CA THR I 204 39.16 41.76 8.86
C THR I 204 37.91 41.85 9.73
N GLY I 205 37.65 43.03 10.31
CA GLY I 205 36.45 43.22 11.10
C GLY I 205 35.19 43.43 10.29
N GLY I 206 35.33 43.68 8.99
CA GLY I 206 34.18 43.84 8.12
C GLY I 206 33.56 42.52 7.72
N ILE I 207 34.39 41.59 7.25
CA ILE I 207 33.90 40.25 6.95
C ILE I 207 33.48 39.58 8.24
N GLY I 208 32.53 38.64 8.14
CA GLY I 208 31.98 38.02 9.32
C GLY I 208 33.01 37.19 10.07
N PHE I 209 32.77 37.05 11.38
CA PHE I 209 33.63 36.21 12.20
C PHE I 209 33.53 34.75 11.82
N THR I 210 32.42 34.33 11.21
CA THR I 210 32.34 32.98 10.67
C THR I 210 33.35 32.79 9.54
N VAL I 211 33.52 33.82 8.70
CA VAL I 211 34.52 33.74 7.63
C VAL I 211 35.92 33.60 8.22
N LEU I 212 36.23 34.37 9.26
CA LEU I 212 37.54 34.28 9.89
C LEU I 212 37.76 32.91 10.49
N PHE I 213 36.75 32.37 11.18
CA PHE I 213 36.88 31.05 11.77
C PHE I 213 37.04 29.98 10.70
N ASP I 214 36.26 30.07 9.63
CA ASP I 214 36.31 29.04 8.59
C ASP I 214 37.64 29.03 7.86
N VAL I 215 38.22 30.22 7.64
CA VAL I 215 39.50 30.29 6.93
C VAL I 215 40.61 29.63 7.73
N MET I 216 40.68 29.92 9.03
CA MET I 216 41.75 29.37 9.85
C MET I 216 41.52 27.90 10.19
N LYS I 217 40.25 27.46 10.24
CA LYS I 217 39.96 26.08 10.55
C LYS I 217 40.23 25.15 9.36
N ASN I 218 39.97 25.64 8.14
CA ASN I 218 40.08 24.81 6.95
C ASN I 218 41.33 25.08 6.14
N ARG I 219 41.64 26.36 5.88
CA ARG I 219 42.83 26.79 5.16
C ARG I 219 42.88 26.31 3.71
N ARG I 220 41.80 25.73 3.21
CA ARG I 220 41.71 25.30 1.81
C ARG I 220 40.44 25.88 1.22
N PHE I 221 40.58 26.57 0.08
CA PHE I 221 39.41 27.22 -0.52
C PHE I 221 38.37 26.22 -0.99
N LYS I 222 38.80 25.01 -1.35
CA LYS I 222 37.86 23.98 -1.76
C LYS I 222 36.96 23.52 -0.62
N THR I 223 37.42 23.63 0.62
CA THR I 223 36.69 23.16 1.79
C THR I 223 35.94 24.27 2.50
N PHE I 224 36.00 25.50 2.00
CA PHE I 224 35.28 26.60 2.64
C PHE I 224 33.77 26.45 2.42
N SER I 225 33.00 27.04 3.33
CA SER I 225 31.57 27.04 3.19
C SER I 225 31.15 27.95 2.03
N LEU I 226 29.89 27.82 1.63
CA LEU I 226 29.36 28.67 0.56
C LEU I 226 29.38 30.13 0.97
N HIS I 227 29.00 30.43 2.20
CA HIS I 227 29.02 31.82 2.68
C HIS I 227 30.43 32.37 2.70
N THR I 228 31.39 31.57 3.17
CA THR I 228 32.77 32.01 3.22
C THR I 228 33.31 32.30 1.83
N LYS I 229 32.99 31.43 0.87
CA LYS I 229 33.44 31.65 -0.50
C LYS I 229 32.77 32.85 -1.14
N LEU I 230 31.55 33.19 -0.73
CA LEU I 230 30.90 34.39 -1.25
C LEU I 230 31.58 35.65 -0.75
N MET I 231 31.95 35.68 0.54
CA MET I 231 32.57 36.88 1.10
C MET I 231 33.98 37.09 0.55
N LEU I 232 34.78 36.02 0.53
CA LEU I 232 36.17 36.16 0.06
C LEU I 232 36.21 36.54 -1.41
N THR I 233 35.39 35.90 -2.24
CA THR I 233 35.38 36.23 -3.66
C THR I 233 34.67 37.54 -3.91
N GLY I 234 33.56 37.79 -3.21
CA GLY I 234 32.82 39.02 -3.42
C GLY I 234 33.59 40.26 -3.03
N THR I 235 34.31 40.20 -1.90
CA THR I 235 35.08 41.36 -1.45
C THR I 235 36.18 41.72 -2.43
N LEU I 236 36.90 40.72 -2.96
CA LEU I 236 37.95 41.01 -3.92
C LEU I 236 37.39 41.61 -5.19
N MET I 237 36.27 41.07 -5.69
CA MET I 237 35.67 41.61 -6.91
C MET I 237 35.08 43.00 -6.67
N LEU I 238 34.38 43.19 -5.56
CA LEU I 238 33.73 44.47 -5.30
C LEU I 238 34.75 45.57 -5.05
N ASN I 239 35.82 45.27 -4.32
CA ASN I 239 36.86 46.27 -4.07
C ASN I 239 37.59 46.64 -5.35
N ALA I 240 37.87 45.64 -6.20
CA ALA I 240 38.58 45.91 -7.45
C ALA I 240 37.76 46.80 -8.37
N ILE I 241 36.45 46.53 -8.48
CA ILE I 241 35.58 47.38 -9.28
C ILE I 241 35.51 48.78 -8.69
N ALA I 242 35.36 48.87 -7.37
CA ALA I 242 35.28 50.17 -6.71
C ALA I 242 36.58 50.96 -6.88
N MET I 243 37.72 50.29 -6.72
CA MET I 243 39.00 50.98 -6.88
C MET I 243 39.19 51.49 -8.30
N LEU I 244 38.79 50.69 -9.29
CA LEU I 244 38.87 51.13 -10.68
C LEU I 244 37.95 52.32 -10.93
N THR I 245 36.74 52.29 -10.37
CA THR I 245 35.78 53.38 -10.58
C THR I 245 36.27 54.68 -9.97
N VAL I 246 36.76 54.62 -8.73
CA VAL I 246 37.23 55.83 -8.06
C VAL I 246 38.45 56.40 -8.76
N PHE I 247 39.38 55.54 -9.18
CA PHE I 247 40.61 56.00 -9.82
C PHE I 247 40.31 56.67 -11.16
N ILE I 248 39.41 56.09 -11.96
CA ILE I 248 39.13 56.63 -13.29
C ILE I 248 38.37 57.95 -13.17
N LEU I 249 37.35 57.99 -12.32
CA LEU I 249 36.49 59.17 -12.27
C LEU I 249 37.18 60.36 -11.62
N GLU I 250 38.00 60.11 -10.60
CA GLU I 250 38.63 61.18 -9.83
C GLU I 250 40.03 61.50 -10.30
N TYR I 251 40.50 60.88 -11.39
CA TYR I 251 41.88 61.09 -11.82
C TYR I 251 42.12 62.55 -12.22
N SER I 252 41.18 63.14 -12.94
CA SER I 252 41.33 64.51 -13.42
C SER I 252 40.72 65.55 -12.49
N ASN I 253 40.18 65.13 -11.34
CA ASN I 253 39.56 66.08 -10.42
C ASN I 253 40.64 66.86 -9.69
N PRO I 254 40.68 68.19 -9.83
CA PRO I 254 41.68 68.96 -9.08
C PRO I 254 41.52 68.88 -7.57
N GLY I 255 40.28 68.79 -7.08
CA GLY I 255 40.07 68.77 -5.64
C GLY I 255 40.62 67.53 -4.97
N THR I 256 40.36 66.36 -5.56
CA THR I 256 40.79 65.09 -4.99
C THR I 256 41.43 64.24 -6.07
N LEU I 257 42.51 63.55 -5.72
CA LEU I 257 43.25 62.60 -6.56
C LEU I 257 43.93 63.28 -7.74
N GLY I 258 43.87 64.60 -7.87
CA GLY I 258 44.48 65.28 -9.00
C GLY I 258 45.87 65.81 -8.71
N HIS I 259 46.02 66.55 -7.61
CA HIS I 259 47.32 67.11 -7.23
C HIS I 259 48.07 66.15 -6.31
N LEU I 260 48.21 64.90 -6.75
CA LEU I 260 48.90 63.88 -5.98
C LEU I 260 49.82 63.10 -6.90
N HIS I 261 50.85 62.50 -6.31
CA HIS I 261 51.76 61.66 -7.07
C HIS I 261 51.04 60.38 -7.51
N ILE I 262 51.59 59.74 -8.54
CA ILE I 262 50.95 58.55 -9.10
C ILE I 262 50.84 57.45 -8.04
N VAL I 263 51.86 57.32 -7.19
CA VAL I 263 51.80 56.34 -6.12
C VAL I 263 50.73 56.74 -5.10
N ASP I 264 50.61 58.04 -4.80
CA ASP I 264 49.60 58.50 -3.87
C ASP I 264 48.20 58.36 -4.44
N LYS I 265 48.05 58.45 -5.77
CA LYS I 265 46.75 58.24 -6.38
C LYS I 265 46.26 56.81 -6.14
N LEU I 266 47.16 55.84 -6.24
CA LEU I 266 46.77 54.45 -6.00
C LEU I 266 46.32 54.24 -4.56
N TRP I 267 47.03 54.83 -3.60
CA TRP I 267 46.66 54.69 -2.20
C TRP I 267 45.28 55.30 -1.93
N ALA I 268 45.06 56.52 -2.41
CA ALA I 268 43.80 57.19 -2.17
C ALA I 268 42.64 56.47 -2.84
N SER I 269 42.85 56.01 -4.07
CA SER I 269 41.81 55.23 -4.75
C SER I 269 41.55 53.92 -4.03
N TYR I 270 42.60 53.25 -3.57
CA TYR I 270 42.44 52.01 -2.83
C TYR I 270 41.71 52.24 -1.51
N PHE I 271 42.06 53.33 -0.81
CA PHE I 271 41.44 53.59 0.49
C PHE I 271 39.98 53.99 0.33
N GLN I 272 39.68 54.85 -0.64
CA GLN I 272 38.32 55.32 -0.85
C GLN I 272 37.39 54.26 -1.44
N ALA I 273 37.93 53.13 -1.87
CA ALA I 273 37.10 52.04 -2.37
C ALA I 273 36.70 51.06 -1.29
N VAL I 274 37.52 50.90 -0.25
CA VAL I 274 37.24 49.94 0.81
C VAL I 274 36.62 50.60 2.04
N THR I 275 36.79 51.91 2.22
CA THR I 275 36.22 52.61 3.36
C THR I 275 34.69 52.79 3.32
N PRO I 276 34.02 52.85 2.15
CA PRO I 276 32.56 53.03 2.18
C PRO I 276 31.81 51.88 2.82
N ARG I 277 32.45 50.72 2.92
CA ARG I 277 31.77 49.56 3.50
C ARG I 277 32.68 48.86 4.51
N THR I 278 32.55 49.24 5.77
CA THR I 278 31.63 50.27 6.23
C THR I 278 32.33 51.26 7.16
N ALA I 279 33.65 51.30 7.11
CA ALA I 279 34.42 52.04 8.12
C ALA I 279 34.14 53.54 8.04
N GLY I 280 34.11 54.10 6.83
CA GLY I 280 33.89 55.51 6.70
C GLY I 280 35.07 56.40 7.02
N PHE I 281 36.28 55.86 7.00
CA PHE I 281 37.47 56.70 7.09
C PHE I 281 37.63 57.51 5.81
N ASN I 282 38.36 58.62 5.92
CA ASN I 282 38.57 59.52 4.80
C ASN I 282 40.05 59.59 4.44
N SER I 283 40.30 59.81 3.15
CA SER I 283 41.60 60.29 2.69
C SER I 283 41.47 61.39 1.67
N LEU I 284 40.27 61.60 1.11
CA LEU I 284 39.98 62.69 0.20
C LEU I 284 38.67 63.33 0.62
N ASP I 285 38.46 64.57 0.21
CA ASP I 285 37.25 65.30 0.55
C ASP I 285 36.11 64.83 -0.36
N PHE I 286 35.11 64.16 0.24
CA PHE I 286 33.98 63.67 -0.54
C PHE I 286 33.11 64.80 -1.09
N GLY I 287 33.16 65.99 -0.47
CA GLY I 287 32.39 67.10 -0.97
C GLY I 287 32.89 67.68 -2.27
N SER I 288 34.16 67.45 -2.59
CA SER I 288 34.77 67.94 -3.82
C SER I 288 34.89 66.88 -4.89
N MET I 289 34.36 65.68 -4.64
CA MET I 289 34.42 64.62 -5.64
C MET I 289 33.38 64.84 -6.73
N ARG I 290 33.53 64.08 -7.82
CA ARG I 290 32.55 64.10 -8.89
C ARG I 290 31.24 63.48 -8.41
N GLU I 291 30.14 63.91 -9.03
CA GLU I 291 28.84 63.34 -8.70
C GLU I 291 28.76 61.86 -9.06
N GLY I 292 29.43 61.45 -10.14
CA GLY I 292 29.42 60.05 -10.51
C GLY I 292 30.06 59.16 -9.47
N THR I 293 31.15 59.63 -8.86
CA THR I 293 31.78 58.87 -7.79
C THR I 293 30.86 58.78 -6.57
N ILE I 294 30.14 59.85 -6.26
CA ILE I 294 29.22 59.84 -5.13
C ILE I 294 28.07 58.87 -5.38
N VAL I 295 27.54 58.86 -6.62
CA VAL I 295 26.44 57.95 -6.95
C VAL I 295 26.88 56.50 -6.79
N PHE I 296 28.08 56.18 -7.27
CA PHE I 296 28.59 54.83 -7.12
C PHE I 296 28.85 54.50 -5.64
N THR I 297 29.26 55.50 -4.85
CA THR I 297 29.46 55.28 -3.43
C THR I 297 28.15 55.00 -2.71
N LEU I 298 27.03 55.55 -3.22
CA LEU I 298 25.74 55.27 -2.61
C LEU I 298 25.43 53.79 -2.63
N LEU I 299 25.63 53.13 -3.77
CA LEU I 299 25.44 51.70 -3.86
C LEU I 299 26.52 50.96 -3.05
N LEU I 300 27.74 51.50 -3.04
CA LEU I 300 28.84 50.85 -2.35
C LEU I 300 28.57 50.76 -0.84
N MET I 301 28.05 51.83 -0.26
CA MET I 301 27.76 51.84 1.17
C MET I 301 26.33 51.43 1.49
N PHE I 302 25.48 50.96 0.60
CA PHE I 302 24.17 50.38 0.91
C PHE I 302 24.28 48.86 1.06
N ILE I 303 25.26 48.22 0.43
CA ILE I 303 25.52 46.80 0.47
C ILE I 303 26.44 46.34 1.57
N GLY I 304 27.11 47.24 2.25
CA GLY I 304 27.95 46.88 3.35
C GLY I 304 28.88 45.75 3.21
N ALA I 305 29.11 45.04 4.29
CA ALA I 305 30.08 43.98 4.26
C ALA I 305 29.55 42.69 4.77
N GLY I 306 30.30 42.04 5.62
CA GLY I 306 29.90 40.80 6.19
C GLY I 306 28.79 40.74 7.14
N SER I 307 28.22 39.57 7.31
CA SER I 307 27.01 39.47 8.06
C SER I 307 27.15 39.55 9.54
N ALA I 308 27.77 38.57 10.11
CA ALA I 308 28.03 38.58 11.55
C ALA I 308 29.36 39.27 11.80
N SER I 309 29.34 40.59 11.79
CA SER I 309 30.55 41.38 11.98
C SER I 309 30.16 42.77 12.44
N THR I 310 31.12 43.70 12.41
CA THR I 310 30.90 45.07 12.84
C THR I 310 30.27 45.94 11.76
N ALA I 311 30.14 45.44 10.54
CA ALA I 311 29.55 46.21 9.45
C ALA I 311 28.03 46.18 9.54
N SER I 312 27.38 47.07 8.78
CA SER I 312 25.93 47.14 8.76
C SER I 312 25.41 47.31 7.34
N GLY I 313 24.15 47.46 7.01
CA GLY I 313 23.79 47.56 5.61
C GLY I 313 23.49 46.22 5.01
N ILE I 314 22.61 46.13 4.03
CA ILE I 314 22.24 44.87 3.45
C ILE I 314 23.60 44.30 3.27
N LYS I 315 23.82 43.04 3.55
CA LYS I 315 25.16 42.59 3.50
C LYS I 315 25.56 42.27 2.10
N LEU I 316 26.78 41.80 1.90
CA LEU I 316 27.25 41.51 0.61
C LEU I 316 26.60 40.30 0.08
N THR I 317 26.49 39.26 0.87
CA THR I 317 25.82 38.03 0.41
C THR I 317 24.40 38.32 -0.07
N THR I 318 23.69 39.22 0.63
CA THR I 318 22.34 39.57 0.21
C THR I 318 22.32 40.16 -1.19
N PHE I 319 23.28 41.04 -1.48
CA PHE I 319 23.37 41.62 -2.81
C PHE I 319 23.71 40.56 -3.85
N ILE I 320 24.61 39.65 -3.52
CA ILE I 320 24.99 38.58 -4.46
C ILE I 320 23.82 37.62 -4.67
N VAL I 321 23.12 37.26 -3.61
CA VAL I 321 22.00 36.34 -3.72
C VAL I 321 20.92 36.92 -4.62
N ILE I 322 20.58 38.20 -4.41
CA ILE I 322 19.58 38.85 -5.23
C ILE I 322 20.04 38.95 -6.67
N LEU I 323 21.29 39.37 -6.87
CA LEU I 323 21.79 39.57 -8.23
C LEU I 323 21.82 38.25 -9.01
N THR I 324 22.30 37.17 -8.37
CA THR I 324 22.35 35.89 -9.04
C THR I 324 20.96 35.29 -9.23
N SER I 325 20.05 35.52 -8.28
CA SER I 325 18.69 34.99 -8.42
C SER I 325 17.98 35.65 -9.60
N VAL I 326 18.16 36.95 -9.79
CA VAL I 326 17.52 37.64 -10.91
C VAL I 326 18.12 37.18 -12.23
N ILE I 327 19.44 37.04 -12.30
CA ILE I 327 20.10 36.61 -13.52
C ILE I 327 19.64 35.21 -13.90
N ALA I 328 19.50 34.33 -12.90
CA ALA I 328 19.01 32.98 -13.17
C ALA I 328 17.60 33.02 -13.73
N TYR I 329 16.73 33.88 -13.19
CA TYR I 329 15.38 34.03 -13.70
C TYR I 329 15.39 34.54 -15.14
N LEU I 330 16.26 35.50 -15.43
CA LEU I 330 16.34 36.03 -16.79
C LEU I 330 16.86 34.99 -17.77
N ARG I 331 17.79 34.15 -17.34
CA ARG I 331 18.34 33.09 -18.18
C ARG I 331 17.45 31.85 -18.22
N GLY I 332 16.35 31.85 -17.48
CA GLY I 332 15.44 30.72 -17.46
C GLY I 332 15.79 29.61 -16.51
N LYS I 333 16.84 29.77 -15.70
CA LYS I 333 17.23 28.73 -14.77
C LYS I 333 16.15 28.53 -13.71
N LYS I 334 15.86 27.26 -13.41
CA LYS I 334 14.83 26.95 -12.43
C LYS I 334 15.30 27.18 -11.00
N GLU I 335 16.62 27.29 -10.78
CA GLU I 335 17.16 27.50 -9.45
C GLU I 335 18.39 28.38 -9.54
N THR I 336 18.73 29.00 -8.42
CA THR I 336 19.92 29.84 -8.33
C THR I 336 21.10 28.98 -7.90
N VAL I 337 22.12 28.90 -8.75
CA VAL I 337 23.30 28.07 -8.52
C VAL I 337 24.53 28.95 -8.53
N ILE I 338 25.32 28.89 -7.48
CA ILE I 338 26.58 29.61 -7.40
C ILE I 338 27.56 28.80 -6.56
N PHE I 339 28.81 28.74 -7.00
CA PHE I 339 29.85 27.95 -6.34
C PHE I 339 29.43 26.50 -6.17
N ARG I 340 28.84 25.94 -7.23
CA ARG I 340 28.45 24.53 -7.29
C ARG I 340 27.44 24.16 -6.20
N ARG I 341 26.66 25.11 -5.73
CA ARG I 341 25.66 24.89 -4.69
C ARG I 341 24.31 25.43 -5.16
N SER I 342 23.32 25.32 -4.27
CA SER I 342 21.97 25.78 -4.56
C SER I 342 21.46 26.63 -3.40
N ILE I 343 20.63 27.61 -3.74
CA ILE I 343 20.07 28.55 -2.77
C ILE I 343 18.55 28.37 -2.75
N LYS I 344 18.01 28.10 -1.56
CA LYS I 344 16.60 27.80 -1.42
C LYS I 344 15.76 29.08 -1.43
N TYR I 345 14.47 28.91 -1.71
CA TYR I 345 13.55 30.04 -1.78
C TYR I 345 13.49 30.86 -0.48
N PRO I 346 13.44 30.26 0.72
CA PRO I 346 13.45 31.10 1.93
C PRO I 346 14.64 32.03 2.02
N ILE I 347 15.81 31.62 1.53
CA ILE I 347 16.95 32.52 1.49
C ILE I 347 16.72 33.63 0.46
N ILE I 348 16.11 33.28 -0.68
CA ILE I 348 15.89 34.27 -1.74
C ILE I 348 14.92 35.35 -1.28
N ILE I 349 13.80 34.94 -0.67
CA ILE I 349 12.80 35.92 -0.26
C ILE I 349 13.30 36.77 0.89
N LYS I 350 14.05 36.17 1.82
CA LYS I 350 14.61 36.94 2.93
C LYS I 350 15.60 37.98 2.44
N ALA I 351 16.42 37.62 1.45
CA ALA I 351 17.34 38.58 0.86
C ALA I 351 16.58 39.70 0.17
N LEU I 352 15.51 39.35 -0.56
CA LEU I 352 14.73 40.38 -1.24
C LEU I 352 13.88 41.18 -0.27
N ALA I 353 13.46 40.57 0.85
CA ALA I 353 12.65 41.30 1.82
C ALA I 353 13.45 42.37 2.55
N VAL I 354 14.68 42.03 2.96
CA VAL I 354 15.51 43.00 3.67
C VAL I 354 15.94 44.13 2.74
N SER I 355 16.13 43.84 1.46
CA SER I 355 16.56 44.87 0.52
C SER I 355 15.47 45.92 0.31
N VAL I 356 14.24 45.48 0.07
CA VAL I 356 13.15 46.43 -0.18
C VAL I 356 12.80 47.17 1.10
N THR I 357 12.86 46.49 2.25
CA THR I 357 12.61 47.17 3.51
C THR I 357 13.67 48.23 3.80
N SER I 358 14.93 47.93 3.49
CA SER I 358 16.01 48.90 3.70
C SER I 358 15.82 50.11 2.79
N LEU I 359 15.45 49.90 1.54
CA LEU I 359 15.23 51.02 0.62
C LEU I 359 14.05 51.88 1.08
N PHE I 360 13.00 51.25 1.59
CA PHE I 360 11.84 52.01 2.07
C PHE I 360 12.22 52.89 3.26
N ILE I 361 13.05 52.38 4.16
CA ILE I 361 13.51 53.18 5.29
C ILE I 361 14.39 54.33 4.81
N VAL I 362 15.29 54.05 3.86
CA VAL I 362 16.12 55.11 3.30
C VAL I 362 15.27 56.15 2.59
N PHE I 363 14.25 55.70 1.85
CA PHE I 363 13.36 56.62 1.17
C PHE I 363 12.63 57.53 2.16
N LEU I 364 12.18 56.95 3.28
CA LEU I 364 11.53 57.75 4.31
C LEU I 364 12.50 58.76 4.92
N GLY I 365 13.76 58.36 5.12
CA GLY I 365 14.74 59.27 5.67
C GLY I 365 15.03 60.44 4.74
N ILE I 366 15.18 60.17 3.44
CA ILE I 366 15.39 61.24 2.47
C ILE I 366 14.17 62.15 2.41
N PHE I 367 12.98 61.56 2.42
CA PHE I 367 11.75 62.34 2.40
C PHE I 367 11.64 63.23 3.64
N ALA I 368 11.99 62.68 4.80
CA ALA I 368 11.91 63.45 6.04
C ALA I 368 12.95 64.57 6.07
N LEU I 369 14.16 64.29 5.59
CA LEU I 369 15.22 65.29 5.64
C LEU I 369 14.99 66.43 4.65
N THR I 370 14.41 66.13 3.48
CA THR I 370 14.14 67.19 2.51
C THR I 370 13.15 68.20 3.06
N ILE I 371 12.11 67.72 3.75
CA ILE I 371 11.15 68.63 4.36
C ILE I 371 11.80 69.42 5.50
N THR I 372 12.62 68.76 6.31
CA THR I 372 13.21 69.40 7.47
C THR I 372 14.43 70.25 7.09
N GLU I 373 15.42 69.65 6.46
CA GLU I 373 16.66 70.33 6.15
C GLU I 373 16.57 71.01 4.79
N GLN I 374 17.02 72.27 4.74
CA GLN I 374 17.12 73.01 3.48
C GLN I 374 18.55 72.88 2.98
N ALA I 375 18.83 71.72 2.38
CA ALA I 375 20.16 71.35 1.94
C ALA I 375 20.08 70.81 0.53
N PRO I 376 21.19 70.81 -0.21
CA PRO I 376 21.18 70.21 -1.55
C PRO I 376 20.83 68.74 -1.48
N PHE I 377 20.13 68.28 -2.52
CA PHE I 377 19.55 66.93 -2.50
C PHE I 377 20.62 65.86 -2.46
N LEU I 378 21.73 66.06 -3.18
CA LEU I 378 22.76 65.04 -3.23
C LEU I 378 23.37 64.79 -1.86
N GLN I 379 23.59 65.86 -1.09
CA GLN I 379 24.10 65.71 0.27
C GLN I 379 23.11 64.97 1.16
N ILE I 380 21.82 65.26 1.01
CA ILE I 380 20.80 64.59 1.81
C ILE I 380 20.77 63.10 1.52
N VAL I 381 20.82 62.74 0.23
CA VAL I 381 20.82 61.31 -0.13
C VAL I 381 22.09 60.64 0.38
N PHE I 382 23.23 61.30 0.23
CA PHE I 382 24.49 60.72 0.71
C PHE I 382 24.47 60.55 2.23
N GLU I 383 23.90 61.52 2.94
CA GLU I 383 23.83 61.45 4.39
C GLU I 383 22.93 60.29 4.84
N THR I 384 21.81 60.08 4.16
CA THR I 384 20.86 59.06 4.58
C THR I 384 21.42 57.65 4.36
N PHE I 385 22.03 57.42 3.19
CA PHE I 385 22.64 56.12 2.93
C PHE I 385 23.78 55.85 3.90
N SER I 386 24.60 56.87 4.17
CA SER I 386 25.69 56.71 5.12
C SER I 386 25.18 56.44 6.52
N ALA I 387 24.14 57.15 6.96
CA ALA I 387 23.59 56.93 8.28
C ALA I 387 22.95 55.56 8.40
N PHE I 388 22.19 55.14 7.38
CA PHE I 388 21.54 53.84 7.44
C PHE I 388 22.56 52.71 7.38
N GLY I 389 23.58 52.84 6.54
CA GLY I 389 24.62 51.85 6.49
C GLY I 389 25.66 51.96 7.56
N THR I 390 25.52 52.93 8.45
CA THR I 390 26.47 53.19 9.54
C THR I 390 27.89 53.32 9.00
N VAL I 391 28.03 54.12 7.94
CA VAL I 391 29.32 54.38 7.34
C VAL I 391 29.95 55.65 7.87
N GLY I 392 29.19 56.73 7.97
CA GLY I 392 29.69 57.96 8.52
C GLY I 392 30.29 58.93 7.53
N LEU I 393 30.40 58.56 6.26
CA LEU I 393 30.87 59.48 5.25
C LEU I 393 29.85 60.59 5.04
N THR I 394 30.34 61.82 4.84
CA THR I 394 29.46 62.95 4.67
C THR I 394 30.14 63.98 3.79
N MET I 395 29.32 64.87 3.22
CA MET I 395 29.81 65.99 2.40
C MET I 395 29.23 67.28 2.98
N GLY I 396 29.89 67.81 4.01
CA GLY I 396 29.54 69.12 4.53
C GLY I 396 28.08 69.26 4.94
N LEU I 397 27.51 68.25 5.57
CA LEU I 397 26.11 68.29 5.95
C LEU I 397 25.87 67.98 7.41
N THR I 398 26.64 67.06 8.00
CA THR I 398 26.42 66.68 9.39
C THR I 398 26.56 67.86 10.35
N PRO I 399 27.59 68.71 10.26
CA PRO I 399 27.64 69.86 11.19
C PRO I 399 26.47 70.82 11.04
N GLU I 400 25.94 70.99 9.83
CA GLU I 400 24.93 72.00 9.57
C GLU I 400 23.50 71.48 9.69
N LEU I 401 23.32 70.24 10.13
CA LEU I 401 21.98 69.71 10.36
C LEU I 401 21.29 70.47 11.48
N THR I 402 19.97 70.62 11.36
CA THR I 402 19.19 71.27 12.39
C THR I 402 18.89 70.29 13.53
N THR I 403 18.20 70.78 14.55
CA THR I 403 17.86 69.93 15.69
C THR I 403 16.96 68.78 15.26
N ALA I 404 15.95 69.06 14.43
CA ALA I 404 15.08 68.00 13.94
C ALA I 404 15.81 67.08 12.98
N GLY I 405 16.72 67.63 12.18
CA GLY I 405 17.47 66.80 11.26
C GLY I 405 18.38 65.81 11.97
N LYS I 406 19.01 66.23 13.06
CA LYS I 406 19.86 65.32 13.83
C LYS I 406 19.05 64.17 14.41
N CYS I 407 17.83 64.46 14.89
CA CYS I 407 16.99 63.42 15.47
C CYS I 407 16.64 62.35 14.45
N ILE I 408 16.36 62.76 13.21
CA ILE I 408 16.06 61.79 12.16
C ILE I 408 17.26 60.90 11.89
N ILE I 409 18.46 61.49 11.84
CA ILE I 409 19.66 60.70 11.57
C ILE I 409 19.89 59.68 12.68
N ILE I 410 19.64 60.06 13.93
CA ILE I 410 19.83 59.14 15.04
C ILE I 410 18.92 57.92 14.90
N VAL I 411 17.66 58.16 14.52
CA VAL I 411 16.74 57.05 14.27
C VAL I 411 17.22 56.20 13.11
N ILE I 412 17.68 56.84 12.04
CA ILE I 412 18.17 56.10 10.87
C ILE I 412 19.40 55.29 11.23
N MET I 413 20.32 55.87 12.00
CA MET I 413 21.50 55.13 12.43
C MET I 413 21.12 53.96 13.31
N PHE I 414 20.18 54.16 14.23
CA PHE I 414 19.79 53.08 15.14
C PHE I 414 19.10 51.94 14.39
N ILE I 415 18.17 52.29 13.49
CA ILE I 415 17.47 51.25 12.73
C ILE I 415 18.42 50.50 11.81
N GLY I 416 19.32 51.21 11.15
CA GLY I 416 20.26 50.55 10.25
C GLY I 416 21.21 49.62 10.99
N ARG I 417 21.68 50.04 12.17
CA ARG I 417 22.57 49.19 12.95
C ARG I 417 21.86 47.92 13.43
N ILE I 418 20.65 48.08 13.97
CA ILE I 418 19.89 46.93 14.45
C ILE I 418 19.51 46.02 13.28
N GLY I 419 19.03 46.62 12.19
CA GLY I 419 18.55 45.86 11.07
C GLY I 419 17.05 45.98 10.94
N PRO I 420 16.56 46.22 9.73
CA PRO I 420 15.10 46.38 9.55
C PRO I 420 14.30 45.17 9.97
N LEU I 421 14.80 43.96 9.73
CA LEU I 421 14.07 42.76 10.12
C LEU I 421 14.12 42.53 11.62
N THR I 422 15.31 42.72 12.22
CA THR I 422 15.45 42.51 13.65
C THR I 422 14.66 43.54 14.46
N PHE I 423 14.69 44.80 14.03
CA PHE I 423 14.02 45.86 14.77
C PHE I 423 12.51 45.68 14.79
N VAL I 424 11.93 45.28 13.65
CA VAL I 424 10.47 45.14 13.56
C VAL I 424 10.00 44.02 14.49
N PHE I 425 10.71 42.88 14.50
CA PHE I 425 10.29 41.76 15.32
C PHE I 425 10.22 42.12 16.80
N SER I 426 11.02 43.10 17.24
CA SER I 426 11.02 43.48 18.65
C SER I 426 9.69 44.12 19.05
N PHE I 427 9.13 44.97 18.20
CA PHE I 427 7.93 45.73 18.53
C PHE I 427 6.80 45.45 17.55
N ALA I 428 6.58 44.18 17.23
CA ALA I 428 5.47 43.77 16.37
C ALA I 428 4.77 42.57 16.99
N LYS I 429 3.45 42.61 17.00
CA LYS I 429 2.68 41.46 17.49
C LYS I 429 2.86 40.28 16.57
N THR I 430 3.07 39.10 17.16
CA THR I 430 3.35 37.88 16.42
C THR I 430 2.21 36.89 16.62
N GLU I 431 1.67 36.39 15.51
CA GLU I 431 0.63 35.37 15.56
C GLU I 431 0.84 34.46 14.35
N GLN I 432 1.25 33.22 14.61
CA GLN I 432 1.52 32.28 13.52
C GLN I 432 0.21 31.79 12.93
N SER I 433 0.00 32.09 11.64
CA SER I 433 -1.23 31.68 10.98
C SER I 433 -1.24 30.18 10.73
N ASN I 434 -2.45 29.60 10.72
CA ASN I 434 -2.63 28.18 10.50
C ASN I 434 -3.76 27.91 9.50
N ILE I 435 -4.09 28.88 8.66
CA ILE I 435 -5.17 28.76 7.69
C ILE I 435 -4.64 29.13 6.31
N ARG I 436 -4.85 28.24 5.34
CA ARG I 436 -4.49 28.54 3.97
C ARG I 436 -5.70 29.07 3.21
N TYR I 437 -5.42 29.75 2.10
CA TYR I 437 -6.44 30.39 1.29
C TYR I 437 -6.29 30.00 -0.17
N PRO I 438 -7.36 30.07 -0.95
CA PRO I 438 -7.26 29.73 -2.38
C PRO I 438 -6.33 30.69 -3.11
N ASP I 439 -5.66 30.15 -4.12
CA ASP I 439 -4.70 30.94 -4.88
C ASP I 439 -5.40 32.01 -5.69
N GLY I 440 -4.73 33.15 -5.83
CA GLY I 440 -5.23 34.25 -6.64
C GLY I 440 -4.21 34.66 -7.68
N GLU I 441 -4.72 35.08 -8.84
CA GLU I 441 -3.89 35.48 -9.96
C GLU I 441 -3.71 37.00 -9.94
N VAL I 442 -2.44 37.43 -9.87
CA VAL I 442 -2.10 38.85 -9.87
C VAL I 442 -1.08 39.07 -10.98
N PHE I 443 -1.33 40.08 -11.82
CA PHE I 443 -0.44 40.40 -12.93
C PHE I 443 0.61 41.40 -12.43
N THR I 444 1.87 40.96 -12.34
CA THR I 444 2.95 41.78 -11.85
C THR I 444 3.89 42.22 -12.97
N GLY I 445 3.43 42.22 -14.21
CA GLY I 445 4.25 42.62 -15.33
C GLY I 445 4.50 44.11 -15.40
N THR J 15 12.05 35.36 -29.62
CA THR J 15 11.27 35.89 -30.74
C THR J 15 9.87 36.39 -30.32
N PRO J 16 9.14 35.64 -29.47
CA PRO J 16 7.83 36.15 -29.00
C PRO J 16 7.94 37.49 -28.31
N PRO J 17 9.00 37.75 -27.49
CA PRO J 17 9.13 39.11 -26.92
C PRO J 17 10.05 40.00 -27.76
N GLN J 18 10.74 39.41 -28.73
CA GLN J 18 11.65 40.17 -29.57
C GLN J 18 10.92 41.02 -30.61
N VAL J 19 9.73 40.61 -31.03
CA VAL J 19 8.98 41.37 -32.02
C VAL J 19 8.63 42.75 -31.50
N LEU J 20 8.19 42.82 -30.24
CA LEU J 20 7.84 44.12 -29.64
C LEU J 20 9.05 45.03 -29.56
N ALA J 21 10.20 44.49 -29.18
CA ALA J 21 11.42 45.30 -29.12
C ALA J 21 11.83 45.79 -30.51
N ILE J 22 11.76 44.91 -31.51
CA ILE J 22 12.09 45.32 -32.88
C ILE J 22 11.01 46.24 -33.43
N GLY J 23 9.74 45.96 -33.11
CA GLY J 23 8.66 46.75 -33.67
C GLY J 23 8.72 48.21 -33.26
N PHE J 24 8.98 48.47 -31.98
CA PHE J 24 9.11 49.85 -31.52
C PHE J 24 10.34 50.51 -32.12
N PHE J 25 11.42 49.76 -32.30
CA PHE J 25 12.61 50.31 -32.94
C PHE J 25 12.31 50.76 -34.37
N LEU J 26 11.56 49.94 -35.11
CA LEU J 26 11.20 50.32 -36.47
C LEU J 26 10.29 51.55 -36.49
N THR J 27 9.36 51.64 -35.53
CA THR J 27 8.45 52.79 -35.49
C THR J 27 9.21 54.07 -35.20
N ILE J 28 10.19 54.03 -34.29
CA ILE J 28 10.91 55.23 -33.90
C ILE J 28 11.72 55.77 -35.09
N ILE J 29 12.44 54.90 -35.79
CA ILE J 29 13.27 55.36 -36.90
C ILE J 29 12.41 55.84 -38.06
N ILE J 30 11.28 55.18 -38.30
CA ILE J 30 10.36 55.65 -39.33
C ILE J 30 9.78 57.01 -38.95
N GLY J 31 9.38 57.16 -37.69
CA GLY J 31 8.88 58.46 -37.24
C GLY J 31 9.94 59.53 -37.23
N ALA J 32 11.18 59.17 -36.88
CA ALA J 32 12.26 60.14 -36.82
C ALA J 32 12.54 60.73 -38.21
N VAL J 33 12.60 59.87 -39.23
CA VAL J 33 12.86 60.36 -40.57
C VAL J 33 11.63 61.04 -41.17
N LEU J 34 10.43 60.73 -40.65
CA LEU J 34 9.23 61.39 -41.15
C LEU J 34 9.18 62.85 -40.72
N LEU J 35 9.78 63.19 -39.59
CA LEU J 35 9.86 64.57 -39.13
C LEU J 35 11.01 65.34 -39.78
N MET J 36 11.86 64.67 -40.56
CA MET J 36 12.97 65.34 -41.23
C MET J 36 12.53 66.12 -42.45
N LEU J 37 11.37 65.82 -43.01
CA LEU J 37 10.92 66.49 -44.22
C LEU J 37 10.65 67.97 -43.93
N PRO J 38 10.92 68.85 -44.90
CA PRO J 38 10.65 70.28 -44.69
C PRO J 38 9.17 70.62 -44.83
N ILE J 39 8.32 69.79 -44.25
CA ILE J 39 6.89 70.07 -44.18
C ILE J 39 6.32 69.87 -42.79
N SER J 40 7.00 69.13 -41.90
CA SER J 40 6.51 68.87 -40.56
C SER J 40 6.93 69.96 -39.57
N THR J 41 8.16 70.45 -39.68
CA THR J 41 8.70 71.44 -38.77
C THR J 41 8.98 72.74 -39.52
N THR J 42 8.59 73.87 -38.92
CA THR J 42 8.83 75.16 -39.54
C THR J 42 10.32 75.49 -39.57
N LYS J 43 11.01 75.30 -38.44
CA LYS J 43 12.43 75.55 -38.28
C LYS J 43 13.21 74.25 -38.35
N PRO J 44 14.48 74.29 -38.77
CA PRO J 44 15.26 73.06 -38.90
C PRO J 44 15.41 72.34 -37.56
N LEU J 45 15.38 71.01 -37.61
CA LEU J 45 15.46 70.16 -36.43
C LEU J 45 16.68 69.25 -36.55
N SER J 46 17.44 69.14 -35.46
CA SER J 46 18.63 68.31 -35.46
C SER J 46 18.24 66.83 -35.51
N TRP J 47 19.22 66.01 -35.86
CA TRP J 47 18.98 64.57 -35.98
C TRP J 47 18.63 63.97 -34.62
N ILE J 48 19.31 64.39 -33.56
CA ILE J 48 19.09 63.80 -32.25
C ILE J 48 17.72 64.21 -31.70
N ASP J 49 17.31 65.46 -31.93
CA ASP J 49 16.00 65.91 -31.44
C ASP J 49 14.86 65.16 -32.11
N ALA J 50 14.96 64.94 -33.42
CA ALA J 50 13.93 64.20 -34.13
C ALA J 50 13.87 62.76 -33.65
N LEU J 51 15.03 62.14 -33.41
CA LEU J 51 15.06 60.79 -32.85
C LEU J 51 14.48 60.78 -31.45
N PHE J 52 14.81 61.78 -30.64
CA PHE J 52 14.26 61.87 -29.28
C PHE J 52 12.75 62.08 -29.33
N THR J 53 12.28 62.97 -30.21
CA THR J 53 10.85 63.24 -30.30
C THR J 53 10.08 62.01 -30.77
N ALA J 54 10.62 61.30 -31.75
CA ALA J 54 9.96 60.08 -32.21
C ALA J 54 9.97 59.01 -31.12
N ALA J 55 11.09 58.86 -30.42
CA ALA J 55 11.16 57.85 -29.36
C ALA J 55 10.21 58.18 -28.21
N SER J 56 10.12 59.46 -27.84
CA SER J 56 9.20 59.85 -26.78
C SER J 56 7.75 59.64 -27.20
N ALA J 57 7.45 59.88 -28.48
CA ALA J 57 6.08 59.67 -28.95
C ALA J 57 5.76 58.19 -29.10
N THR J 58 6.70 57.40 -29.64
CA THR J 58 6.45 55.99 -29.84
C THR J 58 6.45 55.24 -28.52
N THR J 59 7.59 55.24 -27.82
CA THR J 59 7.63 54.81 -26.42
C THR J 59 7.00 55.94 -25.64
N VAL J 60 5.70 55.82 -25.37
CA VAL J 60 4.89 56.99 -25.05
C VAL J 60 5.26 57.52 -23.68
N THR J 61 6.08 58.58 -23.67
CA THR J 61 6.64 59.15 -22.45
C THR J 61 6.26 60.61 -22.26
N GLY J 62 6.42 61.44 -23.29
CA GLY J 62 6.06 62.83 -23.21
C GLY J 62 7.21 63.80 -23.03
N LEU J 63 8.41 63.30 -22.76
CA LEU J 63 9.57 64.18 -22.67
C LEU J 63 9.81 64.86 -24.01
N ALA J 64 9.97 66.17 -23.98
CA ALA J 64 10.13 66.96 -25.19
C ALA J 64 11.35 67.86 -25.06
N VAL J 65 12.26 67.75 -26.02
CA VAL J 65 13.39 68.68 -26.10
C VAL J 65 13.02 69.96 -26.84
N VAL J 66 11.95 69.92 -27.65
CA VAL J 66 11.47 71.09 -28.37
C VAL J 66 9.96 71.15 -28.20
N ASP J 67 9.43 72.36 -28.05
CA ASP J 67 7.99 72.55 -27.87
C ASP J 67 7.25 72.07 -29.11
N THR J 68 6.20 71.28 -28.90
CA THR J 68 5.46 70.71 -30.03
C THR J 68 4.80 71.80 -30.87
N GLY J 69 4.19 72.78 -30.22
CA GLY J 69 3.47 73.82 -30.96
C GLY J 69 4.39 74.70 -31.78
N THR J 70 5.51 75.13 -31.19
CA THR J 70 6.38 76.11 -31.84
C THR J 70 7.42 75.48 -32.76
N GLN J 71 7.55 74.16 -32.77
CA GLN J 71 8.51 73.48 -33.62
C GLN J 71 7.87 72.79 -34.81
N PHE J 72 6.80 72.04 -34.59
CA PHE J 72 6.16 71.27 -35.65
C PHE J 72 4.92 71.99 -36.18
N THR J 73 4.56 71.65 -37.42
CA THR J 73 3.39 72.20 -38.08
C THR J 73 2.20 71.27 -37.86
N VAL J 74 1.11 71.55 -38.57
CA VAL J 74 -0.09 70.71 -38.46
C VAL J 74 0.21 69.29 -38.92
N PHE J 75 0.95 69.15 -40.02
CA PHE J 75 1.36 67.82 -40.46
C PHE J 75 2.29 67.17 -39.44
N GLY J 76 3.22 67.95 -38.89
CA GLY J 76 4.14 67.39 -37.90
C GLY J 76 3.43 66.93 -36.64
N GLN J 77 2.50 67.74 -36.14
CA GLN J 77 1.73 67.34 -34.97
C GLN J 77 0.85 66.14 -35.26
N THR J 78 0.40 65.98 -36.51
CA THR J 78 -0.35 64.79 -36.89
C THR J 78 0.54 63.55 -36.81
N VAL J 79 1.81 63.67 -37.21
CA VAL J 79 2.74 62.55 -37.10
C VAL J 79 2.93 62.17 -35.65
N ILE J 80 3.09 63.17 -34.77
CA ILE J 80 3.20 62.89 -33.34
C ILE J 80 1.93 62.21 -32.83
N MET J 81 0.76 62.68 -33.29
CA MET J 81 -0.49 62.05 -32.91
C MET J 81 -0.54 60.60 -33.38
N GLY J 82 -0.03 60.33 -34.59
CA GLY J 82 -0.02 58.97 -35.08
C GLY J 82 0.90 58.06 -34.28
N LEU J 83 2.08 58.56 -33.91
CA LEU J 83 3.01 57.76 -33.14
C LEU J 83 2.46 57.42 -31.75
N ILE J 84 1.79 58.39 -31.12
CA ILE J 84 1.22 58.15 -29.80
C ILE J 84 0.14 57.07 -29.87
N GLN J 85 -0.74 57.18 -30.87
CA GLN J 85 -1.80 56.18 -31.01
C GLN J 85 -1.22 54.81 -31.36
N ILE J 86 -0.26 54.76 -32.27
CA ILE J 86 0.36 53.48 -32.63
C ILE J 86 1.17 52.92 -31.46
N GLY J 87 1.98 53.78 -30.84
CA GLY J 87 2.79 53.31 -29.71
C GLY J 87 1.95 52.91 -28.51
N GLY J 88 0.95 53.71 -28.17
CA GLY J 88 0.11 53.38 -27.03
C GLY J 88 -0.72 52.13 -27.26
N LEU J 89 -1.32 52.01 -28.44
CA LEU J 89 -2.13 50.83 -28.76
C LEU J 89 -1.27 49.62 -29.08
N GLY J 90 -0.11 49.83 -29.70
CA GLY J 90 0.76 48.69 -30.01
C GLY J 90 1.22 47.94 -28.79
N PHE J 91 1.61 48.67 -27.74
CA PHE J 91 2.00 48.02 -26.50
C PHE J 91 0.79 47.49 -25.74
N MET J 92 -0.32 48.22 -25.77
CA MET J 92 -1.51 47.82 -25.03
C MET J 92 -2.06 46.49 -25.54
N THR J 93 -2.11 46.33 -26.87
CA THR J 93 -2.59 45.06 -27.43
C THR J 93 -1.65 43.91 -27.08
N PHE J 94 -0.34 44.14 -27.18
CA PHE J 94 0.61 43.08 -26.86
C PHE J 94 0.62 42.77 -25.36
N ALA J 95 0.43 43.80 -24.52
CA ALA J 95 0.37 43.57 -23.08
C ALA J 95 -0.80 42.68 -22.71
N VAL J 96 -1.96 42.91 -23.34
CA VAL J 96 -3.12 42.05 -23.11
C VAL J 96 -2.84 40.64 -23.61
N LEU J 97 -2.21 40.51 -24.78
CA LEU J 97 -1.89 39.19 -25.32
C LEU J 97 -0.91 38.45 -24.43
N ILE J 98 0.09 39.15 -23.90
CA ILE J 98 1.06 38.51 -23.02
C ILE J 98 0.39 38.00 -21.76
N VAL J 99 -0.53 38.79 -21.20
CA VAL J 99 -1.21 38.40 -19.97
C VAL J 99 -2.05 37.14 -20.20
N MET J 100 -2.80 37.10 -21.30
CA MET J 100 -3.68 35.96 -21.54
C MET J 100 -2.88 34.71 -21.96
N ILE J 101 -1.78 34.89 -22.70
CA ILE J 101 -0.96 33.74 -23.09
C ILE J 101 -0.24 33.18 -21.88
N LEU J 102 0.34 34.05 -21.05
CA LEU J 102 1.05 33.61 -19.85
C LEU J 102 0.11 33.57 -18.65
N ILE J 127 -5.99 39.13 -35.74
CA ILE J 127 -6.08 40.47 -35.18
C ILE J 127 -7.50 40.74 -34.71
N GLY J 128 -8.20 39.70 -34.29
CA GLY J 128 -9.56 39.87 -33.78
C GLY J 128 -9.62 40.69 -32.52
N LEU J 129 -8.70 40.44 -31.58
CA LEU J 129 -8.66 41.21 -30.34
C LEU J 129 -8.14 42.62 -30.56
N VAL J 130 -7.23 42.81 -31.51
CA VAL J 130 -6.68 44.13 -31.77
C VAL J 130 -7.77 45.09 -32.24
N LYS J 131 -8.65 44.63 -33.12
CA LYS J 131 -9.72 45.48 -33.62
C LYS J 131 -10.66 45.91 -32.51
N VAL J 132 -10.95 45.00 -31.57
CA VAL J 132 -11.83 45.35 -30.46
C VAL J 132 -11.22 46.44 -29.61
N LEU J 133 -9.92 46.32 -29.30
CA LEU J 133 -9.25 47.36 -28.53
C LEU J 133 -9.16 48.66 -29.31
N PHE J 134 -8.90 48.58 -30.62
CA PHE J 134 -8.82 49.79 -31.44
C PHE J 134 -10.16 50.51 -31.47
N LEU J 135 -11.26 49.77 -31.63
CA LEU J 135 -12.57 50.40 -31.64
C LEU J 135 -12.89 51.03 -30.30
N PHE J 136 -12.55 50.35 -29.20
CA PHE J 136 -12.80 50.90 -27.88
C PHE J 136 -11.97 52.16 -27.64
N SER J 137 -10.69 52.11 -28.02
CA SER J 137 -9.82 53.27 -27.80
C SER J 137 -10.27 54.47 -28.64
N ILE J 138 -10.64 54.24 -29.90
CA ILE J 138 -11.09 55.34 -30.74
C ILE J 138 -12.41 55.91 -30.23
N SER J 139 -13.33 55.05 -29.79
CA SER J 139 -14.64 55.52 -29.36
C SER J 139 -14.53 56.43 -28.14
N ILE J 140 -13.74 56.03 -27.14
CA ILE J 140 -13.63 56.83 -25.92
C ILE J 140 -12.86 58.12 -26.20
N GLU J 141 -11.86 58.06 -27.08
CA GLU J 141 -11.11 59.26 -27.42
C GLU J 141 -11.94 60.22 -28.26
N LEU J 142 -12.80 59.68 -29.13
CA LEU J 142 -13.63 60.53 -29.98
C LEU J 142 -14.65 61.31 -29.16
N ILE J 143 -15.34 60.62 -28.24
CA ILE J 143 -16.34 61.29 -27.43
C ILE J 143 -15.68 62.30 -26.49
N ALA J 144 -14.49 61.97 -25.98
CA ALA J 144 -13.76 62.91 -25.14
C ALA J 144 -13.37 64.16 -25.92
N ALA J 145 -12.96 63.99 -27.19
CA ALA J 145 -12.62 65.14 -28.01
C ALA J 145 -13.83 66.03 -28.24
N LEU J 146 -15.01 65.42 -28.43
CA LEU J 146 -16.23 66.20 -28.60
C LEU J 146 -16.54 67.01 -27.35
N ILE J 147 -16.37 66.41 -26.17
CA ILE J 147 -16.55 67.15 -24.93
C ILE J 147 -15.52 68.26 -24.81
N LEU J 148 -14.27 67.95 -25.15
CA LEU J 148 -13.22 68.97 -25.12
C LEU J 148 -13.46 70.04 -26.18
N SER J 149 -14.15 69.69 -27.27
CA SER J 149 -14.41 70.66 -28.33
C SER J 149 -15.35 71.76 -27.84
N ILE J 150 -16.23 71.44 -26.90
CA ILE J 150 -17.14 72.45 -26.35
C ILE J 150 -16.36 73.54 -25.65
N ARG J 151 -15.17 73.23 -25.16
CA ARG J 151 -14.34 74.17 -24.42
C ARG J 151 -13.25 74.81 -25.27
N LEU J 152 -12.68 74.10 -26.25
CA LEU J 152 -11.51 74.60 -26.94
C LEU J 152 -11.84 75.39 -28.19
N VAL J 153 -12.79 74.93 -29.00
CA VAL J 153 -13.12 75.60 -30.26
C VAL J 153 -13.74 77.00 -30.04
N PRO J 154 -14.42 77.30 -28.93
CA PRO J 154 -14.84 78.70 -28.72
C PRO J 154 -13.67 79.63 -28.47
N GLN J 155 -12.49 79.10 -28.14
CA GLN J 155 -11.34 79.91 -27.82
C GLN J 155 -10.29 79.93 -28.92
N TYR J 156 -10.03 78.78 -29.54
CA TYR J 156 -9.01 78.70 -30.58
C TYR J 156 -9.58 78.74 -31.99
N GLY J 157 -10.85 78.37 -32.16
CA GLY J 157 -11.47 78.37 -33.47
C GLY J 157 -11.92 76.98 -33.88
N TRP J 158 -12.64 76.92 -35.00
CA TRP J 158 -13.13 75.64 -35.51
C TRP J 158 -11.99 74.74 -35.96
N SER J 159 -11.01 75.29 -36.67
CA SER J 159 -9.91 74.46 -37.15
C SER J 159 -8.89 74.19 -36.05
N SER J 160 -8.50 75.24 -35.31
CA SER J 160 -7.52 75.07 -34.25
C SER J 160 -8.08 74.31 -33.05
N GLY J 161 -9.33 74.58 -32.68
CA GLY J 161 -9.90 73.96 -31.50
C GLY J 161 -10.25 72.51 -31.65
N LEU J 162 -10.54 72.06 -32.86
CA LEU J 162 -10.85 70.65 -33.11
C LEU J 162 -9.62 69.76 -33.18
N PHE J 163 -8.54 70.22 -33.79
CA PHE J 163 -7.29 69.47 -33.78
C PHE J 163 -6.68 69.40 -32.38
N ALA J 164 -6.73 70.49 -31.63
CA ALA J 164 -6.21 70.50 -30.27
C ALA J 164 -6.99 69.58 -29.35
N SER J 165 -8.32 69.58 -29.48
CA SER J 165 -9.14 68.68 -28.66
C SER J 165 -8.87 67.22 -29.01
N LEU J 166 -8.75 66.91 -30.30
CA LEU J 166 -8.45 65.55 -30.71
C LEU J 166 -7.05 65.13 -30.28
N PHE J 167 -6.08 66.05 -30.41
CA PHE J 167 -4.72 65.72 -30.03
C PHE J 167 -4.60 65.41 -28.54
N HIS J 168 -5.27 66.22 -27.71
CA HIS J 168 -5.21 65.99 -26.27
C HIS J 168 -6.02 64.76 -25.86
N ALA J 169 -7.10 64.47 -26.57
CA ALA J 169 -7.85 63.25 -26.30
C ALA J 169 -7.02 62.00 -26.60
N ILE J 170 -6.29 62.03 -27.72
CA ILE J 170 -5.40 60.92 -28.04
C ILE J 170 -4.26 60.84 -27.05
N SER J 171 -3.65 61.99 -26.73
CA SER J 171 -2.50 62.00 -25.83
C SER J 171 -2.88 61.55 -24.43
N ALA J 172 -4.03 62.01 -23.91
CA ALA J 172 -4.39 61.71 -22.54
C ALA J 172 -4.72 60.24 -22.34
N PHE J 173 -5.47 59.66 -23.28
CA PHE J 173 -5.90 58.28 -23.11
C PHE J 173 -4.71 57.32 -23.13
N ASN J 174 -3.71 57.61 -23.96
CA ASN J 174 -2.53 56.77 -24.08
C ASN J 174 -1.44 57.12 -23.08
N ASN J 175 -1.71 58.05 -22.17
CA ASN J 175 -0.75 58.49 -21.16
C ASN J 175 0.52 59.03 -21.82
N ALA J 176 0.35 60.12 -22.58
CA ALA J 176 1.46 60.75 -23.28
C ALA J 176 1.91 62.03 -22.60
N GLY J 177 1.00 62.97 -22.38
CA GLY J 177 1.34 64.24 -21.80
C GLY J 177 1.75 65.30 -22.80
N PHE J 178 1.79 64.98 -24.09
CA PHE J 178 2.08 65.97 -25.10
C PHE J 178 0.99 67.02 -25.14
N SER J 179 1.39 68.28 -25.31
CA SER J 179 0.46 69.39 -25.41
C SER J 179 0.90 70.32 -26.54
N LEU J 180 -0.07 70.79 -27.32
CA LEU J 180 0.25 71.72 -28.39
C LEU J 180 0.62 73.09 -27.84
N TRP J 181 0.01 73.49 -26.73
CA TRP J 181 0.27 74.80 -26.16
C TRP J 181 1.67 74.84 -25.54
N PRO J 182 2.32 76.02 -25.55
CA PRO J 182 3.67 76.10 -24.96
C PRO J 182 3.72 75.71 -23.49
N ASP J 183 2.69 76.04 -22.73
CA ASP J 183 2.56 75.62 -21.35
C ASP J 183 1.67 74.40 -21.29
N ASN J 184 2.17 73.31 -20.74
CA ASN J 184 1.44 72.05 -20.71
C ASN J 184 0.29 72.15 -19.72
N LEU J 185 -0.90 72.52 -20.20
CA LEU J 185 -2.13 72.58 -19.41
C LEU J 185 -2.01 73.46 -18.17
N MET J 186 -1.01 74.36 -18.14
CA MET J 186 -0.85 75.22 -16.98
C MET J 186 -1.87 76.35 -16.97
N SER J 187 -2.47 76.68 -18.12
CA SER J 187 -3.48 77.71 -18.19
C SER J 187 -4.88 77.20 -17.85
N TYR J 188 -5.05 75.88 -17.70
CA TYR J 188 -6.33 75.28 -17.39
C TYR J 188 -6.28 74.57 -16.05
N VAL J 189 -5.59 75.18 -15.08
CA VAL J 189 -5.49 74.59 -13.74
C VAL J 189 -6.87 74.55 -13.07
N GLY J 190 -7.64 75.63 -13.20
CA GLY J 190 -8.95 75.73 -12.58
C GLY J 190 -10.13 75.46 -13.50
N ASP J 191 -9.90 74.90 -14.68
CA ASP J 191 -10.99 74.63 -15.61
C ASP J 191 -11.50 73.22 -15.37
N PRO J 192 -12.73 73.04 -14.86
CA PRO J 192 -13.22 71.68 -14.61
C PRO J 192 -13.34 70.82 -15.85
N THR J 193 -13.68 71.42 -17.00
CA THR J 193 -13.83 70.63 -18.21
C THR J 193 -12.51 70.01 -18.65
N VAL J 194 -11.42 70.77 -18.59
CA VAL J 194 -10.12 70.24 -18.98
C VAL J 194 -9.62 69.22 -17.97
N ASN J 195 -9.76 69.52 -16.69
CA ASN J 195 -9.21 68.63 -15.66
C ASN J 195 -9.96 67.30 -15.62
N LEU J 196 -11.30 67.34 -15.62
CA LEU J 196 -12.07 66.12 -15.44
C LEU J 196 -11.93 65.19 -16.64
N VAL J 197 -12.07 65.73 -17.85
CA VAL J 197 -12.06 64.88 -19.05
C VAL J 197 -10.69 64.26 -19.24
N ILE J 198 -9.63 65.06 -19.11
CA ILE J 198 -8.28 64.56 -19.35
C ILE J 198 -7.88 63.55 -18.28
N THR J 199 -8.21 63.83 -17.02
CA THR J 199 -7.89 62.89 -15.94
C THR J 199 -8.62 61.56 -16.14
N PHE J 200 -9.89 61.61 -16.54
CA PHE J 200 -10.63 60.40 -16.80
C PHE J 200 -9.99 59.57 -17.90
N LEU J 201 -9.29 60.22 -18.84
CA LEU J 201 -8.72 59.49 -19.97
C LEU J 201 -7.52 58.66 -19.56
N PHE J 202 -6.60 59.22 -18.78
CA PHE J 202 -5.43 58.45 -18.38
C PHE J 202 -5.63 57.69 -17.07
N ILE J 203 -6.79 57.81 -16.44
CA ILE J 203 -7.17 56.87 -15.40
C ILE J 203 -7.82 55.63 -16.00
N THR J 204 -8.74 55.83 -16.96
CA THR J 204 -9.33 54.70 -17.68
C THR J 204 -8.28 53.96 -18.49
N GLY J 205 -7.44 54.70 -19.21
CA GLY J 205 -6.36 54.08 -19.96
C GLY J 205 -5.18 53.66 -19.13
N GLY J 206 -5.10 54.12 -17.88
CA GLY J 206 -4.02 53.73 -16.99
C GLY J 206 -4.23 52.36 -16.39
N ILE J 207 -5.42 52.11 -15.83
CA ILE J 207 -5.75 50.78 -15.34
C ILE J 207 -5.83 49.82 -16.52
N GLY J 208 -5.56 48.55 -16.24
CA GLY J 208 -5.50 47.56 -17.30
C GLY J 208 -6.84 47.36 -17.99
N PHE J 209 -6.77 46.93 -19.24
CA PHE J 209 -7.99 46.63 -19.99
C PHE J 209 -8.71 45.42 -19.42
N THR J 210 -8.00 44.54 -18.70
CA THR J 210 -8.67 43.47 -17.98
C THR J 210 -9.56 44.02 -16.88
N VAL J 211 -9.11 45.08 -16.20
CA VAL J 211 -9.93 45.72 -15.18
C VAL J 211 -11.19 46.30 -15.80
N LEU J 212 -11.05 46.98 -16.94
CA LEU J 212 -12.22 47.55 -17.61
C LEU J 212 -13.20 46.46 -18.05
N PHE J 213 -12.68 45.37 -18.60
CA PHE J 213 -13.56 44.27 -19.01
C PHE J 213 -14.25 43.63 -17.82
N ASP J 214 -13.50 43.41 -16.73
CA ASP J 214 -14.08 42.73 -15.57
C ASP J 214 -15.15 43.58 -14.91
N VAL J 215 -14.97 44.90 -14.87
CA VAL J 215 -15.96 45.78 -14.24
C VAL J 215 -17.28 45.74 -14.99
N MET J 216 -17.22 45.85 -16.32
CA MET J 216 -18.45 45.88 -17.11
C MET J 216 -19.08 44.50 -17.24
N LYS J 217 -18.28 43.44 -17.16
CA LYS J 217 -18.83 42.09 -17.28
C LYS J 217 -19.52 41.65 -15.99
N ASN J 218 -19.00 42.05 -14.83
CA ASN J 218 -19.51 41.60 -13.54
C ASN J 218 -20.36 42.65 -12.84
N ARG J 219 -19.89 43.89 -12.77
CA ARG J 219 -20.60 45.02 -12.17
C ARG J 219 -20.86 44.84 -10.68
N ARG J 220 -20.27 43.82 -10.05
CA ARG J 220 -20.37 43.62 -8.61
C ARG J 220 -18.97 43.47 -8.03
N PHE J 221 -18.66 44.26 -7.00
CA PHE J 221 -17.31 44.23 -6.44
C PHE J 221 -16.99 42.88 -5.81
N LYS J 222 -18.01 42.18 -5.30
CA LYS J 222 -17.78 40.87 -4.71
C LYS J 222 -17.35 39.84 -5.74
N THR J 223 -17.72 40.02 -7.01
CA THR J 223 -17.41 39.07 -8.07
C THR J 223 -16.20 39.46 -8.89
N PHE J 224 -15.54 40.58 -8.57
CA PHE J 224 -14.36 40.98 -9.31
C PHE J 224 -13.19 40.05 -9.00
N SER J 225 -12.26 39.98 -9.95
CA SER J 225 -11.05 39.19 -9.74
C SER J 225 -10.16 39.85 -8.71
N LEU J 226 -9.17 39.10 -8.23
CA LEU J 226 -8.22 39.65 -7.26
C LEU J 226 -7.43 40.81 -7.86
N HIS J 227 -7.00 40.67 -9.11
CA HIS J 227 -6.25 41.74 -9.77
C HIS J 227 -7.13 42.98 -9.93
N THR J 228 -8.38 42.79 -10.33
CA THR J 228 -9.28 43.93 -10.50
C THR J 228 -9.51 44.65 -9.18
N LYS J 229 -9.69 43.89 -8.10
CA LYS J 229 -9.89 44.50 -6.79
C LYS J 229 -8.64 45.20 -6.29
N LEU J 230 -7.45 44.75 -6.69
CA LEU J 230 -6.22 45.43 -6.31
C LEU J 230 -6.10 46.77 -7.00
N MET J 231 -6.45 46.84 -8.29
CA MET J 231 -6.31 48.08 -9.03
C MET J 231 -7.34 49.11 -8.59
N LEU J 232 -8.60 48.70 -8.45
CA LEU J 232 -9.65 49.65 -8.08
C LEU J 232 -9.41 50.19 -6.67
N THR J 233 -9.07 49.31 -5.73
CA THR J 233 -8.82 49.77 -4.36
C THR J 233 -7.48 50.48 -4.26
N GLY J 234 -6.46 49.97 -4.94
CA GLY J 234 -5.14 50.59 -4.86
C GLY J 234 -5.12 51.99 -5.45
N THR J 235 -5.79 52.18 -6.59
CA THR J 235 -5.78 53.49 -7.23
C THR J 235 -6.45 54.55 -6.35
N LEU J 236 -7.58 54.20 -5.74
CA LEU J 236 -8.27 55.15 -4.87
C LEU J 236 -7.41 55.51 -3.66
N MET J 237 -6.77 54.51 -3.04
CA MET J 237 -5.92 54.78 -1.89
C MET J 237 -4.67 55.55 -2.28
N LEU J 238 -4.02 55.16 -3.38
CA LEU J 238 -2.78 55.81 -3.78
C LEU J 238 -3.02 57.25 -4.21
N ASN J 239 -4.10 57.50 -4.95
CA ASN J 239 -4.41 58.86 -5.38
C ASN J 239 -4.77 59.74 -4.18
N ALA J 240 -5.51 59.21 -3.23
CA ALA J 240 -5.90 59.99 -2.06
C ALA J 240 -4.69 60.39 -1.23
N ILE J 241 -3.76 59.45 -1.02
CA ILE J 241 -2.53 59.77 -0.30
C ILE J 241 -1.71 60.79 -1.08
N ALA J 242 -1.60 60.61 -2.39
CA ALA J 242 -0.82 61.54 -3.21
C ALA J 242 -1.45 62.92 -3.21
N MET J 243 -2.77 63.00 -3.32
CA MET J 243 -3.44 64.29 -3.32
C MET J 243 -3.25 65.01 -1.99
N LEU J 244 -3.33 64.27 -0.89
CA LEU J 244 -3.09 64.87 0.43
C LEU J 244 -1.66 65.36 0.55
N THR J 245 -0.70 64.58 0.06
CA THR J 245 0.71 64.96 0.17
C THR J 245 1.01 66.22 -0.63
N VAL J 246 0.52 66.28 -1.87
CA VAL J 246 0.78 67.43 -2.72
C VAL J 246 0.12 68.68 -2.15
N PHE J 247 -1.13 68.55 -1.68
CA PHE J 247 -1.85 69.70 -1.16
C PHE J 247 -1.18 70.27 0.10
N ILE J 248 -0.74 69.40 1.00
CA ILE J 248 -0.15 69.87 2.26
C ILE J 248 1.21 70.50 2.01
N LEU J 249 2.05 69.86 1.21
CA LEU J 249 3.42 70.32 1.03
C LEU J 249 3.49 71.60 0.20
N GLU J 250 2.64 71.71 -0.82
CA GLU J 250 2.69 72.83 -1.74
C GLU J 250 1.72 73.96 -1.39
N TYR J 251 1.02 73.85 -0.25
CA TYR J 251 0.02 74.84 0.09
C TYR J 251 0.64 76.23 0.28
N SER J 252 1.78 76.29 0.95
CA SER J 252 2.45 77.56 1.24
C SER J 252 3.49 77.93 0.20
N ASN J 253 3.66 77.15 -0.85
CA ASN J 253 4.67 77.44 -1.86
C ASN J 253 4.19 78.59 -2.73
N PRO J 254 4.90 79.72 -2.78
CA PRO J 254 4.48 80.81 -3.67
C PRO J 254 4.51 80.44 -5.14
N GLY J 255 5.46 79.61 -5.56
CA GLY J 255 5.58 79.29 -6.98
C GLY J 255 4.40 78.48 -7.50
N THR J 256 3.98 77.46 -6.75
CA THR J 256 2.90 76.59 -7.16
C THR J 256 1.92 76.40 -6.00
N LEU J 257 0.64 76.40 -6.31
CA LEU J 257 -0.46 76.14 -5.38
C LEU J 257 -0.62 77.23 -4.33
N GLY J 258 0.18 78.29 -4.39
CA GLY J 258 0.10 79.34 -3.39
C GLY J 258 -0.77 80.52 -3.80
N HIS J 259 -0.52 81.06 -4.99
CA HIS J 259 -1.30 82.19 -5.51
C HIS J 259 -2.49 81.70 -6.31
N LEU J 260 -3.28 80.81 -5.72
CA LEU J 260 -4.46 80.26 -6.38
C LEU J 260 -5.62 80.26 -5.40
N HIS J 261 -6.83 80.27 -5.96
CA HIS J 261 -8.03 80.19 -5.13
C HIS J 261 -8.13 78.80 -4.50
N ILE J 262 -8.92 78.72 -3.42
CA ILE J 262 -9.01 77.47 -2.67
C ILE J 262 -9.59 76.37 -3.56
N VAL J 263 -10.54 76.72 -4.43
CA VAL J 263 -11.07 75.72 -5.37
C VAL J 263 -10.01 75.32 -6.37
N ASP J 264 -9.19 76.28 -6.83
CA ASP J 264 -8.14 75.96 -7.77
C ASP J 264 -7.03 75.14 -7.13
N LYS J 265 -6.81 75.31 -5.82
CA LYS J 265 -5.82 74.50 -5.13
C LYS J 265 -6.22 73.02 -5.16
N LEU J 266 -7.51 72.74 -4.97
CA LEU J 266 -7.96 71.36 -5.00
C LEU J 266 -7.77 70.74 -6.38
N TRP J 267 -8.07 71.49 -7.43
CA TRP J 267 -7.89 70.96 -8.79
C TRP J 267 -6.42 70.67 -9.08
N ALA J 268 -5.53 71.62 -8.75
CA ALA J 268 -4.12 71.43 -9.03
C ALA J 268 -3.55 70.28 -8.22
N SER J 269 -3.93 70.17 -6.94
CA SER J 269 -3.47 69.06 -6.12
C SER J 269 -4.01 67.73 -6.65
N TYR J 270 -5.29 67.72 -7.06
CA TYR J 270 -5.87 66.50 -7.62
C TYR J 270 -5.19 66.11 -8.92
N PHE J 271 -4.90 67.10 -9.78
CA PHE J 271 -4.29 66.79 -11.07
C PHE J 271 -2.85 66.33 -10.90
N GLN J 272 -2.08 66.99 -10.04
CA GLN J 272 -0.68 66.65 -9.84
C GLN J 272 -0.48 65.35 -9.08
N ALA J 273 -1.55 64.78 -8.52
CA ALA J 273 -1.45 63.49 -7.84
C ALA J 273 -1.71 62.31 -8.76
N VAL J 274 -2.52 62.51 -9.80
CA VAL J 274 -2.85 61.43 -10.71
C VAL J 274 -2.02 61.44 -11.99
N THR J 275 -1.44 62.58 -12.36
CA THR J 275 -0.62 62.68 -13.56
C THR J 275 0.74 61.98 -13.47
N PRO J 276 1.38 61.82 -12.29
CA PRO J 276 2.69 61.16 -12.28
C PRO J 276 2.64 59.70 -12.71
N ARG J 277 1.47 59.09 -12.69
CA ARG J 277 1.35 57.70 -13.09
C ARG J 277 0.17 57.48 -14.02
N THR J 278 0.43 57.54 -15.33
CA THR J 278 1.77 57.82 -15.87
C THR J 278 1.71 58.88 -16.96
N ALA J 279 0.63 59.66 -16.97
CA ALA J 279 0.38 60.57 -18.10
C ALA J 279 1.44 61.65 -18.21
N GLY J 280 1.82 62.25 -17.10
CA GLY J 280 2.81 63.30 -17.14
C GLY J 280 2.31 64.65 -17.63
N PHE J 281 1.01 64.89 -17.59
CA PHE J 281 0.49 66.22 -17.84
C PHE J 281 0.86 67.15 -16.69
N ASN J 282 0.87 68.45 -16.99
CA ASN J 282 1.24 69.46 -16.01
C ASN J 282 0.07 70.39 -15.72
N SER J 283 0.04 70.89 -14.50
CA SER J 283 -0.76 72.06 -14.15
C SER J 283 0.01 73.04 -13.29
N LEU J 284 1.14 72.61 -12.71
CA LEU J 284 2.02 73.46 -11.94
C LEU J 284 3.45 73.19 -12.39
N ASP J 285 4.33 74.15 -12.13
CA ASP J 285 5.73 74.02 -12.51
C ASP J 285 6.44 73.13 -11.51
N PHE J 286 6.88 71.94 -11.95
CA PHE J 286 7.57 71.01 -11.07
C PHE J 286 8.94 71.54 -10.64
N GLY J 287 9.54 72.44 -11.42
CA GLY J 287 10.83 72.99 -11.04
C GLY J 287 10.77 73.92 -9.85
N SER J 288 9.61 74.49 -9.56
CA SER J 288 9.43 75.40 -8.44
C SER J 288 8.76 74.74 -7.24
N MET J 289 8.54 73.43 -7.29
CA MET J 289 7.93 72.73 -6.18
C MET J 289 8.95 72.47 -5.08
N ARG J 290 8.45 72.09 -3.90
CA ARG J 290 9.31 71.70 -2.81
C ARG J 290 10.03 70.40 -3.13
N GLU J 291 11.21 70.23 -2.53
CA GLU J 291 11.95 68.98 -2.72
C GLU J 291 11.21 67.78 -2.17
N GLY J 292 10.47 67.97 -1.07
CA GLY J 292 9.71 66.85 -0.51
C GLY J 292 8.63 66.35 -1.46
N THR J 293 7.97 67.26 -2.16
CA THR J 293 6.98 66.85 -3.16
C THR J 293 7.65 66.08 -4.30
N ILE J 294 8.83 66.52 -4.72
CA ILE J 294 9.54 65.84 -5.80
C ILE J 294 9.97 64.45 -5.37
N VAL J 295 10.45 64.31 -4.13
CA VAL J 295 10.86 63.00 -3.64
C VAL J 295 9.68 62.04 -3.61
N PHE J 296 8.52 62.51 -3.14
CA PHE J 296 7.33 61.66 -3.14
C PHE J 296 6.88 61.35 -4.56
N THR J 297 7.08 62.28 -5.49
CA THR J 297 6.73 62.02 -6.89
C THR J 297 7.63 60.96 -7.50
N LEU J 298 8.87 60.84 -7.02
CA LEU J 298 9.77 59.82 -7.53
C LEU J 298 9.20 58.43 -7.30
N LEU J 299 8.72 58.17 -6.08
CA LEU J 299 8.06 56.90 -5.80
C LEU J 299 6.74 56.79 -6.55
N LEU J 300 6.03 57.91 -6.68
CA LEU J 300 4.73 57.90 -7.34
C LEU J 300 4.84 57.47 -8.79
N MET J 301 5.85 57.98 -9.51
CA MET J 301 6.04 57.63 -10.91
C MET J 301 6.99 56.44 -11.10
N PHE J 302 7.39 55.76 -10.06
CA PHE J 302 8.14 54.51 -10.14
C PHE J 302 7.14 53.36 -10.10
N ILE J 303 6.14 53.41 -9.21
CA ILE J 303 5.09 52.43 -9.11
C ILE J 303 4.08 52.50 -10.21
N GLY J 304 4.11 53.52 -11.03
CA GLY J 304 3.24 53.63 -12.19
C GLY J 304 1.84 53.22 -12.04
N ALA J 305 1.32 52.51 -13.01
CA ALA J 305 -0.07 52.15 -12.99
C ALA J 305 -0.35 50.73 -13.23
N GLY J 306 -1.40 50.47 -13.96
CA GLY J 306 -1.81 49.12 -14.16
C GLY J 306 -1.05 48.30 -15.09
N SER J 307 -1.36 47.04 -15.15
CA SER J 307 -0.55 46.13 -15.92
C SER J 307 -0.70 46.15 -17.43
N ALA J 308 -1.74 45.56 -17.97
CA ALA J 308 -2.00 45.51 -19.41
C ALA J 308 -2.73 46.80 -19.81
N SER J 309 -1.96 47.86 -19.98
CA SER J 309 -2.54 49.16 -20.32
C SER J 309 -1.45 50.02 -20.96
N THR J 310 -1.73 51.31 -21.08
CA THR J 310 -0.80 52.25 -21.68
C THR J 310 0.25 52.77 -20.71
N ALA J 311 0.13 52.45 -19.42
CA ALA J 311 1.09 52.90 -18.43
C ALA J 311 2.33 52.01 -18.44
N SER J 312 3.39 52.48 -17.79
CA SER J 312 4.63 51.73 -17.70
C SER J 312 5.21 51.78 -16.30
N GLY J 313 6.38 51.26 -15.98
CA GLY J 313 6.79 51.26 -14.58
C GLY J 313 6.44 49.98 -13.88
N ILE J 314 6.98 49.73 -12.69
CA ILE J 314 6.62 48.55 -11.92
C ILE J 314 5.21 48.95 -11.75
N LYS J 315 4.28 48.06 -11.80
CA LYS J 315 2.95 48.51 -11.80
C LYS J 315 2.50 48.56 -10.42
N LEU J 316 1.23 48.81 -10.23
CA LEU J 316 0.75 48.96 -8.90
C LEU J 316 0.72 47.61 -8.24
N THR J 317 0.07 46.66 -8.86
CA THR J 317 -0.04 45.35 -8.21
C THR J 317 1.30 44.86 -7.72
N THR J 318 2.37 45.10 -8.49
CA THR J 318 3.70 44.69 -8.07
C THR J 318 4.10 45.36 -6.76
N PHE J 319 3.82 46.66 -6.64
CA PHE J 319 4.11 47.36 -5.39
C PHE J 319 3.28 46.81 -4.24
N ILE J 320 2.00 46.53 -4.48
CA ILE J 320 1.14 46.00 -3.43
C ILE J 320 1.57 44.60 -3.04
N VAL J 321 1.91 43.76 -4.02
CA VAL J 321 2.33 42.39 -3.73
C VAL J 321 3.58 42.39 -2.87
N ILE J 322 4.56 43.21 -3.23
CA ILE J 322 5.80 43.30 -2.46
C ILE J 322 5.53 43.83 -1.07
N LEU J 323 4.74 44.91 -0.97
CA LEU J 323 4.47 45.53 0.31
C LEU J 323 3.74 44.58 1.26
N THR J 324 2.73 43.87 0.75
CA THR J 324 1.99 42.94 1.59
C THR J 324 2.81 41.70 1.92
N SER J 325 3.65 41.25 0.99
CA SER J 325 4.50 40.09 1.25
C SER J 325 5.50 40.37 2.37
N VAL J 326 6.09 41.57 2.37
CA VAL J 326 7.04 41.93 3.41
C VAL J 326 6.34 42.08 4.76
N ILE J 327 5.17 42.71 4.78
CA ILE J 327 4.43 42.88 6.03
C ILE J 327 4.04 41.53 6.60
N ALA J 328 3.62 40.60 5.74
CA ALA J 328 3.30 39.26 6.21
C ALA J 328 4.51 38.57 6.83
N TYR J 329 5.68 38.73 6.20
CA TYR J 329 6.90 38.16 6.76
C TYR J 329 7.23 38.77 8.12
N LEU J 330 7.07 40.10 8.24
CA LEU J 330 7.35 40.76 9.51
C LEU J 330 6.37 40.33 10.59
N ARG J 331 5.12 40.09 10.24
CA ARG J 331 4.11 39.65 11.19
C ARG J 331 4.14 38.15 11.43
N GLY J 332 5.03 37.43 10.75
CA GLY J 332 5.15 35.99 10.92
C GLY J 332 4.20 35.16 10.11
N LYS J 333 3.39 35.76 9.24
CA LYS J 333 2.44 35.00 8.45
C LYS J 333 3.18 34.09 7.48
N LYS J 334 2.71 32.84 7.36
CA LYS J 334 3.35 31.89 6.47
C LYS J 334 3.03 32.14 5.01
N GLU J 335 2.00 32.93 4.71
CA GLU J 335 1.62 33.24 3.35
C GLU J 335 1.09 34.66 3.27
N THR J 336 1.11 35.21 2.06
CA THR J 336 0.59 36.54 1.79
C THR J 336 -0.89 36.43 1.44
N VAL J 337 -1.74 37.06 2.25
CA VAL J 337 -3.19 37.00 2.08
C VAL J 337 -3.71 38.41 1.92
N ILE J 338 -4.44 38.66 0.84
CA ILE J 338 -5.08 39.94 0.61
C ILE J 338 -6.38 39.71 -0.15
N PHE J 339 -7.43 40.42 0.24
CA PHE J 339 -8.76 40.27 -0.36
C PHE J 339 -9.23 38.83 -0.31
N ARG J 340 -9.01 38.18 0.84
CA ARG J 340 -9.47 36.82 1.11
C ARG J 340 -8.90 35.81 0.11
N ARG J 341 -7.72 36.09 -0.45
CA ARG J 341 -7.06 35.21 -1.40
C ARG J 341 -5.63 34.95 -0.95
N SER J 342 -4.91 34.19 -1.76
CA SER J 342 -3.52 33.85 -1.48
C SER J 342 -2.67 34.10 -2.71
N ILE J 343 -1.42 34.48 -2.48
CA ILE J 343 -0.47 34.80 -3.53
C ILE J 343 0.68 33.81 -3.47
N LYS J 344 0.95 33.14 -4.58
CA LYS J 344 1.94 32.08 -4.61
C LYS J 344 3.35 32.66 -4.74
N TYR J 345 4.33 31.83 -4.38
CA TYR J 345 5.73 32.26 -4.44
C TYR J 345 6.19 32.71 -5.82
N PRO J 346 5.85 32.04 -6.92
CA PRO J 346 6.27 32.56 -8.23
C PRO J 346 5.79 33.98 -8.50
N ILE J 347 4.61 34.36 -8.01
CA ILE J 347 4.18 35.75 -8.15
C ILE J 347 5.03 36.65 -7.26
N ILE J 348 5.38 36.20 -6.07
CA ILE J 348 6.15 37.01 -5.14
C ILE J 348 7.55 37.29 -5.70
N ILE J 349 8.22 36.26 -6.19
CA ILE J 349 9.57 36.43 -6.68
C ILE J 349 9.59 37.26 -7.96
N LYS J 350 8.60 37.06 -8.84
CA LYS J 350 8.54 37.85 -10.06
C LYS J 350 8.31 39.32 -9.76
N ALA J 351 7.46 39.62 -8.77
CA ALA J 351 7.27 41.01 -8.36
C ALA J 351 8.55 41.59 -7.77
N LEU J 352 9.27 40.81 -6.97
CA LEU J 352 10.52 41.29 -6.40
C LEU J 352 11.63 41.34 -7.43
N ALA J 353 11.59 40.47 -8.44
CA ALA J 353 12.64 40.47 -9.46
C ALA J 353 12.54 41.70 -10.37
N VAL J 354 11.32 42.06 -10.77
CA VAL J 354 11.15 43.21 -11.65
C VAL J 354 11.46 44.50 -10.90
N SER J 355 11.18 44.55 -9.60
CA SER J 355 11.44 45.76 -8.83
C SER J 355 12.93 46.03 -8.71
N VAL J 356 13.73 45.02 -8.35
CA VAL J 356 15.16 45.22 -8.19
C VAL J 356 15.82 45.46 -9.54
N THR J 357 15.35 44.79 -10.59
CA THR J 357 15.88 45.02 -11.93
C THR J 357 15.59 46.44 -12.39
N SER J 358 14.39 46.95 -12.11
CA SER J 358 14.04 48.31 -12.48
C SER J 358 14.89 49.32 -11.75
N LEU J 359 15.13 49.11 -10.46
CA LEU J 359 15.98 50.02 -9.70
C LEU J 359 17.42 50.01 -10.19
N PHE J 360 17.92 48.84 -10.59
CA PHE J 360 19.28 48.75 -11.10
C PHE J 360 19.42 49.53 -12.41
N ILE J 361 18.41 49.44 -13.28
CA ILE J 361 18.44 50.20 -14.54
C ILE J 361 18.36 51.70 -14.25
N VAL J 362 17.51 52.10 -13.31
CA VAL J 362 17.42 53.51 -12.93
C VAL J 362 18.74 53.97 -12.32
N PHE J 363 19.36 53.15 -11.49
CA PHE J 363 20.64 53.49 -10.90
C PHE J 363 21.71 53.69 -11.98
N LEU J 364 21.72 52.82 -12.99
CA LEU J 364 22.67 52.97 -14.08
C LEU J 364 22.40 54.25 -14.86
N GLY J 365 21.13 54.60 -15.06
CA GLY J 365 20.81 55.83 -15.77
C GLY J 365 21.25 57.06 -15.02
N ILE J 366 21.03 57.10 -13.71
CA ILE J 366 21.49 58.22 -12.90
C ILE J 366 23.01 58.29 -12.90
N PHE J 367 23.67 57.14 -12.78
CA PHE J 367 25.12 57.11 -12.82
C PHE J 367 25.65 57.60 -14.15
N ALA J 368 25.02 57.19 -15.25
CA ALA J 368 25.47 57.61 -16.57
C ALA J 368 25.23 59.09 -16.80
N LEU J 369 24.09 59.61 -16.33
CA LEU J 369 23.77 61.02 -16.57
C LEU J 369 24.63 61.95 -15.74
N THR J 370 25.00 61.55 -14.52
CA THR J 370 25.84 62.39 -13.69
C THR J 370 27.22 62.59 -14.32
N ILE J 371 27.78 61.53 -14.89
CA ILE J 371 29.07 61.65 -15.57
C ILE J 371 28.92 62.50 -16.82
N THR J 372 27.84 62.31 -17.58
CA THR J 372 27.66 63.01 -18.85
C THR J 372 27.15 64.43 -18.64
N GLU J 373 26.01 64.58 -17.98
CA GLU J 373 25.37 65.87 -17.81
C GLU J 373 25.88 66.57 -16.55
N GLN J 374 26.21 67.85 -16.70
CA GLN J 374 26.60 68.69 -15.55
C GLN J 374 25.36 69.44 -15.10
N ALA J 375 24.51 68.74 -14.37
CA ALA J 375 23.21 69.24 -13.94
C ALA J 375 23.03 68.94 -12.46
N PRO J 376 22.14 69.67 -11.79
CA PRO J 376 21.85 69.35 -10.38
C PRO J 376 21.33 67.94 -10.23
N PHE J 377 21.70 67.31 -9.11
CA PHE J 377 21.42 65.89 -8.93
C PHE J 377 19.93 65.60 -8.87
N LEU J 378 19.15 66.48 -8.22
CA LEU J 378 17.72 66.23 -8.09
C LEU J 378 17.03 66.19 -9.45
N GLN J 379 17.43 67.08 -10.36
CA GLN J 379 16.85 67.05 -11.71
C GLN J 379 17.23 65.77 -12.45
N ILE J 380 18.47 65.30 -12.27
CA ILE J 380 18.91 64.09 -12.94
C ILE J 380 18.11 62.88 -12.45
N VAL J 381 17.91 62.79 -11.13
CA VAL J 381 17.13 61.69 -10.58
C VAL J 381 15.69 61.76 -11.05
N PHE J 382 15.11 62.96 -11.04
CA PHE J 382 13.73 63.12 -11.50
C PHE J 382 13.59 62.78 -12.97
N GLU J 383 14.59 63.15 -13.77
CA GLU J 383 14.55 62.84 -15.20
C GLU J 383 14.62 61.35 -15.46
N THR J 384 15.47 60.64 -14.71
CA THR J 384 15.65 59.22 -14.94
C THR J 384 14.42 58.42 -14.55
N PHE J 385 13.83 58.71 -13.39
CA PHE J 385 12.61 58.02 -12.99
C PHE J 385 11.47 58.31 -13.96
N SER J 386 11.35 59.57 -14.41
CA SER J 386 10.32 59.92 -15.37
C SER J 386 10.54 59.22 -16.70
N ALA J 387 11.79 59.17 -17.18
CA ALA J 387 12.07 58.49 -18.44
C ALA J 387 11.82 56.99 -18.34
N PHE J 388 12.27 56.37 -17.25
CA PHE J 388 12.07 54.94 -17.09
C PHE J 388 10.59 54.59 -16.95
N GLY J 389 9.86 55.38 -16.17
CA GLY J 389 8.44 55.15 -16.01
C GLY J 389 7.60 55.68 -17.15
N THR J 390 8.23 56.28 -18.16
CA THR J 390 7.55 56.87 -19.31
C THR J 390 6.46 57.85 -18.86
N VAL J 391 6.84 58.73 -17.92
CA VAL J 391 5.92 59.73 -17.41
C VAL J 391 6.08 61.07 -18.15
N GLY J 392 7.33 61.50 -18.35
CA GLY J 392 7.58 62.72 -19.09
C GLY J 392 7.66 63.98 -18.26
N LEU J 393 7.42 63.90 -16.96
CA LEU J 393 7.57 65.06 -16.11
C LEU J 393 9.05 65.43 -15.99
N THR J 394 9.34 66.73 -15.99
CA THR J 394 10.71 67.20 -15.94
C THR J 394 10.76 68.54 -15.23
N MET J 395 11.95 68.89 -14.74
CA MET J 395 12.20 70.18 -14.11
C MET J 395 13.38 70.83 -14.83
N GLY J 396 13.09 71.50 -15.95
CA GLY J 396 14.10 72.30 -16.63
C GLY J 396 15.37 71.55 -16.97
N LEU J 397 15.25 70.31 -17.44
CA LEU J 397 16.42 69.50 -17.77
C LEU J 397 16.39 68.92 -19.16
N THR J 398 15.22 68.53 -19.65
CA THR J 398 15.13 67.91 -20.97
C THR J 398 15.63 68.82 -22.09
N PRO J 399 15.26 70.10 -22.17
CA PRO J 399 15.83 70.95 -23.23
C PRO J 399 17.34 71.10 -23.16
N GLU J 400 17.92 71.10 -21.96
CA GLU J 400 19.34 71.40 -21.79
C GLU J 400 20.22 70.16 -21.79
N LEU J 401 19.66 68.98 -22.05
CA LEU J 401 20.46 67.77 -22.14
C LEU J 401 21.41 67.85 -23.32
N THR J 402 22.59 67.25 -23.16
CA THR J 402 23.58 67.21 -24.23
C THR J 402 23.22 66.09 -25.21
N THR J 403 24.04 65.96 -26.26
CA THR J 403 23.79 64.92 -27.26
C THR J 403 23.91 63.53 -26.64
N ALA J 404 24.94 63.31 -25.82
CA ALA J 404 25.09 62.02 -25.15
C ALA J 404 24.01 61.81 -24.10
N GLY J 405 23.58 62.88 -23.43
CA GLY J 405 22.53 62.75 -22.44
C GLY J 405 21.19 62.36 -23.04
N LYS J 406 20.88 62.89 -24.22
CA LYS J 406 19.63 62.52 -24.89
C LYS J 406 19.64 61.04 -25.29
N CYS J 407 20.79 60.54 -25.74
CA CYS J 407 20.88 59.14 -26.14
C CYS J 407 20.62 58.21 -24.96
N ILE J 408 21.12 58.55 -23.78
CA ILE J 408 20.87 57.74 -22.59
C ILE J 408 19.39 57.72 -22.25
N ILE J 409 18.72 58.87 -22.35
CA ILE J 409 17.30 58.94 -22.03
C ILE J 409 16.49 58.07 -22.99
N ILE J 410 16.87 58.08 -24.28
CA ILE J 410 16.15 57.28 -25.26
C ILE J 410 16.23 55.80 -24.92
N VAL J 411 17.42 55.34 -24.52
CA VAL J 411 17.58 53.95 -24.10
C VAL J 411 16.74 53.69 -22.83
N ILE J 412 16.77 54.61 -21.88
CA ILE J 412 16.00 54.44 -20.65
C ILE J 412 14.50 54.41 -20.96
N MET J 413 14.04 55.30 -21.84
CA MET J 413 12.63 55.29 -22.21
C MET J 413 12.25 54.00 -22.91
N PHE J 414 13.10 53.52 -23.81
CA PHE J 414 12.80 52.29 -24.54
C PHE J 414 12.76 51.08 -23.62
N ILE J 415 13.75 50.96 -22.72
CA ILE J 415 13.79 49.83 -21.81
C ILE J 415 12.61 49.86 -20.85
N GLY J 416 12.29 51.04 -20.32
CA GLY J 416 11.17 51.15 -19.39
C GLY J 416 9.84 50.81 -20.03
N ARG J 417 9.64 51.26 -21.28
CA ARG J 417 8.40 50.95 -21.98
C ARG J 417 8.27 49.47 -22.25
N ILE J 418 9.33 48.83 -22.75
CA ILE J 418 9.29 47.40 -23.04
C ILE J 418 9.14 46.61 -21.74
N GLY J 419 9.92 46.98 -20.72
CA GLY J 419 9.94 46.25 -19.48
C GLY J 419 11.25 45.51 -19.32
N PRO J 420 11.84 45.60 -18.13
CA PRO J 420 13.15 44.95 -17.90
C PRO J 420 13.12 43.45 -18.13
N LEU J 421 12.03 42.78 -17.73
CA LEU J 421 11.96 41.33 -17.93
C LEU J 421 11.72 40.97 -19.39
N THR J 422 10.82 41.71 -20.06
CA THR J 422 10.53 41.41 -21.47
C THR J 422 11.74 41.71 -22.35
N PHE J 423 12.43 42.81 -22.10
CA PHE J 423 13.54 43.20 -22.96
C PHE J 423 14.70 42.21 -22.88
N VAL J 424 15.00 41.72 -21.68
CA VAL J 424 16.13 40.80 -21.51
C VAL J 424 15.87 39.49 -22.24
N PHE J 425 14.64 38.96 -22.14
CA PHE J 425 14.32 37.69 -22.78
C PHE J 425 14.52 37.75 -24.29
N SER J 426 14.39 38.94 -24.89
CA SER J 426 14.55 39.06 -26.34
C SER J 426 15.99 38.77 -26.77
N PHE J 427 16.97 39.28 -26.01
CA PHE J 427 18.38 39.19 -26.39
C PHE J 427 19.20 38.46 -25.33
N ALA J 428 18.68 37.35 -24.82
CA ALA J 428 19.40 36.50 -23.87
C ALA J 428 19.28 35.06 -24.30
N LYS J 429 20.40 34.34 -24.26
CA LYS J 429 20.38 32.91 -24.56
C LYS J 429 19.60 32.16 -23.48
N THR J 430 18.75 31.24 -23.93
CA THR J 430 17.86 30.50 -23.04
C THR J 430 18.24 29.02 -23.06
N GLU J 431 18.46 28.46 -21.87
CA GLU J 431 18.74 27.04 -21.72
C GLU J 431 18.10 26.58 -20.42
N GLN J 432 17.07 25.76 -20.52
CA GLN J 432 16.36 25.29 -19.34
C GLN J 432 17.19 24.23 -18.62
N SER J 433 17.58 24.53 -17.38
CA SER J 433 18.39 23.60 -16.62
C SER J 433 17.57 22.40 -16.17
N ASN J 434 18.26 21.25 -16.04
CA ASN J 434 17.62 20.02 -15.61
C ASN J 434 18.45 19.31 -14.54
N ILE J 435 19.30 20.04 -13.82
CA ILE J 435 20.16 19.45 -12.80
C ILE J 435 19.97 20.25 -11.50
N ARG J 436 19.70 19.53 -10.42
CA ARG J 436 19.60 20.16 -9.12
C ARG J 436 20.94 20.03 -8.37
N TYR J 437 21.13 20.89 -7.38
CA TYR J 437 22.37 20.96 -6.63
C TYR J 437 22.07 20.92 -5.14
N PRO J 438 23.03 20.48 -4.32
CA PRO J 438 22.81 20.46 -2.87
C PRO J 438 22.60 21.85 -2.32
N ASP J 439 21.79 21.94 -1.27
CA ASP J 439 21.46 23.22 -0.66
C ASP J 439 22.68 23.82 0.03
N GLY J 440 22.76 25.14 -0.01
CA GLY J 440 23.82 25.86 0.66
C GLY J 440 23.25 26.91 1.59
N GLU J 441 23.96 27.13 2.70
CA GLU J 441 23.53 28.08 3.72
C GLU J 441 24.23 29.41 3.48
N VAL J 442 23.43 30.47 3.30
CA VAL J 442 23.92 31.82 3.11
C VAL J 442 23.25 32.72 4.12
N PHE J 443 24.05 33.52 4.83
CA PHE J 443 23.53 34.43 5.84
C PHE J 443 23.21 35.76 5.17
N THR J 444 21.92 36.09 5.09
CA THR J 444 21.46 37.31 4.45
C THR J 444 20.96 38.34 5.45
N GLY J 445 21.40 38.25 6.69
CA GLY J 445 20.99 39.19 7.71
C GLY J 445 21.62 40.55 7.58
N THR K 15 13.14 -45.46 5.74
CA THR K 15 13.98 -46.02 6.80
C THR K 15 13.43 -45.74 8.22
N PRO K 16 12.97 -44.52 8.51
CA PRO K 16 12.39 -44.26 9.83
C PRO K 16 11.22 -45.18 10.14
N PRO K 17 10.33 -45.51 9.17
CA PRO K 17 9.29 -46.50 9.47
C PRO K 17 9.68 -47.91 9.06
N GLN K 18 10.79 -48.04 8.34
CA GLN K 18 11.24 -49.35 7.88
C GLN K 18 11.87 -50.17 9.00
N VAL K 19 12.46 -49.51 9.99
CA VAL K 19 13.10 -50.24 11.09
C VAL K 19 12.08 -51.07 11.86
N LEU K 20 10.91 -50.49 12.14
CA LEU K 20 9.88 -51.22 12.85
C LEU K 20 9.41 -52.45 12.07
N ALA K 21 9.23 -52.29 10.75
CA ALA K 21 8.83 -53.42 9.94
C ALA K 21 9.90 -54.51 9.91
N ILE K 22 11.17 -54.11 9.77
CA ILE K 22 12.25 -55.08 9.79
C ILE K 22 12.44 -55.64 11.19
N GLY K 23 12.29 -54.80 12.22
CA GLY K 23 12.52 -55.25 13.58
C GLY K 23 11.58 -56.35 14.01
N PHE K 24 10.29 -56.21 13.71
CA PHE K 24 9.33 -57.25 14.03
C PHE K 24 9.60 -58.51 13.23
N PHE K 25 10.02 -58.36 11.97
CA PHE K 25 10.35 -59.53 11.16
C PHE K 25 11.51 -60.31 11.78
N LEU K 26 12.53 -59.61 12.28
CA LEU K 26 13.65 -60.29 12.92
C LEU K 26 13.21 -60.97 14.21
N THR K 27 12.33 -60.34 14.98
CA THR K 27 11.86 -60.93 16.22
C THR K 27 11.07 -62.21 15.96
N ILE K 28 10.22 -62.21 14.94
CA ILE K 28 9.38 -63.37 14.66
C ILE K 28 10.23 -64.57 14.28
N ILE K 29 11.20 -64.38 13.38
CA ILE K 29 12.01 -65.51 12.92
C ILE K 29 12.92 -66.02 14.04
N ILE K 30 13.44 -65.10 14.87
CA ILE K 30 14.23 -65.53 16.02
C ILE K 30 13.37 -66.29 17.00
N GLY K 31 12.15 -65.81 17.27
CA GLY K 31 11.25 -66.53 18.15
C GLY K 31 10.80 -67.86 17.57
N ALA K 32 10.58 -67.90 16.25
CA ALA K 32 10.11 -69.13 15.61
C ALA K 32 11.15 -70.24 15.74
N VAL K 33 12.42 -69.92 15.51
CA VAL K 33 13.46 -70.92 15.62
C VAL K 33 13.79 -71.23 17.07
N LEU K 34 13.46 -70.32 17.99
CA LEU K 34 13.69 -70.59 19.41
C LEU K 34 12.74 -71.65 19.94
N LEU K 35 11.55 -71.74 19.36
CA LEU K 35 10.59 -72.78 19.74
C LEU K 35 10.85 -74.10 19.05
N MET K 36 11.81 -74.16 18.12
CA MET K 36 12.12 -75.40 17.43
C MET K 36 12.96 -76.36 18.27
N LEU K 37 13.63 -75.85 19.31
CA LEU K 37 14.48 -76.70 20.12
C LEU K 37 13.66 -77.73 20.87
N PRO K 38 14.20 -78.93 21.08
CA PRO K 38 13.46 -79.95 21.83
C PRO K 38 13.49 -79.72 23.32
N ILE K 39 13.31 -78.46 23.73
CA ILE K 39 13.18 -78.12 25.14
C ILE K 39 11.98 -77.21 25.42
N SER K 40 11.44 -76.53 24.42
CA SER K 40 10.31 -75.63 24.60
C SER K 40 8.98 -76.34 24.48
N THR K 41 8.85 -77.27 23.55
CA THR K 41 7.61 -78.00 23.30
C THR K 41 7.79 -79.48 23.62
N THR K 42 6.81 -80.05 24.31
CA THR K 42 6.87 -81.47 24.65
C THR K 42 6.72 -82.33 23.40
N LYS K 43 5.74 -82.02 22.55
CA LYS K 43 5.46 -82.73 21.32
C LYS K 43 6.00 -81.95 20.13
N PRO K 44 6.33 -82.65 19.02
CA PRO K 44 6.90 -81.95 17.87
C PRO K 44 5.95 -80.91 17.29
N LEU K 45 6.51 -79.80 16.84
CA LEU K 45 5.77 -78.68 16.31
C LEU K 45 6.18 -78.44 14.86
N SER K 46 5.21 -78.24 13.99
CA SER K 46 5.50 -77.99 12.59
C SER K 46 6.13 -76.61 12.40
N TRP K 47 6.75 -76.43 11.23
CA TRP K 47 7.41 -75.16 10.94
C TRP K 47 6.41 -74.02 10.87
N ILE K 48 5.25 -74.25 10.27
CA ILE K 48 4.28 -73.18 10.09
C ILE K 48 3.66 -72.78 11.43
N ASP K 49 3.39 -73.76 12.30
CA ASP K 49 2.80 -73.45 13.60
C ASP K 49 3.75 -72.63 14.46
N ALA K 50 5.04 -72.98 14.45
CA ALA K 50 6.02 -72.20 15.22
C ALA K 50 6.12 -70.78 14.69
N LEU K 51 6.12 -70.62 13.36
CA LEU K 51 6.12 -69.29 12.77
C LEU K 51 4.86 -68.53 13.12
N PHE K 52 3.71 -69.22 13.07
CA PHE K 52 2.45 -68.57 13.45
C PHE K 52 2.44 -68.18 14.92
N THR K 53 2.92 -69.08 15.79
CA THR K 53 2.94 -68.79 17.21
C THR K 53 3.87 -67.63 17.53
N ALA K 54 5.04 -67.58 16.90
CA ALA K 54 5.96 -66.47 17.10
C ALA K 54 5.38 -65.17 16.56
N ALA K 55 4.75 -65.22 15.39
CA ALA K 55 4.16 -64.01 14.82
C ALA K 55 3.02 -63.49 15.67
N SER K 56 2.18 -64.40 16.18
CA SER K 56 1.07 -63.98 17.04
C SER K 56 1.58 -63.40 18.35
N ALA K 57 2.67 -63.95 18.88
CA ALA K 57 3.23 -63.42 20.12
C ALA K 57 3.96 -62.09 19.89
N THR K 58 4.73 -62.00 18.80
CA THR K 58 5.48 -60.77 18.54
C THR K 58 4.54 -59.65 18.08
N THR K 59 3.87 -59.84 16.96
CA THR K 59 2.75 -58.98 16.58
C THR K 59 1.60 -59.40 17.47
N VAL K 60 1.44 -58.70 18.59
CA VAL K 60 0.72 -59.25 19.74
C VAL K 60 -0.77 -59.34 19.41
N THR K 61 -1.21 -60.54 19.05
CA THR K 61 -2.57 -60.80 18.58
C THR K 61 -3.30 -61.80 19.45
N GLY K 62 -2.68 -62.94 19.74
CA GLY K 62 -3.28 -63.95 20.58
C GLY K 62 -3.86 -65.14 19.85
N LEU K 63 -3.95 -65.09 18.52
CA LEU K 63 -4.41 -66.26 17.77
C LEU K 63 -3.45 -67.42 17.98
N ALA K 64 -3.99 -68.58 18.31
CA ALA K 64 -3.18 -69.76 18.60
C ALA K 64 -3.69 -70.93 17.79
N VAL K 65 -2.80 -71.56 17.03
CA VAL K 65 -3.13 -72.81 16.35
C VAL K 65 -2.92 -74.02 17.26
N VAL K 66 -2.14 -73.87 18.33
CA VAL K 66 -1.91 -74.94 19.30
C VAL K 66 -2.04 -74.34 20.70
N ASP K 67 -2.65 -75.10 21.60
CA ASP K 67 -2.83 -74.62 22.96
C ASP K 67 -1.49 -74.40 23.63
N THR K 68 -1.34 -73.24 24.29
CA THR K 68 -0.06 -72.89 24.90
C THR K 68 0.31 -73.86 26.01
N GLY K 69 -0.66 -74.21 26.87
CA GLY K 69 -0.35 -75.08 28.00
C GLY K 69 0.02 -76.49 27.58
N THR K 70 -0.70 -77.06 26.64
CA THR K 70 -0.52 -78.46 26.27
C THR K 70 0.54 -78.68 25.20
N GLN K 71 1.06 -77.62 24.60
CA GLN K 71 2.09 -77.74 23.57
C GLN K 71 3.47 -77.35 24.06
N PHE K 72 3.59 -76.22 24.74
CA PHE K 72 4.88 -75.71 25.18
C PHE K 72 5.12 -76.03 26.64
N THR K 73 6.40 -76.06 27.02
CA THR K 73 6.82 -76.31 28.38
C THR K 73 7.03 -74.98 29.11
N VAL K 74 7.61 -75.05 30.31
CA VAL K 74 7.86 -73.84 31.09
C VAL K 74 8.82 -72.93 30.34
N PHE K 75 9.87 -73.50 29.75
CA PHE K 75 10.79 -72.71 28.94
C PHE K 75 10.09 -72.15 27.71
N GLY K 76 9.24 -72.95 27.06
CA GLY K 76 8.52 -72.48 25.90
C GLY K 76 7.56 -71.35 26.21
N GLN K 77 6.81 -71.48 27.31
CA GLN K 77 5.91 -70.41 27.73
C GLN K 77 6.67 -69.16 28.12
N THR K 78 7.90 -69.32 28.64
CA THR K 78 8.73 -68.16 28.93
C THR K 78 9.12 -67.43 27.65
N VAL K 79 9.40 -68.18 26.58
CA VAL K 79 9.71 -67.56 25.30
C VAL K 79 8.51 -66.78 24.78
N ILE K 80 7.31 -67.35 24.91
CA ILE K 80 6.10 -66.63 24.53
C ILE K 80 5.93 -65.38 25.38
N MET K 81 6.21 -65.49 26.67
CA MET K 81 6.14 -64.32 27.55
C MET K 81 7.14 -63.26 27.12
N GLY K 82 8.34 -63.67 26.72
CA GLY K 82 9.33 -62.72 26.25
C GLY K 82 8.91 -62.01 24.97
N LEU K 83 8.34 -62.75 24.02
CA LEU K 83 7.92 -62.14 22.77
C LEU K 83 6.79 -61.14 22.99
N ILE K 84 5.85 -61.46 23.87
CA ILE K 84 4.74 -60.55 24.16
C ILE K 84 5.27 -59.25 24.75
N GLN K 85 6.16 -59.36 25.73
CA GLN K 85 6.72 -58.16 26.35
C GLN K 85 7.55 -57.36 25.37
N ILE K 86 8.38 -58.02 24.57
CA ILE K 86 9.19 -57.32 23.57
C ILE K 86 8.31 -56.74 22.49
N GLY K 87 7.38 -57.54 21.97
CA GLY K 87 6.51 -57.05 20.90
C GLY K 87 5.59 -55.94 21.37
N GLY K 88 4.98 -56.10 22.55
CA GLY K 88 4.08 -55.07 23.05
C GLY K 88 4.81 -53.77 23.39
N LEU K 89 5.96 -53.88 24.05
CA LEU K 89 6.72 -52.69 24.40
C LEU K 89 7.47 -52.12 23.20
N GLY K 90 7.92 -52.97 22.28
CA GLY K 90 8.64 -52.47 21.12
C GLY K 90 7.78 -51.56 20.26
N PHE K 91 6.52 -51.94 20.03
CA PHE K 91 5.62 -51.08 19.27
C PHE K 91 5.18 -49.88 20.09
N MET K 92 4.94 -50.09 21.39
CA MET K 92 4.45 -49.00 22.23
C MET K 92 5.46 -47.87 22.32
N THR K 93 6.75 -48.19 22.48
CA THR K 93 7.77 -47.16 22.52
C THR K 93 7.87 -46.41 21.19
N PHE K 94 7.83 -47.15 20.08
CA PHE K 94 7.92 -46.51 18.77
C PHE K 94 6.66 -45.70 18.46
N ALA K 95 5.50 -46.18 18.91
CA ALA K 95 4.27 -45.43 18.69
C ALA K 95 4.30 -44.09 19.40
N VAL K 96 4.82 -44.07 20.63
CA VAL K 96 4.98 -42.81 21.35
C VAL K 96 5.98 -41.91 20.63
N LEU K 97 7.09 -42.48 20.16
CA LEU K 97 8.09 -41.69 19.45
C LEU K 97 7.53 -41.12 18.15
N ILE K 98 6.75 -41.91 17.42
CA ILE K 98 6.15 -41.42 16.18
C ILE K 98 5.21 -40.25 16.46
N VAL K 99 4.41 -40.36 17.52
CA VAL K 99 3.46 -39.30 17.84
C VAL K 99 4.19 -38.00 18.18
N MET K 100 5.24 -38.09 19.00
CA MET K 100 5.93 -36.86 19.41
C MET K 100 6.78 -36.28 18.29
N ILE K 101 7.35 -37.13 17.43
CA ILE K 101 8.13 -36.63 16.30
C ILE K 101 7.22 -35.98 15.27
N LEU K 102 6.10 -36.64 14.96
CA LEU K 102 5.14 -36.10 13.99
C LEU K 102 4.08 -35.26 14.67
N ILE K 127 17.83 -43.89 24.52
CA ILE K 127 16.79 -44.77 25.03
C ILE K 127 16.29 -44.29 26.39
N GLY K 128 16.33 -42.97 26.58
CA GLY K 128 15.85 -42.40 27.83
C GLY K 128 14.36 -42.61 28.03
N LEU K 129 13.56 -42.41 26.97
CA LEU K 129 12.13 -42.60 27.07
C LEU K 129 11.75 -44.08 27.13
N VAL K 130 12.54 -44.95 26.49
CA VAL K 130 12.25 -46.38 26.50
C VAL K 130 12.33 -46.94 27.91
N LYS K 131 13.35 -46.52 28.66
CA LYS K 131 13.51 -47.02 30.03
C LYS K 131 12.34 -46.60 30.91
N VAL K 132 11.84 -45.38 30.74
CA VAL K 132 10.71 -44.91 31.52
C VAL K 132 9.48 -45.76 31.26
N LEU K 133 9.21 -46.05 29.98
CA LEU K 133 8.07 -46.91 29.64
C LEU K 133 8.29 -48.33 30.14
N PHE K 134 9.52 -48.84 30.04
CA PHE K 134 9.80 -50.19 30.51
C PHE K 134 9.59 -50.30 32.02
N LEU K 135 10.06 -49.30 32.78
CA LEU K 135 9.86 -49.32 34.22
C LEU K 135 8.38 -49.23 34.58
N PHE K 136 7.63 -48.38 33.87
CA PHE K 136 6.20 -48.27 34.14
C PHE K 136 5.47 -49.57 33.81
N SER K 137 5.80 -50.17 32.66
CA SER K 137 5.13 -51.40 32.25
C SER K 137 5.43 -52.55 33.22
N ILE K 138 6.70 -52.67 33.64
CA ILE K 138 7.06 -53.73 34.57
C ILE K 138 6.41 -53.52 35.91
N SER K 139 6.37 -52.27 36.39
CA SER K 139 5.83 -52.00 37.71
C SER K 139 4.34 -52.36 37.80
N ILE K 140 3.56 -51.96 36.80
CA ILE K 140 2.12 -52.23 36.84
C ILE K 140 1.85 -53.71 36.63
N GLU K 141 2.65 -54.38 35.80
CA GLU K 141 2.47 -55.81 35.60
C GLU K 141 2.90 -56.60 36.84
N LEU K 142 3.94 -56.13 37.54
CA LEU K 142 4.41 -56.85 38.72
C LEU K 142 3.39 -56.80 39.84
N ILE K 143 2.82 -55.62 40.11
CA ILE K 143 1.84 -55.50 41.18
C ILE K 143 0.56 -56.26 40.81
N ALA K 144 0.20 -56.25 39.53
CA ALA K 144 -0.96 -57.03 39.09
C ALA K 144 -0.74 -58.52 39.30
N ALA K 145 0.47 -59.00 39.02
CA ALA K 145 0.78 -60.40 39.23
C ALA K 145 0.68 -60.77 40.71
N LEU K 146 1.13 -59.86 41.60
CA LEU K 146 1.01 -60.11 43.03
C LEU K 146 -0.44 -60.22 43.45
N ILE K 147 -1.30 -59.34 42.92
CA ILE K 147 -2.73 -59.44 43.21
C ILE K 147 -3.30 -60.74 42.65
N LEU K 148 -2.91 -61.09 41.43
CA LEU K 148 -3.36 -62.34 40.84
C LEU K 148 -2.79 -63.54 41.59
N SER K 149 -1.64 -63.38 42.23
CA SER K 149 -1.03 -64.48 42.97
C SER K 149 -1.88 -64.87 44.17
N ILE K 150 -2.60 -63.92 44.74
CA ILE K 150 -3.46 -64.20 45.89
C ILE K 150 -4.56 -65.18 45.48
N ARG K 151 -4.94 -65.19 44.20
CA ARG K 151 -6.00 -66.04 43.69
C ARG K 151 -5.51 -67.32 43.04
N LEU K 152 -4.34 -67.29 42.37
CA LEU K 152 -3.93 -68.43 41.55
C LEU K 152 -3.06 -69.43 42.33
N VAL K 153 -2.13 -68.97 43.13
CA VAL K 153 -1.22 -69.87 43.84
C VAL K 153 -1.94 -70.73 44.89
N PRO K 154 -3.07 -70.30 45.50
CA PRO K 154 -3.79 -71.24 46.37
C PRO K 154 -4.42 -72.40 45.61
N GLN K 155 -4.54 -72.28 44.29
CA GLN K 155 -5.20 -73.30 43.47
C GLN K 155 -4.22 -74.13 42.66
N TYR K 156 -3.20 -73.50 42.07
CA TYR K 156 -2.24 -74.21 41.24
C TYR K 156 -0.94 -74.53 41.95
N GLY K 157 -0.61 -73.80 43.01
CA GLY K 157 0.61 -74.04 43.75
C GLY K 157 1.54 -72.84 43.70
N TRP K 158 2.62 -72.93 44.49
CA TRP K 158 3.60 -71.85 44.53
C TRP K 158 4.33 -71.68 43.21
N SER K 159 4.75 -72.79 42.59
CA SER K 159 5.48 -72.70 41.34
C SER K 159 4.54 -72.46 40.16
N SER K 160 3.45 -73.23 40.09
CA SER K 160 2.51 -73.08 39.00
C SER K 160 1.72 -71.78 39.08
N GLY K 161 1.31 -71.38 40.28
CA GLY K 161 0.47 -70.21 40.43
C GLY K 161 1.18 -68.88 40.24
N LEU K 162 2.49 -68.84 40.50
CA LEU K 162 3.26 -67.63 40.29
C LEU K 162 3.65 -67.38 38.84
N PHE K 163 4.00 -68.42 38.08
CA PHE K 163 4.25 -68.27 36.66
C PHE K 163 2.97 -67.93 35.90
N ALA K 164 1.85 -68.55 36.26
CA ALA K 164 0.58 -68.26 35.61
C ALA K 164 0.12 -66.84 35.86
N SER K 165 0.27 -66.37 37.11
CA SER K 165 -0.10 -64.99 37.41
C SER K 165 0.78 -63.99 36.68
N LEU K 166 2.08 -64.26 36.62
CA LEU K 166 2.99 -63.36 35.89
C LEU K 166 2.71 -63.41 34.39
N PHE K 167 2.44 -64.60 33.86
CA PHE K 167 2.18 -64.72 32.43
C PHE K 167 0.93 -63.96 32.03
N HIS K 168 -0.14 -64.06 32.83
CA HIS K 168 -1.37 -63.36 32.50
C HIS K 168 -1.25 -61.86 32.74
N ALA K 169 -0.45 -61.45 33.73
CA ALA K 169 -0.20 -60.03 33.93
C ALA K 169 0.53 -59.42 32.75
N ILE K 170 1.53 -60.13 32.22
CA ILE K 170 2.24 -59.66 31.04
C ILE K 170 1.32 -59.68 29.83
N SER K 171 0.56 -60.76 29.65
CA SER K 171 -0.30 -60.89 28.49
C SER K 171 -1.41 -59.84 28.48
N ALA K 172 -2.03 -59.60 29.65
CA ALA K 172 -3.18 -58.70 29.69
C ALA K 172 -2.77 -57.25 29.44
N PHE K 173 -1.66 -56.81 30.03
CA PHE K 173 -1.25 -55.41 29.89
C PHE K 173 -0.90 -55.09 28.45
N ASN K 174 -0.28 -56.03 27.74
CA ASN K 174 0.13 -55.81 26.36
C ASN K 174 -0.96 -56.17 25.36
N ASN K 175 -2.16 -56.52 25.84
CA ASN K 175 -3.29 -56.89 24.99
C ASN K 175 -2.92 -58.08 24.09
N ALA K 176 -2.65 -59.21 24.75
CA ALA K 176 -2.28 -60.44 24.05
C ALA K 176 -3.42 -61.44 24.02
N GLY K 177 -3.96 -61.79 25.19
CA GLY K 177 -5.00 -62.79 25.26
C GLY K 177 -4.50 -64.21 25.40
N PHE K 178 -3.19 -64.42 25.41
CA PHE K 178 -2.64 -65.76 25.64
C PHE K 178 -2.99 -66.23 27.04
N SER K 179 -3.33 -67.51 27.15
CA SER K 179 -3.65 -68.12 28.43
C SER K 179 -2.99 -69.49 28.51
N LEU K 180 -2.42 -69.80 29.68
CA LEU K 180 -1.81 -71.11 29.87
C LEU K 180 -2.87 -72.21 29.94
N TRP K 181 -4.03 -71.90 30.53
CA TRP K 181 -5.06 -72.90 30.69
C TRP K 181 -5.68 -73.24 29.34
N PRO K 182 -6.15 -74.49 29.17
CA PRO K 182 -6.76 -74.86 27.89
C PRO K 182 -7.96 -74.02 27.51
N ASP K 183 -8.77 -73.62 28.49
CA ASP K 183 -9.88 -72.70 28.27
C ASP K 183 -9.43 -71.30 28.65
N ASN K 184 -9.53 -70.37 27.69
CA ASN K 184 -9.05 -69.02 27.92
C ASN K 184 -9.96 -68.27 28.88
N LEU K 185 -9.63 -68.31 30.18
CA LEU K 185 -10.34 -67.58 31.22
C LEU K 185 -11.83 -67.93 31.28
N MET K 186 -12.24 -69.05 30.68
CA MET K 186 -13.65 -69.43 30.72
C MET K 186 -14.07 -69.98 32.08
N SER K 187 -13.12 -70.45 32.88
CA SER K 187 -13.42 -70.95 34.22
C SER K 187 -13.50 -69.84 35.26
N TYR K 188 -13.12 -68.62 34.92
CA TYR K 188 -13.13 -67.49 35.84
C TYR K 188 -14.10 -66.41 35.36
N VAL K 189 -15.25 -66.85 34.82
CA VAL K 189 -16.24 -65.89 34.35
C VAL K 189 -16.81 -65.07 35.51
N GLY K 190 -17.10 -65.73 36.63
CA GLY K 190 -17.66 -65.08 37.79
C GLY K 190 -16.68 -64.73 38.90
N ASP K 191 -15.37 -64.79 38.64
CA ASP K 191 -14.39 -64.47 39.66
C ASP K 191 -14.05 -62.99 39.58
N PRO K 192 -14.41 -62.18 40.58
CA PRO K 192 -14.09 -60.74 40.50
C PRO K 192 -12.62 -60.43 40.45
N THR K 193 -11.78 -61.23 41.12
CA THR K 193 -10.35 -60.96 41.12
C THR K 193 -9.74 -61.10 39.73
N VAL K 194 -10.13 -62.15 39.00
CA VAL K 194 -9.59 -62.35 37.67
C VAL K 194 -10.14 -61.31 36.70
N ASN K 195 -11.44 -61.04 36.77
CA ASN K 195 -12.05 -60.11 35.82
C ASN K 195 -11.54 -58.69 36.01
N LEU K 196 -11.53 -58.20 37.25
CA LEU K 196 -11.20 -56.81 37.49
C LEU K 196 -9.73 -56.51 37.19
N VAL K 197 -8.82 -57.36 37.66
CA VAL K 197 -7.40 -57.10 37.48
C VAL K 197 -7.01 -57.18 36.01
N ILE K 198 -7.48 -58.22 35.32
CA ILE K 198 -7.10 -58.41 33.93
C ILE K 198 -7.70 -57.32 33.05
N THR K 199 -8.97 -56.95 33.30
CA THR K 199 -9.59 -55.89 32.52
C THR K 199 -8.88 -54.56 32.73
N PHE K 200 -8.48 -54.26 33.97
CA PHE K 200 -7.75 -53.04 34.24
C PHE K 200 -6.43 -52.99 33.47
N LEU K 201 -5.84 -54.16 33.19
CA LEU K 201 -4.54 -54.18 32.54
C LEU K 201 -4.62 -53.80 31.07
N PHE K 202 -5.59 -54.34 30.34
CA PHE K 202 -5.69 -54.01 28.92
C PHE K 202 -6.60 -52.81 28.66
N ILE K 203 -7.19 -52.22 29.69
CA ILE K 203 -7.77 -50.89 29.57
C ILE K 203 -6.71 -49.82 29.78
N THR K 204 -5.88 -49.98 30.82
CA THR K 204 -4.78 -49.07 31.04
C THR K 204 -3.76 -49.15 29.91
N GLY K 205 -3.41 -50.36 29.49
CA GLY K 205 -2.52 -50.54 28.37
C GLY K 205 -3.15 -50.34 27.02
N GLY K 206 -4.47 -50.29 26.96
CA GLY K 206 -5.17 -50.05 25.71
C GLY K 206 -5.19 -48.59 25.32
N ILE K 207 -5.57 -47.72 26.26
CA ILE K 207 -5.50 -46.29 26.01
C ILE K 207 -4.04 -45.88 25.87
N GLY K 208 -3.80 -44.80 25.13
CA GLY K 208 -2.44 -44.39 24.84
C GLY K 208 -1.70 -43.95 26.08
N PHE K 209 -0.37 -44.08 26.02
CA PHE K 209 0.47 -43.62 27.12
C PHE K 209 0.42 -42.11 27.27
N THR K 210 0.09 -41.38 26.20
CA THR K 210 -0.13 -39.95 26.33
C THR K 210 -1.34 -39.66 27.22
N VAL K 211 -2.38 -40.48 27.10
CA VAL K 211 -3.55 -40.32 27.97
C VAL K 211 -3.17 -40.55 29.42
N LEU K 212 -2.39 -41.60 29.69
CA LEU K 212 -1.96 -41.87 31.06
C LEU K 212 -1.11 -40.74 31.61
N PHE K 213 -0.18 -40.22 30.80
CA PHE K 213 0.65 -39.11 31.25
C PHE K 213 -0.18 -37.85 31.51
N ASP K 214 -1.13 -37.56 30.61
CA ASP K 214 -1.91 -36.34 30.73
C ASP K 214 -2.82 -36.39 31.95
N VAL K 215 -3.37 -37.56 32.27
CA VAL K 215 -4.27 -37.68 33.41
C VAL K 215 -3.51 -37.41 34.71
N MET K 216 -2.34 -38.02 34.87
CA MET K 216 -1.60 -37.86 36.11
C MET K 216 -0.92 -36.50 36.21
N LYS K 217 -0.60 -35.88 35.07
CA LYS K 217 0.04 -34.57 35.09
C LYS K 217 -0.95 -33.46 35.41
N ASN K 218 -2.18 -33.58 34.92
CA ASN K 218 -3.18 -32.53 35.05
C ASN K 218 -4.21 -32.81 36.14
N ARG K 219 -4.77 -34.02 36.16
CA ARG K 219 -5.74 -34.47 37.16
C ARG K 219 -7.04 -33.67 37.13
N ARG K 220 -7.24 -32.81 36.14
CA ARG K 220 -8.48 -32.06 35.98
C ARG K 220 -8.99 -32.27 34.55
N PHE K 221 -10.26 -32.67 34.43
CA PHE K 221 -10.80 -32.96 33.11
C PHE K 221 -10.88 -31.72 32.23
N LYS K 222 -11.03 -30.55 32.85
CA LYS K 222 -11.07 -29.31 32.08
C LYS K 222 -9.74 -28.99 31.43
N THR K 223 -8.63 -29.46 32.00
CA THR K 223 -7.29 -29.17 31.50
C THR K 223 -6.73 -30.28 30.63
N PHE K 224 -7.47 -31.36 30.39
CA PHE K 224 -6.98 -32.44 29.55
C PHE K 224 -6.94 -31.99 28.10
N SER K 225 -6.07 -32.65 27.33
CA SER K 225 -5.98 -32.37 25.91
C SER K 225 -7.22 -32.90 25.19
N LEU K 226 -7.39 -32.48 23.94
CA LEU K 226 -8.53 -32.94 23.15
C LEU K 226 -8.45 -34.45 22.93
N HIS K 227 -7.25 -34.96 22.63
CA HIS K 227 -7.10 -36.40 22.43
C HIS K 227 -7.41 -37.17 23.71
N THR K 228 -6.92 -36.67 24.85
CA THR K 228 -7.18 -37.34 26.11
C THR K 228 -8.67 -37.36 26.43
N LYS K 229 -9.37 -36.26 26.18
CA LYS K 229 -10.80 -36.22 26.42
C LYS K 229 -11.58 -37.10 25.45
N LEU K 230 -11.06 -37.33 24.24
CA LEU K 230 -11.71 -38.25 23.32
C LEU K 230 -11.60 -39.69 23.79
N MET K 231 -10.43 -40.08 24.30
CA MET K 231 -10.23 -41.46 24.73
C MET K 231 -11.02 -41.77 25.99
N LEU K 232 -10.94 -40.88 26.98
CA LEU K 232 -11.63 -41.13 28.25
C LEU K 232 -13.14 -41.15 28.06
N THR K 233 -13.68 -40.20 27.29
CA THR K 233 -15.12 -40.18 27.06
C THR K 233 -15.53 -41.27 26.08
N GLY K 234 -14.73 -41.49 25.04
CA GLY K 234 -15.09 -42.49 24.04
C GLY K 234 -15.09 -43.90 24.61
N THR K 235 -14.09 -44.22 25.44
CA THR K 235 -14.02 -45.57 26.00
C THR K 235 -15.22 -45.87 26.90
N LEU K 236 -15.61 -44.91 27.73
CA LEU K 236 -16.77 -45.13 28.60
C LEU K 236 -18.05 -45.31 27.79
N MET K 237 -18.24 -44.49 26.75
CA MET K 237 -19.43 -44.62 25.93
C MET K 237 -19.41 -45.91 25.10
N LEU K 238 -18.27 -46.23 24.51
CA LEU K 238 -18.18 -47.41 23.65
C LEU K 238 -18.35 -48.70 24.47
N ASN K 239 -17.73 -48.77 25.65
CA ASN K 239 -17.85 -49.95 26.48
C ASN K 239 -19.28 -50.12 26.98
N ALA K 240 -19.94 -49.01 27.36
CA ALA K 240 -21.30 -49.10 27.86
C ALA K 240 -22.26 -49.59 26.78
N ILE K 241 -22.11 -49.10 25.55
CA ILE K 241 -22.93 -49.57 24.44
C ILE K 241 -22.64 -51.03 24.16
N ALA K 242 -21.36 -51.42 24.15
CA ALA K 242 -20.99 -52.80 23.89
C ALA K 242 -21.52 -53.74 24.97
N MET K 243 -21.41 -53.31 26.24
CA MET K 243 -21.89 -54.15 27.34
C MET K 243 -23.41 -54.34 27.26
N LEU K 244 -24.12 -53.27 26.91
CA LEU K 244 -25.57 -53.39 26.76
C LEU K 244 -25.92 -54.31 25.60
N THR K 245 -25.19 -54.21 24.48
CA THR K 245 -25.49 -55.04 23.31
C THR K 245 -25.24 -56.51 23.60
N VAL K 246 -24.11 -56.83 24.23
CA VAL K 246 -23.79 -58.23 24.53
C VAL K 246 -24.78 -58.80 25.53
N PHE K 247 -25.13 -58.04 26.56
CA PHE K 247 -26.04 -58.54 27.59
C PHE K 247 -27.43 -58.81 27.01
N ILE K 248 -27.93 -57.92 26.18
CA ILE K 248 -29.29 -58.07 25.65
C ILE K 248 -29.36 -59.23 24.66
N LEU K 249 -28.37 -59.31 23.75
CA LEU K 249 -28.45 -60.30 22.68
C LEU K 249 -28.18 -61.71 23.20
N GLU K 250 -27.26 -61.85 24.15
CA GLU K 250 -26.84 -63.16 24.64
C GLU K 250 -27.59 -63.59 25.90
N TYR K 251 -28.57 -62.82 26.36
CA TYR K 251 -29.25 -63.14 27.61
C TYR K 251 -29.98 -64.48 27.51
N SER K 252 -30.65 -64.73 26.40
CA SER K 252 -31.42 -65.95 26.22
C SER K 252 -30.64 -67.06 25.53
N ASN K 253 -29.38 -66.84 25.21
CA ASN K 253 -28.59 -67.86 24.53
C ASN K 253 -28.21 -68.96 25.51
N PRO K 254 -28.63 -70.21 25.27
CA PRO K 254 -28.22 -71.30 26.18
C PRO K 254 -26.73 -71.54 26.20
N GLY K 255 -26.05 -71.37 25.07
CA GLY K 255 -24.62 -71.66 25.02
C GLY K 255 -23.79 -70.72 25.88
N THR K 256 -24.07 -69.42 25.79
CA THR K 256 -23.33 -68.41 26.52
C THR K 256 -24.29 -67.44 27.20
N LEU K 257 -23.97 -67.05 28.42
CA LEU K 257 -24.69 -66.06 29.22
C LEU K 257 -26.08 -66.54 29.64
N GLY K 258 -26.47 -67.77 29.30
CA GLY K 258 -27.79 -68.26 29.64
C GLY K 258 -27.84 -69.06 30.92
N HIS K 259 -26.96 -70.05 31.04
CA HIS K 259 -26.91 -70.89 32.24
C HIS K 259 -25.94 -70.31 33.27
N LEU K 260 -26.11 -69.04 33.59
CA LEU K 260 -25.27 -68.36 34.56
C LEU K 260 -26.13 -67.55 35.49
N HIS K 261 -25.58 -67.28 36.68
CA HIS K 261 -26.28 -66.44 37.65
C HIS K 261 -26.33 -65.00 37.15
N ILE K 262 -27.26 -64.23 37.71
CA ILE K 262 -27.46 -62.86 37.24
C ILE K 262 -26.20 -62.04 37.48
N VAL K 263 -25.51 -62.28 38.59
CA VAL K 263 -24.25 -61.58 38.84
C VAL K 263 -23.18 -62.03 37.83
N ASP K 264 -23.16 -63.32 37.50
CA ASP K 264 -22.19 -63.82 36.53
C ASP K 264 -22.51 -63.31 35.13
N LYS K 265 -23.78 -63.07 34.82
CA LYS K 265 -24.13 -62.50 33.51
C LYS K 265 -23.52 -61.12 33.34
N LEU K 266 -23.54 -60.30 34.40
CA LEU K 266 -22.96 -58.97 34.32
C LEU K 266 -21.46 -59.03 34.08
N TRP K 267 -20.77 -59.95 34.77
CA TRP K 267 -19.33 -60.07 34.59
C TRP K 267 -18.99 -60.50 33.16
N ALA K 268 -19.68 -61.52 32.65
CA ALA K 268 -19.39 -62.01 31.31
C ALA K 268 -19.71 -60.96 30.26
N SER K 269 -20.83 -60.26 30.41
CA SER K 269 -21.17 -59.19 29.47
C SER K 269 -20.14 -58.06 29.56
N TYR K 270 -19.72 -57.70 30.77
CA TYR K 270 -18.72 -56.66 30.93
C TYR K 270 -17.39 -57.08 30.32
N PHE K 271 -16.99 -58.33 30.53
CA PHE K 271 -15.71 -58.79 30.02
C PHE K 271 -15.72 -58.89 28.50
N GLN K 272 -16.80 -59.43 27.93
CA GLN K 272 -16.89 -59.62 26.49
C GLN K 272 -17.08 -58.31 25.73
N ALA K 273 -17.35 -57.21 26.43
CA ALA K 273 -17.49 -55.92 25.78
C ALA K 273 -16.16 -55.16 25.70
N VAL K 274 -15.26 -55.40 26.65
CA VAL K 274 -13.98 -54.68 26.67
C VAL K 274 -12.85 -55.50 26.08
N THR K 275 -12.97 -56.81 26.01
CA THR K 275 -11.92 -57.66 25.44
C THR K 275 -11.77 -57.56 23.92
N PRO K 276 -12.81 -57.25 23.12
CA PRO K 276 -12.59 -57.19 21.67
C PRO K 276 -11.63 -56.10 21.24
N ARG K 277 -11.38 -55.13 22.09
CA ARG K 277 -10.47 -54.04 21.73
C ARG K 277 -9.49 -53.76 22.86
N THR K 278 -8.32 -54.40 22.80
CA THR K 278 -7.96 -55.34 21.75
C THR K 278 -7.38 -56.63 22.33
N ALA K 279 -7.64 -56.87 23.63
CA ALA K 279 -6.95 -57.94 24.32
C ALA K 279 -7.29 -59.31 23.75
N GLY K 280 -8.57 -59.56 23.48
CA GLY K 280 -8.97 -60.85 22.98
C GLY K 280 -9.02 -61.97 23.98
N PHE K 281 -9.11 -61.65 25.27
CA PHE K 281 -9.38 -62.67 26.27
C PHE K 281 -10.82 -63.17 26.13
N ASN K 282 -11.05 -64.38 26.64
CA ASN K 282 -12.36 -65.02 26.54
C ASN K 282 -12.95 -65.23 27.93
N SER K 283 -14.27 -65.19 27.99
CA SER K 283 -15.02 -65.75 29.11
C SER K 283 -16.22 -66.54 28.64
N LEU K 284 -16.62 -66.42 27.38
CA LEU K 284 -17.69 -67.19 26.78
C LEU K 284 -17.20 -67.68 25.43
N ASP K 285 -17.84 -68.75 24.93
CA ASP K 285 -17.48 -69.32 23.64
C ASP K 285 -18.08 -68.47 22.53
N PHE K 286 -17.22 -67.80 21.76
CA PHE K 286 -17.70 -66.97 20.66
C PHE K 286 -18.33 -67.77 19.54
N GLY K 287 -17.99 -69.06 19.41
CA GLY K 287 -18.58 -69.89 18.38
C GLY K 287 -20.04 -70.22 18.62
N SER K 288 -20.50 -70.14 19.88
CA SER K 288 -21.88 -70.42 20.23
C SER K 288 -22.70 -69.15 20.45
N MET K 289 -22.13 -67.99 20.18
CA MET K 289 -22.88 -66.75 20.34
C MET K 289 -23.81 -66.51 19.16
N ARG K 290 -24.73 -65.57 19.34
CA ARG K 290 -25.62 -65.18 18.25
C ARG K 290 -24.83 -64.48 17.16
N GLU K 291 -25.36 -64.55 15.93
CA GLU K 291 -24.71 -63.87 14.81
C GLU K 291 -24.74 -62.36 14.99
N GLY K 292 -25.80 -61.83 15.59
CA GLY K 292 -25.86 -60.39 15.82
C GLY K 292 -24.75 -59.89 16.74
N THR K 293 -24.44 -60.67 17.78
CA THR K 293 -23.33 -60.30 18.65
C THR K 293 -22.01 -60.33 17.91
N ILE K 294 -21.82 -61.33 17.03
CA ILE K 294 -20.59 -61.43 16.27
C ILE K 294 -20.45 -60.24 15.30
N VAL K 295 -21.55 -59.86 14.65
CA VAL K 295 -21.51 -58.73 13.73
C VAL K 295 -21.13 -57.46 14.46
N PHE K 296 -21.72 -57.23 15.63
CA PHE K 296 -21.34 -56.05 16.42
C PHE K 296 -19.90 -56.14 16.90
N THR K 297 -19.41 -57.34 17.18
CA THR K 297 -18.02 -57.50 17.58
C THR K 297 -17.07 -57.19 16.43
N LEU K 298 -17.50 -57.40 15.20
CA LEU K 298 -16.66 -57.07 14.05
C LEU K 298 -16.31 -55.59 14.03
N LEU K 299 -17.31 -54.73 14.23
CA LEU K 299 -17.06 -53.30 14.33
C LEU K 299 -16.29 -52.96 15.60
N LEU K 300 -16.58 -53.68 16.69
CA LEU K 300 -15.94 -53.41 17.96
C LEU K 300 -14.43 -53.63 17.88
N MET K 301 -14.00 -54.71 17.24
CA MET K 301 -12.58 -55.01 17.10
C MET K 301 -11.98 -54.46 15.83
N PHE K 302 -12.62 -53.65 15.03
CA PHE K 302 -12.02 -52.94 13.90
C PHE K 302 -11.62 -51.52 14.27
N ILE K 303 -12.13 -50.95 15.36
CA ILE K 303 -11.85 -49.63 15.86
C ILE K 303 -10.86 -49.68 16.97
N GLY K 304 -10.53 -50.83 17.46
CA GLY K 304 -9.50 -50.91 18.45
C GLY K 304 -9.57 -49.96 19.57
N ALA K 305 -8.42 -49.55 20.06
CA ALA K 305 -8.38 -48.68 21.21
C ALA K 305 -7.56 -47.46 20.97
N GLY K 306 -6.76 -47.11 21.95
CA GLY K 306 -5.94 -45.95 21.84
C GLY K 306 -4.82 -45.93 20.88
N SER K 307 -4.26 -44.77 20.63
CA SER K 307 -3.28 -44.66 19.58
C SER K 307 -1.88 -45.13 19.91
N ALA K 308 -1.15 -44.40 20.73
CA ALA K 308 0.19 -44.80 21.13
C ALA K 308 0.08 -45.74 22.32
N SER K 309 -0.20 -47.01 22.04
CA SER K 309 -0.38 -48.00 23.08
C SER K 309 -0.16 -49.38 22.48
N THR K 310 -0.53 -50.42 23.23
CA THR K 310 -0.37 -51.79 22.80
C THR K 310 -1.50 -52.28 21.89
N ALA K 311 -2.56 -51.49 21.73
CA ALA K 311 -3.67 -51.87 20.88
C ALA K 311 -3.35 -51.60 19.41
N SER K 312 -4.17 -52.18 18.53
CA SER K 312 -3.99 -52.00 17.09
C SER K 312 -5.32 -51.73 16.40
N GLY K 313 -5.49 -51.68 15.11
CA GLY K 313 -6.81 -51.37 14.57
C GLY K 313 -7.04 -49.90 14.47
N ILE K 314 -7.79 -49.44 13.46
CA ILE K 314 -8.10 -48.03 13.34
C ILE K 314 -8.40 -47.72 14.77
N LYS K 315 -7.89 -46.60 15.29
CA LYS K 315 -8.06 -46.42 16.68
C LYS K 315 -9.38 -45.79 16.99
N LEU K 316 -9.65 -45.45 18.24
CA LEU K 316 -10.93 -44.91 18.57
C LEU K 316 -11.07 -43.47 18.20
N THR K 317 -10.03 -42.67 18.30
CA THR K 317 -10.11 -41.29 17.85
C THR K 317 -10.41 -41.22 16.35
N THR K 318 -9.83 -42.12 15.56
CA THR K 318 -10.09 -42.13 14.12
C THR K 318 -11.57 -42.37 13.84
N PHE K 319 -12.18 -43.31 14.57
CA PHE K 319 -13.61 -43.56 14.40
C PHE K 319 -14.44 -42.35 14.81
N ILE K 320 -14.06 -41.70 15.92
CA ILE K 320 -14.80 -40.53 16.39
C ILE K 320 -14.62 -39.36 15.41
N VAL K 321 -13.41 -39.16 14.92
CA VAL K 321 -13.16 -38.05 14.00
C VAL K 321 -13.99 -38.22 12.73
N ILE K 322 -14.00 -39.44 12.18
CA ILE K 322 -14.78 -39.70 10.97
C ILE K 322 -16.26 -39.54 11.25
N LEU K 323 -16.73 -40.10 12.36
CA LEU K 323 -18.16 -40.05 12.67
C LEU K 323 -18.63 -38.61 12.87
N THR K 324 -17.87 -37.81 13.60
CA THR K 324 -18.25 -36.42 13.84
C THR K 324 -18.10 -35.58 12.58
N SER K 325 -17.09 -35.86 11.75
CA SER K 325 -16.91 -35.11 10.51
C SER K 325 -18.08 -35.34 9.55
N VAL K 326 -18.55 -36.58 9.46
CA VAL K 326 -19.68 -36.87 8.57
C VAL K 326 -20.96 -36.21 9.10
N ILE K 327 -21.19 -36.29 10.42
CA ILE K 327 -22.39 -35.70 10.99
C ILE K 327 -22.37 -34.18 10.79
N ALA K 328 -21.21 -33.55 10.94
CA ALA K 328 -21.11 -32.12 10.68
C ALA K 328 -21.44 -31.78 9.24
N TYR K 329 -20.97 -32.61 8.30
CA TYR K 329 -21.29 -32.38 6.89
C TYR K 329 -22.78 -32.54 6.64
N LEU K 330 -23.41 -33.54 7.27
CA LEU K 330 -24.84 -33.75 7.09
C LEU K 330 -25.65 -32.61 7.70
N ARG K 331 -25.19 -32.05 8.81
CA ARG K 331 -25.88 -30.93 9.45
C ARG K 331 -25.51 -29.59 8.83
N GLY K 332 -24.62 -29.57 7.84
CA GLY K 332 -24.23 -28.35 7.17
C GLY K 332 -23.13 -27.57 7.84
N LYS K 333 -22.54 -28.09 8.93
CA LYS K 333 -21.48 -27.38 9.62
C LYS K 333 -20.26 -27.25 8.72
N LYS K 334 -19.65 -26.05 8.72
CA LYS K 334 -18.48 -25.82 7.88
C LYS K 334 -17.23 -26.46 8.46
N GLU K 335 -17.23 -26.83 9.74
CA GLU K 335 -16.08 -27.43 10.37
C GLU K 335 -16.55 -28.46 11.40
N THR K 336 -15.65 -29.39 11.74
CA THR K 336 -15.91 -30.41 12.74
C THR K 336 -15.50 -29.87 14.11
N VAL K 337 -16.46 -29.77 15.02
CA VAL K 337 -16.24 -29.22 16.35
C VAL K 337 -16.63 -30.27 17.38
N ILE K 338 -15.71 -30.58 18.27
CA ILE K 338 -15.98 -31.51 19.37
C ILE K 338 -15.14 -31.09 20.57
N PHE K 339 -15.76 -31.14 21.76
CA PHE K 339 -15.11 -30.71 23.00
C PHE K 339 -14.58 -29.29 22.90
N ARG K 340 -15.39 -28.40 22.30
CA ARG K 340 -15.09 -26.97 22.20
C ARG K 340 -13.80 -26.71 21.41
N ARG K 341 -13.43 -27.61 20.51
CA ARG K 341 -12.23 -27.48 19.71
C ARG K 341 -12.58 -27.66 18.23
N SER K 342 -11.56 -27.60 17.38
CA SER K 342 -11.73 -27.74 15.94
C SER K 342 -10.72 -28.74 15.41
N ILE K 343 -11.12 -29.46 14.36
CA ILE K 343 -10.30 -30.50 13.75
C ILE K 343 -10.01 -30.08 12.31
N LYS K 344 -8.72 -30.02 11.97
CA LYS K 344 -8.30 -29.53 10.66
C LYS K 344 -8.46 -30.61 9.59
N TYR K 345 -8.49 -30.16 8.34
CA TYR K 345 -8.65 -31.09 7.22
C TYR K 345 -7.57 -32.16 7.13
N PRO K 346 -6.28 -31.86 7.34
CA PRO K 346 -5.29 -32.95 7.32
C PRO K 346 -5.58 -34.07 8.31
N ILE K 347 -6.14 -33.76 9.47
CA ILE K 347 -6.55 -34.80 10.41
C ILE K 347 -7.74 -35.57 9.85
N ILE K 348 -8.67 -34.87 9.19
CA ILE K 348 -9.87 -35.53 8.68
C ILE K 348 -9.51 -36.51 7.57
N ILE K 349 -8.66 -36.08 6.63
CA ILE K 349 -8.33 -36.93 5.50
C ILE K 349 -7.46 -38.11 5.96
N LYS K 350 -6.55 -37.88 6.91
CA LYS K 350 -5.73 -38.98 7.41
C LYS K 350 -6.58 -40.02 8.12
N ALA K 351 -7.58 -39.58 8.88
CA ALA K 351 -8.49 -40.52 9.53
C ALA K 351 -9.29 -41.29 8.49
N LEU K 352 -9.75 -40.62 7.43
CA LEU K 352 -10.50 -41.29 6.39
C LEU K 352 -9.60 -42.17 5.51
N ALA K 353 -8.33 -41.78 5.35
CA ALA K 353 -7.43 -42.57 4.52
C ALA K 353 -7.06 -43.89 5.19
N VAL K 354 -6.80 -43.87 6.49
CA VAL K 354 -6.43 -45.11 7.19
C VAL K 354 -7.64 -46.04 7.28
N SER K 355 -8.84 -45.49 7.38
CA SER K 355 -10.04 -46.33 7.49
C SER K 355 -10.29 -47.09 6.21
N VAL K 356 -10.24 -46.41 5.06
CA VAL K 356 -10.51 -47.08 3.80
C VAL K 356 -9.39 -48.04 3.45
N THR K 357 -8.14 -47.67 3.77
CA THR K 357 -7.02 -48.58 3.53
C THR K 357 -7.14 -49.84 4.38
N SER K 358 -7.56 -49.68 5.64
CA SER K 358 -7.73 -50.83 6.52
C SER K 358 -8.83 -51.76 6.00
N LEU K 359 -9.94 -51.19 5.54
CA LEU K 359 -11.02 -52.01 5.00
C LEU K 359 -10.60 -52.75 3.74
N PHE K 360 -9.80 -52.09 2.90
CA PHE K 360 -9.33 -52.75 1.68
C PHE K 360 -8.43 -53.94 2.00
N ILE K 361 -7.56 -53.79 3.01
CA ILE K 361 -6.71 -54.91 3.41
C ILE K 361 -7.55 -56.03 4.01
N VAL K 362 -8.55 -55.69 4.82
CA VAL K 362 -9.45 -56.72 5.37
C VAL K 362 -10.22 -57.40 4.25
N PHE K 363 -10.69 -56.62 3.27
CA PHE K 363 -11.40 -57.20 2.14
C PHE K 363 -10.52 -58.17 1.37
N LEU K 364 -9.25 -57.81 1.17
CA LEU K 364 -8.33 -58.72 0.49
C LEU K 364 -8.10 -59.99 1.30
N GLY K 365 -8.01 -59.85 2.63
CA GLY K 365 -7.83 -61.03 3.47
C GLY K 365 -9.01 -61.97 3.42
N ILE K 366 -10.23 -61.43 3.47
CA ILE K 366 -11.43 -62.27 3.37
C ILE K 366 -11.50 -62.91 1.98
N PHE K 367 -11.17 -62.15 0.94
CA PHE K 367 -11.17 -62.70 -0.41
C PHE K 367 -10.15 -63.82 -0.55
N ALA K 368 -8.96 -63.63 0.03
CA ALA K 368 -7.92 -64.65 -0.06
C ALA K 368 -8.28 -65.89 0.73
N LEU K 369 -8.89 -65.72 1.91
CA LEU K 369 -9.20 -66.86 2.76
C LEU K 369 -10.36 -67.68 2.20
N THR K 370 -11.34 -67.03 1.57
CA THR K 370 -12.46 -67.77 0.98
C THR K 370 -11.99 -68.70 -0.12
N ILE K 371 -11.06 -68.23 -0.96
CA ILE K 371 -10.52 -69.09 -2.01
C ILE K 371 -9.69 -70.21 -1.42
N THR K 372 -8.90 -69.90 -0.38
CA THR K 372 -8.00 -70.90 0.20
C THR K 372 -8.72 -71.82 1.16
N GLU K 373 -9.36 -71.25 2.18
CA GLU K 373 -10.00 -72.04 3.23
C GLU K 373 -11.44 -72.36 2.86
N GLN K 374 -11.82 -73.62 3.04
CA GLN K 374 -13.20 -74.07 2.85
C GLN K 374 -13.88 -74.05 4.21
N ALA K 375 -14.25 -72.85 4.65
CA ALA K 375 -14.81 -72.61 5.97
C ALA K 375 -16.05 -71.75 5.83
N PRO K 376 -16.93 -71.76 6.84
CA PRO K 376 -18.09 -70.86 6.80
C PRO K 376 -17.66 -69.41 6.75
N PHE K 377 -18.46 -68.61 6.03
CA PHE K 377 -18.07 -67.24 5.74
C PHE K 377 -17.97 -66.39 7.00
N LEU K 378 -18.88 -66.60 7.96
CA LEU K 378 -18.87 -65.78 9.17
C LEU K 378 -17.58 -65.98 9.96
N GLN K 379 -17.09 -67.22 10.04
CA GLN K 379 -15.83 -67.47 10.73
C GLN K 379 -14.66 -66.81 10.01
N ILE K 380 -14.67 -66.83 8.67
CA ILE K 380 -13.60 -66.22 7.90
C ILE K 380 -13.57 -64.71 8.13
N VAL K 381 -14.73 -64.06 8.11
CA VAL K 381 -14.79 -62.63 8.35
C VAL K 381 -14.34 -62.31 9.77
N PHE K 382 -14.80 -63.09 10.75
CA PHE K 382 -14.40 -62.85 12.13
C PHE K 382 -12.91 -63.06 12.31
N GLU K 383 -12.34 -64.06 11.65
CA GLU K 383 -10.90 -64.31 11.75
C GLU K 383 -10.09 -63.17 11.16
N THR K 384 -10.53 -62.63 10.03
CA THR K 384 -9.77 -61.58 9.36
C THR K 384 -9.77 -60.27 10.15
N PHE K 385 -10.94 -59.87 10.65
CA PHE K 385 -11.01 -58.67 11.48
C PHE K 385 -10.20 -58.83 12.75
N SER K 386 -10.27 -60.00 13.37
CA SER K 386 -9.49 -60.26 14.58
C SER K 386 -8.00 -60.24 14.29
N ALA K 387 -7.58 -60.86 13.19
CA ALA K 387 -6.16 -60.87 12.83
C ALA K 387 -5.66 -59.47 12.49
N PHE K 388 -6.44 -58.71 11.72
CA PHE K 388 -6.01 -57.36 11.35
C PHE K 388 -5.97 -56.45 12.57
N GLY K 389 -6.97 -56.54 13.44
CA GLY K 389 -6.98 -55.74 14.64
C GLY K 389 -6.12 -56.27 15.75
N THR K 390 -5.45 -57.40 15.53
CA THR K 390 -4.60 -58.06 16.52
C THR K 390 -5.36 -58.29 17.82
N VAL K 391 -6.57 -58.83 17.68
CA VAL K 391 -7.41 -59.14 18.83
C VAL K 391 -7.26 -60.59 19.25
N GLY K 392 -7.27 -61.52 18.30
CA GLY K 392 -7.07 -62.92 18.61
C GLY K 392 -8.33 -63.72 18.89
N LEU K 393 -9.50 -63.08 18.93
CA LEU K 393 -10.74 -63.80 19.10
C LEU K 393 -11.03 -64.65 17.86
N THR K 394 -11.54 -65.86 18.08
CA THR K 394 -11.82 -66.76 16.98
C THR K 394 -12.99 -67.65 17.33
N MET K 395 -13.61 -68.23 16.31
CA MET K 395 -14.70 -69.19 16.47
C MET K 395 -14.33 -70.47 15.72
N GLY K 396 -13.54 -71.32 16.37
CA GLY K 396 -13.27 -72.64 15.83
C GLY K 396 -12.69 -72.64 14.42
N LEU K 397 -11.77 -71.71 14.15
CA LEU K 397 -11.19 -71.61 12.81
C LEU K 397 -9.68 -71.62 12.80
N THR K 398 -9.05 -71.01 13.80
CA THR K 398 -7.58 -70.93 13.81
C THR K 398 -6.92 -72.31 13.82
N PRO K 399 -7.34 -73.28 14.65
CA PRO K 399 -6.71 -74.60 14.57
C PRO K 399 -6.88 -75.30 13.24
N GLU K 400 -7.99 -75.08 12.55
CA GLU K 400 -8.31 -75.82 11.33
C GLU K 400 -7.86 -75.12 10.06
N LEU K 401 -7.14 -74.00 10.17
CA LEU K 401 -6.61 -73.33 9.00
C LEU K 401 -5.57 -74.21 8.30
N THR K 402 -5.52 -74.10 6.98
CA THR K 402 -4.55 -74.83 6.19
C THR K 402 -3.20 -74.12 6.23
N THR K 403 -2.21 -74.71 5.57
CA THR K 403 -0.88 -74.11 5.54
C THR K 403 -0.91 -72.76 4.83
N ALA K 404 -1.62 -72.67 3.71
CA ALA K 404 -1.73 -71.39 3.00
C ALA K 404 -2.58 -70.41 3.79
N GLY K 405 -3.61 -70.90 4.49
CA GLY K 405 -4.44 -70.00 5.28
C GLY K 405 -3.69 -69.37 6.44
N LYS K 406 -2.81 -70.14 7.09
CA LYS K 406 -2.01 -69.59 8.17
C LYS K 406 -1.08 -68.50 7.67
N CYS K 407 -0.49 -68.68 6.48
CA CYS K 407 0.42 -67.69 5.95
C CYS K 407 -0.29 -66.36 5.68
N ILE K 408 -1.53 -66.42 5.21
CA ILE K 408 -2.30 -65.19 4.98
C ILE K 408 -2.56 -64.47 6.30
N ILE K 409 -2.90 -65.22 7.34
CA ILE K 409 -3.18 -64.60 8.64
C ILE K 409 -1.93 -63.92 9.19
N ILE K 410 -0.76 -64.55 9.02
CA ILE K 410 0.49 -63.95 9.50
C ILE K 410 0.73 -62.61 8.83
N VAL K 411 0.51 -62.53 7.51
CA VAL K 411 0.65 -61.26 6.81
C VAL K 411 -0.37 -60.25 7.32
N ILE K 412 -1.62 -60.69 7.51
CA ILE K 412 -2.66 -59.79 8.00
C ILE K 412 -2.32 -59.30 9.40
N MET K 413 -1.85 -60.19 10.28
CA MET K 413 -1.45 -59.78 11.62
C MET K 413 -0.30 -58.79 11.58
N PHE K 414 0.69 -59.05 10.73
CA PHE K 414 1.85 -58.17 10.65
C PHE K 414 1.47 -56.79 10.12
N ILE K 415 0.67 -56.75 9.06
CA ILE K 415 0.27 -55.46 8.48
C ILE K 415 -0.60 -54.68 9.46
N GLY K 416 -1.54 -55.36 10.12
CA GLY K 416 -2.40 -54.67 11.07
C GLY K 416 -1.63 -54.11 12.26
N ARG K 417 -0.66 -54.87 12.77
CA ARG K 417 0.14 -54.39 13.89
C ARG K 417 0.97 -53.17 13.49
N ILE K 418 1.65 -53.25 12.35
CA ILE K 418 2.46 -52.13 11.89
C ILE K 418 1.59 -50.93 11.56
N GLY K 419 0.49 -51.16 10.87
CA GLY K 419 -0.37 -50.09 10.42
C GLY K 419 -0.27 -49.91 8.92
N PRO K 420 -1.42 -49.78 8.25
CA PRO K 420 -1.40 -49.66 6.78
C PRO K 420 -0.62 -48.46 6.28
N LEU K 421 -0.69 -47.33 6.98
CA LEU K 421 0.06 -46.15 6.54
C LEU K 421 1.55 -46.30 6.81
N THR K 422 1.91 -46.81 8.00
CA THR K 422 3.32 -46.97 8.33
C THR K 422 3.99 -48.01 7.46
N PHE K 423 3.31 -49.13 7.19
CA PHE K 423 3.91 -50.21 6.41
C PHE K 423 4.19 -49.78 4.98
N VAL K 424 3.27 -49.05 4.36
CA VAL K 424 3.44 -48.65 2.97
C VAL K 424 4.64 -47.71 2.81
N PHE K 425 4.77 -46.76 3.73
CA PHE K 425 5.87 -45.79 3.65
C PHE K 425 7.23 -46.47 3.67
N SER K 426 7.33 -47.65 4.30
CA SER K 426 8.60 -48.35 4.38
C SER K 426 9.07 -48.83 3.01
N PHE K 427 8.15 -49.35 2.20
CA PHE K 427 8.48 -49.97 0.92
C PHE K 427 7.77 -49.28 -0.24
N ALA K 428 7.77 -47.95 -0.24
CA ALA K 428 7.19 -47.17 -1.33
C ALA K 428 8.15 -46.05 -1.71
N LYS K 429 8.36 -45.87 -3.01
CA LYS K 429 9.20 -44.77 -3.48
C LYS K 429 8.52 -43.43 -3.16
N THR K 430 9.31 -42.49 -2.67
CA THR K 430 8.81 -41.19 -2.24
C THR K 430 9.38 -40.10 -3.13
N GLU K 431 8.51 -39.28 -3.68
CA GLU K 431 8.92 -38.13 -4.49
C GLU K 431 7.92 -37.01 -4.25
N GLN K 432 8.36 -35.95 -3.58
CA GLN K 432 7.48 -34.84 -3.24
C GLN K 432 7.20 -34.01 -4.48
N SER K 433 5.93 -33.96 -4.90
CA SER K 433 5.56 -33.21 -6.09
C SER K 433 5.64 -31.71 -5.83
N ASN K 434 5.94 -30.96 -6.90
CA ASN K 434 6.05 -29.51 -6.82
C ASN K 434 5.32 -28.83 -7.98
N ILE K 435 4.36 -29.52 -8.59
CA ILE K 435 3.62 -28.99 -9.72
C ILE K 435 2.13 -29.10 -9.43
N ARG K 436 1.40 -28.00 -9.57
CA ARG K 436 -0.03 -28.01 -9.43
C ARG K 436 -0.70 -28.13 -10.79
N TYR K 437 -1.97 -28.57 -10.78
CA TYR K 437 -2.72 -28.83 -11.99
C TYR K 437 -4.06 -28.13 -11.92
N PRO K 438 -4.67 -27.84 -13.06
CA PRO K 438 -5.99 -27.20 -13.05
C PRO K 438 -7.04 -28.09 -12.42
N ASP K 439 -8.01 -27.46 -11.78
CA ASP K 439 -9.06 -28.19 -11.09
C ASP K 439 -9.97 -28.91 -12.07
N GLY K 440 -10.44 -30.08 -11.65
CA GLY K 440 -11.38 -30.85 -12.45
C GLY K 440 -12.63 -31.16 -11.66
N GLU K 441 -13.75 -31.22 -12.36
CA GLU K 441 -15.05 -31.48 -11.76
C GLU K 441 -15.37 -32.96 -11.86
N VAL K 442 -15.59 -33.60 -10.72
CA VAL K 442 -15.95 -35.01 -10.66
C VAL K 442 -17.22 -35.13 -9.83
N PHE K 443 -18.20 -35.86 -10.36
CA PHE K 443 -19.47 -36.05 -9.68
C PHE K 443 -19.37 -37.30 -8.81
N THR K 444 -19.38 -37.10 -7.49
CA THR K 444 -19.25 -38.20 -6.53
C THR K 444 -20.56 -38.50 -5.82
N GLY K 445 -21.69 -38.13 -6.42
CA GLY K 445 -22.98 -38.39 -5.81
C GLY K 445 -23.40 -39.84 -5.88
N THR L 15 -36.43 -29.36 1.62
CA THR L 15 -37.50 -29.47 0.62
C THR L 15 -36.99 -29.82 -0.79
N PRO L 16 -35.90 -29.19 -1.26
CA PRO L 16 -35.35 -29.56 -2.57
C PRO L 16 -34.98 -31.04 -2.66
N PRO L 17 -34.41 -31.66 -1.59
CA PRO L 17 -34.18 -33.10 -1.67
C PRO L 17 -35.31 -33.91 -1.05
N GLN L 18 -36.23 -33.22 -0.36
CA GLN L 18 -37.35 -33.91 0.29
C GLN L 18 -38.41 -34.36 -0.70
N VAL L 19 -38.55 -33.67 -1.83
CA VAL L 19 -39.56 -34.04 -2.83
C VAL L 19 -39.28 -35.44 -3.38
N LEU L 20 -38.01 -35.72 -3.68
CA LEU L 20 -37.66 -37.04 -4.21
C LEU L 20 -37.97 -38.14 -3.20
N ALA L 21 -37.65 -37.91 -1.93
CA ALA L 21 -37.95 -38.90 -0.90
C ALA L 21 -39.45 -39.10 -0.75
N ILE L 22 -40.23 -38.01 -0.75
CA ILE L 22 -41.67 -38.13 -0.66
C ILE L 22 -42.25 -38.71 -1.96
N GLY L 23 -41.69 -38.30 -3.10
CA GLY L 23 -42.23 -38.75 -4.37
C GLY L 23 -42.16 -40.25 -4.55
N PHE L 24 -41.01 -40.85 -4.21
CA PHE L 24 -40.88 -42.30 -4.31
C PHE L 24 -41.79 -43.00 -3.31
N PHE L 25 -41.97 -42.41 -2.12
CA PHE L 25 -42.88 -42.99 -1.13
C PHE L 25 -44.31 -43.03 -1.68
N LEU L 26 -44.74 -41.95 -2.33
CA LEU L 26 -46.08 -41.92 -2.92
C LEU L 26 -46.21 -42.95 -4.04
N THR L 27 -45.16 -43.10 -4.86
CA THR L 27 -45.23 -44.06 -5.96
C THR L 27 -45.34 -45.49 -5.44
N ILE L 28 -44.60 -45.82 -4.38
CA ILE L 28 -44.59 -47.19 -3.86
C ILE L 28 -45.97 -47.56 -3.32
N ILE L 29 -46.57 -46.68 -2.53
CA ILE L 29 -47.87 -47.00 -1.93
C ILE L 29 -48.96 -47.05 -2.99
N ILE L 30 -48.89 -46.17 -3.99
CA ILE L 30 -49.85 -46.22 -5.09
C ILE L 30 -49.67 -47.52 -5.88
N GLY L 31 -48.42 -47.90 -6.16
CA GLY L 31 -48.18 -49.16 -6.85
C GLY L 31 -48.57 -50.37 -6.03
N ALA L 32 -48.34 -50.30 -4.71
CA ALA L 32 -48.66 -51.44 -3.84
C ALA L 32 -50.16 -51.72 -3.84
N VAL L 33 -50.97 -50.66 -3.73
CA VAL L 33 -52.42 -50.86 -3.72
C VAL L 33 -52.94 -51.15 -5.12
N LEU L 34 -52.20 -50.79 -6.16
CA LEU L 34 -52.62 -51.10 -7.52
C LEU L 34 -52.52 -52.59 -7.81
N LEU L 35 -51.58 -53.28 -7.15
CA LEU L 35 -51.46 -54.72 -7.31
C LEU L 35 -52.41 -55.49 -6.41
N MET L 36 -53.16 -54.81 -5.53
CA MET L 36 -54.11 -55.49 -4.66
C MET L 36 -55.40 -55.88 -5.38
N LEU L 37 -55.69 -55.26 -6.51
CA LEU L 37 -56.94 -55.55 -7.21
C LEU L 37 -56.93 -56.98 -7.73
N PRO L 38 -58.08 -57.64 -7.76
CA PRO L 38 -58.14 -59.02 -8.28
C PRO L 38 -58.13 -59.06 -9.79
N ILE L 39 -57.26 -58.25 -10.40
CA ILE L 39 -57.03 -58.31 -11.84
C ILE L 39 -55.55 -58.35 -12.21
N SER L 40 -54.65 -57.95 -11.30
CA SER L 40 -53.23 -57.96 -11.57
C SER L 40 -52.57 -59.30 -11.27
N THR L 41 -52.97 -59.94 -10.17
CA THR L 41 -52.38 -61.21 -9.74
C THR L 41 -53.42 -62.31 -9.82
N THR L 42 -53.02 -63.47 -10.34
CA THR L 42 -53.93 -64.61 -10.43
C THR L 42 -54.25 -65.16 -9.05
N LYS L 43 -53.23 -65.36 -8.22
CA LYS L 43 -53.35 -65.86 -6.86
C LYS L 43 -53.25 -64.73 -5.84
N PRO L 44 -53.86 -64.89 -4.67
CA PRO L 44 -53.84 -63.80 -3.68
C PRO L 44 -52.42 -63.45 -3.25
N LEU L 45 -52.19 -62.16 -3.02
CA LEU L 45 -50.89 -61.64 -2.64
C LEU L 45 -50.99 -60.96 -1.29
N SER L 46 -50.03 -61.23 -0.41
CA SER L 46 -50.04 -60.63 0.91
C SER L 46 -49.71 -59.15 0.82
N TRP L 47 -50.03 -58.42 1.90
CA TRP L 47 -49.80 -56.99 1.93
C TRP L 47 -48.31 -56.66 1.85
N ILE L 48 -47.48 -57.44 2.56
CA ILE L 48 -46.05 -57.15 2.60
C ILE L 48 -45.41 -57.43 1.24
N ASP L 49 -45.82 -58.51 0.57
CA ASP L 49 -45.24 -58.84 -0.72
C ASP L 49 -45.57 -57.78 -1.77
N ALA L 50 -46.81 -57.27 -1.78
CA ALA L 50 -47.17 -56.22 -2.71
C ALA L 50 -46.38 -54.94 -2.43
N LEU L 51 -46.21 -54.60 -1.16
CA LEU L 51 -45.39 -53.45 -0.81
C LEU L 51 -43.93 -53.67 -1.21
N PHE L 52 -43.41 -54.88 -0.99
CA PHE L 52 -42.05 -55.19 -1.39
C PHE L 52 -41.90 -55.15 -2.92
N THR L 53 -42.88 -55.70 -3.64
CA THR L 53 -42.80 -55.70 -5.09
C THR L 53 -42.87 -54.29 -5.65
N ALA L 54 -43.75 -53.45 -5.10
CA ALA L 54 -43.83 -52.07 -5.55
C ALA L 54 -42.56 -51.31 -5.22
N ALA L 55 -42.02 -51.52 -4.01
CA ALA L 55 -40.80 -50.82 -3.63
C ALA L 55 -39.62 -51.25 -4.49
N SER L 56 -39.51 -52.54 -4.79
CA SER L 56 -38.43 -53.01 -5.65
C SER L 56 -38.57 -52.48 -7.07
N ALA L 57 -39.81 -52.35 -7.56
CA ALA L 57 -40.01 -51.81 -8.90
C ALA L 57 -39.80 -50.31 -8.93
N THR L 58 -40.29 -49.58 -7.93
CA THR L 58 -40.14 -48.12 -7.92
C THR L 58 -38.71 -47.73 -7.62
N THR L 59 -38.22 -48.08 -6.43
CA THR L 59 -36.78 -48.00 -6.16
C THR L 59 -36.16 -49.17 -6.90
N VAL L 60 -35.69 -48.91 -8.11
CA VAL L 60 -35.50 -49.96 -9.10
C VAL L 60 -34.35 -50.86 -8.69
N THR L 61 -34.68 -52.00 -8.09
CA THR L 61 -33.71 -52.94 -7.53
C THR L 61 -33.78 -54.31 -8.16
N GLY L 62 -34.97 -54.89 -8.28
CA GLY L 62 -35.14 -56.19 -8.90
C GLY L 62 -35.34 -57.34 -7.95
N LEU L 63 -35.15 -57.13 -6.65
CA LEU L 63 -35.43 -58.19 -5.68
C LEU L 63 -36.90 -58.55 -5.74
N ALA L 64 -37.18 -59.85 -5.83
CA ALA L 64 -38.55 -60.35 -5.97
C ALA L 64 -38.79 -61.44 -4.93
N VAL L 65 -39.83 -61.26 -4.12
CA VAL L 65 -40.27 -62.32 -3.23
C VAL L 65 -41.21 -63.30 -3.92
N VAL L 66 -41.82 -62.91 -5.03
CA VAL L 66 -42.69 -63.77 -5.82
C VAL L 66 -42.31 -63.62 -7.29
N ASP L 67 -42.33 -64.74 -8.01
CA ASP L 67 -41.98 -64.71 -9.43
C ASP L 67 -42.97 -63.84 -10.21
N THR L 68 -42.43 -62.95 -11.05
CA THR L 68 -43.29 -62.02 -11.79
C THR L 68 -44.23 -62.76 -12.73
N GLY L 69 -43.71 -63.75 -13.46
CA GLY L 69 -44.54 -64.45 -14.44
C GLY L 69 -45.66 -65.26 -13.80
N THR L 70 -45.36 -65.99 -12.74
CA THR L 70 -46.32 -66.92 -12.14
C THR L 70 -47.23 -66.27 -11.11
N GLN L 71 -46.99 -65.02 -10.74
CA GLN L 71 -47.80 -64.33 -9.75
C GLN L 71 -48.72 -63.28 -10.37
N PHE L 72 -48.19 -62.45 -11.25
CA PHE L 72 -48.94 -61.35 -11.84
C PHE L 72 -49.42 -61.70 -13.24
N THR L 73 -50.48 -61.03 -13.67
CA THR L 73 -51.06 -61.21 -14.99
C THR L 73 -50.47 -60.17 -15.95
N VAL L 74 -51.05 -60.09 -17.14
CA VAL L 74 -50.57 -59.12 -18.13
C VAL L 74 -50.77 -57.70 -17.60
N PHE L 75 -51.91 -57.43 -16.99
CA PHE L 75 -52.12 -56.13 -16.37
C PHE L 75 -51.16 -55.89 -15.23
N GLY L 76 -50.91 -56.92 -14.41
CA GLY L 76 -49.99 -56.77 -13.30
C GLY L 76 -48.57 -56.51 -13.75
N GLN L 77 -48.10 -57.25 -14.77
CA GLN L 77 -46.77 -57.01 -15.31
C GLN L 77 -46.68 -55.64 -15.96
N THR L 78 -47.78 -55.13 -16.51
CA THR L 78 -47.77 -53.77 -17.04
C THR L 78 -47.57 -52.75 -15.93
N VAL L 79 -48.18 -52.98 -14.76
CA VAL L 79 -47.98 -52.10 -13.62
C VAL L 79 -46.52 -52.11 -13.19
N ILE L 80 -45.91 -53.28 -13.14
CA ILE L 80 -44.48 -53.38 -12.83
C ILE L 80 -43.67 -52.64 -13.87
N MET L 81 -44.03 -52.79 -15.15
CA MET L 81 -43.33 -52.06 -16.21
C MET L 81 -43.47 -50.56 -16.02
N GLY L 82 -44.66 -50.10 -15.61
CA GLY L 82 -44.85 -48.67 -15.38
C GLY L 82 -44.03 -48.16 -14.22
N LEU L 83 -43.96 -48.92 -13.13
CA LEU L 83 -43.17 -48.48 -11.97
C LEU L 83 -41.69 -48.40 -12.29
N ILE L 84 -41.18 -49.36 -13.06
CA ILE L 84 -39.76 -49.35 -13.43
C ILE L 84 -39.44 -48.12 -14.27
N GLN L 85 -40.29 -47.83 -15.27
CA GLN L 85 -40.06 -46.68 -16.12
C GLN L 85 -40.19 -45.38 -15.32
N ILE L 86 -41.21 -45.27 -14.48
CA ILE L 86 -41.38 -44.06 -13.67
C ILE L 86 -40.26 -43.94 -12.64
N GLY L 87 -39.95 -45.04 -11.94
CA GLY L 87 -38.90 -45.00 -10.94
C GLY L 87 -37.53 -44.75 -11.54
N GLY L 88 -37.22 -45.44 -12.64
CA GLY L 88 -35.91 -45.24 -13.26
C GLY L 88 -35.75 -43.86 -13.85
N LEU L 89 -36.77 -43.37 -14.54
CA LEU L 89 -36.71 -42.03 -15.14
C LEU L 89 -36.90 -40.93 -14.10
N GLY L 90 -37.70 -41.18 -13.07
CA GLY L 90 -37.91 -40.17 -12.05
C GLY L 90 -36.63 -39.81 -11.32
N PHE L 91 -35.83 -40.83 -10.96
CA PHE L 91 -34.56 -40.56 -10.31
C PHE L 91 -33.53 -40.03 -11.31
N MET L 92 -33.55 -40.54 -12.53
CA MET L 92 -32.56 -40.13 -13.53
C MET L 92 -32.69 -38.65 -13.86
N THR L 93 -33.93 -38.16 -14.02
CA THR L 93 -34.13 -36.75 -14.31
C THR L 93 -33.70 -35.88 -13.13
N PHE L 94 -34.04 -36.29 -11.91
CA PHE L 94 -33.64 -35.51 -10.74
C PHE L 94 -32.14 -35.57 -10.51
N ALA L 95 -31.52 -36.71 -10.79
CA ALA L 95 -30.07 -36.83 -10.64
C ALA L 95 -29.34 -35.87 -11.58
N VAL L 96 -29.83 -35.75 -12.82
CA VAL L 96 -29.24 -34.79 -13.75
C VAL L 96 -29.47 -33.36 -13.26
N LEU L 97 -30.67 -33.07 -12.76
CA LEU L 97 -30.96 -31.74 -12.24
C LEU L 97 -30.09 -31.40 -11.04
N ILE L 98 -29.89 -32.36 -10.14
CA ILE L 98 -29.05 -32.12 -8.96
C ILE L 98 -27.62 -31.81 -9.39
N VAL L 99 -27.11 -32.55 -10.38
CA VAL L 99 -25.73 -32.34 -10.83
C VAL L 99 -25.56 -30.95 -11.41
N MET L 100 -26.50 -30.53 -12.27
CA MET L 100 -26.36 -29.23 -12.93
C MET L 100 -26.62 -28.07 -11.96
N ILE L 101 -27.54 -28.25 -11.00
CA ILE L 101 -27.80 -27.20 -10.03
C ILE L 101 -26.61 -27.07 -9.07
N LEU L 102 -26.10 -28.19 -8.59
CA LEU L 102 -24.96 -28.17 -7.67
C LEU L 102 -23.64 -28.25 -8.44
N ILE L 127 -40.38 -28.54 -17.38
CA ILE L 127 -40.11 -29.94 -17.67
C ILE L 127 -39.50 -30.08 -19.05
N GLY L 128 -38.76 -29.05 -19.48
CA GLY L 128 -38.11 -29.12 -20.78
C GLY L 128 -37.05 -30.19 -20.86
N LEU L 129 -36.24 -30.32 -19.81
CA LEU L 129 -35.20 -31.36 -19.80
C LEU L 129 -35.79 -32.75 -19.58
N VAL L 130 -36.89 -32.85 -18.84
CA VAL L 130 -37.51 -34.15 -18.59
C VAL L 130 -37.99 -34.77 -19.89
N LYS L 131 -38.61 -33.98 -20.76
CA LYS L 131 -39.11 -34.50 -22.02
C LYS L 131 -37.98 -35.02 -22.91
N VAL L 132 -36.84 -34.33 -22.91
CA VAL L 132 -35.70 -34.77 -23.70
C VAL L 132 -35.21 -36.12 -23.23
N LEU L 133 -35.08 -36.29 -21.90
CA LEU L 133 -34.66 -37.58 -21.37
C LEU L 133 -35.71 -38.66 -21.62
N PHE L 134 -36.99 -38.31 -21.50
CA PHE L 134 -38.05 -39.28 -21.75
C PHE L 134 -38.03 -39.75 -23.20
N LEU L 135 -37.86 -38.82 -24.14
CA LEU L 135 -37.80 -39.19 -25.55
C LEU L 135 -36.59 -40.07 -25.84
N PHE L 136 -35.44 -39.73 -25.26
CA PHE L 136 -34.24 -40.54 -25.46
C PHE L 136 -34.41 -41.92 -24.86
N SER L 137 -34.96 -42.01 -23.65
CA SER L 137 -35.13 -43.31 -23.01
C SER L 137 -36.11 -44.19 -23.77
N ILE L 138 -37.21 -43.61 -24.23
CA ILE L 138 -38.21 -44.39 -24.97
C ILE L 138 -37.63 -44.84 -26.31
N SER L 139 -36.89 -43.96 -26.99
CA SER L 139 -36.37 -44.30 -28.31
C SER L 139 -35.40 -45.48 -28.25
N ILE L 140 -34.47 -45.46 -27.29
CA ILE L 140 -33.48 -46.53 -27.20
C ILE L 140 -34.13 -47.83 -26.73
N GLU L 141 -35.12 -47.73 -25.84
CA GLU L 141 -35.82 -48.94 -25.40
C GLU L 141 -36.71 -49.50 -26.49
N LEU L 142 -37.30 -48.64 -27.32
CA LEU L 142 -38.18 -49.12 -28.38
C LEU L 142 -37.39 -49.88 -29.44
N ILE L 143 -36.26 -49.34 -29.87
CA ILE L 143 -35.46 -50.00 -30.89
C ILE L 143 -34.86 -51.31 -30.34
N ALA L 144 -34.49 -51.30 -29.06
CA ALA L 144 -33.99 -52.52 -28.44
C ALA L 144 -35.07 -53.60 -28.39
N ALA L 145 -36.31 -53.20 -28.09
CA ALA L 145 -37.41 -54.16 -28.08
C ALA L 145 -37.63 -54.75 -29.46
N LEU L 146 -37.51 -53.93 -30.51
CA LEU L 146 -37.64 -54.44 -31.87
C LEU L 146 -36.56 -55.46 -32.20
N ILE L 147 -35.32 -55.19 -31.77
CA ILE L 147 -34.25 -56.17 -31.97
C ILE L 147 -34.54 -57.43 -31.17
N LEU L 148 -34.99 -57.26 -29.92
CA LEU L 148 -35.33 -58.41 -29.10
C LEU L 148 -36.54 -59.16 -29.66
N SER L 149 -37.41 -58.45 -30.38
CA SER L 149 -38.60 -59.07 -30.95
C SER L 149 -38.23 -60.10 -32.02
N ILE L 150 -37.12 -59.87 -32.71
CA ILE L 150 -36.66 -60.81 -33.74
C ILE L 150 -36.33 -62.16 -33.11
N ARG L 151 -35.97 -62.16 -31.83
CA ARG L 151 -35.59 -63.38 -31.13
C ARG L 151 -36.70 -63.97 -30.28
N LEU L 152 -37.58 -63.15 -29.71
CA LEU L 152 -38.54 -63.66 -28.73
C LEU L 152 -39.87 -64.06 -29.35
N VAL L 153 -40.39 -63.28 -30.29
CA VAL L 153 -41.71 -63.58 -30.87
C VAL L 153 -41.70 -64.85 -31.72
N PRO L 154 -40.58 -65.29 -32.33
CA PRO L 154 -40.61 -66.61 -32.98
C PRO L 154 -40.75 -67.77 -32.00
N GLN L 155 -40.50 -67.52 -30.71
CA GLN L 155 -40.53 -68.58 -29.70
C GLN L 155 -41.76 -68.50 -28.81
N TYR L 156 -42.16 -67.30 -28.41
CA TYR L 156 -43.30 -67.15 -27.51
C TYR L 156 -44.58 -66.75 -28.23
N GLY L 157 -44.48 -66.16 -29.41
CA GLY L 157 -45.64 -65.74 -30.17
C GLY L 157 -45.68 -64.24 -30.37
N TRP L 158 -46.63 -63.80 -31.19
CA TRP L 158 -46.78 -62.37 -31.48
C TRP L 158 -47.20 -61.59 -30.24
N SER L 159 -48.15 -62.10 -29.46
CA SER L 159 -48.61 -61.39 -28.28
C SER L 159 -47.64 -61.55 -27.12
N SER L 160 -47.22 -62.79 -26.86
CA SER L 160 -46.31 -63.05 -25.76
C SER L 160 -44.91 -62.51 -26.02
N GLY L 161 -44.41 -62.65 -27.25
CA GLY L 161 -43.06 -62.25 -27.55
C GLY L 161 -42.83 -60.75 -27.63
N LEU L 162 -43.87 -59.99 -27.96
CA LEU L 162 -43.75 -58.54 -28.01
C LEU L 162 -43.83 -57.88 -26.65
N PHE L 163 -44.68 -58.35 -25.74
CA PHE L 163 -44.70 -57.84 -24.38
C PHE L 163 -43.43 -58.20 -23.61
N ALA L 164 -42.93 -59.42 -23.79
CA ALA L 164 -41.70 -59.84 -23.14
C ALA L 164 -40.50 -59.03 -23.62
N SER L 165 -40.41 -58.77 -24.93
CA SER L 165 -39.32 -57.98 -25.46
C SER L 165 -39.39 -56.54 -24.94
N LEU L 166 -40.58 -55.97 -24.92
CA LEU L 166 -40.73 -54.60 -24.40
C LEU L 166 -40.45 -54.55 -22.91
N PHE L 167 -40.91 -55.55 -22.16
CA PHE L 167 -40.68 -55.56 -20.72
C PHE L 167 -39.20 -55.64 -20.39
N HIS L 168 -38.46 -56.50 -21.10
CA HIS L 168 -37.03 -56.61 -20.83
C HIS L 168 -36.25 -55.40 -21.33
N ALA L 169 -36.72 -54.77 -22.42
CA ALA L 169 -36.07 -53.55 -22.88
C ALA L 169 -36.23 -52.44 -21.85
N ILE L 170 -37.44 -52.30 -21.27
CA ILE L 170 -37.64 -51.30 -20.22
C ILE L 170 -36.84 -51.66 -18.98
N SER L 171 -36.86 -52.94 -18.59
CA SER L 171 -36.18 -53.35 -17.37
C SER L 171 -34.67 -53.19 -17.49
N ALA L 172 -34.10 -53.57 -18.64
CA ALA L 172 -32.65 -53.55 -18.78
C ALA L 172 -32.10 -52.12 -18.80
N PHE L 173 -32.76 -51.22 -19.53
CA PHE L 173 -32.24 -49.86 -19.64
C PHE L 173 -32.25 -49.15 -18.30
N ASN L 174 -33.26 -49.39 -17.47
CA ASN L 174 -33.39 -48.75 -16.18
C ASN L 174 -32.65 -49.50 -15.07
N ASN L 175 -31.93 -50.57 -15.41
CA ASN L 175 -31.20 -51.39 -14.45
C ASN L 175 -32.14 -51.96 -13.39
N ALA L 176 -33.07 -52.79 -13.85
CA ALA L 176 -34.06 -53.42 -12.98
C ALA L 176 -33.74 -54.88 -12.72
N GLY L 177 -33.58 -55.67 -13.77
CA GLY L 177 -33.36 -57.09 -13.61
C GLY L 177 -34.60 -57.93 -13.54
N PHE L 178 -35.79 -57.32 -13.58
CA PHE L 178 -37.02 -58.08 -13.60
C PHE L 178 -37.12 -58.90 -14.88
N SER L 179 -37.60 -60.14 -14.75
CA SER L 179 -37.79 -61.01 -15.89
C SER L 179 -39.14 -61.70 -15.76
N LEU L 180 -39.85 -61.81 -16.88
CA LEU L 180 -41.13 -62.51 -16.88
C LEU L 180 -40.94 -64.01 -16.71
N TRP L 181 -39.86 -64.56 -17.27
CA TRP L 181 -39.63 -65.99 -17.20
C TRP L 181 -39.26 -66.40 -15.79
N PRO L 182 -39.61 -67.64 -15.38
CA PRO L 182 -39.27 -68.07 -14.02
C PRO L 182 -37.78 -68.07 -13.73
N ASP L 183 -36.95 -68.39 -14.72
CA ASP L 183 -35.50 -68.30 -14.60
C ASP L 183 -35.06 -66.98 -15.23
N ASN L 184 -34.37 -66.15 -14.46
CA ASN L 184 -33.97 -64.84 -14.94
C ASN L 184 -32.85 -64.97 -15.96
N LEU L 185 -33.21 -65.01 -17.24
CA LEU L 185 -32.27 -65.05 -18.36
C LEU L 185 -31.28 -66.22 -18.27
N MET L 186 -31.59 -67.23 -17.48
CA MET L 186 -30.68 -68.37 -17.37
C MET L 186 -30.76 -69.29 -18.59
N SER L 187 -31.84 -69.23 -19.36
CA SER L 187 -31.98 -70.03 -20.56
C SER L 187 -31.33 -69.39 -21.77
N TYR L 188 -30.88 -68.14 -21.66
CA TYR L 188 -30.25 -67.42 -22.76
C TYR L 188 -28.80 -67.07 -22.43
N VAL L 189 -28.12 -68.00 -21.77
CA VAL L 189 -26.72 -67.77 -21.41
C VAL L 189 -25.85 -67.66 -22.66
N GLY L 190 -26.07 -68.53 -23.64
CA GLY L 190 -25.30 -68.55 -24.86
C GLY L 190 -25.96 -67.89 -26.06
N ASP L 191 -27.02 -67.11 -25.87
CA ASP L 191 -27.69 -66.45 -26.97
C ASP L 191 -27.08 -65.06 -27.17
N PRO L 192 -26.36 -64.81 -28.27
CA PRO L 192 -25.75 -63.49 -28.45
C PRO L 192 -26.75 -62.36 -28.55
N THR L 193 -27.94 -62.60 -29.12
CA THR L 193 -28.92 -61.53 -29.24
C THR L 193 -29.41 -61.05 -27.89
N VAL L 194 -29.68 -61.98 -26.97
CA VAL L 194 -30.15 -61.59 -25.64
C VAL L 194 -29.04 -60.93 -24.84
N ASN L 195 -27.83 -61.50 -24.89
CA ASN L 195 -26.73 -60.98 -24.08
C ASN L 195 -26.31 -59.60 -24.53
N LEU L 196 -26.10 -59.41 -25.84
CA LEU L 196 -25.56 -58.16 -26.35
C LEU L 196 -26.54 -57.01 -26.16
N VAL L 197 -27.80 -57.21 -26.53
CA VAL L 197 -28.78 -56.13 -26.49
C VAL L 197 -29.04 -55.71 -25.05
N ILE L 198 -29.25 -56.69 -24.16
CA ILE L 198 -29.59 -56.37 -22.78
C ILE L 198 -28.40 -55.73 -22.06
N THR L 199 -27.19 -56.23 -22.31
CA THR L 199 -26.00 -55.63 -21.69
C THR L 199 -25.80 -54.20 -22.16
N PHE L 200 -26.00 -53.95 -23.46
CA PHE L 200 -25.89 -52.59 -23.98
C PHE L 200 -26.87 -51.64 -23.30
N LEU L 201 -28.02 -52.16 -22.86
CA LEU L 201 -29.04 -51.29 -22.28
C LEU L 201 -28.65 -50.79 -20.90
N PHE L 202 -28.16 -51.67 -20.02
CA PHE L 202 -27.79 -51.22 -18.69
C PHE L 202 -26.34 -50.77 -18.59
N ILE L 203 -25.58 -50.84 -19.67
CA ILE L 203 -24.31 -50.12 -19.75
C ILE L 203 -24.54 -48.69 -20.21
N THR L 204 -25.36 -48.50 -21.24
CA THR L 204 -25.72 -47.16 -21.68
C THR L 204 -26.52 -46.43 -20.61
N GLY L 205 -27.50 -47.10 -20.00
CA GLY L 205 -28.25 -46.51 -18.92
C GLY L 205 -27.54 -46.51 -17.58
N GLY L 206 -26.45 -47.24 -17.47
CA GLY L 206 -25.67 -47.27 -16.24
C GLY L 206 -24.77 -46.06 -16.11
N ILE L 207 -24.00 -45.76 -17.17
CA ILE L 207 -23.20 -44.55 -17.17
C ILE L 207 -24.12 -43.33 -17.18
N GLY L 208 -23.62 -42.23 -16.64
CA GLY L 208 -24.44 -41.04 -16.51
C GLY L 208 -24.84 -40.46 -17.85
N PHE L 209 -25.99 -39.78 -17.84
CA PHE L 209 -26.45 -39.10 -19.04
C PHE L 209 -25.54 -37.96 -19.45
N THR L 210 -24.77 -37.41 -18.50
CA THR L 210 -23.74 -36.43 -18.86
C THR L 210 -22.67 -37.08 -19.72
N VAL L 211 -22.30 -38.32 -19.42
CA VAL L 211 -21.32 -39.04 -20.23
C VAL L 211 -21.85 -39.24 -21.64
N LEU L 212 -23.12 -39.64 -21.76
CA LEU L 212 -23.71 -39.84 -23.09
C LEU L 212 -23.74 -38.53 -23.87
N PHE L 213 -24.13 -37.44 -23.21
CA PHE L 213 -24.17 -36.15 -23.90
C PHE L 213 -22.77 -35.70 -24.31
N ASP L 214 -21.78 -35.87 -23.43
CA ASP L 214 -20.43 -35.40 -23.72
C ASP L 214 -19.81 -36.19 -24.86
N VAL L 215 -20.09 -37.49 -24.94
CA VAL L 215 -19.50 -38.32 -26.00
C VAL L 215 -20.03 -37.89 -27.36
N MET L 216 -21.34 -37.69 -27.48
CA MET L 216 -21.91 -37.33 -28.77
C MET L 216 -21.66 -35.87 -29.13
N LYS L 217 -21.48 -35.00 -28.14
CA LYS L 217 -21.22 -33.60 -28.43
C LYS L 217 -19.78 -33.36 -28.87
N ASN L 218 -18.84 -34.11 -28.30
CA ASN L 218 -17.41 -33.90 -28.56
C ASN L 218 -16.82 -34.92 -29.53
N ARG L 219 -17.08 -36.21 -29.31
CA ARG L 219 -16.64 -37.31 -30.15
C ARG L 219 -15.12 -37.45 -30.20
N ARG L 220 -14.39 -36.73 -29.35
CA ARG L 220 -12.94 -36.85 -29.26
C ARG L 220 -12.58 -37.07 -27.80
N PHE L 221 -11.79 -38.12 -27.54
CA PHE L 221 -11.45 -38.45 -26.15
C PHE L 221 -10.60 -37.36 -25.51
N LYS L 222 -9.80 -36.64 -26.31
CA LYS L 222 -9.00 -35.56 -25.77
C LYS L 222 -9.84 -34.41 -25.25
N THR L 223 -11.05 -34.22 -25.79
CA THR L 223 -11.91 -33.11 -25.42
C THR L 223 -12.97 -33.50 -24.40
N PHE L 224 -12.99 -34.74 -23.95
CA PHE L 224 -13.97 -35.16 -22.96
C PHE L 224 -13.67 -34.53 -21.60
N SER L 225 -14.70 -34.39 -20.79
CA SER L 225 -14.52 -33.88 -19.44
C SER L 225 -13.80 -34.91 -18.59
N LEU L 226 -13.34 -34.47 -17.41
CA LEU L 226 -12.65 -35.38 -16.49
C LEU L 226 -13.60 -36.47 -16.01
N HIS L 227 -14.85 -36.13 -15.70
CA HIS L 227 -15.82 -37.12 -15.26
C HIS L 227 -16.10 -38.12 -16.37
N THR L 228 -16.26 -37.65 -17.60
CA THR L 228 -16.53 -38.54 -18.72
C THR L 228 -15.37 -39.50 -18.95
N LYS L 229 -14.14 -39.00 -18.85
CA LYS L 229 -12.98 -39.86 -19.02
C LYS L 229 -12.83 -40.86 -17.88
N LEU L 230 -13.30 -40.52 -16.68
CA LEU L 230 -13.26 -41.47 -15.57
C LEU L 230 -14.24 -42.61 -15.80
N MET L 231 -15.44 -42.32 -16.28
CA MET L 231 -16.45 -43.35 -16.47
C MET L 231 -16.08 -44.27 -17.63
N LEU L 232 -15.66 -43.70 -18.77
CA LEU L 232 -15.34 -44.53 -19.92
C LEU L 232 -14.14 -45.41 -19.66
N THR L 233 -13.08 -44.85 -19.04
CA THR L 233 -11.90 -45.65 -18.73
C THR L 233 -12.17 -46.59 -17.56
N GLY L 234 -12.87 -46.10 -16.54
CA GLY L 234 -13.13 -46.94 -15.37
C GLY L 234 -13.99 -48.14 -15.68
N THR L 235 -15.04 -47.94 -16.50
CA THR L 235 -15.93 -49.05 -16.83
C THR L 235 -15.19 -50.14 -17.59
N LEU L 236 -14.36 -49.78 -18.56
CA LEU L 236 -13.61 -50.78 -19.31
C LEU L 236 -12.65 -51.55 -18.40
N MET L 237 -11.95 -50.84 -17.52
CA MET L 237 -11.02 -51.52 -16.62
C MET L 237 -11.75 -52.37 -15.60
N LEU L 238 -12.83 -51.85 -15.01
CA LEU L 238 -13.54 -52.58 -13.98
C LEU L 238 -14.23 -53.81 -14.54
N ASN L 239 -14.83 -53.70 -15.72
CA ASN L 239 -15.48 -54.85 -16.34
C ASN L 239 -14.47 -55.92 -16.73
N ALA L 240 -13.31 -55.50 -17.24
CA ALA L 240 -12.28 -56.47 -17.64
C ALA L 240 -11.76 -57.24 -16.45
N ILE L 241 -11.50 -56.55 -15.34
CA ILE L 241 -11.06 -57.23 -14.12
C ILE L 241 -12.15 -58.16 -13.60
N ALA L 242 -13.40 -57.69 -13.60
CA ALA L 242 -14.50 -58.52 -13.12
C ALA L 242 -14.71 -59.75 -14.00
N MET L 243 -14.62 -59.58 -15.32
CA MET L 243 -14.80 -60.70 -16.23
C MET L 243 -13.68 -61.74 -16.04
N LEU L 244 -12.45 -61.27 -15.85
CA LEU L 244 -11.35 -62.19 -15.59
C LEU L 244 -11.55 -62.94 -14.28
N THR L 245 -12.00 -62.23 -13.24
CA THR L 245 -12.19 -62.85 -11.93
C THR L 245 -13.29 -63.91 -11.97
N VAL L 246 -14.42 -63.60 -12.60
CA VAL L 246 -15.53 -64.55 -12.67
C VAL L 246 -15.14 -65.76 -13.49
N PHE L 247 -14.45 -65.55 -14.62
CA PHE L 247 -14.08 -66.66 -15.50
C PHE L 247 -13.10 -67.60 -14.81
N ILE L 248 -12.10 -67.06 -14.11
CA ILE L 248 -11.08 -67.89 -13.49
C ILE L 248 -11.67 -68.67 -12.32
N LEU L 249 -12.44 -68.01 -11.46
CA LEU L 249 -12.91 -68.64 -10.24
C LEU L 249 -13.99 -69.67 -10.52
N GLU L 250 -14.87 -69.41 -11.48
CA GLU L 250 -16.01 -70.26 -11.76
C GLU L 250 -15.76 -71.26 -12.88
N TYR L 251 -14.53 -71.32 -13.41
CA TYR L 251 -14.25 -72.19 -14.55
C TYR L 251 -14.46 -73.66 -14.19
N SER L 252 -14.01 -74.07 -13.01
CA SER L 252 -14.09 -75.46 -12.59
C SER L 252 -15.33 -75.74 -11.75
N ASN L 253 -16.20 -74.77 -11.55
CA ASN L 253 -17.39 -74.98 -10.75
C ASN L 253 -18.41 -75.80 -11.53
N PRO L 254 -18.80 -76.98 -11.06
CA PRO L 254 -19.83 -77.75 -11.79
C PRO L 254 -21.18 -77.06 -11.85
N GLY L 255 -21.55 -76.31 -10.81
CA GLY L 255 -22.86 -75.69 -10.79
C GLY L 255 -23.02 -74.60 -11.84
N THR L 256 -22.02 -73.73 -11.96
CA THR L 256 -22.06 -72.61 -12.89
C THR L 256 -20.76 -72.55 -13.66
N LEU L 257 -20.86 -72.26 -14.96
CA LEU L 257 -19.74 -72.05 -15.88
C LEU L 257 -18.93 -73.33 -16.13
N GLY L 258 -19.33 -74.46 -15.56
CA GLY L 258 -18.58 -75.69 -15.73
C GLY L 258 -19.10 -76.56 -16.86
N HIS L 259 -20.39 -76.85 -16.85
CA HIS L 259 -21.00 -77.67 -17.89
C HIS L 259 -21.51 -76.82 -19.06
N LEU L 260 -20.62 -75.98 -19.58
CA LEU L 260 -20.96 -75.09 -20.69
C LEU L 260 -19.84 -75.13 -21.72
N HIS L 261 -20.19 -74.81 -22.96
CA HIS L 261 -19.19 -74.73 -24.02
C HIS L 261 -18.28 -73.53 -23.77
N ILE L 262 -17.09 -73.59 -24.39
CA ILE L 262 -16.09 -72.55 -24.18
C ILE L 262 -16.63 -71.18 -24.62
N VAL L 263 -17.40 -71.15 -25.70
CA VAL L 263 -18.02 -69.90 -26.13
C VAL L 263 -19.07 -69.45 -25.12
N ASP L 264 -19.84 -70.39 -24.58
CA ASP L 264 -20.85 -70.05 -23.58
C ASP L 264 -20.21 -69.59 -22.27
N LYS L 265 -19.02 -70.11 -21.95
CA LYS L 265 -18.33 -69.64 -20.75
C LYS L 265 -17.98 -68.17 -20.85
N LEU L 266 -17.55 -67.73 -22.03
CA LEU L 266 -17.21 -66.32 -22.22
C LEU L 266 -18.44 -65.43 -22.05
N TRP L 267 -19.58 -65.85 -22.60
CA TRP L 267 -20.80 -65.07 -22.48
C TRP L 267 -21.24 -64.95 -21.02
N ALA L 268 -21.26 -66.08 -20.31
CA ALA L 268 -21.71 -66.07 -18.92
C ALA L 268 -20.76 -65.26 -18.05
N SER L 269 -19.45 -65.40 -18.26
CA SER L 269 -18.50 -64.59 -17.51
C SER L 269 -18.65 -63.11 -17.84
N TYR L 270 -18.84 -62.79 -19.12
CA TYR L 270 -19.04 -61.40 -19.50
C TYR L 270 -20.32 -60.83 -18.91
N PHE L 271 -21.39 -61.62 -18.91
CA PHE L 271 -22.67 -61.12 -18.40
C PHE L 271 -22.63 -60.96 -16.89
N GLN L 272 -22.05 -61.93 -16.18
CA GLN L 272 -22.00 -61.87 -14.72
C GLN L 272 -21.02 -60.84 -14.20
N ALA L 273 -20.20 -60.25 -15.05
CA ALA L 273 -19.28 -59.20 -14.63
C ALA L 273 -19.88 -57.81 -14.76
N VAL L 274 -20.81 -57.61 -15.70
CA VAL L 274 -21.41 -56.30 -15.92
C VAL L 274 -22.78 -56.16 -15.25
N THR L 275 -23.45 -57.26 -14.95
CA THR L 275 -24.76 -57.22 -14.30
C THR L 275 -24.73 -56.78 -12.83
N PRO L 276 -23.67 -57.02 -12.04
CA PRO L 276 -23.71 -56.59 -10.64
C PRO L 276 -23.82 -55.09 -10.44
N ARG L 277 -23.49 -54.32 -11.47
CA ARG L 277 -23.56 -52.87 -11.35
C ARG L 277 -24.23 -52.26 -12.57
N THR L 278 -25.55 -52.05 -12.46
CA THR L 278 -26.33 -52.41 -11.28
C THR L 278 -27.60 -53.16 -11.67
N ALA L 279 -27.62 -53.73 -12.87
CA ALA L 279 -28.85 -54.28 -13.42
C ALA L 279 -29.36 -55.46 -12.61
N GLY L 280 -28.46 -56.37 -12.23
CA GLY L 280 -28.87 -57.53 -11.48
C GLY L 280 -29.56 -58.62 -12.28
N PHE L 281 -29.37 -58.64 -13.59
CA PHE L 281 -29.82 -59.77 -14.38
C PHE L 281 -28.96 -61.00 -14.09
N ASN L 282 -29.52 -62.17 -14.37
CA ASN L 282 -28.85 -63.43 -14.08
C ASN L 282 -28.59 -64.19 -15.38
N SER L 283 -27.50 -64.96 -15.38
CA SER L 283 -27.30 -66.03 -16.34
C SER L 283 -26.78 -67.29 -15.69
N LEU L 284 -26.31 -67.21 -14.44
CA LEU L 284 -25.88 -68.35 -13.66
C LEU L 284 -26.48 -68.23 -12.27
N ASP L 285 -26.56 -69.36 -11.57
CA ASP L 285 -27.13 -69.37 -10.22
C ASP L 285 -26.07 -68.87 -9.25
N PHE L 286 -26.32 -67.70 -8.64
CA PHE L 286 -25.37 -67.14 -7.68
C PHE L 286 -25.27 -67.96 -6.40
N GLY L 287 -26.30 -68.75 -6.08
CA GLY L 287 -26.25 -69.57 -4.89
C GLY L 287 -25.30 -70.74 -5.00
N SER L 288 -24.97 -71.15 -6.21
CA SER L 288 -24.05 -72.26 -6.44
C SER L 288 -22.64 -71.80 -6.82
N MET L 289 -22.38 -70.50 -6.79
CA MET L 289 -21.06 -69.99 -7.12
C MET L 289 -20.11 -70.17 -5.95
N ARG L 290 -18.82 -70.00 -6.24
CA ARG L 290 -17.80 -70.04 -5.20
C ARG L 290 -17.96 -68.83 -4.27
N GLU L 291 -17.50 -68.99 -3.03
CA GLU L 291 -17.56 -67.88 -2.09
C GLU L 291 -16.65 -66.74 -2.52
N GLY L 292 -15.51 -67.05 -3.15
CA GLY L 292 -14.63 -66.00 -3.61
C GLY L 292 -15.26 -65.11 -4.66
N THR L 293 -16.05 -65.71 -5.56
CA THR L 293 -16.77 -64.92 -6.55
C THR L 293 -17.81 -64.03 -5.88
N ILE L 294 -18.49 -64.54 -4.86
CA ILE L 294 -19.50 -63.75 -4.16
C ILE L 294 -18.85 -62.58 -3.42
N VAL L 295 -17.70 -62.82 -2.79
CA VAL L 295 -17.00 -61.75 -2.07
C VAL L 295 -16.60 -60.64 -3.03
N PHE L 296 -16.06 -61.01 -4.20
CA PHE L 296 -15.70 -60.00 -5.19
C PHE L 296 -16.94 -59.30 -5.73
N THR L 297 -18.07 -60.00 -5.83
CA THR L 297 -19.30 -59.37 -6.27
C THR L 297 -19.81 -58.36 -5.25
N LEU L 298 -19.52 -58.57 -3.96
CA LEU L 298 -19.93 -57.62 -2.94
C LEU L 298 -19.32 -56.24 -3.20
N LEU L 299 -18.02 -56.20 -3.49
CA LEU L 299 -17.39 -54.94 -3.85
C LEU L 299 -17.87 -54.44 -5.20
N LEU L 300 -18.14 -55.36 -6.12
CA LEU L 300 -18.57 -54.98 -7.46
C LEU L 300 -19.90 -54.25 -7.43
N MET L 301 -20.84 -54.73 -6.62
CA MET L 301 -22.15 -54.10 -6.52
C MET L 301 -22.24 -53.08 -5.39
N PHE L 302 -21.17 -52.76 -4.70
CA PHE L 302 -21.10 -51.65 -3.74
C PHE L 302 -20.63 -50.40 -4.49
N ILE L 303 -19.73 -50.53 -5.47
CA ILE L 303 -19.19 -49.42 -6.25
C ILE L 303 -20.09 -48.96 -7.34
N GLY L 304 -21.10 -49.71 -7.69
CA GLY L 304 -22.07 -49.32 -8.68
C GLY L 304 -21.64 -48.75 -9.96
N ALA L 305 -22.44 -47.89 -10.52
CA ALA L 305 -22.12 -47.29 -11.78
C ALA L 305 -22.01 -45.84 -11.77
N GLY L 306 -22.55 -45.19 -12.76
CA GLY L 306 -22.37 -43.78 -12.88
C GLY L 306 -23.18 -42.91 -12.03
N SER L 307 -22.92 -41.62 -12.08
CA SER L 307 -23.57 -40.72 -11.16
C SER L 307 -25.01 -40.32 -11.46
N ALA L 308 -25.24 -39.59 -12.53
CA ALA L 308 -26.58 -39.16 -12.93
C ALA L 308 -27.12 -40.17 -13.94
N SER L 309 -27.63 -41.28 -13.42
CA SER L 309 -28.15 -42.35 -14.27
C SER L 309 -29.11 -43.20 -13.45
N THR L 310 -29.46 -44.37 -13.99
CA THR L 310 -30.38 -45.28 -13.34
C THR L 310 -29.70 -46.18 -12.30
N ALA L 311 -28.37 -46.15 -12.22
CA ALA L 311 -27.66 -46.97 -11.26
C ALA L 311 -27.67 -46.32 -9.88
N SER L 312 -27.30 -47.12 -8.87
CA SER L 312 -27.26 -46.62 -7.49
C SER L 312 -26.00 -47.09 -6.78
N GLY L 313 -25.72 -46.79 -5.53
CA GLY L 313 -24.43 -47.18 -4.96
C GLY L 313 -23.38 -46.11 -5.01
N ILE L 314 -22.38 -46.14 -4.14
CA ILE L 314 -21.30 -45.17 -4.19
C ILE L 314 -20.98 -45.36 -5.64
N LYS L 315 -20.78 -44.32 -6.39
CA LYS L 315 -20.65 -44.51 -7.80
C LYS L 315 -19.27 -44.84 -8.13
N LEU L 316 -18.99 -44.97 -9.39
CA LEU L 316 -17.68 -45.39 -9.78
C LEU L 316 -16.69 -44.29 -9.50
N THR L 317 -16.95 -43.08 -9.97
CA THR L 317 -16.03 -41.97 -9.74
C THR L 317 -15.66 -41.84 -8.28
N THR L 318 -16.62 -42.07 -7.38
CA THR L 318 -16.33 -41.99 -5.95
C THR L 318 -15.27 -43.00 -5.55
N PHE L 319 -15.37 -44.24 -6.07
CA PHE L 319 -14.37 -45.25 -5.78
C PHE L 319 -13.00 -44.86 -6.36
N ILE L 320 -12.99 -44.31 -7.57
CA ILE L 320 -11.73 -43.92 -8.19
C ILE L 320 -11.12 -42.73 -7.45
N VAL L 321 -11.95 -41.76 -7.07
CA VAL L 321 -11.44 -40.59 -6.36
C VAL L 321 -10.80 -40.99 -5.04
N ILE L 322 -11.47 -41.86 -4.29
CA ILE L 322 -10.94 -42.33 -3.01
C ILE L 322 -9.66 -43.13 -3.23
N LEU L 323 -9.68 -44.04 -4.20
CA LEU L 323 -8.53 -44.90 -4.43
C LEU L 323 -7.30 -44.09 -4.86
N THR L 324 -7.49 -43.13 -5.76
CA THR L 324 -6.37 -42.31 -6.20
C THR L 324 -5.91 -41.34 -5.12
N SER L 325 -6.85 -40.82 -4.32
CA SER L 325 -6.47 -39.92 -3.24
C SER L 325 -5.61 -40.62 -2.20
N VAL L 326 -5.95 -41.87 -1.85
CA VAL L 326 -5.17 -42.61 -0.88
C VAL L 326 -3.79 -42.95 -1.44
N ILE L 327 -3.73 -43.37 -2.71
CA ILE L 327 -2.44 -43.71 -3.31
C ILE L 327 -1.54 -42.48 -3.38
N ALA L 328 -2.12 -41.32 -3.69
CA ALA L 328 -1.33 -40.09 -3.70
C ALA L 328 -0.78 -39.78 -2.31
N TYR L 329 -1.58 -39.97 -1.27
CA TYR L 329 -1.11 -39.77 0.09
C TYR L 329 0.01 -40.73 0.44
N LEU L 330 -0.12 -42.00 0.04
CA LEU L 330 0.92 -42.98 0.32
C LEU L 330 2.21 -42.66 -0.42
N ARG L 331 2.11 -42.14 -1.64
CA ARG L 331 3.27 -41.78 -2.43
C ARG L 331 3.82 -40.40 -2.08
N GLY L 332 3.17 -39.70 -1.14
CA GLY L 332 3.63 -38.39 -0.72
C GLY L 332 3.16 -37.23 -1.58
N LYS L 333 2.33 -37.48 -2.58
CA LYS L 333 1.85 -36.41 -3.44
C LYS L 333 1.00 -35.42 -2.65
N LYS L 334 1.22 -34.13 -2.89
CA LYS L 334 0.47 -33.10 -2.17
C LYS L 334 -0.94 -32.95 -2.69
N GLU L 335 -1.24 -33.47 -3.88
CA GLU L 335 -2.56 -33.37 -4.47
C GLU L 335 -2.86 -34.63 -5.27
N THR L 336 -4.15 -34.87 -5.49
CA THR L 336 -4.60 -36.00 -6.28
C THR L 336 -4.70 -35.56 -7.75
N VAL L 337 -3.92 -36.21 -8.61
CA VAL L 337 -3.86 -35.88 -10.03
C VAL L 337 -4.22 -37.11 -10.84
N ILE L 338 -5.21 -36.96 -11.71
CA ILE L 338 -5.60 -38.04 -12.62
C ILE L 338 -6.09 -37.41 -13.91
N PHE L 339 -5.70 -38.02 -15.03
CA PHE L 339 -6.04 -37.52 -16.37
C PHE L 339 -5.62 -36.06 -16.54
N ARG L 340 -4.41 -35.74 -16.08
CA ARG L 340 -3.80 -34.43 -16.23
C ARG L 340 -4.62 -33.33 -15.58
N ARG L 341 -5.40 -33.66 -14.55
CA ARG L 341 -6.24 -32.70 -13.84
C ARG L 341 -5.97 -32.80 -12.34
N SER L 342 -6.70 -32.00 -11.58
CA SER L 342 -6.57 -31.98 -10.13
C SER L 342 -7.94 -32.07 -9.48
N ILE L 343 -7.99 -32.70 -8.31
CA ILE L 343 -9.22 -32.91 -7.57
C ILE L 343 -9.12 -32.16 -6.25
N LYS L 344 -10.10 -31.30 -5.98
CA LYS L 344 -10.05 -30.44 -4.81
C LYS L 344 -10.50 -31.19 -3.57
N TYR L 345 -10.14 -30.65 -2.40
CA TYR L 345 -10.50 -31.28 -1.13
C TYR L 345 -12.00 -31.47 -0.93
N PRO L 346 -12.87 -30.50 -1.25
CA PRO L 346 -14.32 -30.76 -1.09
C PRO L 346 -14.80 -31.98 -1.85
N ILE L 347 -14.22 -32.27 -3.03
CA ILE L 347 -14.58 -33.49 -3.75
C ILE L 347 -14.05 -34.72 -3.00
N ILE L 348 -12.85 -34.61 -2.43
CA ILE L 348 -12.25 -35.74 -1.74
C ILE L 348 -13.06 -36.11 -0.50
N ILE L 349 -13.42 -35.10 0.31
CA ILE L 349 -14.14 -35.39 1.55
C ILE L 349 -15.55 -35.88 1.26
N LYS L 350 -16.20 -35.31 0.23
CA LYS L 350 -17.54 -35.77 -0.13
C LYS L 350 -17.52 -37.22 -0.59
N ALA L 351 -16.50 -37.60 -1.38
CA ALA L 351 -16.36 -38.99 -1.79
C ALA L 351 -16.13 -39.89 -0.59
N LEU L 352 -15.29 -39.45 0.35
CA LEU L 352 -15.03 -40.26 1.54
C LEU L 352 -16.21 -40.25 2.50
N ALA L 353 -17.00 -39.17 2.53
CA ALA L 353 -18.15 -39.11 3.43
C ALA L 353 -19.25 -40.06 2.98
N VAL L 354 -19.54 -40.09 1.68
CA VAL L 354 -20.60 -40.97 1.20
C VAL L 354 -20.20 -42.44 1.33
N SER L 355 -18.91 -42.74 1.20
CA SER L 355 -18.47 -44.12 1.30
C SER L 355 -18.64 -44.66 2.70
N VAL L 356 -18.20 -43.91 3.71
CA VAL L 356 -18.30 -44.37 5.09
C VAL L 356 -19.76 -44.39 5.54
N THR L 357 -20.55 -43.42 5.09
CA THR L 357 -21.98 -43.42 5.43
C THR L 357 -22.68 -44.62 4.80
N SER L 358 -22.33 -44.97 3.57
CA SER L 358 -22.92 -46.13 2.91
C SER L 358 -22.57 -47.42 3.64
N LEU L 359 -21.31 -47.55 4.05
CA LEU L 359 -20.89 -48.75 4.78
C LEU L 359 -21.59 -48.85 6.13
N PHE L 360 -21.80 -47.73 6.81
CA PHE L 360 -22.49 -47.75 8.09
C PHE L 360 -23.94 -48.21 7.93
N ILE L 361 -24.61 -47.75 6.86
CA ILE L 361 -25.97 -48.20 6.60
C ILE L 361 -26.01 -49.68 6.26
N VAL L 362 -25.05 -50.14 5.46
CA VAL L 362 -24.98 -51.57 5.14
C VAL L 362 -24.70 -52.38 6.40
N PHE L 363 -23.81 -51.88 7.26
CA PHE L 363 -23.51 -52.56 8.51
C PHE L 363 -24.75 -52.67 9.39
N LEU L 364 -25.54 -51.60 9.46
CA LEU L 364 -26.78 -51.65 10.24
C LEU L 364 -27.76 -52.65 9.64
N GLY L 365 -27.82 -52.72 8.30
CA GLY L 365 -28.72 -53.67 7.67
C GLY L 365 -28.33 -55.12 7.95
N ILE L 366 -27.03 -55.42 7.87
CA ILE L 366 -26.56 -56.76 8.18
C ILE L 366 -26.82 -57.08 9.65
N PHE L 367 -26.55 -56.12 10.53
CA PHE L 367 -26.80 -56.32 11.96
C PHE L 367 -28.28 -56.55 12.23
N ALA L 368 -29.15 -55.81 11.56
CA ALA L 368 -30.59 -55.96 11.77
C ALA L 368 -31.08 -57.31 11.23
N LEU L 369 -30.57 -57.72 10.06
CA LEU L 369 -31.05 -58.95 9.45
C LEU L 369 -30.58 -60.19 10.20
N THR L 370 -29.37 -60.15 10.77
CA THR L 370 -28.87 -61.30 11.52
C THR L 370 -29.72 -61.57 12.75
N ILE L 371 -30.14 -60.50 13.45
CA ILE L 371 -31.03 -60.67 14.60
C ILE L 371 -32.40 -61.16 14.15
N THR L 372 -32.91 -60.63 13.05
CA THR L 372 -34.26 -60.97 12.60
C THR L 372 -34.28 -62.30 11.85
N GLU L 373 -33.50 -62.40 10.78
CA GLU L 373 -33.51 -63.57 9.92
C GLU L 373 -32.53 -64.62 10.42
N GLN L 374 -32.98 -65.87 10.48
CA GLN L 374 -32.13 -67.01 10.82
C GLN L 374 -31.65 -67.63 9.51
N ALA L 375 -30.67 -66.99 8.90
CA ALA L 375 -30.16 -67.34 7.59
C ALA L 375 -28.64 -67.39 7.63
N PRO L 376 -28.00 -68.10 6.70
CA PRO L 376 -26.54 -68.07 6.64
C PRO L 376 -26.02 -66.66 6.42
N PHE L 377 -24.86 -66.39 7.03
CA PHE L 377 -24.34 -65.03 7.06
C PHE L 377 -23.99 -64.52 5.67
N LEU L 378 -23.44 -65.38 4.81
CA LEU L 378 -23.04 -64.95 3.48
C LEU L 378 -24.23 -64.46 2.67
N GLN L 379 -25.36 -65.16 2.78
CA GLN L 379 -26.57 -64.73 2.07
C GLN L 379 -27.07 -63.40 2.61
N ILE L 380 -27.00 -63.19 3.93
CA ILE L 380 -27.45 -61.94 4.53
C ILE L 380 -26.60 -60.78 4.04
N VAL L 381 -25.28 -60.96 4.01
CA VAL L 381 -24.39 -59.90 3.52
C VAL L 381 -24.64 -59.62 2.05
N PHE L 382 -24.79 -60.68 1.24
CA PHE L 382 -25.06 -60.50 -0.17
C PHE L 382 -26.39 -59.79 -0.40
N GLU L 383 -27.40 -60.13 0.39
CA GLU L 383 -28.70 -59.50 0.25
C GLU L 383 -28.64 -58.02 0.60
N THR L 384 -27.89 -57.66 1.64
CA THR L 384 -27.85 -56.26 2.08
C THR L 384 -27.12 -55.38 1.08
N PHE L 385 -25.97 -55.84 0.57
CA PHE L 385 -25.25 -55.08 -0.44
C PHE L 385 -26.07 -54.94 -1.72
N SER L 386 -26.75 -56.01 -2.11
CA SER L 386 -27.60 -55.95 -3.30
C SER L 386 -28.78 -55.00 -3.10
N ALA L 387 -29.41 -55.05 -1.93
CA ALA L 387 -30.53 -54.16 -1.66
C ALA L 387 -30.09 -52.70 -1.59
N PHE L 388 -28.96 -52.43 -0.92
CA PHE L 388 -28.48 -51.06 -0.81
C PHE L 388 -28.04 -50.52 -2.17
N GLY L 389 -27.34 -51.34 -2.95
CA GLY L 389 -26.93 -50.92 -4.27
C GLY L 389 -28.01 -51.02 -5.32
N THR L 390 -29.20 -51.46 -4.94
CA THR L 390 -30.33 -51.65 -5.85
C THR L 390 -29.94 -52.50 -7.05
N VAL L 391 -29.29 -53.63 -6.75
CA VAL L 391 -28.86 -54.56 -7.78
C VAL L 391 -29.87 -55.69 -7.96
N GLY L 392 -30.36 -56.26 -6.86
CA GLY L 392 -31.37 -57.30 -6.94
C GLY L 392 -30.84 -58.72 -7.01
N LEU L 393 -29.53 -58.90 -7.09
CA LEU L 393 -28.97 -60.25 -7.07
C LEU L 393 -29.18 -60.87 -5.69
N THR L 394 -29.49 -62.16 -5.67
CA THR L 394 -29.75 -62.85 -4.41
C THR L 394 -29.35 -64.31 -4.55
N MET L 395 -29.14 -64.96 -3.40
CA MET L 395 -28.84 -66.39 -3.34
C MET L 395 -29.85 -67.04 -2.40
N GLY L 396 -31.02 -67.36 -2.94
CA GLY L 396 -32.01 -68.14 -2.18
C GLY L 396 -32.38 -67.54 -0.85
N LEU L 397 -32.55 -66.23 -0.77
CA LEU L 397 -32.86 -65.58 0.50
C LEU L 397 -34.08 -64.68 0.42
N THR L 398 -34.30 -63.99 -0.70
CA THR L 398 -35.44 -63.08 -0.80
C THR L 398 -36.77 -63.77 -0.62
N PRO L 399 -37.07 -64.92 -1.24
CA PRO L 399 -38.36 -65.57 -0.97
C PRO L 399 -38.56 -65.98 0.47
N GLU L 400 -37.49 -66.37 1.18
CA GLU L 400 -37.60 -66.92 2.52
C GLU L 400 -37.47 -65.88 3.62
N LEU L 401 -37.39 -64.60 3.27
CA LEU L 401 -37.34 -63.56 4.29
C LEU L 401 -38.65 -63.52 5.07
N THR L 402 -38.55 -63.18 6.35
CA THR L 402 -39.72 -63.04 7.19
C THR L 402 -40.38 -61.68 6.96
N THR L 403 -41.49 -61.44 7.66
CA THR L 403 -42.20 -60.17 7.52
C THR L 403 -41.32 -59.01 7.97
N ALA L 404 -40.64 -59.17 9.11
CA ALA L 404 -39.74 -58.11 9.59
C ALA L 404 -38.53 -57.97 8.69
N GLY L 405 -38.03 -59.09 8.14
CA GLY L 405 -36.88 -59.02 7.25
C GLY L 405 -37.18 -58.28 5.97
N LYS L 406 -38.38 -58.46 5.41
CA LYS L 406 -38.76 -57.74 4.20
C LYS L 406 -38.84 -56.24 4.46
N CYS L 407 -39.34 -55.84 5.62
CA CYS L 407 -39.44 -54.42 5.94
C CYS L 407 -38.07 -53.76 6.00
N ILE L 408 -37.08 -54.46 6.55
CA ILE L 408 -35.73 -53.91 6.61
C ILE L 408 -35.17 -53.72 5.20
N ILE L 409 -35.40 -54.69 4.32
CA ILE L 409 -34.89 -54.60 2.94
C ILE L 409 -35.51 -53.41 2.22
N ILE L 410 -36.81 -53.18 2.44
CA ILE L 410 -37.49 -52.06 1.79
C ILE L 410 -36.85 -50.74 2.21
N VAL L 411 -36.54 -50.59 3.50
CA VAL L 411 -35.87 -49.39 3.97
C VAL L 411 -34.48 -49.28 3.35
N ILE L 412 -33.75 -50.40 3.30
CA ILE L 412 -32.41 -50.41 2.71
C ILE L 412 -32.47 -50.05 1.23
N MET L 413 -33.43 -50.62 0.51
CA MET L 413 -33.58 -50.29 -0.90
C MET L 413 -33.93 -48.82 -1.10
N PHE L 414 -34.82 -48.29 -0.27
CA PHE L 414 -35.22 -46.89 -0.41
C PHE L 414 -34.07 -45.94 -0.11
N ILE L 415 -33.33 -46.21 0.97
CA ILE L 415 -32.21 -45.34 1.34
C ILE L 415 -31.11 -45.42 0.29
N GLY L 416 -30.80 -46.61 -0.19
CA GLY L 416 -29.76 -46.75 -1.20
C GLY L 416 -30.11 -46.06 -2.50
N ARG L 417 -31.36 -46.15 -2.92
CA ARG L 417 -31.79 -45.49 -4.15
C ARG L 417 -31.72 -43.98 -4.02
N ILE L 418 -32.23 -43.44 -2.91
CA ILE L 418 -32.20 -41.99 -2.71
C ILE L 418 -30.77 -41.51 -2.55
N GLY L 419 -29.98 -42.23 -1.75
CA GLY L 419 -28.62 -41.83 -1.45
C GLY L 419 -28.51 -41.38 0.00
N PRO L 420 -27.47 -41.85 0.68
CA PRO L 420 -27.32 -41.49 2.11
C PRO L 420 -27.21 -40.00 2.35
N LEU L 421 -26.53 -39.26 1.47
CA LEU L 421 -26.39 -37.82 1.65
C LEU L 421 -27.69 -37.09 1.33
N THR L 422 -28.36 -37.49 0.24
CA THR L 422 -29.60 -36.83 -0.14
C THR L 422 -30.71 -37.10 0.87
N PHE L 423 -30.80 -38.34 1.36
CA PHE L 423 -31.89 -38.69 2.28
C PHE L 423 -31.77 -37.95 3.61
N VAL L 424 -30.55 -37.81 4.13
CA VAL L 424 -30.37 -37.16 5.42
C VAL L 424 -30.77 -35.69 5.34
N PHE L 425 -30.36 -35.01 4.27
CA PHE L 425 -30.67 -33.58 4.13
C PHE L 425 -32.17 -33.32 4.15
N SER L 426 -32.98 -34.29 3.72
CA SER L 426 -34.43 -34.10 3.69
C SER L 426 -35.00 -33.97 5.11
N PHE L 427 -34.52 -34.78 6.04
CA PHE L 427 -35.08 -34.85 7.38
C PHE L 427 -34.03 -34.52 8.45
N ALA L 428 -33.23 -33.49 8.21
CA ALA L 428 -32.25 -33.04 9.19
C ALA L 428 -32.33 -31.52 9.31
N LYS L 429 -32.32 -31.03 10.55
CA LYS L 429 -32.30 -29.59 10.78
C LYS L 429 -30.98 -29.00 10.28
N THR L 430 -31.09 -27.87 9.58
CA THR L 430 -29.94 -27.22 8.96
C THR L 430 -29.70 -25.86 9.62
N GLU L 431 -28.47 -25.64 10.07
CA GLU L 431 -28.07 -24.36 10.64
C GLU L 431 -26.61 -24.13 10.26
N GLN L 432 -26.39 -23.14 9.40
CA GLN L 432 -25.04 -22.85 8.93
C GLN L 432 -24.25 -22.15 10.02
N SER L 433 -23.18 -22.79 10.49
CA SER L 433 -22.36 -22.22 11.55
C SER L 433 -21.55 -21.04 11.04
N ASN L 434 -21.29 -20.09 11.94
CA ASN L 434 -20.51 -18.90 11.60
C ASN L 434 -19.45 -18.61 12.67
N ILE L 435 -19.05 -19.62 13.43
CA ILE L 435 -18.07 -19.45 14.51
C ILE L 435 -16.96 -20.48 14.31
N ARG L 436 -15.72 -20.01 14.30
CA ARG L 436 -14.58 -20.90 14.23
C ARG L 436 -14.04 -21.16 15.64
N TYR L 437 -13.29 -22.25 15.76
CA TYR L 437 -12.77 -22.71 17.05
C TYR L 437 -11.27 -22.97 16.93
N PRO L 438 -10.54 -22.90 18.04
CA PRO L 438 -9.10 -23.18 17.99
C PRO L 438 -8.83 -24.62 17.58
N ASP L 439 -7.71 -24.81 16.89
CA ASP L 439 -7.35 -26.13 16.38
C ASP L 439 -6.99 -27.06 17.53
N GLY L 440 -7.33 -28.33 17.35
CA GLY L 440 -6.98 -29.35 18.32
C GLY L 440 -6.23 -30.49 17.66
N GLU L 441 -5.32 -31.08 18.43
CA GLU L 441 -4.46 -32.16 17.94
C GLU L 441 -5.08 -33.49 18.32
N VAL L 442 -5.35 -34.32 17.31
CA VAL L 442 -5.90 -35.65 17.51
C VAL L 442 -5.00 -36.66 16.79
N PHE L 443 -4.61 -37.71 17.50
CA PHE L 443 -3.75 -38.74 16.93
C PHE L 443 -4.64 -39.80 16.28
N THR L 444 -4.58 -39.88 14.94
CA THR L 444 -5.39 -40.82 14.19
C THR L 444 -4.57 -41.97 13.61
N GLY L 445 -3.41 -42.25 14.20
CA GLY L 445 -2.56 -43.31 13.72
C GLY L 445 -3.09 -44.70 14.06
PB ADP M . 5.97 6.30 23.35
O1B ADP M . 7.29 6.48 24.04
O2B ADP M . 5.17 5.11 23.84
O3B ADP M . 5.15 7.56 23.19
PA ADP M . 6.89 6.97 20.77
O1A ADP M . 7.89 6.30 19.87
O2A ADP M . 5.70 7.68 20.17
O3A ADP M . 6.33 5.89 21.83
O5' ADP M . 7.71 8.04 21.66
C5' ADP M . 9.10 7.86 21.90
C4' ADP M . 9.73 9.24 22.10
O4' ADP M . 11.12 9.11 22.42
C3' ADP M . 9.64 10.07 20.84
O3' ADP M . 8.70 11.13 21.01
C2' ADP M . 11.03 10.64 20.62
O2' ADP M . 10.96 12.07 20.57
C1' ADP M . 11.85 10.18 21.81
N9 ADP M . 13.19 9.74 21.37
C8 ADP M . 13.45 8.90 20.35
N7 ADP M . 14.78 8.70 20.20
C5 ADP M . 15.40 9.42 21.16
C6 ADP M . 16.80 9.66 21.56
N6 ADP M . 17.84 9.07 20.92
N1 ADP M . 17.02 10.49 22.61
C2 ADP M . 16.00 11.09 23.26
N3 ADP M . 14.71 10.90 22.94
C4 ADP M . 14.36 10.10 21.91
PB ADP N . -2.74 -4.63 21.17
O1B ADP N . -1.90 -5.88 21.21
O2B ADP N . -2.19 -3.50 22.01
O3B ADP N . -4.22 -4.85 21.34
PA ADP N . -2.70 -5.08 18.40
O1A ADP N . -1.36 -5.76 18.18
O2A ADP N . -3.33 -4.33 17.25
O3A ADP N . -2.56 -4.10 19.67
O5' ADP N . -3.76 -6.20 18.85
C5' ADP N . -5.15 -6.03 18.60
C4' ADP N . -5.80 -7.40 18.46
O4' ADP N . -7.21 -7.29 18.29
C3' ADP N . -5.25 -8.15 17.25
O3' ADP N . -4.42 -9.23 17.66
C2' ADP N . -6.47 -8.67 16.51
O2' ADP N . -6.37 -10.09 16.38
C1' ADP N . -7.66 -8.29 17.38
N9 ADP N . -8.77 -7.79 16.53
C8 ADP N . -8.67 -6.88 15.55
N7 ADP N . -9.87 -6.65 14.96
C5 ADP N . -10.77 -7.44 15.58
C6 ADP N . -12.23 -7.69 15.45
N6 ADP N . -12.98 -7.04 14.54
N1 ADP N . -12.78 -8.59 16.29
C2 ADP N . -12.06 -9.25 17.21
N3 ADP N . -10.74 -9.07 17.37
C4 ADP N . -10.04 -8.19 16.60
PB ADP O . 21.47 -11.84 6.36
O1B ADP O . 21.22 -12.88 5.29
O2B ADP O . 22.27 -10.65 5.87
O3B ADP O . 21.94 -12.39 7.68
PA ADP O . 18.72 -12.16 6.86
O1A ADP O . 18.17 -12.52 5.51
O2A ADP O . 17.82 -11.51 7.88
O3A ADP O . 20.02 -11.22 6.64
O5' ADP O . 19.29 -13.50 7.53
C5' ADP O . 19.36 -13.62 8.96
C4' ADP O . 19.25 -15.10 9.32
O4' ADP O . 19.39 -15.28 10.73
C3' ADP O . 17.88 -15.65 8.94
O3' ADP O . 18.00 -16.54 7.83
C2' ADP O . 17.38 -16.41 10.16
O2' ADP O . 17.10 -17.76 9.81
C1' ADP O . 18.51 -16.33 11.16
N9 ADP O . 17.98 -16.05 12.52
C8 ADP O . 17.08 -15.09 12.83
N7 ADP O . 16.80 -15.11 14.16
C5 ADP O . 17.52 -16.11 14.72
C6 ADP O . 17.68 -16.66 16.08
N6 ADP O . 17.01 -16.16 17.14
N1 ADP O . 18.53 -17.70 16.23
C2 ADP O . 19.21 -18.22 15.19
N3 ADP O . 19.11 -17.76 13.93
C4 ADP O . 18.28 -16.72 13.63
PB ADP P . 22.35 0.59 -0.04
O1B ADP P . 22.75 1.05 -1.42
O2B ADP P . 22.92 -0.76 0.34
O3B ADP P . 22.48 1.63 1.04
PA ADP P . 19.71 1.51 -0.17
O1A ADP P . 18.55 1.11 -1.07
O2A ADP P . 19.44 1.95 1.25
O3A ADP P . 20.77 0.32 -0.12
O5' ADP P . 20.46 2.71 -0.93
C5' ADP P . 20.37 2.86 -2.34
C4' ADP P . 20.55 4.33 -2.70
O4' ADP P . 20.54 4.52 -4.12
C3' ADP P . 19.40 5.16 -2.14
O3' ADP P . 19.87 5.97 -1.06
C2' ADP P . 18.93 6.04 -3.28
O2' ADP P . 19.01 7.41 -2.90
C1' ADP P . 19.87 5.74 -4.43
N9 ADP P . 19.11 5.62 -5.71
C8 ADP P . 18.00 4.89 -5.89
N7 ADP P . 17.55 5.00 -7.17
C5 ADP P . 18.39 5.82 -7.82
C6 ADP P . 18.49 6.36 -9.19
N6 ADP P . 17.60 6.04 -10.15
N1 ADP P . 19.53 7.19 -9.47
C2 ADP P . 20.44 7.51 -8.52
N3 ADP P . 20.40 7.06 -7.26
C4 ADP P . 19.42 6.23 -6.85
PB ADP Q . -24.02 0.98 -5.99
O1B ADP Q . -24.77 0.57 -7.24
O2B ADP Q . -24.00 2.47 -5.77
O3B ADP Q . -24.33 0.18 -4.76
PA ADP Q . -21.94 -0.89 -6.30
O1A ADP Q . -20.89 -1.04 -7.37
O2A ADP Q . -21.61 -1.26 -4.86
O3A ADP Q . -22.48 0.62 -6.30
O5' ADP Q . -23.19 -1.78 -6.75
C5' ADP Q . -23.39 -2.09 -8.13
C4' ADP Q . -24.13 -3.42 -8.23
O4' ADP Q . -24.43 -3.74 -9.59
C3' ADP Q . -23.29 -4.56 -7.69
O3' ADP Q . -23.82 -5.03 -6.46
C2' ADP Q . -23.35 -5.66 -8.73
O2' ADP Q . -23.85 -6.86 -8.15
C1' ADP Q . -24.30 -5.14 -9.80
N9 ADP Q . -23.77 -5.44 -11.16
C8 ADP Q . -22.51 -5.22 -11.57
N7 ADP Q . -22.35 -5.62 -12.87
C5 ADP Q . -23.53 -6.12 -13.28
C6 ADP Q . -24.05 -6.72 -14.53
N6 ADP Q . -23.26 -6.85 -15.63
N1 ADP Q . -25.35 -7.12 -14.55
C2 ADP Q . -26.14 -6.98 -13.47
N3 ADP Q . -25.73 -6.44 -12.31
C4 ADP Q . -24.46 -6.01 -12.15
PB ADP R . -17.64 12.75 -1.79
O1B ADP R . -17.21 13.48 -3.04
O2B ADP R . -18.86 11.89 -1.98
O3B ADP R . -17.66 13.58 -0.53
PA ADP R . -14.91 12.09 -1.66
O1A ADP R . -14.50 12.05 -3.12
O2A ADP R . -14.13 11.28 -0.65
O3A ADP R . -16.46 11.68 -1.58
O5' ADP R . -14.85 13.61 -1.16
C5' ADP R . -14.65 13.92 0.21
C4' ADP R . -13.96 15.28 0.31
O4' ADP R . -13.79 15.68 1.67
C3' ADP R . -12.57 15.24 -0.31
O3' ADP R . -12.56 15.97 -1.54
C2' ADP R . -11.64 15.89 0.69
O2' ADP R . -10.98 17.00 0.09
C1' ADP R . -12.55 16.37 1.82
N9 ADP R . -11.93 16.07 3.14
C8 ADP R . -11.39 14.90 3.51
N7 ADP R . -10.90 14.95 4.77
C5 ADP R . -11.13 16.20 5.23
C6 ADP R . -10.86 16.94 6.48
N6 ADP R . -10.24 16.34 7.53
N1 ADP R . -11.26 18.22 6.55
C2 ADP R . -11.87 18.83 5.52
N3 ADP R . -12.14 18.22 4.35
C4 ADP R . -11.79 16.93 4.15
PB ADP S . -1.96 3.94 -24.91
O1B ADP S . -0.56 4.52 -24.93
O2B ADP S . -2.00 2.46 -25.14
O3B ADP S . -2.98 4.72 -25.70
PA ADP S . -2.21 5.46 -22.55
O1A ADP S . -0.80 5.48 -22.01
O2A ADP S . -3.37 5.66 -21.61
O3A ADP S . -2.41 4.10 -23.37
O5' ADP S . -2.32 6.63 -23.65
C5' ADP S . -3.57 7.23 -23.95
C4' ADP S . -3.33 8.66 -24.43
O4' ADP S . -4.56 9.29 -24.81
C3' ADP S . -2.72 9.51 -23.33
O3' ADP S . -1.35 9.80 -23.63
C2' ADP S . -3.52 10.79 -23.30
O2' ADP S . -2.66 11.91 -23.50
C1' ADP S . -4.52 10.67 -24.44
N9 ADP S . -5.86 11.14 -24.01
C8 ADP S . -6.50 10.81 -22.88
N7 ADP S . -7.70 11.42 -22.79
C5 ADP S . -7.84 12.19 -23.88
C6 ADP S . -8.88 13.10 -24.42
N6 ADP S . -10.03 13.33 -23.74
N1 ADP S . -8.64 13.71 -25.60
C2 ADP S . -7.50 13.48 -26.28
N3 ADP S . -6.52 12.67 -25.86
C4 ADP S . -6.63 12.00 -24.68
PB ADP T . -0.86 -9.25 -20.31
O1B ADP T . 0.22 -10.31 -20.34
O2B ADP T . -0.70 -8.19 -21.37
O3B ADP T . -2.26 -9.78 -20.16
PA ADP T . -0.99 -9.07 -17.50
O1A ADP T . 0.03 -8.61 -16.48
O2A ADP T . -2.46 -8.80 -17.25
O3A ADP T . -0.61 -8.44 -18.93
O5' ADP T . -0.79 -10.65 -17.67
C5' ADP T . 0.46 -11.26 -17.38
C4' ADP T . 0.21 -12.70 -16.95
O4' ADP T . 1.44 -13.38 -16.71
C3' ADP T . -0.59 -12.75 -15.65
O3' ADP T . -1.91 -13.22 -15.91
C2' ADP T . 0.15 -13.74 -14.75
O2' ADP T . -0.74 -14.79 -14.37
C1' ADP T . 1.28 -14.27 -15.60
N9 ADP T . 2.53 -14.36 -14.80
C8 ADP T . 3.02 -13.38 -14.01
N7 ADP T . 4.18 -13.78 -13.40
C5 ADP T . 4.42 -15.04 -13.80
C6 ADP T . 5.48 -16.05 -13.54
N6 ADP T . 6.51 -15.78 -12.72
N1 ADP T . 5.36 -17.25 -14.16
C2 ADP T . 4.34 -17.52 -14.99
N3 ADP T . 3.35 -16.65 -15.27
C4 ADP T . 3.33 -15.42 -14.71
K K U . 31.47 53.49 10.22
K K V . 3.54 59.81 -20.25
K K W . -4.76 -59.33 21.41
K K X . -31.26 -53.57 -10.43
#